data_4CAD
#
_entry.id   4CAD
#
_cell.length_a   113.063
_cell.length_b   90.087
_cell.length_c   99.300
_cell.angle_alpha   89.06
_cell.angle_beta   102.29
_cell.angle_gamma   90.00
#
_symmetry.space_group_name_H-M   'P 1'
#
loop_
_entity.id
_entity.type
_entity.pdbx_description
1 polymer 'ANTIBODY FAB FRAGMENT LIGHT CHAIN'
2 polymer 'ANTIBODY FAB FRAGMENT HEAVY CHAIN'
3 polymer 'RAS AND A-FACTOR CONVERTING ENZYME 1, RCE1'
4 non-polymer 'octyl beta-D-glucopyranoside'
5 non-polymer DODECYL-BETA-D-MALTOSIDE
6 water water
#
loop_
_entity_poly.entity_id
_entity_poly.type
_entity_poly.pdbx_seq_one_letter_code
_entity_poly.pdbx_strand_id
1 'polypeptide(L)'
;DIQLTQSPASLSASVGETVTITCRASGNIHNYLAWYQQKQGKSPQLLVYNAKTLADGVPSRFSGSGSGTQYSLKINSLQP
EDFGNYYCQHFWSTPWTFGGGTKLELKRADAAPTVSIFPPSSEQLTSGGASVVCFLNNFYPKDINVKWKIDGSERQNGVL
NSWTDQDSKDSTYSMSSTLTLTKDEYERHNSYTCEATHKTSTSPIVKSFNRNEC
;
A,D,G,J
2 'polypeptide(L)'
;QVQLKQSGAELMKPGASVKISCKATGYKFSSYWIEWVKQRPGHGLEWIGEIFPGSGNTNYNEKFKGKATLTADTSSNTAY
MQLSSLTSEDSAVYYCARRGAFYSYGSSYYAMDFWGQGTSVTVSSAKTTPPSDYPLAPVCGDTSGSSVTLGCLVKGYFPE
PVTLTWNSGSLSSGVHTFPAVLQSDLYTLSSSVTVTSSTWPSQSITCNVAHPASSTKVDKKIEPRGP
;
B,E,H,K
3 'polypeptide(L)'
;MISSYKYNPKLYFLSTFVVTYILWFTGAYLSFSSTYSGIYMLIMLPGLMAPFIISTILIAKSKNNDLKKDFINRLFNLKL
INLKTIPVVFLLMPAVILLSILLSIPFGGSISQFQFSGGFSFSTDFVPVLFLLLLAATFEELGWRGYAFDSLQSRYSLFK
ASILFGIFWSLWHFPLIFVNNSYQYEIFNQSIWYGLNFFLSILPMGIIITWMCLKNRKSIILAIIFHFLINLNQELLAIT
QDTKIIETGVLFLVAAAIILYDKKMFFEKLG
;
C,F,I,L
#
loop_
_chem_comp.id
_chem_comp.type
_chem_comp.name
_chem_comp.formula
BOG D-saccharide 'octyl beta-D-glucopyranoside' 'C14 H28 O6'
LMT D-saccharide DODECYL-BETA-D-MALTOSIDE 'C24 H46 O11'
#
# COMPACT_ATOMS: atom_id res chain seq x y z
N ILE A 2 21.87 0.66 3.91
CA ILE A 2 20.96 0.14 4.93
C ILE A 2 21.31 0.66 6.33
N GLN A 3 20.37 1.37 6.94
CA GLN A 3 20.53 1.86 8.30
C GLN A 3 19.76 0.97 9.28
N LEU A 4 20.29 0.81 10.48
CA LEU A 4 19.62 -0.01 11.48
C LEU A 4 19.26 0.80 12.71
N THR A 5 18.03 0.62 13.19
CA THR A 5 17.53 1.40 14.32
C THR A 5 17.16 0.49 15.50
N GLN A 6 17.69 0.82 16.67
CA GLN A 6 17.45 0.04 17.89
C GLN A 6 16.49 0.75 18.84
N SER A 7 15.63 -0.04 19.46
CA SER A 7 14.72 0.48 20.49
C SER A 7 14.48 -0.57 21.57
N PRO A 8 14.38 -0.13 22.83
CA PRO A 8 14.56 1.26 23.27
C PRO A 8 16.03 1.61 23.45
N ALA A 9 16.33 2.91 23.54
CA ALA A 9 17.69 3.36 23.77
C ALA A 9 18.12 2.98 25.17
N SER A 10 17.16 3.02 26.09
CA SER A 10 17.42 2.68 27.48
C SER A 10 16.33 1.76 28.03
N LEU A 11 16.75 0.80 28.85
CA LEU A 11 15.82 -0.16 29.44
C LEU A 11 16.19 -0.45 30.89
N SER A 12 15.28 -0.14 31.80
CA SER A 12 15.48 -0.41 33.22
C SER A 12 14.90 -1.77 33.58
N ALA A 13 15.68 -2.58 34.28
CA ALA A 13 15.25 -3.93 34.61
C ALA A 13 15.84 -4.42 35.93
N SER A 14 15.27 -5.50 36.45
CA SER A 14 15.78 -6.12 37.67
C SER A 14 16.22 -7.55 37.40
N VAL A 15 17.06 -8.08 38.27
CA VAL A 15 17.54 -9.45 38.17
C VAL A 15 16.36 -10.44 38.19
N GLY A 16 16.32 -11.32 37.21
CA GLY A 16 15.28 -12.33 37.14
C GLY A 16 14.21 -12.01 36.12
N GLU A 17 14.11 -10.74 35.74
CA GLU A 17 13.11 -10.31 34.78
C GLU A 17 13.46 -10.78 33.38
N THR A 18 12.49 -10.71 32.48
CA THR A 18 12.71 -11.07 31.09
C THR A 18 12.45 -9.85 30.21
N VAL A 19 13.41 -9.53 29.33
CA VAL A 19 13.32 -8.34 28.51
C VAL A 19 13.59 -8.62 27.04
N THR A 20 13.13 -7.73 26.17
CA THR A 20 13.29 -7.89 24.74
C THR A 20 13.75 -6.58 24.10
N ILE A 21 14.78 -6.66 23.27
CA ILE A 21 15.32 -5.51 22.55
C ILE A 21 14.99 -5.69 21.08
N THR A 22 14.68 -4.60 20.38
CA THR A 22 14.34 -4.73 18.96
C THR A 22 15.29 -3.99 18.02
N CYS A 23 15.38 -4.47 16.80
CA CYS A 23 16.22 -3.87 15.76
C CYS A 23 15.43 -3.77 14.46
N ARG A 24 15.44 -2.59 13.87
CA ARG A 24 14.75 -2.35 12.61
C ARG A 24 15.75 -2.00 11.51
N ALA A 25 15.66 -2.70 10.38
CA ALA A 25 16.50 -2.40 9.22
C ALA A 25 15.69 -1.61 8.21
N SER A 26 16.33 -0.67 7.52
CA SER A 26 15.63 0.15 6.54
C SER A 26 15.32 -0.63 5.27
N GLY A 27 16.00 -1.77 5.10
CA GLY A 27 15.72 -2.67 4.00
C GLY A 27 15.88 -4.12 4.42
N ASN A 28 15.27 -5.03 3.66
CA ASN A 28 15.37 -6.46 3.94
C ASN A 28 16.83 -6.93 4.00
N ILE A 29 17.22 -7.47 5.15
CA ILE A 29 18.60 -7.95 5.33
C ILE A 29 18.69 -9.47 5.42
N HIS A 30 17.57 -10.15 5.19
CA HIS A 30 17.57 -11.59 4.95
C HIS A 30 18.20 -12.42 6.07
N ASN A 31 17.98 -11.99 7.32
CA ASN A 31 18.52 -12.68 8.51
C ASN A 31 20.04 -12.58 8.69
N TYR A 32 20.69 -11.73 7.90
CA TYR A 32 22.12 -11.47 8.08
C TYR A 32 22.25 -10.43 9.19
N LEU A 33 22.13 -10.88 10.42
CA LEU A 33 22.11 -9.96 11.56
C LEU A 33 22.79 -10.55 12.79
N ALA A 34 23.69 -9.77 13.38
CA ALA A 34 24.38 -10.19 14.58
C ALA A 34 24.09 -9.28 15.78
N TRP A 35 24.15 -9.84 16.97
CA TRP A 35 23.96 -9.07 18.20
C TRP A 35 25.23 -9.11 19.04
N TYR A 36 25.64 -7.95 19.56
CA TYR A 36 26.80 -7.88 20.44
C TYR A 36 26.46 -7.30 21.81
N GLN A 37 27.27 -7.63 22.80
CA GLN A 37 27.15 -7.06 24.14
C GLN A 37 28.42 -6.29 24.45
N GLN A 38 28.29 -5.13 25.08
CA GLN A 38 29.46 -4.33 25.45
C GLN A 38 29.37 -3.76 26.86
N LYS A 39 30.29 -4.19 27.72
CA LYS A 39 30.44 -3.59 29.04
C LYS A 39 31.23 -2.30 28.92
N GLN A 40 31.07 -1.40 29.87
CA GLN A 40 31.76 -0.11 29.85
C GLN A 40 33.27 -0.29 29.91
N GLY A 41 33.98 0.24 28.91
CA GLY A 41 35.43 0.17 28.88
C GLY A 41 35.96 -1.11 28.26
N LYS A 42 35.05 -2.01 27.89
CA LYS A 42 35.41 -3.29 27.30
C LYS A 42 34.98 -3.36 25.84
N SER A 43 35.53 -4.33 25.11
CA SER A 43 35.18 -4.49 23.70
C SER A 43 33.87 -5.26 23.54
N PRO A 44 33.19 -5.07 22.40
CA PRO A 44 31.99 -5.86 22.10
C PRO A 44 32.28 -7.35 22.06
N GLN A 45 31.33 -8.16 22.50
CA GLN A 45 31.41 -9.61 22.42
C GLN A 45 30.21 -10.13 21.63
N LEU A 46 30.41 -11.19 20.86
CA LEU A 46 29.35 -11.73 20.02
C LEU A 46 28.39 -12.58 20.84
N LEU A 47 27.10 -12.40 20.60
CA LEU A 47 26.08 -13.19 21.27
C LEU A 47 25.34 -14.08 20.28
N VAL A 48 24.85 -13.48 19.21
CA VAL A 48 23.98 -14.16 18.25
C VAL A 48 24.35 -13.74 16.83
N TYR A 49 24.34 -14.70 15.90
CA TYR A 49 24.50 -14.40 14.48
C TYR A 49 23.46 -15.14 13.66
N ASN A 50 23.34 -14.76 12.38
CA ASN A 50 22.29 -15.30 11.52
C ASN A 50 20.93 -15.12 12.17
N ALA A 51 20.79 -14.02 12.89
CA ALA A 51 19.56 -13.66 13.61
C ALA A 51 19.18 -14.61 14.74
N LYS A 52 19.50 -15.90 14.60
CA LYS A 52 18.91 -16.93 15.46
C LYS A 52 19.91 -17.83 16.20
N THR A 53 21.18 -17.80 15.79
CA THR A 53 22.15 -18.75 16.32
C THR A 53 23.00 -18.23 17.47
N LEU A 54 23.06 -18.97 18.57
CA LEU A 54 23.92 -18.62 19.69
C LEU A 54 25.38 -18.88 19.39
N ALA A 55 26.23 -17.94 19.78
CA ALA A 55 27.68 -18.12 19.66
C ALA A 55 28.18 -19.03 20.77
N ASP A 56 29.38 -19.59 20.60
CA ASP A 56 29.96 -20.48 21.59
C ASP A 56 30.16 -19.76 22.91
N GLY A 57 29.85 -20.45 24.01
CA GLY A 57 30.03 -19.89 25.35
C GLY A 57 28.85 -19.08 25.84
N VAL A 58 27.97 -18.67 24.94
CA VAL A 58 26.82 -17.84 25.29
C VAL A 58 25.72 -18.67 25.95
N PRO A 59 25.25 -18.23 27.13
CA PRO A 59 24.14 -18.85 27.86
C PRO A 59 22.87 -18.94 27.02
N SER A 60 22.05 -19.97 27.28
CA SER A 60 20.85 -20.20 26.48
C SER A 60 19.67 -19.34 26.90
N ARG A 61 19.90 -18.45 27.87
CA ARG A 61 18.86 -17.51 28.26
C ARG A 61 18.75 -16.40 27.23
N PHE A 62 19.80 -16.25 26.43
CA PHE A 62 19.77 -15.36 25.28
C PHE A 62 19.13 -16.09 24.09
N SER A 63 18.37 -15.36 23.29
CA SER A 63 17.80 -15.92 22.09
C SER A 63 17.43 -14.80 21.11
N GLY A 64 17.52 -15.10 19.82
CA GLY A 64 17.22 -14.11 18.80
C GLY A 64 16.17 -14.63 17.84
N SER A 65 15.40 -13.71 17.28
CA SER A 65 14.39 -14.08 16.30
C SER A 65 14.17 -12.90 15.37
N GLY A 66 13.27 -13.08 14.41
CA GLY A 66 12.98 -12.05 13.44
C GLY A 66 13.28 -12.51 12.02
N SER A 67 12.83 -11.72 11.05
CA SER A 67 13.13 -11.96 9.65
C SER A 67 12.85 -10.69 8.89
N GLY A 68 13.22 -10.69 7.60
CA GLY A 68 13.01 -9.54 6.75
C GLY A 68 13.63 -8.27 7.32
N THR A 69 12.77 -7.38 7.80
CA THR A 69 13.20 -6.07 8.26
C THR A 69 13.18 -5.91 9.79
N GLN A 70 12.46 -6.82 10.48
CA GLN A 70 12.29 -6.71 11.94
C GLN A 70 12.99 -7.84 12.71
N TYR A 71 13.84 -7.48 13.67
CA TYR A 71 14.58 -8.45 14.46
C TYR A 71 14.55 -8.08 15.93
N SER A 72 14.78 -9.05 16.79
CA SER A 72 14.76 -8.81 18.23
C SER A 72 15.62 -9.80 19.01
N LEU A 73 16.07 -9.36 20.18
CA LEU A 73 16.88 -10.17 21.08
C LEU A 73 16.15 -10.27 22.41
N LYS A 74 16.11 -11.47 22.98
CA LYS A 74 15.41 -11.70 24.22
C LYS A 74 16.33 -12.29 25.26
N ILE A 75 16.29 -11.75 26.47
CA ILE A 75 17.02 -12.32 27.59
C ILE A 75 16.05 -12.78 28.66
N ASN A 76 16.01 -14.09 28.90
CA ASN A 76 15.11 -14.69 29.87
C ASN A 76 15.79 -14.85 31.23
N SER A 77 15.19 -14.26 32.26
CA SER A 77 15.74 -14.27 33.62
C SER A 77 17.13 -13.64 33.68
N LEU A 78 17.16 -12.31 33.59
CA LEU A 78 18.40 -11.54 33.61
C LEU A 78 19.29 -11.87 34.80
N GLN A 79 20.59 -11.96 34.53
CA GLN A 79 21.59 -12.14 35.57
C GLN A 79 22.30 -10.80 35.75
N PRO A 80 22.95 -10.61 36.92
CA PRO A 80 23.73 -9.39 37.14
C PRO A 80 24.70 -9.07 36.01
N GLU A 81 25.27 -10.10 35.38
CA GLU A 81 26.27 -9.88 34.33
C GLU A 81 25.67 -9.42 33.00
N ASP A 82 24.35 -9.43 32.90
CA ASP A 82 23.70 -9.08 31.63
C ASP A 82 23.51 -7.57 31.47
N PHE A 83 23.81 -6.81 32.51
CA PHE A 83 23.69 -5.36 32.44
C PHE A 83 24.87 -4.70 31.72
N GLY A 84 24.56 -3.87 30.73
CA GLY A 84 25.55 -3.23 29.90
C GLY A 84 24.89 -2.79 28.61
N ASN A 85 25.68 -2.66 27.55
CA ASN A 85 25.14 -2.22 26.27
C ASN A 85 24.93 -3.34 25.26
N TYR A 86 23.99 -3.12 24.34
CA TYR A 86 23.67 -4.12 23.33
C TYR A 86 23.55 -3.47 21.97
N TYR A 87 24.16 -4.10 20.97
CA TYR A 87 24.15 -3.60 19.61
C TYR A 87 23.69 -4.67 18.63
N CYS A 88 22.99 -4.25 17.59
CA CYS A 88 22.71 -5.11 16.46
C CYS A 88 23.54 -4.65 15.26
N GLN A 89 23.81 -5.56 14.33
CA GLN A 89 24.61 -5.23 13.16
C GLN A 89 24.24 -6.14 11.98
N HIS A 90 23.98 -5.56 10.82
CA HIS A 90 23.65 -6.35 9.65
C HIS A 90 24.89 -6.69 8.83
N PHE A 91 24.80 -7.80 8.09
CA PHE A 91 25.91 -8.30 7.28
C PHE A 91 25.44 -8.53 5.85
N TRP A 92 24.39 -7.83 5.43
CA TRP A 92 23.80 -8.07 4.12
C TRP A 92 24.64 -7.48 2.99
N SER A 93 25.00 -6.21 3.12
CA SER A 93 25.81 -5.54 2.11
C SER A 93 26.60 -4.37 2.71
N THR A 94 27.78 -4.11 2.14
CA THR A 94 28.64 -3.03 2.63
C THR A 94 28.02 -1.66 2.33
N PRO A 95 28.22 -0.69 3.24
CA PRO A 95 28.96 -0.84 4.51
C PRO A 95 28.12 -1.51 5.59
N TRP A 96 28.75 -2.29 6.46
CA TRP A 96 28.03 -2.84 7.59
C TRP A 96 27.64 -1.67 8.50
N THR A 97 26.39 -1.64 8.96
CA THR A 97 26.00 -0.63 9.94
C THR A 97 25.55 -1.26 11.25
N PHE A 98 25.91 -0.63 12.36
CA PHE A 98 25.46 -1.05 13.67
C PHE A 98 24.25 -0.20 14.08
N GLY A 99 23.46 -0.72 15.02
CA GLY A 99 22.37 0.06 15.58
C GLY A 99 22.91 1.02 16.62
N GLY A 100 22.11 2.02 16.96
CA GLY A 100 22.52 3.05 17.93
C GLY A 100 22.78 2.52 19.32
N GLY A 101 22.39 1.29 19.59
CA GLY A 101 22.63 0.67 20.87
C GLY A 101 21.50 0.80 21.87
N THR A 102 21.47 -0.12 22.82
CA THR A 102 20.49 -0.12 23.90
C THR A 102 21.23 -0.34 25.21
N LYS A 103 21.03 0.57 26.15
CA LYS A 103 21.64 0.41 27.47
C LYS A 103 20.67 -0.24 28.45
N LEU A 104 21.06 -1.41 28.95
CA LEU A 104 20.25 -2.12 29.94
C LEU A 104 20.76 -1.81 31.33
N GLU A 105 20.07 -0.92 32.02
CA GLU A 105 20.50 -0.49 33.35
C GLU A 105 19.71 -1.16 34.47
N LEU A 106 20.33 -1.23 35.64
CA LEU A 106 19.74 -1.85 36.82
C LEU A 106 18.64 -0.98 37.43
N LYS A 107 17.45 -1.56 37.60
CA LYS A 107 16.29 -0.83 38.13
C LYS A 107 16.48 -0.46 39.60
N ARG A 108 15.83 0.62 40.02
CA ARG A 108 16.04 1.18 41.35
C ARG A 108 14.83 1.98 41.83
N ALA A 109 14.77 2.23 43.13
CA ALA A 109 13.77 3.13 43.70
C ALA A 109 14.11 4.57 43.33
N ASP A 110 13.08 5.37 43.07
CA ASP A 110 13.30 6.77 42.69
C ASP A 110 13.95 7.58 43.80
N ALA A 111 14.82 8.51 43.42
CA ALA A 111 15.49 9.36 44.38
C ALA A 111 15.64 10.77 43.83
N ALA A 112 15.33 11.76 44.66
CA ALA A 112 15.42 13.15 44.25
C ALA A 112 16.88 13.58 44.24
N PRO A 113 17.25 14.45 43.30
CA PRO A 113 18.63 14.96 43.30
C PRO A 113 18.88 15.86 44.49
N THR A 114 20.08 15.77 45.07
CA THR A 114 20.50 16.73 46.07
C THR A 114 21.27 17.81 45.34
N VAL A 115 20.75 19.04 45.40
CA VAL A 115 21.31 20.13 44.59
C VAL A 115 22.08 21.13 45.42
N SER A 116 23.33 21.40 45.03
CA SER A 116 24.19 22.34 45.72
C SER A 116 24.77 23.36 44.74
N ILE A 117 24.84 24.63 45.15
CA ILE A 117 25.41 25.67 44.30
C ILE A 117 26.63 26.30 44.93
N PHE A 118 27.64 26.60 44.12
CA PHE A 118 28.89 27.15 44.64
C PHE A 118 29.36 28.38 43.87
N PRO A 119 29.41 29.53 44.55
CA PRO A 119 30.01 30.75 44.01
C PRO A 119 31.47 30.51 43.65
N PRO A 120 32.05 31.38 42.80
CA PRO A 120 33.47 31.28 42.46
C PRO A 120 34.35 31.39 43.69
N SER A 121 35.46 30.66 43.71
CA SER A 121 36.42 30.78 44.81
C SER A 121 37.14 32.12 44.67
N SER A 122 37.69 32.61 45.78
CA SER A 122 38.41 33.87 45.76
C SER A 122 39.69 33.76 44.93
N GLU A 123 40.26 32.56 44.92
CA GLU A 123 41.47 32.29 44.15
C GLU A 123 41.22 32.43 42.65
N GLN A 124 40.06 31.97 42.19
CA GLN A 124 39.73 32.07 40.78
C GLN A 124 39.47 33.52 40.38
N LEU A 125 38.73 34.23 41.21
CA LEU A 125 38.45 35.65 40.97
C LEU A 125 39.74 36.45 40.88
N THR A 126 40.71 36.10 41.73
CA THR A 126 42.02 36.73 41.71
C THR A 126 42.67 36.64 40.32
N SER A 127 42.57 35.47 39.69
CA SER A 127 43.18 35.27 38.38
C SER A 127 42.31 35.75 37.22
N GLY A 128 41.15 36.33 37.53
CA GLY A 128 40.32 36.94 36.51
C GLY A 128 39.20 36.06 35.96
N GLY A 129 39.08 34.85 36.48
CA GLY A 129 38.03 33.94 36.05
C GLY A 129 36.91 33.87 37.08
N ALA A 130 35.77 33.33 36.66
CA ALA A 130 34.63 33.19 37.54
C ALA A 130 33.73 32.04 37.09
N SER A 131 33.73 30.96 37.86
CA SER A 131 32.90 29.80 37.56
C SER A 131 31.91 29.55 38.69
N VAL A 132 30.64 29.33 38.34
CA VAL A 132 29.63 28.95 39.31
C VAL A 132 29.29 27.47 39.09
N VAL A 133 29.43 26.68 40.15
CA VAL A 133 29.31 25.23 40.03
C VAL A 133 28.04 24.72 40.70
N CYS A 134 27.33 23.83 40.01
CA CYS A 134 26.12 23.24 40.57
C CYS A 134 26.15 21.72 40.48
N PHE A 135 26.13 21.07 41.65
CA PHE A 135 26.11 19.61 41.72
C PHE A 135 24.70 19.09 41.94
N LEU A 136 24.31 18.10 41.16
CA LEU A 136 23.01 17.46 41.31
C LEU A 136 23.24 15.97 41.50
N ASN A 137 23.23 15.52 42.76
CA ASN A 137 23.72 14.19 43.09
C ASN A 137 22.68 13.14 43.49
N ASN A 138 22.99 11.89 43.20
CA ASN A 138 22.23 10.74 43.66
C ASN A 138 20.75 10.74 43.31
N PHE A 139 20.43 10.99 42.06
CA PHE A 139 19.05 10.92 41.61
C PHE A 139 18.77 9.67 40.77
N TYR A 140 17.50 9.31 40.67
CA TYR A 140 17.07 8.23 39.81
C TYR A 140 15.62 8.48 39.42
N PRO A 141 15.25 8.24 38.14
CA PRO A 141 16.06 7.77 37.01
C PRO A 141 17.03 8.82 36.47
N LYS A 142 17.72 8.51 35.37
CA LYS A 142 18.86 9.28 34.92
C LYS A 142 18.53 10.61 34.26
N ASP A 143 17.32 10.74 33.74
CA ASP A 143 16.93 11.93 32.99
C ASP A 143 16.79 13.17 33.88
N ILE A 144 17.40 14.27 33.44
CA ILE A 144 17.38 15.50 34.22
C ILE A 144 17.75 16.70 33.36
N ASN A 145 17.29 17.88 33.76
CA ASN A 145 17.60 19.11 33.05
C ASN A 145 18.04 20.22 34.00
N VAL A 146 19.05 20.97 33.58
CA VAL A 146 19.57 22.07 34.37
C VAL A 146 19.40 23.40 33.63
N LYS A 147 18.88 24.39 34.35
CA LYS A 147 18.67 25.72 33.80
C LYS A 147 19.44 26.74 34.62
N TRP A 148 20.30 27.51 33.98
CA TRP A 148 21.02 28.57 34.66
C TRP A 148 20.35 29.93 34.49
N LYS A 149 20.21 30.66 35.60
CA LYS A 149 19.65 32.00 35.56
C LYS A 149 20.58 33.02 36.22
N ILE A 150 20.77 34.14 35.55
CA ILE A 150 21.53 35.26 36.09
C ILE A 150 20.60 36.47 36.19
N ASP A 151 20.31 36.90 37.42
CA ASP A 151 19.37 38.00 37.67
C ASP A 151 18.01 37.78 37.01
N GLY A 152 17.60 36.51 36.92
CA GLY A 152 16.29 36.17 36.40
C GLY A 152 16.25 35.76 34.94
N SER A 153 17.36 35.93 34.24
CA SER A 153 17.41 35.61 32.81
C SER A 153 18.13 34.30 32.51
N GLU A 154 17.52 33.47 31.68
CA GLU A 154 18.07 32.16 31.31
C GLU A 154 19.35 32.29 30.50
N ARG A 155 20.41 31.67 31.00
CA ARG A 155 21.73 31.73 30.38
C ARG A 155 22.15 30.36 29.86
N GLN A 156 22.50 30.28 28.59
CA GLN A 156 22.83 29.02 27.94
C GLN A 156 24.30 28.87 27.58
N ASN A 157 25.00 29.99 27.52
CA ASN A 157 26.39 29.98 27.06
C ASN A 157 27.42 30.06 28.19
N GLY A 158 28.54 29.36 27.99
CA GLY A 158 29.59 29.32 28.99
C GLY A 158 29.36 28.21 30.01
N VAL A 159 28.45 27.31 29.70
CA VAL A 159 28.12 26.23 30.63
C VAL A 159 28.55 24.85 30.13
N LEU A 160 29.26 24.13 31.00
CA LEU A 160 29.71 22.77 30.72
C LEU A 160 29.02 21.80 31.67
N ASN A 161 28.50 20.71 31.11
CA ASN A 161 27.92 19.66 31.93
C ASN A 161 28.73 18.37 31.88
N SER A 162 28.65 17.60 32.96
CA SER A 162 29.30 16.30 33.04
C SER A 162 28.36 15.34 33.75
N TRP A 163 28.18 14.14 33.19
CA TRP A 163 27.33 13.14 33.80
C TRP A 163 28.13 11.90 34.18
N THR A 164 27.89 11.41 35.38
CA THR A 164 28.46 10.14 35.79
C THR A 164 27.66 9.01 35.16
N ASP A 165 28.23 7.81 35.15
CA ASP A 165 27.49 6.62 34.78
C ASP A 165 26.72 6.14 36.00
N GLN A 166 25.89 5.13 35.82
CA GLN A 166 25.14 4.54 36.93
C GLN A 166 26.11 4.11 38.04
N ASP A 167 25.86 4.60 39.24
CA ASP A 167 26.73 4.37 40.38
C ASP A 167 26.91 2.88 40.66
N SER A 168 28.16 2.51 40.98
CA SER A 168 28.49 1.10 41.21
C SER A 168 28.09 0.62 42.61
N LYS A 169 27.65 1.53 43.46
CA LYS A 169 27.20 1.16 44.81
C LYS A 169 25.69 1.23 45.00
N ASP A 170 25.11 2.41 44.82
CA ASP A 170 23.67 2.58 45.04
C ASP A 170 22.84 2.67 43.76
N SER A 171 23.53 2.66 42.62
CA SER A 171 22.89 2.65 41.30
C SER A 171 22.11 3.92 40.97
N THR A 172 22.55 5.05 41.52
CA THR A 172 21.94 6.34 41.18
C THR A 172 22.80 7.07 40.15
N TYR A 173 22.43 8.32 39.88
CA TYR A 173 23.13 9.14 38.91
C TYR A 173 23.48 10.50 39.51
N SER A 174 24.48 11.15 38.94
CA SER A 174 24.89 12.47 39.40
C SER A 174 25.28 13.36 38.22
N MET A 175 25.21 14.67 38.42
CA MET A 175 25.49 15.63 37.37
C MET A 175 26.19 16.85 37.93
N SER A 176 27.14 17.38 37.16
CA SER A 176 27.83 18.61 37.53
C SER A 176 27.65 19.65 36.43
N SER A 177 27.18 20.83 36.81
CA SER A 177 26.96 21.91 35.85
C SER A 177 27.78 23.14 36.24
N THR A 178 28.66 23.56 35.34
CA THR A 178 29.55 24.69 35.63
C THR A 178 29.30 25.86 34.69
N LEU A 179 29.00 27.02 35.25
CA LEU A 179 28.79 28.23 34.46
C LEU A 179 30.02 29.13 34.56
N THR A 180 30.75 29.25 33.47
CA THR A 180 31.99 30.03 33.48
C THR A 180 31.81 31.42 32.86
N LEU A 181 32.27 32.43 33.59
CA LEU A 181 32.18 33.82 33.15
C LEU A 181 33.51 34.51 33.42
N THR A 182 33.71 35.68 32.82
CA THR A 182 34.82 36.53 33.19
C THR A 182 34.51 37.16 34.54
N LYS A 183 35.55 37.63 35.24
CA LYS A 183 35.36 38.28 36.53
C LYS A 183 34.53 39.55 36.38
N ASP A 184 34.70 40.21 35.24
CA ASP A 184 34.01 41.47 34.97
C ASP A 184 32.49 41.29 34.90
N GLU A 185 32.04 40.37 34.05
CA GLU A 185 30.61 40.15 33.87
C GLU A 185 29.99 39.51 35.12
N TYR A 186 30.77 38.72 35.84
CA TYR A 186 30.28 38.10 37.06
C TYR A 186 29.96 39.15 38.12
N GLU A 187 30.84 40.14 38.24
CA GLU A 187 30.70 41.17 39.27
C GLU A 187 29.66 42.25 38.95
N ARG A 188 29.13 42.23 37.73
CA ARG A 188 28.10 43.19 37.36
C ARG A 188 26.70 42.60 37.45
N HIS A 189 26.60 41.43 38.08
CA HIS A 189 25.30 40.79 38.30
C HIS A 189 25.17 40.35 39.76
N ASN A 190 23.94 40.14 40.20
CA ASN A 190 23.68 39.90 41.62
C ASN A 190 23.16 38.50 41.96
N SER A 191 22.10 38.09 41.28
CA SER A 191 21.47 36.80 41.55
C SER A 191 21.96 35.71 40.60
N TYR A 192 22.33 34.57 41.16
CA TYR A 192 22.73 33.41 40.35
C TYR A 192 21.93 32.18 40.76
N THR A 193 21.38 31.48 39.79
CA THR A 193 20.43 30.42 40.06
C THR A 193 20.65 29.13 39.25
N CYS A 194 20.81 28.03 39.97
CA CYS A 194 20.83 26.71 39.37
C CYS A 194 19.45 26.08 39.53
N GLU A 195 18.85 25.68 38.42
CA GLU A 195 17.46 25.21 38.41
C GLU A 195 17.33 23.83 37.76
N ALA A 196 16.88 22.85 38.54
CA ALA A 196 16.88 21.45 38.11
C ALA A 196 15.49 20.91 37.81
N THR A 197 15.35 20.24 36.67
CA THR A 197 14.09 19.57 36.33
C THR A 197 14.25 18.05 36.41
N HIS A 198 13.53 17.44 37.35
CA HIS A 198 13.56 16.00 37.53
C HIS A 198 12.16 15.44 37.72
N LYS A 199 12.00 14.16 37.45
CA LYS A 199 10.71 13.49 37.47
C LYS A 199 10.08 13.41 38.86
N THR A 200 10.91 13.29 39.89
CA THR A 200 10.43 13.17 41.26
C THR A 200 9.84 14.46 41.84
N SER A 201 9.89 15.54 41.06
CA SER A 201 9.33 16.81 41.49
C SER A 201 8.44 17.40 40.41
N THR A 202 7.26 17.88 40.81
CA THR A 202 6.30 18.45 39.86
C THR A 202 6.67 19.86 39.44
N SER A 203 7.69 20.41 40.08
CA SER A 203 8.18 21.74 39.76
C SER A 203 9.68 21.77 39.97
N PRO A 204 10.40 22.64 39.24
CA PRO A 204 11.86 22.71 39.31
C PRO A 204 12.40 22.84 40.74
N ILE A 205 13.54 22.19 41.00
CA ILE A 205 14.28 22.38 42.24
C ILE A 205 15.27 23.50 41.99
N VAL A 206 15.15 24.58 42.76
CA VAL A 206 16.00 25.75 42.56
C VAL A 206 16.97 26.00 43.72
N LYS A 207 18.22 26.30 43.36
CA LYS A 207 19.24 26.66 44.33
C LYS A 207 19.87 27.97 43.88
N SER A 208 19.99 28.92 44.79
CA SER A 208 20.40 30.27 44.41
C SER A 208 21.19 30.97 45.50
N PHE A 209 21.92 31.99 45.09
CA PHE A 209 22.62 32.86 46.03
C PHE A 209 22.73 34.25 45.44
N ASN A 210 23.01 35.24 46.29
CA ASN A 210 23.34 36.58 45.84
C ASN A 210 24.77 36.90 46.27
N ARG A 211 25.44 37.76 45.51
CA ARG A 211 26.83 38.12 45.82
C ARG A 211 26.98 38.85 47.14
N ASN A 212 25.86 39.18 47.78
CA ASN A 212 25.87 39.89 49.05
C ASN A 212 25.88 38.95 50.24
N VAL B 2 42.12 -18.40 20.63
CA VAL B 2 41.99 -17.29 19.68
C VAL B 2 42.02 -15.95 20.40
N GLN B 3 42.99 -15.11 20.02
CA GLN B 3 43.18 -13.83 20.69
C GLN B 3 43.69 -12.77 19.73
N LEU B 4 43.20 -11.54 19.90
CA LEU B 4 43.68 -10.41 19.13
C LEU B 4 44.18 -9.32 20.07
N LYS B 5 45.47 -9.06 20.06
CA LYS B 5 46.07 -8.06 20.95
C LYS B 5 46.47 -6.83 20.15
N GLN B 6 45.96 -5.66 20.56
CA GLN B 6 46.25 -4.42 19.85
C GLN B 6 47.28 -3.59 20.60
N SER B 7 47.96 -2.71 19.87
CA SER B 7 48.98 -1.83 20.45
C SER B 7 48.35 -0.81 21.38
N GLY B 8 49.19 -0.10 22.14
CA GLY B 8 48.76 0.78 23.21
C GLY B 8 48.20 2.12 22.76
N ALA B 9 47.86 2.96 23.74
CA ALA B 9 47.22 4.24 23.48
C ALA B 9 48.16 5.22 22.76
N GLU B 10 47.57 6.10 21.95
CA GLU B 10 48.35 7.06 21.18
C GLU B 10 47.85 8.47 21.42
N LEU B 11 48.79 9.42 21.49
CA LEU B 11 48.47 10.84 21.57
C LEU B 11 49.17 11.58 20.43
N MET B 12 48.40 12.25 19.58
CA MET B 12 48.93 12.75 18.33
C MET B 12 48.55 14.19 18.04
N LYS B 13 49.43 14.91 17.35
CA LYS B 13 49.12 16.24 16.86
C LYS B 13 48.31 16.11 15.58
N PRO B 14 47.41 17.07 15.32
CA PRO B 14 46.66 17.04 14.06
C PRO B 14 47.57 17.13 12.84
N GLY B 15 47.30 16.31 11.84
CA GLY B 15 48.08 16.32 10.62
C GLY B 15 49.10 15.19 10.53
N ALA B 16 49.29 14.50 11.64
CA ALA B 16 50.23 13.38 11.70
C ALA B 16 49.58 12.10 11.22
N SER B 17 50.26 10.97 11.42
CA SER B 17 49.73 9.65 11.09
C SER B 17 49.96 8.67 12.23
N VAL B 18 49.06 7.72 12.39
CA VAL B 18 49.22 6.65 13.38
C VAL B 18 49.12 5.28 12.71
N LYS B 19 49.87 4.32 13.21
CA LYS B 19 49.77 2.95 12.73
C LYS B 19 49.42 2.04 13.91
N ILE B 20 48.20 1.52 13.90
CA ILE B 20 47.73 0.64 14.94
C ILE B 20 47.91 -0.80 14.49
N SER B 21 48.41 -1.64 15.38
CA SER B 21 48.62 -3.06 15.08
C SER B 21 47.62 -3.94 15.82
N CYS B 22 47.48 -5.18 15.33
CA CYS B 22 46.57 -6.16 15.90
C CYS B 22 47.16 -7.55 15.72
N LYS B 23 47.73 -8.11 16.78
CA LYS B 23 48.42 -9.40 16.68
C LYS B 23 47.47 -10.58 16.93
N ALA B 24 47.50 -11.56 16.04
CA ALA B 24 46.61 -12.71 16.12
C ALA B 24 47.32 -13.96 16.61
N THR B 25 46.69 -14.67 17.53
CA THR B 25 47.20 -15.95 18.04
C THR B 25 46.07 -16.95 18.21
N GLY B 26 46.35 -18.22 17.95
CA GLY B 26 45.41 -19.28 18.21
C GLY B 26 44.64 -19.78 17.00
N TYR B 27 44.92 -19.19 15.84
CA TYR B 27 44.26 -19.62 14.61
C TYR B 27 45.12 -19.32 13.39
N LYS B 28 44.65 -19.75 12.22
CA LYS B 28 45.35 -19.48 10.97
C LYS B 28 45.01 -18.08 10.48
N PHE B 29 45.97 -17.16 10.63
CA PHE B 29 45.78 -15.73 10.40
C PHE B 29 45.29 -15.38 8.99
N SER B 30 45.64 -16.19 8.01
CA SER B 30 45.38 -15.85 6.62
C SER B 30 43.99 -16.27 6.11
N SER B 31 43.23 -16.99 6.93
CA SER B 31 42.00 -17.60 6.43
C SER B 31 40.73 -16.94 6.95
N TYR B 32 40.89 -15.80 7.60
CA TYR B 32 39.77 -15.12 8.24
C TYR B 32 39.84 -13.62 7.95
N TRP B 33 38.69 -12.97 7.83
CA TRP B 33 38.64 -11.52 7.66
C TRP B 33 39.06 -10.79 8.94
N ILE B 34 39.83 -9.71 8.78
CA ILE B 34 40.08 -8.80 9.90
C ILE B 34 39.25 -7.53 9.72
N GLU B 35 38.46 -7.19 10.73
CA GLU B 35 37.60 -6.01 10.68
C GLU B 35 38.22 -4.85 11.46
N TRP B 36 37.80 -3.63 11.14
CA TRP B 36 38.19 -2.46 11.92
C TRP B 36 36.99 -1.56 12.17
N VAL B 37 36.75 -1.24 13.44
CA VAL B 37 35.57 -0.48 13.85
C VAL B 37 35.94 0.75 14.68
N LYS B 38 35.25 1.87 14.43
CA LYS B 38 35.46 3.11 15.17
C LYS B 38 34.37 3.34 16.21
N GLN B 39 34.74 3.80 17.39
CA GLN B 39 33.77 4.11 18.44
C GLN B 39 34.07 5.43 19.16
N ARG B 40 33.24 6.44 18.91
CA ARG B 40 33.32 7.70 19.65
C ARG B 40 32.14 7.76 20.61
N PRO B 41 32.29 8.50 21.71
CA PRO B 41 31.15 8.74 22.60
C PRO B 41 30.03 9.47 21.86
N GLY B 42 28.85 8.86 21.82
CA GLY B 42 27.69 9.47 21.19
C GLY B 42 27.48 9.09 19.73
N HIS B 43 28.42 8.36 19.15
CA HIS B 43 28.32 7.96 17.75
C HIS B 43 28.18 6.44 17.57
N GLY B 44 28.20 5.71 18.69
CA GLY B 44 28.09 4.26 18.65
C GLY B 44 29.21 3.61 17.85
N LEU B 45 28.95 2.41 17.34
CA LEU B 45 29.92 1.69 16.51
C LEU B 45 29.84 2.11 15.04
N GLU B 46 30.99 2.30 14.42
CA GLU B 46 31.05 2.62 12.99
C GLU B 46 32.09 1.75 12.28
N TRP B 47 31.66 1.09 11.21
CA TRP B 47 32.53 0.17 10.48
C TRP B 47 33.48 0.92 9.56
N ILE B 48 34.75 0.52 9.55
CA ILE B 48 35.78 1.20 8.77
C ILE B 48 36.14 0.44 7.50
N GLY B 49 36.39 -0.86 7.64
CA GLY B 49 36.83 -1.67 6.52
C GLY B 49 37.27 -3.06 6.94
N GLU B 50 37.64 -3.88 5.96
CA GLU B 50 38.09 -5.24 6.23
C GLU B 50 39.21 -5.64 5.28
N ILE B 51 40.05 -6.57 5.74
CA ILE B 51 41.13 -7.10 4.93
C ILE B 51 41.20 -8.62 5.07
N PHE B 52 41.43 -9.30 3.96
CA PHE B 52 41.63 -10.74 4.00
C PHE B 52 43.11 -11.02 3.86
N PRO B 53 43.79 -11.31 4.98
CA PRO B 53 45.23 -11.55 4.95
C PRO B 53 45.50 -12.79 4.11
N GLY B 54 46.60 -12.81 3.38
CA GLY B 54 46.89 -13.94 2.52
C GLY B 54 46.43 -13.72 1.10
N SER B 55 45.36 -12.94 0.93
CA SER B 55 44.94 -12.52 -0.40
C SER B 55 45.14 -11.02 -0.58
N GLY B 56 45.05 -10.27 0.51
CA GLY B 56 45.23 -8.83 0.47
C GLY B 56 43.97 -8.12 0.00
N ASN B 57 42.91 -8.88 -0.20
CA ASN B 57 41.62 -8.31 -0.60
C ASN B 57 41.04 -7.43 0.49
N THR B 58 40.42 -6.32 0.09
CA THR B 58 39.86 -5.37 1.05
C THR B 58 38.49 -4.87 0.64
N ASN B 59 37.63 -4.64 1.64
CA ASN B 59 36.36 -3.94 1.45
C ASN B 59 36.29 -2.76 2.40
N TYR B 60 36.25 -1.55 1.84
CA TYR B 60 36.24 -0.35 2.65
C TYR B 60 34.85 0.27 2.76
N ASN B 61 34.60 0.93 3.87
CA ASN B 61 33.50 1.87 3.97
C ASN B 61 33.94 3.08 3.14
N GLU B 62 33.01 3.68 2.41
CA GLU B 62 33.36 4.77 1.52
C GLU B 62 33.89 5.97 2.30
N LYS B 63 33.38 6.15 3.51
CA LYS B 63 33.73 7.31 4.33
C LYS B 63 35.19 7.33 4.79
N PHE B 64 35.79 6.15 4.93
CA PHE B 64 37.15 6.05 5.44
C PHE B 64 38.21 5.79 4.36
N LYS B 65 37.77 5.72 3.11
CA LYS B 65 38.68 5.55 1.98
C LYS B 65 39.70 6.69 1.95
N GLY B 66 40.98 6.33 2.01
CA GLY B 66 42.05 7.32 2.00
C GLY B 66 42.44 7.73 3.41
N LYS B 67 41.45 7.79 4.29
CA LYS B 67 41.67 8.08 5.70
C LYS B 67 42.31 6.87 6.38
N ALA B 68 41.71 5.71 6.17
CA ALA B 68 42.22 4.47 6.77
C ALA B 68 42.89 3.57 5.74
N THR B 69 44.04 3.00 6.10
CA THR B 69 44.76 2.09 5.22
C THR B 69 45.03 0.76 5.92
N LEU B 70 44.51 -0.32 5.35
CA LEU B 70 44.65 -1.64 5.95
C LEU B 70 45.76 -2.46 5.30
N THR B 71 46.59 -3.08 6.13
CA THR B 71 47.62 -4.01 5.65
C THR B 71 47.68 -5.23 6.56
N ALA B 72 48.40 -6.25 6.13
CA ALA B 72 48.53 -7.48 6.91
C ALA B 72 49.84 -8.19 6.60
N ASP B 73 50.51 -8.66 7.64
CA ASP B 73 51.76 -9.41 7.51
C ASP B 73 51.53 -10.83 8.02
N THR B 74 51.57 -11.80 7.12
CA THR B 74 51.28 -13.18 7.49
C THR B 74 52.47 -13.90 8.13
N SER B 75 53.65 -13.31 8.08
CA SER B 75 54.82 -13.91 8.70
C SER B 75 54.89 -13.60 10.20
N SER B 76 54.23 -12.52 10.60
CA SER B 76 54.18 -12.15 12.01
C SER B 76 52.75 -12.14 12.57
N ASN B 77 51.81 -12.61 11.76
CA ASN B 77 50.40 -12.70 12.16
C ASN B 77 49.85 -11.39 12.70
N THR B 78 50.11 -10.30 11.98
CA THR B 78 49.73 -8.98 12.46
C THR B 78 49.02 -8.16 11.38
N ALA B 79 47.86 -7.61 11.73
CA ALA B 79 47.14 -6.70 10.86
C ALA B 79 47.41 -5.27 11.32
N TYR B 80 47.49 -4.35 10.35
CA TYR B 80 47.76 -2.95 10.67
C TYR B 80 46.72 -2.02 10.06
N MET B 81 46.41 -0.95 10.77
CA MET B 81 45.58 0.14 10.22
C MET B 81 46.28 1.46 10.42
N GLN B 82 46.46 2.20 9.34
CA GLN B 82 47.08 3.51 9.42
C GLN B 82 46.07 4.61 9.19
N LEU B 83 46.00 5.54 10.15
CA LEU B 83 45.12 6.69 10.05
C LEU B 83 45.95 7.91 9.69
N SER B 84 45.64 8.53 8.56
CA SER B 84 46.42 9.67 8.08
C SER B 84 45.68 10.98 8.26
N SER B 85 46.43 12.08 8.21
CA SER B 85 45.89 13.43 8.34
C SER B 85 44.92 13.57 9.52
N LEU B 86 45.39 13.23 10.71
CA LEU B 86 44.55 13.24 11.91
C LEU B 86 43.93 14.59 12.21
N THR B 87 42.64 14.56 12.56
CA THR B 87 41.96 15.74 13.09
C THR B 87 41.23 15.29 14.35
N SER B 88 40.55 16.23 15.01
CA SER B 88 39.84 15.93 16.25
C SER B 88 38.80 14.83 16.09
N GLU B 89 38.14 14.80 14.93
CA GLU B 89 37.13 13.78 14.65
C GLU B 89 37.66 12.35 14.74
N ASP B 90 38.96 12.19 14.56
CA ASP B 90 39.56 10.86 14.59
C ASP B 90 39.73 10.34 16.01
N SER B 91 39.56 11.21 16.99
CA SER B 91 39.67 10.82 18.40
C SER B 91 38.57 9.83 18.79
N ALA B 92 38.97 8.59 19.04
CA ALA B 92 38.03 7.52 19.37
C ALA B 92 38.78 6.29 19.83
N VAL B 93 38.03 5.26 20.19
CA VAL B 93 38.62 3.96 20.45
C VAL B 93 38.50 3.14 19.17
N TYR B 94 39.56 2.42 18.83
CA TYR B 94 39.57 1.64 17.61
C TYR B 94 39.74 0.16 17.91
N TYR B 95 38.84 -0.64 17.36
CA TYR B 95 38.89 -2.09 17.54
C TYR B 95 39.26 -2.77 16.25
N CYS B 96 39.95 -3.90 16.37
CA CYS B 96 40.05 -4.86 15.29
C CYS B 96 39.27 -6.09 15.72
N ALA B 97 38.66 -6.77 14.76
CA ALA B 97 37.86 -7.96 15.05
C ALA B 97 37.91 -8.96 13.91
N ARG B 98 37.72 -10.23 14.24
CA ARG B 98 37.75 -11.29 13.24
C ARG B 98 36.34 -11.71 12.81
N ARG B 99 36.23 -12.23 11.60
CA ARG B 99 35.00 -12.88 11.16
C ARG B 99 35.22 -14.39 11.24
N GLY B 100 34.15 -15.16 11.21
CA GLY B 100 34.27 -16.61 11.26
C GLY B 100 34.80 -17.18 9.95
N ALA B 101 35.30 -18.41 10.00
CA ALA B 101 35.74 -19.10 8.79
C ALA B 101 34.58 -19.26 7.82
N PHE B 102 34.86 -19.14 6.52
CA PHE B 102 33.81 -19.26 5.52
C PHE B 102 33.44 -20.72 5.23
N TYR B 103 32.15 -21.01 5.37
CA TYR B 103 31.58 -22.27 4.91
C TYR B 103 30.28 -21.95 4.19
N SER B 104 29.88 -22.81 3.25
CA SER B 104 28.68 -22.59 2.48
C SER B 104 27.44 -22.56 3.37
N TYR B 105 27.39 -23.46 4.36
CA TYR B 105 26.25 -23.55 5.26
C TYR B 105 26.67 -23.65 6.73
N GLY B 106 25.92 -22.98 7.60
CA GLY B 106 26.16 -23.05 9.04
C GLY B 106 27.53 -22.55 9.47
N SER B 107 27.77 -21.25 9.29
CA SER B 107 29.05 -20.66 9.65
C SER B 107 28.87 -19.36 10.41
N SER B 108 29.86 -19.02 11.23
CA SER B 108 29.89 -17.74 11.93
C SER B 108 30.59 -16.69 11.09
N TYR B 109 30.68 -16.97 9.79
CA TYR B 109 31.33 -16.10 8.82
C TYR B 109 30.66 -14.74 8.74
N TYR B 110 29.35 -14.71 8.96
CA TYR B 110 28.61 -13.45 8.97
C TYR B 110 28.47 -12.94 10.40
N ALA B 111 29.61 -12.84 11.09
CA ALA B 111 29.66 -12.35 12.46
C ALA B 111 31.09 -11.89 12.79
N MET B 112 31.20 -10.88 13.65
CA MET B 112 32.50 -10.54 14.23
C MET B 112 32.67 -11.33 15.52
N ASP B 113 33.29 -12.50 15.42
CA ASP B 113 33.26 -13.46 16.54
C ASP B 113 34.32 -13.24 17.62
N PHE B 114 35.42 -12.57 17.28
CA PHE B 114 36.45 -12.24 18.26
C PHE B 114 36.94 -10.81 18.09
N TRP B 115 37.13 -10.12 19.21
CA TRP B 115 37.54 -8.72 19.18
C TRP B 115 38.83 -8.45 19.95
N GLY B 116 39.59 -7.45 19.51
CA GLY B 116 40.73 -6.96 20.25
C GLY B 116 40.26 -6.10 21.43
N GLN B 117 41.19 -5.73 22.30
CA GLN B 117 40.83 -4.99 23.52
C GLN B 117 40.59 -3.51 23.23
N GLY B 118 41.06 -3.03 22.09
CA GLY B 118 40.82 -1.65 21.71
C GLY B 118 42.03 -0.77 21.86
N THR B 119 42.15 0.23 20.97
CA THR B 119 43.24 1.18 21.00
C THR B 119 42.71 2.61 21.05
N SER B 120 42.95 3.29 22.17
CA SER B 120 42.49 4.66 22.32
C SER B 120 43.39 5.63 21.56
N VAL B 121 42.78 6.40 20.66
CA VAL B 121 43.53 7.42 19.93
C VAL B 121 43.00 8.80 20.27
N THR B 122 43.89 9.67 20.71
CA THR B 122 43.56 11.06 20.99
C THR B 122 44.42 11.96 20.12
N VAL B 123 43.80 12.92 19.46
CA VAL B 123 44.55 13.87 18.64
C VAL B 123 44.22 15.33 19.01
N SER B 124 45.26 16.08 19.39
CA SER B 124 45.09 17.43 19.92
C SER B 124 46.37 18.25 19.79
N SER B 125 46.22 19.57 19.82
CA SER B 125 47.37 20.47 19.74
C SER B 125 47.78 20.99 21.12
N ALA B 126 47.04 20.57 22.14
CA ALA B 126 47.24 21.08 23.49
C ALA B 126 48.65 20.78 24.02
N LYS B 127 49.26 21.78 24.65
CA LYS B 127 50.51 21.58 25.37
C LYS B 127 50.18 20.90 26.69
N THR B 128 51.19 20.29 27.31
CA THR B 128 51.02 19.79 28.67
C THR B 128 50.85 20.98 29.60
N THR B 129 49.82 20.94 30.43
CA THR B 129 49.49 22.04 31.32
C THR B 129 48.97 21.51 32.65
N PRO B 130 49.50 22.03 33.76
CA PRO B 130 48.97 21.64 35.08
C PRO B 130 47.66 22.34 35.34
N PRO B 131 46.76 21.71 36.10
CA PRO B 131 45.46 22.31 36.39
C PRO B 131 45.54 23.42 37.41
N SER B 132 44.75 24.46 37.22
CA SER B 132 44.45 25.38 38.31
C SER B 132 43.29 24.73 39.04
N ASP B 133 43.41 24.56 40.36
CA ASP B 133 42.28 24.01 41.09
C ASP B 133 41.83 24.83 42.29
N TYR B 134 40.53 24.80 42.56
CA TYR B 134 39.91 25.73 43.48
C TYR B 134 39.01 25.03 44.49
N PRO B 135 39.12 25.41 45.77
CA PRO B 135 38.19 24.90 46.79
C PRO B 135 36.83 25.57 46.68
N LEU B 136 35.76 24.81 46.87
CA LEU B 136 34.42 25.37 46.79
C LEU B 136 33.68 25.19 48.11
N ALA B 137 33.63 26.25 48.91
CA ALA B 137 32.90 26.25 50.17
C ALA B 137 31.42 26.57 49.91
N PRO B 138 30.52 26.17 50.82
CA PRO B 138 29.09 26.44 50.61
C PRO B 138 28.82 27.93 50.57
N VAL B 139 27.62 28.30 50.12
CA VAL B 139 27.18 29.70 50.10
C VAL B 139 27.35 30.31 51.50
N CYS B 140 27.85 31.53 51.54
CA CYS B 140 28.14 32.21 52.81
C CYS B 140 26.95 32.22 53.77
N GLY B 141 25.75 32.37 53.21
CA GLY B 141 24.53 32.34 54.01
C GLY B 141 23.69 31.10 53.77
N GLY B 145 21.51 22.34 57.52
CA GLY B 145 20.80 21.08 57.42
C GLY B 145 21.52 19.95 58.12
N SER B 146 21.14 18.71 57.79
CA SER B 146 21.78 17.55 58.36
C SER B 146 23.10 17.22 57.64
N SER B 147 23.19 17.62 56.37
CA SER B 147 24.39 17.37 55.59
C SER B 147 24.90 18.62 54.90
N VAL B 148 26.19 18.62 54.60
CA VAL B 148 26.81 19.72 53.88
C VAL B 148 27.67 19.18 52.73
N THR B 149 27.64 19.88 51.60
CA THR B 149 28.36 19.46 50.42
C THR B 149 29.48 20.45 50.13
N LEU B 150 30.65 19.95 49.77
CA LEU B 150 31.80 20.79 49.45
C LEU B 150 32.26 20.46 48.03
N GLY B 151 33.16 21.27 47.49
CA GLY B 151 33.55 21.10 46.10
C GLY B 151 35.01 21.32 45.80
N CYS B 152 35.45 20.78 44.67
CA CYS B 152 36.83 20.93 44.22
C CYS B 152 36.84 21.02 42.69
N LEU B 153 37.18 22.20 42.16
CA LEU B 153 37.14 22.45 40.73
C LEU B 153 38.54 22.36 40.13
N VAL B 154 38.71 21.48 39.16
CA VAL B 154 40.02 21.25 38.55
C VAL B 154 39.99 21.73 37.09
N LYS B 155 40.51 22.92 36.85
CA LYS B 155 40.32 23.59 35.57
C LYS B 155 41.60 23.85 34.78
N GLY B 156 41.56 23.50 33.49
CA GLY B 156 42.60 23.87 32.55
C GLY B 156 43.84 23.00 32.56
N TYR B 157 43.69 21.71 32.34
CA TYR B 157 44.84 20.82 32.31
C TYR B 157 44.91 19.95 31.07
N PHE B 158 46.12 19.48 30.77
CA PHE B 158 46.33 18.55 29.67
C PHE B 158 47.66 17.83 29.85
N PRO B 159 47.68 16.51 29.60
CA PRO B 159 46.52 15.73 29.18
C PRO B 159 45.83 15.05 30.35
N GLU B 160 45.01 14.06 30.05
CA GLU B 160 44.44 13.18 31.08
C GLU B 160 45.52 12.18 31.48
N PRO B 161 45.44 11.66 32.72
CA PRO B 161 44.42 11.99 33.72
C PRO B 161 44.99 12.81 34.87
N VAL B 162 44.10 13.17 35.80
CA VAL B 162 44.52 13.68 37.08
C VAL B 162 44.02 12.70 38.12
N THR B 163 44.57 12.74 39.32
CA THR B 163 44.05 11.93 40.40
C THR B 163 43.60 12.84 41.53
N LEU B 164 42.30 12.87 41.76
CA LEU B 164 41.73 13.72 42.79
C LEU B 164 41.34 12.86 43.99
N THR B 165 41.66 13.35 45.18
CA THR B 165 41.28 12.69 46.42
C THR B 165 40.79 13.69 47.45
N TRP B 166 40.27 13.16 48.55
CA TRP B 166 39.80 13.98 49.66
C TRP B 166 40.46 13.49 50.95
N ASN B 167 41.19 14.38 51.60
CA ASN B 167 42.00 14.02 52.76
C ASN B 167 42.93 12.85 52.47
N SER B 168 43.61 12.95 51.33
CA SER B 168 44.59 11.95 50.90
C SER B 168 44.00 10.55 50.77
N GLY B 169 42.71 10.47 50.44
CA GLY B 169 42.08 9.19 50.22
C GLY B 169 41.37 8.64 51.44
N SER B 170 41.65 9.22 52.61
CA SER B 170 41.00 8.79 53.84
C SER B 170 39.51 9.03 53.79
N LEU B 171 39.12 10.08 53.09
CA LEU B 171 37.72 10.45 52.95
C LEU B 171 37.18 9.94 51.63
N SER B 172 36.50 8.81 51.66
CA SER B 172 36.06 8.15 50.44
C SER B 172 34.54 8.06 50.31
N SER B 173 33.82 8.27 51.40
CA SER B 173 32.37 8.23 51.37
C SER B 173 31.79 9.54 50.85
N GLY B 174 30.62 9.46 50.22
CA GLY B 174 29.91 10.62 49.72
C GLY B 174 30.65 11.43 48.66
N VAL B 175 31.59 10.81 47.97
CA VAL B 175 32.40 11.50 46.98
C VAL B 175 31.91 11.21 45.55
N HIS B 176 31.79 12.26 44.75
CA HIS B 176 31.49 12.12 43.33
C HIS B 176 32.53 12.86 42.51
N THR B 177 33.38 12.11 41.81
CA THR B 177 34.36 12.71 40.91
C THR B 177 33.88 12.53 39.47
N PHE B 178 33.63 13.65 38.80
CA PHE B 178 32.97 13.63 37.51
C PHE B 178 33.94 13.44 36.36
N PRO B 179 33.49 12.78 35.27
CA PRO B 179 34.30 12.64 34.07
C PRO B 179 34.75 14.00 33.58
N ALA B 180 35.98 14.10 33.10
CA ALA B 180 36.50 15.36 32.58
C ALA B 180 35.80 15.72 31.28
N VAL B 181 35.62 17.01 31.04
CA VAL B 181 35.10 17.50 29.78
C VAL B 181 36.10 18.46 29.17
N LEU B 182 35.94 18.70 27.87
CA LEU B 182 36.93 19.47 27.13
C LEU B 182 36.32 20.78 26.64
N GLN B 183 36.58 21.87 27.34
CA GLN B 183 36.29 23.20 26.80
C GLN B 183 37.59 23.77 26.23
N SER B 184 37.49 24.39 25.06
CA SER B 184 38.66 24.71 24.26
C SER B 184 39.44 23.43 24.01
N ASP B 185 40.75 23.46 24.28
CA ASP B 185 41.57 22.28 24.07
C ASP B 185 42.09 21.70 25.39
N LEU B 186 41.58 22.21 26.50
CA LEU B 186 42.01 21.76 27.81
C LEU B 186 40.87 21.10 28.58
N TYR B 187 41.23 20.24 29.54
CA TYR B 187 40.23 19.50 30.31
C TYR B 187 39.83 20.24 31.58
N THR B 188 38.58 20.02 32.00
CA THR B 188 38.07 20.54 33.26
C THR B 188 37.32 19.42 33.99
N LEU B 189 37.60 19.30 35.28
CA LEU B 189 37.03 18.24 36.11
C LEU B 189 36.60 18.83 37.44
N SER B 190 35.58 18.24 38.06
CA SER B 190 35.11 18.70 39.36
C SER B 190 34.73 17.53 40.26
N SER B 191 34.76 17.76 41.57
CA SER B 191 34.40 16.74 42.53
C SER B 191 33.64 17.31 43.73
N SER B 192 32.63 16.59 44.19
CA SER B 192 31.87 16.99 45.35
C SER B 192 31.96 15.92 46.44
N VAL B 193 31.96 16.37 47.69
CA VAL B 193 31.89 15.46 48.82
C VAL B 193 30.79 15.90 49.79
N THR B 194 29.92 14.95 50.15
CA THR B 194 28.82 15.23 51.07
C THR B 194 29.08 14.58 52.42
N VAL B 195 29.05 15.40 53.48
CA VAL B 195 29.27 14.92 54.83
C VAL B 195 28.19 15.46 55.77
N THR B 196 28.04 14.83 56.92
CA THR B 196 27.09 15.31 57.93
C THR B 196 27.55 16.64 58.50
N SER B 197 26.61 17.42 59.03
CA SER B 197 26.91 18.75 59.58
C SER B 197 27.87 18.69 60.76
N SER B 198 28.05 17.50 61.32
CA SER B 198 28.96 17.31 62.45
C SER B 198 30.40 17.22 61.98
N THR B 199 30.59 16.84 60.72
CA THR B 199 31.92 16.64 60.15
C THR B 199 32.61 17.95 59.82
N TRP B 200 31.98 18.76 58.97
CA TRP B 200 32.57 20.02 58.52
C TRP B 200 31.68 21.17 58.97
N PRO B 201 32.28 22.30 59.37
CA PRO B 201 33.71 22.62 59.39
C PRO B 201 34.46 22.16 60.62
N SER B 202 33.82 21.34 61.46
CA SER B 202 34.44 20.84 62.69
C SER B 202 35.76 20.13 62.41
N GLN B 203 35.81 19.37 61.32
CA GLN B 203 37.01 18.66 60.94
C GLN B 203 37.58 19.22 59.64
N SER B 204 38.88 19.06 59.46
CA SER B 204 39.57 19.56 58.27
C SER B 204 39.26 18.70 57.04
N ILE B 205 38.95 19.35 55.93
CA ILE B 205 38.69 18.66 54.68
C ILE B 205 39.47 19.33 53.54
N THR B 206 40.27 18.54 52.83
CA THR B 206 41.15 19.05 51.79
C THR B 206 41.08 18.16 50.56
N CYS B 207 40.95 18.76 49.37
CA CYS B 207 41.03 17.96 48.15
C CYS B 207 42.46 17.99 47.61
N ASN B 208 42.91 16.86 47.09
CA ASN B 208 44.29 16.72 46.63
C ASN B 208 44.33 16.34 45.16
N VAL B 209 44.99 17.17 44.35
CA VAL B 209 45.01 16.95 42.91
C VAL B 209 46.41 16.65 42.37
N ALA B 210 46.58 15.44 41.86
CA ALA B 210 47.84 15.02 41.25
C ALA B 210 47.74 15.06 39.74
N HIS B 211 48.77 15.57 39.09
CA HIS B 211 48.83 15.57 37.63
C HIS B 211 50.23 15.17 37.17
N PRO B 212 50.46 13.85 37.02
CA PRO B 212 51.76 13.24 36.72
C PRO B 212 52.44 13.78 35.46
N ALA B 213 51.69 14.04 34.41
CA ALA B 213 52.27 14.53 33.16
C ALA B 213 52.96 15.89 33.33
N SER B 214 52.44 16.73 34.22
CA SER B 214 53.10 17.99 34.53
C SER B 214 53.84 17.86 35.85
N SER B 215 53.82 16.65 36.40
CA SER B 215 54.49 16.34 37.66
C SER B 215 54.11 17.33 38.75
N THR B 216 52.83 17.47 39.00
CA THR B 216 52.34 18.40 40.02
C THR B 216 51.41 17.73 41.01
N LYS B 217 51.43 18.23 42.25
CA LYS B 217 50.57 17.72 43.32
C LYS B 217 50.17 18.89 44.20
N VAL B 218 48.87 19.21 44.19
CA VAL B 218 48.37 20.39 44.89
C VAL B 218 47.25 20.03 45.87
N ASP B 219 47.33 20.60 47.07
CA ASP B 219 46.30 20.40 48.08
C ASP B 219 45.54 21.71 48.31
N LYS B 220 44.22 21.61 48.41
CA LYS B 220 43.40 22.79 48.67
C LYS B 220 42.42 22.52 49.82
N LYS B 221 42.62 23.25 50.92
CA LYS B 221 41.75 23.09 52.09
C LYS B 221 40.46 23.86 51.89
N ILE B 222 39.34 23.27 52.32
CA ILE B 222 38.06 23.96 52.22
C ILE B 222 37.80 24.79 53.48
N GLU B 223 37.71 26.10 53.30
CA GLU B 223 37.48 27.03 54.41
C GLU B 223 36.18 27.79 54.18
N PRO B 224 35.42 28.02 55.26
CA PRO B 224 34.15 28.75 55.13
C PRO B 224 34.37 30.18 54.61
N ARG B 225 33.43 30.70 53.84
CA ARG B 225 33.58 31.99 53.18
C ARG B 225 33.41 33.16 54.16
N ASN C 8 20.29 -30.83 -32.41
CA ASN C 8 20.75 -29.46 -32.54
C ASN C 8 21.51 -28.98 -31.31
N PRO C 9 22.77 -29.45 -31.15
CA PRO C 9 23.60 -29.12 -29.98
C PRO C 9 23.94 -27.64 -29.91
N LYS C 10 23.99 -26.98 -31.06
CA LYS C 10 24.32 -25.56 -31.13
C LYS C 10 23.19 -24.71 -30.60
N LEU C 11 21.96 -25.21 -30.70
CA LEU C 11 20.79 -24.47 -30.26
C LEU C 11 20.55 -24.59 -28.76
N TYR C 12 20.68 -25.81 -28.22
CA TYR C 12 20.39 -26.05 -26.81
C TYR C 12 21.24 -25.21 -25.87
N PHE C 13 22.55 -25.31 -26.01
CA PHE C 13 23.46 -24.67 -25.08
C PHE C 13 23.43 -23.14 -25.18
N LEU C 14 23.36 -22.62 -26.40
CA LEU C 14 23.33 -21.18 -26.59
C LEU C 14 22.03 -20.58 -26.07
N SER C 15 20.93 -21.32 -26.21
CA SER C 15 19.65 -20.87 -25.69
C SER C 15 19.60 -20.99 -24.17
N THR C 16 20.25 -22.01 -23.63
CA THR C 16 20.35 -22.18 -22.19
C THR C 16 21.28 -21.12 -21.60
N PHE C 17 22.39 -20.87 -22.30
CA PHE C 17 23.36 -19.87 -21.90
C PHE C 17 22.75 -18.48 -21.76
N VAL C 18 21.90 -18.10 -22.72
CA VAL C 18 21.33 -16.76 -22.73
C VAL C 18 20.19 -16.60 -21.72
N VAL C 19 19.37 -17.62 -21.57
CA VAL C 19 18.26 -17.56 -20.60
C VAL C 19 18.79 -17.54 -19.17
N THR C 20 19.80 -18.35 -18.91
CA THR C 20 20.42 -18.37 -17.59
C THR C 20 21.05 -17.01 -17.29
N TYR C 21 21.71 -16.43 -18.29
CA TYR C 21 22.40 -15.16 -18.12
C TYR C 21 21.47 -13.95 -17.96
N ILE C 22 20.29 -13.99 -18.60
CA ILE C 22 19.36 -12.88 -18.45
C ILE C 22 18.69 -12.86 -17.09
N LEU C 23 18.32 -14.03 -16.58
CA LEU C 23 17.59 -14.12 -15.32
C LEU C 23 18.50 -13.92 -14.11
N TRP C 24 19.68 -14.52 -14.15
CA TRP C 24 20.60 -14.44 -13.02
C TRP C 24 21.27 -13.08 -12.86
N PHE C 25 21.55 -12.41 -13.98
CA PHE C 25 22.12 -11.07 -13.92
C PHE C 25 21.06 -10.03 -13.53
N THR C 26 19.80 -10.36 -13.79
CA THR C 26 18.69 -9.53 -13.33
C THR C 26 18.50 -9.74 -11.84
N GLY C 27 18.66 -11.00 -11.41
CA GLY C 27 18.55 -11.33 -10.01
C GLY C 27 19.74 -10.83 -9.21
N ALA C 28 20.86 -10.63 -9.91
CA ALA C 28 22.06 -10.11 -9.29
C ALA C 28 21.91 -8.62 -9.02
N TYR C 29 21.20 -7.93 -9.91
CA TYR C 29 20.93 -6.52 -9.72
C TYR C 29 20.01 -6.30 -8.52
N LEU C 30 18.99 -7.14 -8.42
CA LEU C 30 18.03 -7.05 -7.33
C LEU C 30 18.67 -7.49 -6.02
N SER C 31 19.73 -8.28 -6.10
CA SER C 31 20.41 -8.79 -4.92
C SER C 31 21.13 -7.69 -4.13
N PHE C 32 21.41 -6.57 -4.80
CA PHE C 32 22.05 -5.43 -4.16
C PHE C 32 21.10 -4.24 -4.00
N SER C 33 19.90 -4.37 -4.56
CA SER C 33 18.88 -3.34 -4.41
C SER C 33 18.38 -3.26 -2.98
N SER C 34 18.30 -2.05 -2.45
CA SER C 34 17.84 -1.85 -1.08
C SER C 34 16.31 -1.86 -0.99
N THR C 35 15.65 -1.97 -2.14
CA THR C 35 14.20 -1.96 -2.20
C THR C 35 13.61 -3.31 -2.61
N TYR C 36 14.20 -3.91 -3.63
CA TYR C 36 13.62 -5.09 -4.25
C TYR C 36 14.38 -6.39 -3.99
N SER C 37 15.27 -6.38 -3.01
CA SER C 37 16.07 -7.57 -2.70
C SER C 37 15.19 -8.72 -2.21
N GLY C 38 13.99 -8.41 -1.75
CA GLY C 38 13.09 -9.41 -1.23
C GLY C 38 12.63 -10.43 -2.25
N ILE C 39 12.69 -10.07 -3.53
CA ILE C 39 12.19 -10.96 -4.59
C ILE C 39 13.29 -11.53 -5.47
N TYR C 40 14.55 -11.28 -5.12
CA TYR C 40 15.66 -11.68 -5.98
C TYR C 40 15.76 -13.20 -6.17
N MET C 41 15.31 -13.96 -5.19
CA MET C 41 15.41 -15.42 -5.25
C MET C 41 14.36 -16.08 -6.14
N LEU C 42 13.28 -15.38 -6.45
CA LEU C 42 12.26 -15.95 -7.34
C LEU C 42 12.56 -15.65 -8.80
N ILE C 43 13.60 -14.86 -9.04
CA ILE C 43 14.10 -14.63 -10.39
C ILE C 43 15.23 -15.61 -10.67
N MET C 44 15.95 -15.97 -9.60
CA MET C 44 17.03 -16.96 -9.70
C MET C 44 16.46 -18.35 -10.01
N LEU C 45 15.24 -18.61 -9.56
CA LEU C 45 14.61 -19.92 -9.73
C LEU C 45 14.42 -20.36 -11.19
N PRO C 46 13.78 -19.51 -12.02
CA PRO C 46 13.66 -19.94 -13.42
C PRO C 46 15.02 -19.99 -14.12
N GLY C 47 15.99 -19.24 -13.60
CA GLY C 47 17.34 -19.27 -14.14
C GLY C 47 17.97 -20.63 -13.94
N LEU C 48 17.76 -21.21 -12.77
CA LEU C 48 18.23 -22.55 -12.46
C LEU C 48 17.44 -23.59 -13.25
N MET C 49 16.15 -23.34 -13.44
CA MET C 49 15.25 -24.29 -14.10
C MET C 49 15.34 -24.22 -15.62
N ALA C 50 16.08 -23.26 -16.14
CA ALA C 50 16.19 -23.06 -17.59
C ALA C 50 16.64 -24.29 -18.39
N PRO C 51 17.77 -24.94 -18.00
CA PRO C 51 18.21 -26.07 -18.82
C PRO C 51 17.19 -27.20 -18.86
N PHE C 52 16.46 -27.37 -17.76
CA PHE C 52 15.44 -28.40 -17.67
C PHE C 52 14.24 -28.11 -18.58
N ILE C 53 13.78 -26.86 -18.57
CA ILE C 53 12.62 -26.51 -19.39
C ILE C 53 12.99 -26.43 -20.88
N ILE C 54 14.20 -25.96 -21.19
CA ILE C 54 14.67 -25.93 -22.57
C ILE C 54 14.76 -27.35 -23.12
N SER C 55 15.37 -28.24 -22.33
CA SER C 55 15.50 -29.64 -22.72
C SER C 55 14.16 -30.29 -22.99
N THR C 56 13.22 -30.08 -22.08
CA THR C 56 11.91 -30.71 -22.19
C THR C 56 11.15 -30.21 -23.41
N ILE C 57 11.30 -28.92 -23.71
CA ILE C 57 10.64 -28.31 -24.86
C ILE C 57 11.17 -28.87 -26.17
N LEU C 58 12.50 -29.02 -26.27
CA LEU C 58 13.10 -29.58 -27.47
C LEU C 58 12.69 -31.04 -27.69
N ILE C 59 12.63 -31.80 -26.60
CA ILE C 59 12.21 -33.19 -26.69
C ILE C 59 10.75 -33.28 -27.11
N ALA C 60 9.92 -32.43 -26.51
CA ALA C 60 8.49 -32.43 -26.79
C ALA C 60 8.20 -31.98 -28.23
N LYS C 61 8.94 -31.01 -28.73
CA LYS C 61 8.74 -30.52 -30.09
C LYS C 61 9.09 -31.59 -31.13
N LYS C 68 10.77 -38.65 -27.23
CA LYS C 68 11.06 -40.08 -27.37
C LYS C 68 10.86 -40.86 -26.08
N LYS C 69 10.62 -42.16 -26.23
CA LYS C 69 10.27 -43.02 -25.11
C LYS C 69 11.47 -43.36 -24.22
N ASP C 70 12.68 -43.19 -24.74
CA ASP C 70 13.88 -43.51 -23.98
C ASP C 70 14.17 -42.41 -22.95
N PHE C 71 13.80 -41.18 -23.26
CA PHE C 71 13.90 -40.10 -22.30
C PHE C 71 12.95 -40.41 -21.15
N ILE C 72 11.79 -40.94 -21.50
CA ILE C 72 10.83 -41.40 -20.52
C ILE C 72 11.40 -42.60 -19.78
N ASN C 73 12.03 -43.49 -20.53
CA ASN C 73 12.64 -44.68 -19.96
C ASN C 73 13.72 -44.32 -18.94
N ARG C 74 14.68 -43.51 -19.36
CA ARG C 74 15.81 -43.13 -18.52
C ARG C 74 15.33 -42.36 -17.29
N LEU C 75 14.12 -41.83 -17.39
CA LEU C 75 13.53 -41.06 -16.30
C LEU C 75 12.88 -41.98 -15.26
N PHE C 76 12.28 -43.07 -15.72
CA PHE C 76 11.47 -43.90 -14.82
C PHE C 76 11.94 -45.34 -14.67
N ASN C 77 12.91 -45.76 -15.47
CA ASN C 77 13.34 -47.15 -15.47
C ASN C 77 14.49 -47.41 -14.49
N LEU C 78 14.16 -47.97 -13.33
CA LEU C 78 15.15 -48.26 -12.30
C LEU C 78 16.09 -49.39 -12.69
N LYS C 79 15.63 -50.23 -13.62
CA LYS C 79 16.40 -51.40 -14.03
C LYS C 79 17.67 -51.02 -14.78
N LEU C 80 17.75 -49.75 -15.18
CA LEU C 80 18.92 -49.23 -15.87
C LEU C 80 20.10 -49.14 -14.90
N ILE C 81 19.80 -49.02 -13.62
CA ILE C 81 20.84 -48.78 -12.62
C ILE C 81 21.70 -50.00 -12.31
N ASN C 82 23.01 -49.78 -12.32
CA ASN C 82 23.97 -50.79 -11.95
C ASN C 82 24.27 -50.68 -10.45
N LEU C 83 23.84 -51.68 -9.68
CA LEU C 83 23.99 -51.65 -8.23
C LEU C 83 25.45 -51.81 -7.77
N LYS C 84 26.32 -52.24 -8.68
CA LYS C 84 27.73 -52.36 -8.36
C LYS C 84 28.39 -51.00 -8.17
N THR C 85 27.71 -49.95 -8.64
CA THR C 85 28.24 -48.59 -8.52
C THR C 85 27.66 -47.88 -7.30
N ILE C 86 26.84 -48.58 -6.52
CA ILE C 86 26.29 -48.00 -5.30
C ILE C 86 27.35 -47.59 -4.25
N PRO C 87 28.36 -48.43 -4.02
CA PRO C 87 29.42 -47.98 -3.09
C PRO C 87 30.10 -46.69 -3.52
N VAL C 88 30.27 -46.47 -4.82
CA VAL C 88 30.94 -45.26 -5.30
C VAL C 88 29.98 -44.07 -5.38
N VAL C 89 28.70 -44.35 -5.55
CA VAL C 89 27.73 -43.27 -5.50
C VAL C 89 27.60 -42.67 -4.10
N PHE C 90 27.50 -43.52 -3.10
CA PHE C 90 27.46 -43.08 -1.71
C PHE C 90 28.73 -42.54 -1.09
N LEU C 91 29.84 -43.20 -1.36
CA LEU C 91 31.02 -43.07 -0.54
C LEU C 91 32.15 -42.25 -1.11
N LEU C 92 32.16 -42.03 -2.41
CA LEU C 92 33.29 -41.40 -3.03
C LEU C 92 33.56 -39.97 -2.57
N MET C 93 32.52 -39.14 -2.54
CA MET C 93 32.71 -37.74 -2.20
C MET C 93 33.15 -37.54 -0.76
N PRO C 94 32.43 -38.29 0.19
CA PRO C 94 32.94 -38.14 1.56
C PRO C 94 34.36 -38.64 1.69
N ALA C 95 34.72 -39.70 0.97
CA ALA C 95 36.08 -40.20 1.02
C ALA C 95 37.08 -39.17 0.51
N VAL C 96 36.69 -38.47 -0.55
CA VAL C 96 37.52 -37.44 -1.16
C VAL C 96 37.73 -36.28 -0.19
N ILE C 97 36.64 -35.88 0.46
CA ILE C 97 36.69 -34.76 1.40
C ILE C 97 37.63 -35.03 2.57
N LEU C 98 37.45 -36.17 3.23
CA LEU C 98 38.27 -36.50 4.40
C LEU C 98 39.72 -36.76 4.01
N LEU C 99 39.93 -37.26 2.80
CA LEU C 99 41.28 -37.47 2.28
C LEU C 99 41.98 -36.13 2.11
N SER C 100 41.23 -35.15 1.63
CA SER C 100 41.76 -33.80 1.41
C SER C 100 42.25 -33.18 2.72
N ILE C 101 41.49 -33.40 3.78
CA ILE C 101 41.86 -32.93 5.11
C ILE C 101 43.15 -33.61 5.58
N LEU C 102 43.24 -34.92 5.34
CA LEU C 102 44.45 -35.67 5.69
C LEU C 102 45.66 -35.17 4.90
N LEU C 103 45.45 -34.86 3.63
CA LEU C 103 46.53 -34.38 2.78
C LEU C 103 46.96 -32.96 3.13
N SER C 104 46.03 -32.24 3.74
CA SER C 104 46.24 -30.88 4.24
C SER C 104 47.24 -30.83 5.38
N ILE C 105 47.20 -31.85 6.24
CA ILE C 105 47.89 -31.84 7.51
C ILE C 105 49.41 -31.69 7.38
N PRO C 106 50.01 -32.38 6.31
CA PRO C 106 51.47 -32.17 6.26
C PRO C 106 51.74 -30.69 6.06
N PHE C 107 50.94 -30.06 5.23
CA PHE C 107 50.93 -28.61 5.09
C PHE C 107 50.28 -28.02 6.33
N GLY C 108 50.47 -26.73 6.56
CA GLY C 108 49.98 -26.12 7.78
C GLY C 108 48.47 -26.14 7.95
N GLY C 109 48.02 -26.38 9.18
CA GLY C 109 46.61 -26.30 9.54
C GLY C 109 45.76 -27.53 9.30
N SER C 110 44.50 -27.43 9.69
CA SER C 110 43.53 -28.51 9.56
C SER C 110 43.45 -29.52 10.70
N ILE C 111 44.21 -29.32 11.76
CA ILE C 111 44.13 -30.24 12.89
C ILE C 111 42.71 -30.19 13.45
N SER C 112 42.17 -28.98 13.51
CA SER C 112 40.83 -28.73 13.98
C SER C 112 39.75 -29.29 13.06
N GLN C 113 40.09 -29.45 11.79
CA GLN C 113 39.10 -29.59 10.74
C GLN C 113 38.19 -30.78 10.92
N PHE C 114 38.73 -31.89 11.39
CA PHE C 114 37.89 -33.07 11.54
C PHE C 114 36.66 -32.67 12.33
N GLN C 115 36.84 -31.78 13.28
CA GLN C 115 35.70 -31.37 14.10
C GLN C 115 34.47 -31.08 13.23
N PHE C 116 34.70 -30.67 11.99
CA PHE C 116 33.62 -30.31 11.07
C PHE C 116 32.65 -29.32 11.69
N SER C 117 33.18 -28.19 12.14
CA SER C 117 32.37 -27.20 12.84
C SER C 117 31.30 -26.62 11.94
N GLY C 118 31.61 -26.48 10.65
CA GLY C 118 30.65 -25.97 9.69
C GLY C 118 29.48 -26.91 9.54
N GLY C 119 28.27 -26.33 9.46
CA GLY C 119 27.06 -27.13 9.34
C GLY C 119 26.67 -27.77 10.66
N ASP C 125 17.40 -23.56 9.14
CA ASP C 125 16.85 -24.86 9.54
C ASP C 125 17.42 -26.00 8.69
N PHE C 126 17.56 -27.16 9.31
CA PHE C 126 18.28 -28.27 8.68
C PHE C 126 17.47 -29.11 7.69
N VAL C 127 16.19 -29.32 7.95
CA VAL C 127 15.36 -30.14 7.07
C VAL C 127 15.01 -29.53 5.70
N PRO C 128 14.56 -28.25 5.68
CA PRO C 128 14.20 -27.68 4.38
C PRO C 128 15.36 -27.53 3.41
N VAL C 129 16.56 -27.27 3.90
CA VAL C 129 17.72 -27.07 3.02
C VAL C 129 18.04 -28.35 2.23
N LEU C 130 17.67 -29.49 2.79
CA LEU C 130 17.83 -30.76 2.09
C LEU C 130 16.92 -30.77 0.86
N PHE C 131 15.66 -30.43 1.07
CA PHE C 131 14.66 -30.41 0.01
C PHE C 131 15.05 -29.45 -1.11
N LEU C 132 15.73 -28.37 -0.76
CA LEU C 132 16.21 -27.41 -1.74
C LEU C 132 17.38 -27.95 -2.53
N LEU C 133 18.26 -28.70 -1.86
CA LEU C 133 19.41 -29.31 -2.53
C LEU C 133 18.97 -30.43 -3.46
N LEU C 134 17.95 -31.18 -3.05
CA LEU C 134 17.40 -32.24 -3.88
C LEU C 134 16.64 -31.65 -5.07
N LEU C 135 16.06 -30.47 -4.86
CA LEU C 135 15.31 -29.78 -5.90
C LEU C 135 16.26 -29.19 -6.95
N ALA C 136 17.42 -28.71 -6.50
CA ALA C 136 18.41 -28.13 -7.40
C ALA C 136 19.11 -29.23 -8.20
N ALA C 137 19.38 -30.35 -7.53
CA ALA C 137 20.00 -31.50 -8.19
C ALA C 137 19.06 -32.08 -9.24
N THR C 138 17.76 -31.98 -8.98
CA THR C 138 16.74 -32.44 -9.92
C THR C 138 16.66 -31.49 -11.10
N PHE C 139 16.49 -30.21 -10.83
CA PHE C 139 16.33 -29.20 -11.88
C PHE C 139 17.54 -29.06 -12.80
N GLU C 140 18.72 -29.47 -12.30
CA GLU C 140 19.93 -29.41 -13.11
C GLU C 140 20.08 -30.66 -14.00
N GLU C 141 19.90 -31.83 -13.39
CA GLU C 141 20.16 -33.08 -14.09
C GLU C 141 19.08 -33.46 -15.11
N LEU C 142 17.87 -32.95 -14.94
CA LEU C 142 16.82 -33.18 -15.91
C LEU C 142 17.18 -32.50 -17.23
N GLY C 143 17.98 -31.45 -17.15
CA GLY C 143 18.45 -30.75 -18.33
C GLY C 143 19.74 -31.34 -18.89
N TRP C 144 20.76 -31.44 -18.03
CA TRP C 144 22.07 -31.95 -18.46
C TRP C 144 22.00 -33.39 -18.96
N ARG C 145 21.20 -34.21 -18.29
CA ARG C 145 21.10 -35.62 -18.65
C ARG C 145 19.92 -35.87 -19.59
N GLY C 146 19.30 -34.78 -20.04
CA GLY C 146 18.26 -34.85 -21.04
C GLY C 146 18.86 -34.64 -22.42
N TYR C 147 18.46 -33.55 -23.07
CA TYR C 147 18.93 -33.24 -24.43
C TYR C 147 20.41 -32.91 -24.46
N ALA C 148 20.90 -32.30 -23.37
CA ALA C 148 22.23 -31.70 -23.33
C ALA C 148 23.38 -32.60 -23.75
N PHE C 149 23.70 -33.60 -22.92
CA PHE C 149 24.88 -34.42 -23.16
C PHE C 149 24.74 -35.33 -24.37
N ASP C 150 23.51 -35.74 -24.69
CA ASP C 150 23.28 -36.56 -25.87
C ASP C 150 23.63 -35.81 -27.15
N SER C 151 23.39 -34.51 -27.14
CA SER C 151 23.68 -33.65 -28.29
C SER C 151 25.19 -33.59 -28.54
N LEU C 152 25.96 -33.62 -27.47
CA LEU C 152 27.42 -33.58 -27.57
C LEU C 152 28.00 -34.93 -27.96
N GLN C 153 27.49 -36.00 -27.35
CA GLN C 153 28.01 -37.35 -27.58
C GLN C 153 27.74 -37.84 -29.00
N SER C 154 26.73 -37.25 -29.64
CA SER C 154 26.39 -37.61 -31.01
C SER C 154 27.41 -37.04 -31.98
N ARG C 155 27.88 -35.82 -31.70
CA ARG C 155 28.83 -35.14 -32.57
C ARG C 155 30.27 -35.46 -32.21
N TYR C 156 30.50 -35.84 -30.97
CA TYR C 156 31.86 -36.00 -30.46
C TYR C 156 32.10 -37.34 -29.76
N SER C 157 33.38 -37.58 -29.50
CA SER C 157 33.79 -38.71 -28.70
C SER C 157 33.37 -38.41 -27.27
N LEU C 158 33.21 -39.44 -26.48
CA LEU C 158 32.73 -39.27 -25.14
C LEU C 158 33.69 -38.38 -24.39
N PHE C 159 34.99 -38.56 -24.61
CA PHE C 159 36.00 -37.82 -23.87
C PHE C 159 35.97 -36.31 -24.06
N LYS C 160 35.81 -35.87 -25.30
CA LYS C 160 35.71 -34.43 -25.58
C LYS C 160 34.28 -33.91 -25.40
N ALA C 161 33.31 -34.81 -25.33
CA ALA C 161 31.94 -34.41 -25.02
C ALA C 161 31.82 -34.08 -23.54
N SER C 162 32.55 -34.84 -22.72
CA SER C 162 32.53 -34.65 -21.27
C SER C 162 33.28 -33.39 -20.86
N ILE C 163 34.32 -33.06 -21.61
CA ILE C 163 35.12 -31.87 -21.34
C ILE C 163 34.40 -30.62 -21.83
N LEU C 164 33.76 -30.72 -23.00
CA LEU C 164 32.92 -29.63 -23.50
C LEU C 164 31.76 -29.35 -22.55
N PHE C 165 31.26 -30.41 -21.91
CA PHE C 165 30.21 -30.24 -20.92
C PHE C 165 30.75 -29.58 -19.67
N GLY C 166 31.93 -30.02 -19.24
CA GLY C 166 32.57 -29.47 -18.05
C GLY C 166 32.84 -27.98 -18.17
N ILE C 167 33.26 -27.56 -19.36
CA ILE C 167 33.52 -26.15 -19.61
C ILE C 167 32.22 -25.33 -19.58
N PHE C 168 31.22 -25.77 -20.33
CA PHE C 168 29.93 -25.07 -20.37
C PHE C 168 29.33 -24.96 -18.97
N TRP C 169 29.32 -26.07 -18.24
CA TRP C 169 28.75 -26.13 -16.91
C TRP C 169 29.49 -25.20 -15.94
N SER C 170 30.79 -25.10 -16.13
CA SER C 170 31.61 -24.19 -15.32
C SER C 170 31.29 -22.74 -15.62
N LEU C 171 31.24 -22.40 -16.91
CA LEU C 171 30.95 -21.03 -17.33
C LEU C 171 29.47 -20.70 -17.15
N TRP C 172 28.67 -21.71 -16.82
CA TRP C 172 27.25 -21.54 -16.55
C TRP C 172 27.04 -20.90 -15.18
N HIS C 173 27.97 -21.14 -14.26
CA HIS C 173 27.92 -20.56 -12.92
C HIS C 173 28.40 -19.11 -12.88
N PHE C 174 28.92 -18.64 -14.01
CA PHE C 174 29.56 -17.32 -14.09
C PHE C 174 28.76 -16.11 -13.53
N PRO C 175 27.44 -16.03 -13.79
CA PRO C 175 26.71 -14.89 -13.24
C PRO C 175 26.64 -14.90 -11.70
N LEU C 176 26.79 -16.07 -11.09
CA LEU C 176 26.67 -16.19 -9.63
C LEU C 176 27.73 -15.39 -8.89
N ILE C 177 28.86 -15.16 -9.54
CA ILE C 177 29.94 -14.33 -9.00
C ILE C 177 29.41 -12.95 -8.60
N PHE C 178 28.39 -12.49 -9.31
CA PHE C 178 27.93 -11.12 -9.17
C PHE C 178 26.64 -10.96 -8.36
N VAL C 179 26.08 -12.07 -7.86
CA VAL C 179 24.92 -11.98 -6.99
C VAL C 179 25.34 -11.97 -5.52
N ASN C 180 24.70 -11.08 -4.75
CA ASN C 180 25.07 -10.82 -3.36
C ASN C 180 25.00 -12.07 -2.48
N ASN C 181 26.11 -12.36 -1.80
CA ASN C 181 26.18 -13.42 -0.79
C ASN C 181 26.06 -14.86 -1.32
N SER C 182 26.35 -15.07 -2.59
CA SER C 182 26.40 -16.43 -3.13
C SER C 182 27.76 -17.03 -2.84
N TYR C 183 27.86 -18.35 -2.94
CA TYR C 183 29.11 -19.05 -2.73
C TYR C 183 30.20 -18.53 -3.65
N GLN C 184 29.86 -18.39 -4.93
CA GLN C 184 30.79 -17.88 -5.93
C GLN C 184 31.20 -16.45 -5.58
N TYR C 185 30.25 -15.69 -5.05
CA TYR C 185 30.51 -14.31 -4.67
C TYR C 185 31.54 -14.23 -3.55
N GLU C 186 31.33 -14.99 -2.49
CA GLU C 186 32.16 -14.91 -1.30
C GLU C 186 33.59 -15.42 -1.53
N ILE C 187 33.72 -16.46 -2.34
CA ILE C 187 35.05 -17.03 -2.58
C ILE C 187 35.94 -16.06 -3.37
N PHE C 188 35.34 -15.36 -4.32
CA PHE C 188 36.08 -14.36 -5.07
C PHE C 188 36.30 -13.12 -4.20
N ASN C 189 35.32 -12.85 -3.35
CA ASN C 189 35.42 -11.76 -2.38
C ASN C 189 36.65 -11.93 -1.49
N GLN C 190 36.91 -13.15 -1.06
CA GLN C 190 38.04 -13.45 -0.18
C GLN C 190 39.36 -13.51 -0.94
N SER C 191 39.41 -14.34 -1.97
CA SER C 191 40.65 -14.57 -2.71
C SER C 191 40.41 -14.95 -4.18
N ILE C 192 41.24 -14.43 -5.06
CA ILE C 192 41.16 -14.75 -6.48
C ILE C 192 41.38 -16.25 -6.71
N TRP C 193 42.17 -16.86 -5.84
CA TRP C 193 42.50 -18.28 -5.97
C TRP C 193 41.36 -19.18 -5.51
N TYR C 194 40.57 -18.73 -4.55
CA TYR C 194 39.43 -19.51 -4.08
C TYR C 194 38.35 -19.56 -5.15
N GLY C 195 38.17 -18.44 -5.86
CA GLY C 195 37.18 -18.35 -6.91
C GLY C 195 37.55 -19.20 -8.12
N LEU C 196 38.79 -19.07 -8.58
CA LEU C 196 39.26 -19.84 -9.73
C LEU C 196 39.24 -21.33 -9.42
N ASN C 197 39.59 -21.69 -8.19
CA ASN C 197 39.59 -23.09 -7.76
C ASN C 197 38.23 -23.75 -7.96
N PHE C 198 37.16 -22.99 -7.72
CA PHE C 198 35.81 -23.50 -7.89
C PHE C 198 35.52 -23.80 -9.37
N PHE C 199 35.75 -22.81 -10.22
CA PHE C 199 35.49 -22.95 -11.65
C PHE C 199 36.40 -24.01 -12.28
N LEU C 200 37.54 -24.25 -11.65
CA LEU C 200 38.46 -25.29 -12.11
C LEU C 200 37.99 -26.68 -11.67
N SER C 201 37.26 -26.74 -10.56
CA SER C 201 36.81 -28.02 -10.00
C SER C 201 35.57 -28.56 -10.70
N ILE C 202 34.83 -27.69 -11.38
CA ILE C 202 33.65 -28.11 -12.13
C ILE C 202 34.05 -29.00 -13.30
N LEU C 203 35.26 -28.81 -13.81
CA LEU C 203 35.76 -29.60 -14.92
C LEU C 203 35.84 -31.11 -14.62
N PRO C 204 36.59 -31.51 -13.57
CA PRO C 204 36.63 -32.95 -13.32
C PRO C 204 35.32 -33.48 -12.72
N MET C 205 34.58 -32.60 -12.06
CA MET C 205 33.31 -32.98 -11.45
C MET C 205 32.29 -33.32 -12.54
N GLY C 206 32.34 -32.59 -13.65
CA GLY C 206 31.46 -32.84 -14.77
C GLY C 206 31.78 -34.16 -15.43
N ILE C 207 33.04 -34.58 -15.31
CA ILE C 207 33.49 -35.85 -15.88
C ILE C 207 33.03 -37.02 -15.02
N ILE C 208 33.16 -36.88 -13.70
CA ILE C 208 32.81 -37.95 -12.77
C ILE C 208 31.31 -38.25 -12.78
N ILE C 209 30.48 -37.20 -12.70
CA ILE C 209 29.03 -37.37 -12.72
C ILE C 209 28.55 -37.95 -14.06
N THR C 210 29.14 -37.46 -15.15
CA THR C 210 28.81 -37.94 -16.48
C THR C 210 29.10 -39.43 -16.62
N TRP C 211 30.31 -39.82 -16.23
CA TRP C 211 30.74 -41.22 -16.29
C TRP C 211 29.81 -42.10 -15.46
N MET C 212 29.43 -41.61 -14.29
CA MET C 212 28.55 -42.35 -13.40
C MET C 212 27.18 -42.57 -14.06
N CYS C 213 26.77 -41.62 -14.89
CA CYS C 213 25.49 -41.69 -15.57
C CYS C 213 25.50 -42.78 -16.63
N LEU C 214 26.59 -42.88 -17.38
CA LEU C 214 26.72 -43.88 -18.42
C LEU C 214 26.83 -45.29 -17.85
N LYS C 215 27.55 -45.42 -16.75
CA LYS C 215 27.73 -46.71 -16.09
C LYS C 215 26.41 -47.25 -15.56
N ASN C 216 25.44 -46.35 -15.39
CA ASN C 216 24.10 -46.74 -14.97
C ASN C 216 23.10 -46.59 -16.11
N ARG C 217 23.59 -46.74 -17.34
CA ARG C 217 22.76 -46.71 -18.55
C ARG C 217 21.95 -45.42 -18.70
N LYS C 218 22.62 -44.29 -18.50
CA LYS C 218 22.02 -42.97 -18.69
C LYS C 218 20.81 -42.68 -17.80
N SER C 219 20.72 -43.40 -16.68
CA SER C 219 19.65 -43.18 -15.70
C SER C 219 19.72 -41.76 -15.15
N ILE C 220 18.69 -40.97 -15.43
CA ILE C 220 18.65 -39.59 -14.97
C ILE C 220 18.39 -39.55 -13.47
N ILE C 221 17.59 -40.49 -12.98
CA ILE C 221 17.30 -40.60 -11.55
C ILE C 221 18.57 -40.79 -10.72
N LEU C 222 19.47 -41.65 -11.20
CA LEU C 222 20.73 -41.88 -10.49
C LEU C 222 21.61 -40.63 -10.48
N ALA C 223 21.65 -39.95 -11.62
CA ALA C 223 22.41 -38.71 -11.73
C ALA C 223 21.89 -37.67 -10.73
N ILE C 224 20.57 -37.67 -10.52
CA ILE C 224 19.98 -36.80 -9.52
C ILE C 224 20.50 -37.14 -8.14
N ILE C 225 20.43 -38.43 -7.78
CA ILE C 225 20.88 -38.90 -6.48
C ILE C 225 22.36 -38.58 -6.25
N PHE C 226 23.18 -38.86 -7.26
CA PHE C 226 24.61 -38.63 -7.15
C PHE C 226 24.90 -37.14 -6.97
N HIS C 227 24.27 -36.30 -7.80
CA HIS C 227 24.39 -34.86 -7.70
C HIS C 227 23.94 -34.37 -6.33
N PHE C 228 22.80 -34.86 -5.87
CA PHE C 228 22.26 -34.52 -4.56
C PHE C 228 23.22 -34.92 -3.45
N LEU C 229 23.84 -36.09 -3.60
CA LEU C 229 24.78 -36.60 -2.60
C LEU C 229 26.07 -35.78 -2.56
N ILE C 230 26.50 -35.29 -3.71
CA ILE C 230 27.69 -34.45 -3.78
C ILE C 230 27.44 -33.13 -3.05
N ASN C 231 26.26 -32.56 -3.26
CA ASN C 231 25.87 -31.34 -2.54
C ASN C 231 25.77 -31.57 -1.05
N LEU C 232 25.09 -32.65 -0.67
CA LEU C 232 24.87 -32.97 0.74
C LEU C 232 26.18 -33.08 1.53
N ASN C 233 27.10 -33.89 1.02
CA ASN C 233 28.39 -34.09 1.69
C ASN C 233 29.23 -32.82 1.73
N GLN C 234 29.01 -31.93 0.77
CA GLN C 234 29.74 -30.66 0.74
C GLN C 234 29.15 -29.65 1.73
N GLU C 235 27.99 -29.98 2.29
CA GLU C 235 27.36 -29.14 3.30
C GLU C 235 27.64 -29.70 4.70
N LEU C 236 27.27 -30.96 4.90
CA LEU C 236 27.47 -31.64 6.18
C LEU C 236 28.95 -31.69 6.57
N LEU C 237 29.77 -32.14 5.63
CA LEU C 237 31.21 -32.25 5.87
C LEU C 237 31.91 -31.03 5.30
N ALA C 238 31.87 -29.94 6.06
CA ALA C 238 32.39 -28.66 5.58
C ALA C 238 33.92 -28.57 5.69
N ILE C 239 34.53 -27.95 4.68
CA ILE C 239 35.98 -27.77 4.68
C ILE C 239 36.35 -26.34 4.29
N THR C 240 37.52 -25.90 4.73
CA THR C 240 38.02 -24.58 4.41
C THR C 240 38.38 -24.47 2.93
N GLN C 241 38.41 -23.25 2.42
CA GLN C 241 38.78 -23.00 1.03
C GLN C 241 40.20 -23.49 0.70
N ASP C 242 41.09 -23.42 1.68
CA ASP C 242 42.45 -23.90 1.49
C ASP C 242 42.48 -25.41 1.27
N THR C 243 41.55 -26.11 1.91
CA THR C 243 41.45 -27.55 1.78
C THR C 243 40.73 -27.92 0.49
N LYS C 244 39.83 -27.05 0.04
CA LYS C 244 39.11 -27.28 -1.22
C LYS C 244 40.05 -27.23 -2.42
N ILE C 245 41.14 -26.49 -2.31
CA ILE C 245 42.16 -26.45 -3.36
C ILE C 245 42.83 -27.82 -3.50
N ILE C 246 43.06 -28.46 -2.36
CA ILE C 246 43.63 -29.80 -2.35
C ILE C 246 42.60 -30.80 -2.88
N GLU C 247 41.35 -30.58 -2.52
CA GLU C 247 40.24 -31.42 -2.97
C GLU C 247 40.13 -31.42 -4.50
N THR C 248 40.30 -30.24 -5.09
CA THR C 248 40.26 -30.09 -6.55
C THR C 248 41.29 -31.00 -7.22
N GLY C 249 42.49 -31.06 -6.64
CA GLY C 249 43.53 -31.92 -7.15
C GLY C 249 43.17 -33.39 -7.04
N VAL C 250 42.56 -33.74 -5.91
CA VAL C 250 42.11 -35.11 -5.69
C VAL C 250 41.04 -35.46 -6.71
N LEU C 251 40.22 -34.48 -7.06
CA LEU C 251 39.19 -34.67 -8.07
C LEU C 251 39.80 -34.90 -9.46
N PHE C 252 40.90 -34.22 -9.75
CA PHE C 252 41.60 -34.43 -11.01
C PHE C 252 42.24 -35.81 -11.10
N LEU C 253 42.78 -36.28 -9.98
CA LEU C 253 43.39 -37.60 -9.92
C LEU C 253 42.35 -38.70 -10.08
N VAL C 254 41.16 -38.48 -9.52
CA VAL C 254 40.06 -39.44 -9.63
C VAL C 254 39.47 -39.41 -11.03
N ALA C 255 39.35 -38.22 -11.61
CA ALA C 255 38.84 -38.07 -12.96
C ALA C 255 39.80 -38.70 -13.98
N ALA C 256 41.10 -38.54 -13.74
CA ALA C 256 42.12 -39.10 -14.61
C ALA C 256 42.11 -40.63 -14.53
N ALA C 257 41.96 -41.14 -13.31
CA ALA C 257 41.93 -42.58 -13.07
C ALA C 257 40.73 -43.23 -13.74
N ILE C 258 39.59 -42.53 -13.71
CA ILE C 258 38.36 -43.03 -14.33
C ILE C 258 38.47 -43.03 -15.85
N ILE C 259 39.10 -42.02 -16.43
CA ILE C 259 39.27 -41.99 -17.87
C ILE C 259 40.11 -43.19 -18.31
N LEU C 260 41.15 -43.47 -17.54
CA LEU C 260 42.04 -44.60 -17.85
C LEU C 260 41.34 -45.95 -17.77
N TYR C 261 40.51 -46.14 -16.75
CA TYR C 261 39.79 -47.40 -16.57
C TYR C 261 38.81 -47.66 -17.70
N ASP C 262 38.11 -46.62 -18.13
CA ASP C 262 37.16 -46.73 -19.22
C ASP C 262 37.62 -45.98 -20.46
N LYS C 263 38.92 -46.02 -20.73
CA LYS C 263 39.47 -45.28 -21.85
C LYS C 263 38.96 -45.74 -23.21
N LYS C 264 38.74 -47.04 -23.37
CA LYS C 264 38.19 -47.56 -24.60
C LYS C 264 36.79 -46.98 -24.82
N MET C 265 36.02 -46.89 -23.74
CA MET C 265 34.69 -46.32 -23.81
C MET C 265 34.78 -44.83 -24.12
N PHE C 266 35.80 -44.19 -23.57
CA PHE C 266 35.97 -42.75 -23.73
C PHE C 266 36.36 -42.30 -25.13
N PHE C 267 37.12 -43.13 -25.84
CA PHE C 267 37.65 -42.72 -27.15
C PHE C 267 37.10 -43.52 -28.33
N GLU C 268 36.13 -44.38 -28.07
CA GLU C 268 35.56 -45.22 -29.12
C GLU C 268 34.57 -44.46 -29.99
N LYS C 269 34.40 -44.93 -31.24
CA LYS C 269 33.48 -44.30 -32.16
C LYS C 269 32.50 -45.32 -32.75
N ILE D 2 -36.00 -11.59 -37.64
CA ILE D 2 -36.92 -12.08 -36.62
C ILE D 2 -36.55 -11.54 -35.24
N GLN D 3 -37.53 -10.92 -34.57
CA GLN D 3 -37.35 -10.40 -33.23
C GLN D 3 -38.14 -11.23 -32.24
N LEU D 4 -37.57 -11.47 -31.06
CA LEU D 4 -38.26 -12.25 -30.04
C LEU D 4 -38.61 -11.43 -28.80
N THR D 5 -39.83 -11.60 -28.31
CA THR D 5 -40.37 -10.80 -27.20
C THR D 5 -40.75 -11.68 -26.02
N GLN D 6 -40.13 -11.43 -24.87
CA GLN D 6 -40.44 -12.20 -23.67
C GLN D 6 -41.43 -11.47 -22.74
N SER D 7 -42.22 -12.26 -22.02
CA SER D 7 -43.11 -11.74 -21.01
C SER D 7 -43.36 -12.79 -19.93
N PRO D 8 -43.53 -12.35 -18.67
CA PRO D 8 -43.39 -10.96 -18.25
C PRO D 8 -41.93 -10.58 -18.03
N ALA D 9 -41.61 -9.29 -18.09
CA ALA D 9 -40.25 -8.83 -17.84
C ALA D 9 -39.82 -9.22 -16.43
N SER D 10 -40.77 -9.19 -15.50
CA SER D 10 -40.48 -9.54 -14.12
C SER D 10 -41.58 -10.44 -13.55
N LEU D 11 -41.17 -11.44 -12.77
CA LEU D 11 -42.11 -12.37 -12.16
C LEU D 11 -41.70 -12.66 -10.72
N SER D 12 -42.63 -12.45 -9.79
CA SER D 12 -42.38 -12.67 -8.37
C SER D 12 -42.97 -14.01 -7.96
N ALA D 13 -42.19 -14.82 -7.26
CA ALA D 13 -42.65 -16.16 -6.91
C ALA D 13 -42.04 -16.68 -5.62
N SER D 14 -42.59 -17.79 -5.11
CA SER D 14 -42.07 -18.41 -3.90
C SER D 14 -41.69 -19.86 -4.17
N VAL D 15 -40.70 -20.33 -3.43
CA VAL D 15 -40.27 -21.73 -3.46
C VAL D 15 -41.49 -22.65 -3.39
N GLY D 16 -41.56 -23.61 -4.30
CA GLY D 16 -42.65 -24.56 -4.32
C GLY D 16 -43.69 -24.27 -5.38
N GLU D 17 -43.78 -22.99 -5.77
CA GLU D 17 -44.77 -22.58 -6.77
C GLU D 17 -44.40 -23.05 -8.17
N THR D 18 -45.38 -23.04 -9.07
CA THR D 18 -45.17 -23.38 -10.47
C THR D 18 -45.44 -22.15 -11.34
N VAL D 19 -44.48 -21.78 -12.16
CA VAL D 19 -44.60 -20.58 -13.00
C VAL D 19 -44.30 -20.84 -14.48
N THR D 20 -44.76 -19.93 -15.33
CA THR D 20 -44.57 -20.08 -16.77
C THR D 20 -44.15 -18.77 -17.43
N ILE D 21 -43.06 -18.83 -18.21
CA ILE D 21 -42.56 -17.70 -18.96
C ILE D 21 -42.88 -17.90 -20.43
N THR D 22 -43.29 -16.84 -21.12
CA THR D 22 -43.62 -16.96 -22.54
C THR D 22 -42.63 -16.25 -23.46
N CYS D 23 -42.58 -16.71 -24.71
CA CYS D 23 -41.71 -16.14 -25.72
C CYS D 23 -42.45 -16.07 -27.05
N ARG D 24 -42.44 -14.90 -27.68
CA ARG D 24 -43.10 -14.73 -28.97
C ARG D 24 -42.10 -14.33 -30.05
N ALA D 25 -42.16 -15.00 -31.19
CA ALA D 25 -41.34 -14.64 -32.33
C ALA D 25 -42.17 -13.83 -33.31
N SER D 26 -41.51 -12.95 -34.05
CA SER D 26 -42.22 -12.11 -35.01
C SER D 26 -42.54 -12.90 -36.28
N GLY D 27 -41.86 -14.02 -36.45
CA GLY D 27 -42.10 -14.91 -37.57
C GLY D 27 -42.01 -16.36 -37.12
N ASN D 28 -42.54 -17.27 -37.94
CA ASN D 28 -42.49 -18.69 -37.63
C ASN D 28 -41.03 -19.16 -37.54
N ILE D 29 -40.65 -19.71 -36.40
CA ILE D 29 -39.28 -20.18 -36.21
C ILE D 29 -39.17 -21.71 -36.14
N HIS D 30 -40.29 -22.39 -36.36
CA HIS D 30 -40.29 -23.83 -36.61
C HIS D 30 -39.67 -24.64 -35.47
N ASN D 31 -39.94 -24.24 -34.23
CA ASN D 31 -39.38 -24.89 -33.03
C ASN D 31 -37.86 -24.80 -32.87
N TYR D 32 -37.21 -23.93 -33.64
CA TYR D 32 -35.79 -23.69 -33.45
C TYR D 32 -35.60 -22.66 -32.34
N LEU D 33 -35.82 -23.10 -31.10
CA LEU D 33 -35.83 -22.20 -29.96
C LEU D 33 -35.13 -22.79 -28.75
N ALA D 34 -34.21 -22.02 -28.16
CA ALA D 34 -33.49 -22.45 -26.97
C ALA D 34 -33.78 -21.53 -25.78
N TRP D 35 -33.76 -22.10 -24.57
CA TRP D 35 -33.91 -21.31 -23.35
C TRP D 35 -32.64 -21.33 -22.52
N TYR D 36 -32.24 -20.17 -22.00
CA TYR D 36 -31.06 -20.08 -21.14
C TYR D 36 -31.40 -19.51 -19.75
N GLN D 37 -30.54 -19.81 -18.78
CA GLN D 37 -30.68 -19.27 -17.44
C GLN D 37 -29.41 -18.50 -17.09
N GLN D 38 -29.57 -17.33 -16.46
CA GLN D 38 -28.41 -16.55 -16.08
C GLN D 38 -28.51 -15.99 -14.67
N LYS D 39 -27.58 -16.41 -13.82
CA LYS D 39 -27.43 -15.81 -12.50
C LYS D 39 -26.63 -14.53 -12.64
N GLN D 40 -26.84 -13.59 -11.73
CA GLN D 40 -26.14 -12.31 -11.79
C GLN D 40 -24.63 -12.49 -11.72
N GLY D 41 -23.92 -11.87 -12.67
CA GLY D 41 -22.47 -11.95 -12.71
C GLY D 41 -21.96 -13.24 -13.34
N LYS D 42 -22.88 -14.12 -13.72
CA LYS D 42 -22.51 -15.42 -14.26
C LYS D 42 -22.88 -15.55 -15.73
N SER D 43 -22.38 -16.61 -16.37
CA SER D 43 -22.66 -16.87 -17.77
C SER D 43 -24.03 -17.51 -17.94
N PRO D 44 -24.66 -17.30 -19.11
CA PRO D 44 -25.88 -18.03 -19.43
C PRO D 44 -25.62 -19.53 -19.52
N GLN D 45 -26.61 -20.34 -19.13
CA GLN D 45 -26.50 -21.79 -19.20
C GLN D 45 -27.71 -22.36 -19.93
N LEU D 46 -27.48 -23.39 -20.74
CA LEU D 46 -28.53 -23.97 -21.56
C LEU D 46 -29.49 -24.80 -20.74
N LEU D 47 -30.79 -24.57 -20.93
CA LEU D 47 -31.83 -25.34 -20.25
C LEU D 47 -32.52 -26.28 -21.22
N VAL D 48 -33.18 -25.71 -22.24
CA VAL D 48 -33.83 -26.51 -23.27
C VAL D 48 -33.50 -26.00 -24.69
N TYR D 49 -33.55 -26.91 -25.65
CA TYR D 49 -33.36 -26.58 -27.07
C TYR D 49 -34.39 -27.35 -27.90
N ASN D 50 -34.54 -26.99 -29.18
CA ASN D 50 -35.59 -27.53 -30.03
C ASN D 50 -36.94 -27.38 -29.35
N ALA D 51 -37.11 -26.27 -28.64
CA ALA D 51 -38.33 -25.94 -27.92
C ALA D 51 -38.72 -26.89 -26.78
N LYS D 52 -38.46 -28.19 -26.95
CA LYS D 52 -39.02 -29.21 -26.06
C LYS D 52 -37.99 -30.07 -25.31
N THR D 53 -36.74 -30.04 -25.74
CA THR D 53 -35.74 -31.00 -25.24
C THR D 53 -34.88 -30.46 -24.10
N LEU D 54 -34.86 -31.19 -22.98
CA LEU D 54 -34.00 -30.84 -21.84
C LEU D 54 -32.53 -31.09 -22.14
N ALA D 55 -31.69 -30.13 -21.79
CA ALA D 55 -30.24 -30.29 -21.90
C ALA D 55 -29.73 -31.22 -20.80
N ASP D 56 -28.57 -31.83 -21.03
CA ASP D 56 -27.96 -32.71 -20.05
C ASP D 56 -27.73 -32.03 -18.71
N GLY D 57 -28.07 -32.72 -17.63
CA GLY D 57 -27.85 -32.20 -16.30
C GLY D 57 -28.97 -31.33 -15.76
N VAL D 58 -29.94 -31.00 -16.62
CA VAL D 58 -31.05 -30.14 -16.23
C VAL D 58 -32.15 -30.96 -15.58
N PRO D 59 -32.60 -30.54 -14.38
CA PRO D 59 -33.70 -31.21 -13.67
C PRO D 59 -35.00 -31.21 -14.48
N SER D 60 -35.81 -32.24 -14.30
CA SER D 60 -37.03 -32.42 -15.09
C SER D 60 -38.21 -31.58 -14.62
N ARG D 61 -37.97 -30.67 -13.69
CA ARG D 61 -39.02 -29.74 -13.27
C ARG D 61 -39.11 -28.60 -14.28
N PHE D 62 -38.10 -28.51 -15.14
CA PHE D 62 -38.14 -27.61 -16.29
C PHE D 62 -38.78 -28.32 -17.47
N SER D 63 -39.57 -27.59 -18.24
CA SER D 63 -40.14 -28.11 -19.47
C SER D 63 -40.46 -26.98 -20.44
N GLY D 64 -40.32 -27.26 -21.73
CA GLY D 64 -40.63 -26.29 -22.76
C GLY D 64 -41.72 -26.81 -23.68
N SER D 65 -42.47 -25.89 -24.26
CA SER D 65 -43.48 -26.24 -25.23
C SER D 65 -43.72 -25.08 -26.16
N GLY D 66 -44.33 -25.37 -27.30
CA GLY D 66 -44.78 -24.34 -28.19
C GLY D 66 -44.57 -24.76 -29.61
N SER D 67 -45.00 -23.93 -30.54
CA SER D 67 -44.81 -24.20 -31.94
C SER D 67 -44.97 -22.92 -32.69
N GLY D 68 -44.49 -22.90 -33.92
CA GLY D 68 -44.73 -21.75 -34.75
C GLY D 68 -44.18 -20.52 -34.08
N THR D 69 -45.05 -19.55 -33.89
CA THR D 69 -44.69 -18.27 -33.31
C THR D 69 -44.71 -18.18 -31.78
N GLN D 70 -45.31 -19.15 -31.09
CA GLN D 70 -45.45 -19.05 -29.64
C GLN D 70 -44.81 -20.16 -28.84
N TYR D 71 -43.98 -19.77 -27.87
CA TYR D 71 -43.28 -20.73 -27.03
C TYR D 71 -43.30 -20.33 -25.57
N SER D 72 -43.24 -21.32 -24.70
CA SER D 72 -43.21 -21.07 -23.27
C SER D 72 -42.32 -22.04 -22.50
N LEU D 73 -41.85 -21.59 -21.34
CA LEU D 73 -41.02 -22.37 -20.46
C LEU D 73 -41.72 -22.49 -19.11
N LYS D 74 -41.85 -23.70 -18.61
CA LYS D 74 -42.53 -23.93 -17.35
C LYS D 74 -41.58 -24.52 -16.31
N ILE D 75 -41.62 -23.98 -15.09
CA ILE D 75 -40.88 -24.55 -13.98
C ILE D 75 -41.84 -25.02 -12.91
N ASN D 76 -41.86 -26.32 -12.66
CA ASN D 76 -42.77 -26.89 -11.68
C ASN D 76 -42.10 -27.06 -10.32
N SER D 77 -42.69 -26.46 -9.30
CA SER D 77 -42.12 -26.47 -7.94
C SER D 77 -40.74 -25.82 -7.88
N LEU D 78 -40.72 -24.50 -7.97
CA LEU D 78 -39.50 -23.71 -7.94
C LEU D 78 -38.60 -24.07 -6.77
N GLN D 79 -37.31 -24.20 -7.05
CA GLN D 79 -36.30 -24.39 -6.02
C GLN D 79 -35.60 -23.06 -5.83
N PRO D 80 -34.92 -22.87 -4.69
CA PRO D 80 -34.20 -21.62 -4.45
C PRO D 80 -33.20 -21.28 -5.57
N GLU D 81 -32.60 -22.30 -6.16
CA GLU D 81 -31.59 -22.09 -7.21
C GLU D 81 -32.19 -21.70 -8.56
N ASP D 82 -33.51 -21.63 -8.64
CA ASP D 82 -34.17 -21.30 -9.90
C ASP D 82 -34.37 -19.80 -10.08
N PHE D 83 -34.04 -19.02 -9.06
CA PHE D 83 -34.20 -17.57 -9.15
C PHE D 83 -33.01 -16.94 -9.87
N GLY D 84 -33.32 -15.99 -10.75
CA GLY D 84 -32.35 -15.39 -11.61
C GLY D 84 -33.01 -14.98 -12.92
N ASN D 85 -32.20 -14.77 -13.95
CA ASN D 85 -32.73 -14.35 -15.25
C ASN D 85 -32.93 -15.48 -16.25
N TYR D 86 -33.85 -15.27 -17.18
CA TYR D 86 -34.16 -16.28 -18.19
C TYR D 86 -34.29 -15.66 -19.57
N TYR D 87 -33.69 -16.32 -20.55
CA TYR D 87 -33.71 -15.82 -21.92
C TYR D 87 -34.17 -16.89 -22.89
N CYS D 88 -34.81 -16.46 -23.97
CA CYS D 88 -35.10 -17.35 -25.10
C CYS D 88 -34.29 -16.87 -26.30
N GLN D 89 -34.05 -17.77 -27.24
CA GLN D 89 -33.26 -17.45 -28.42
C GLN D 89 -33.68 -18.34 -29.58
N HIS D 90 -33.86 -17.76 -30.76
CA HIS D 90 -34.24 -18.54 -31.92
C HIS D 90 -33.01 -18.94 -32.73
N PHE D 91 -33.10 -20.07 -33.42
CA PHE D 91 -32.00 -20.55 -34.24
C PHE D 91 -32.43 -20.73 -35.70
N TRP D 92 -33.53 -20.09 -36.07
CA TRP D 92 -34.11 -20.29 -37.40
C TRP D 92 -33.27 -19.68 -38.53
N SER D 93 -32.88 -18.41 -38.39
CA SER D 93 -32.07 -17.75 -39.42
C SER D 93 -31.27 -16.58 -38.85
N THR D 94 -30.07 -16.35 -39.39
CA THR D 94 -29.21 -15.29 -38.91
C THR D 94 -29.82 -13.91 -39.19
N PRO D 95 -29.60 -12.95 -38.27
CA PRO D 95 -28.87 -13.10 -37.02
C PRO D 95 -29.73 -13.77 -35.95
N TRP D 96 -29.12 -14.56 -35.07
CA TRP D 96 -29.89 -15.11 -33.96
C TRP D 96 -30.24 -13.94 -33.05
N THR D 97 -31.44 -13.94 -32.50
CA THR D 97 -31.82 -12.88 -31.57
C THR D 97 -32.34 -13.45 -30.26
N PHE D 98 -31.95 -12.83 -29.16
CA PHE D 98 -32.41 -13.26 -27.84
C PHE D 98 -33.61 -12.42 -27.43
N GLY D 99 -34.47 -12.98 -26.58
CA GLY D 99 -35.54 -12.21 -25.98
C GLY D 99 -34.96 -11.21 -24.99
N GLY D 100 -35.79 -10.28 -24.53
CA GLY D 100 -35.33 -9.23 -23.64
C GLY D 100 -35.08 -9.69 -22.22
N GLY D 101 -35.50 -10.92 -21.92
CA GLY D 101 -35.25 -11.49 -20.61
C GLY D 101 -36.42 -11.41 -19.66
N THR D 102 -36.49 -12.37 -18.74
CA THR D 102 -37.45 -12.35 -17.67
C THR D 102 -36.72 -12.54 -16.35
N LYS D 103 -36.93 -11.61 -15.42
CA LYS D 103 -36.29 -11.71 -14.10
C LYS D 103 -37.22 -12.37 -13.10
N LEU D 104 -36.83 -13.56 -12.64
CA LEU D 104 -37.60 -14.31 -11.66
C LEU D 104 -37.11 -14.03 -10.24
N GLU D 105 -37.78 -13.11 -9.55
CA GLU D 105 -37.36 -12.68 -8.22
C GLU D 105 -38.15 -13.37 -7.11
N LEU D 106 -37.57 -13.37 -5.91
CA LEU D 106 -38.17 -14.00 -4.74
C LEU D 106 -39.27 -13.13 -4.14
N LYS D 107 -40.43 -13.73 -3.91
CA LYS D 107 -41.59 -13.00 -3.39
C LYS D 107 -41.43 -12.67 -1.91
N ARG D 108 -42.06 -11.59 -1.48
CA ARG D 108 -41.83 -11.05 -0.14
C ARG D 108 -43.01 -10.19 0.32
N ALA D 109 -43.14 -10.00 1.63
CA ALA D 109 -44.13 -9.09 2.18
C ALA D 109 -43.80 -7.65 1.76
N ASP D 110 -44.83 -6.84 1.52
CA ASP D 110 -44.62 -5.46 1.11
C ASP D 110 -43.97 -4.62 2.21
N ALA D 111 -43.12 -3.70 1.83
CA ALA D 111 -42.43 -2.85 2.79
C ALA D 111 -42.26 -1.43 2.24
N ALA D 112 -42.58 -0.45 3.08
CA ALA D 112 -42.45 0.95 2.69
C ALA D 112 -40.97 1.34 2.69
N PRO D 113 -40.60 2.25 1.78
CA PRO D 113 -39.20 2.71 1.78
C PRO D 113 -38.95 3.66 2.95
N THR D 114 -37.78 3.55 3.57
CA THR D 114 -37.35 4.54 4.56
C THR D 114 -36.61 5.62 3.80
N VAL D 115 -37.09 6.84 3.89
CA VAL D 115 -36.56 7.93 3.07
C VAL D 115 -35.80 8.97 3.90
N SER D 116 -34.53 9.18 3.53
CA SER D 116 -33.67 10.14 4.20
C SER D 116 -33.09 11.14 3.20
N ILE D 117 -33.10 12.42 3.56
CA ILE D 117 -32.50 13.45 2.72
C ILE D 117 -31.27 14.07 3.40
N PHE D 118 -30.27 14.42 2.61
CA PHE D 118 -29.01 14.94 3.13
C PHE D 118 -28.55 16.17 2.35
N PRO D 119 -28.48 17.33 3.02
CA PRO D 119 -27.92 18.53 2.40
C PRO D 119 -26.43 18.30 2.07
N PRO D 120 -25.86 19.13 1.18
CA PRO D 120 -24.44 18.95 0.87
C PRO D 120 -23.54 19.17 2.09
N SER D 121 -22.46 18.41 2.18
CA SER D 121 -21.50 18.57 3.27
C SER D 121 -20.74 19.89 3.12
N SER D 122 -20.18 20.38 4.22
CA SER D 122 -19.44 21.64 4.20
C SER D 122 -18.16 21.52 3.38
N GLU D 123 -17.56 20.33 3.39
CA GLU D 123 -16.35 20.07 2.61
C GLU D 123 -16.61 20.26 1.12
N GLN D 124 -17.72 19.72 0.63
CA GLN D 124 -18.07 19.83 -0.78
C GLN D 124 -18.38 21.28 -1.15
N LEU D 125 -19.13 21.97 -0.30
CA LEU D 125 -19.43 23.38 -0.53
C LEU D 125 -18.15 24.20 -0.62
N THR D 126 -17.16 23.83 0.19
CA THR D 126 -15.86 24.48 0.17
C THR D 126 -15.21 24.40 -1.22
N SER D 127 -15.31 23.24 -1.86
CA SER D 127 -14.70 23.04 -3.16
C SER D 127 -15.56 23.52 -4.32
N GLY D 128 -16.69 24.13 -4.02
CA GLY D 128 -17.54 24.75 -5.04
C GLY D 128 -18.66 23.89 -5.58
N GLY D 129 -18.80 22.67 -5.06
CA GLY D 129 -19.85 21.76 -5.50
C GLY D 129 -21.00 21.66 -4.51
N ALA D 130 -22.09 21.05 -4.93
CA ALA D 130 -23.27 20.93 -4.09
C ALA D 130 -24.15 19.76 -4.51
N SER D 131 -24.13 18.69 -3.72
CA SER D 131 -24.93 17.51 -3.99
C SER D 131 -25.92 17.25 -2.86
N VAL D 132 -27.20 17.16 -3.19
CA VAL D 132 -28.21 16.74 -2.24
C VAL D 132 -28.49 15.26 -2.48
N VAL D 133 -28.49 14.47 -1.41
CA VAL D 133 -28.61 13.02 -1.54
C VAL D 133 -29.86 12.49 -0.84
N CYS D 134 -30.59 11.62 -1.54
CA CYS D 134 -31.78 11.02 -0.96
C CYS D 134 -31.68 9.50 -1.03
N PHE D 135 -31.77 8.85 0.13
CA PHE D 135 -31.79 7.40 0.18
C PHE D 135 -33.20 6.89 0.40
N LEU D 136 -33.57 5.84 -0.33
CA LEU D 136 -34.87 5.20 -0.21
C LEU D 136 -34.61 3.73 -0.02
N ASN D 137 -34.70 3.26 1.22
CA ASN D 137 -34.18 1.94 1.57
C ASN D 137 -35.22 0.89 1.97
N ASN D 138 -34.91 -0.36 1.64
CA ASN D 138 -35.66 -1.51 2.12
C ASN D 138 -37.14 -1.50 1.77
N PHE D 139 -37.44 -1.26 0.49
CA PHE D 139 -38.83 -1.29 0.05
C PHE D 139 -39.12 -2.54 -0.77
N TYR D 140 -40.40 -2.88 -0.88
CA TYR D 140 -40.84 -3.97 -1.72
C TYR D 140 -42.30 -3.74 -2.10
N PRO D 141 -42.65 -3.95 -3.38
CA PRO D 141 -41.83 -4.43 -4.50
C PRO D 141 -40.88 -3.37 -5.06
N LYS D 142 -40.15 -3.74 -6.11
CA LYS D 142 -39.01 -2.94 -6.59
C LYS D 142 -39.36 -1.61 -7.24
N ASP D 143 -40.59 -1.47 -7.73
CA ASP D 143 -40.96 -0.29 -8.51
C ASP D 143 -41.11 0.94 -7.65
N ILE D 144 -40.50 2.04 -8.08
CA ILE D 144 -40.50 3.28 -7.31
C ILE D 144 -40.13 4.48 -8.19
N ASN D 145 -40.58 5.66 -7.79
CA ASN D 145 -40.24 6.89 -8.49
C ASN D 145 -39.77 7.98 -7.55
N VAL D 146 -38.82 8.79 -7.99
CA VAL D 146 -38.31 9.88 -7.19
C VAL D 146 -38.47 11.20 -7.93
N LYS D 147 -39.02 12.20 -7.24
CA LYS D 147 -39.18 13.53 -7.78
C LYS D 147 -38.36 14.51 -6.94
N TRP D 148 -37.56 15.33 -7.60
CA TRP D 148 -36.82 16.38 -6.91
C TRP D 148 -37.51 17.73 -7.07
N LYS D 149 -37.67 18.44 -5.95
CA LYS D 149 -38.22 19.79 -5.99
C LYS D 149 -37.28 20.79 -5.35
N ILE D 150 -37.20 21.97 -5.97
CA ILE D 150 -36.40 23.06 -5.43
C ILE D 150 -37.29 24.29 -5.34
N ASP D 151 -37.61 24.69 -4.11
CA ASP D 151 -38.54 25.78 -3.84
C ASP D 151 -39.90 25.56 -4.51
N GLY D 152 -40.28 24.28 -4.66
CA GLY D 152 -41.59 23.93 -5.19
C GLY D 152 -41.62 23.54 -6.65
N SER D 153 -40.51 23.71 -7.35
CA SER D 153 -40.45 23.39 -8.78
C SER D 153 -39.72 22.08 -9.05
N GLU D 154 -40.31 21.26 -9.91
CA GLU D 154 -39.77 19.94 -10.25
C GLU D 154 -38.46 20.05 -11.04
N ARG D 155 -37.44 19.36 -10.58
CA ARG D 155 -36.11 19.43 -11.17
C ARG D 155 -35.67 18.07 -11.69
N GLN D 156 -35.29 18.01 -12.97
CA GLN D 156 -34.98 16.74 -13.62
C GLN D 156 -33.48 16.52 -13.83
N ASN D 157 -32.68 17.53 -13.54
CA ASN D 157 -31.24 17.46 -13.80
C ASN D 157 -30.45 18.40 -12.88
N GLY D 158 -29.20 18.04 -12.58
CA GLY D 158 -28.61 16.79 -13.00
C GLY D 158 -28.69 15.79 -11.86
N VAL D 159 -29.66 14.88 -11.95
CA VAL D 159 -29.82 13.87 -10.93
C VAL D 159 -29.34 12.51 -11.41
N LEU D 160 -28.59 11.84 -10.55
CA LEU D 160 -28.14 10.49 -10.82
C LEU D 160 -28.84 9.52 -9.88
N ASN D 161 -29.38 8.45 -10.44
CA ASN D 161 -29.99 7.43 -9.64
C ASN D 161 -29.17 6.13 -9.67
N SER D 162 -29.30 5.34 -8.63
CA SER D 162 -28.64 4.05 -8.54
C SER D 162 -29.55 3.09 -7.81
N TRP D 163 -29.68 1.87 -8.33
CA TRP D 163 -30.54 0.87 -7.72
C TRP D 163 -29.73 -0.37 -7.36
N THR D 164 -29.99 -0.89 -6.18
CA THR D 164 -29.40 -2.17 -5.78
C THR D 164 -30.21 -3.30 -6.41
N ASP D 165 -29.62 -4.48 -6.44
CA ASP D 165 -30.38 -5.67 -6.81
C ASP D 165 -31.15 -6.13 -5.58
N GLN D 166 -31.97 -7.16 -5.74
CA GLN D 166 -32.73 -7.69 -4.62
C GLN D 166 -31.77 -8.13 -3.52
N ASP D 167 -32.01 -7.61 -2.31
CA ASP D 167 -31.14 -7.86 -1.17
C ASP D 167 -30.96 -9.35 -0.89
N SER D 168 -29.73 -9.75 -0.59
CA SER D 168 -29.42 -11.15 -0.40
C SER D 168 -29.78 -11.66 1.00
N LYS D 169 -30.31 -10.77 1.83
CA LYS D 169 -30.69 -11.12 3.20
C LYS D 169 -32.20 -11.04 3.45
N ASP D 170 -32.77 -9.85 3.27
CA ASP D 170 -34.20 -9.64 3.51
C ASP D 170 -35.02 -9.52 2.22
N SER D 171 -34.34 -9.64 1.08
CA SER D 171 -34.97 -9.60 -0.23
C SER D 171 -35.71 -8.32 -0.56
N THR D 172 -35.28 -7.20 0.01
CA THR D 172 -35.87 -5.90 -0.33
C THR D 172 -35.05 -5.17 -1.39
N TYR D 173 -35.43 -3.93 -1.66
CA TYR D 173 -34.75 -3.11 -2.64
C TYR D 173 -34.43 -1.73 -2.07
N SER D 174 -33.33 -1.13 -2.52
CA SER D 174 -32.97 0.21 -2.11
C SER D 174 -32.58 1.08 -3.30
N MET D 175 -32.73 2.38 -3.14
CA MET D 175 -32.44 3.33 -4.21
C MET D 175 -31.71 4.56 -3.65
N SER D 176 -30.79 5.10 -4.44
CA SER D 176 -30.07 6.32 -4.06
C SER D 176 -30.22 7.37 -5.15
N SER D 177 -30.70 8.55 -4.77
CA SER D 177 -30.93 9.63 -5.73
C SER D 177 -30.13 10.87 -5.33
N THR D 178 -29.26 11.32 -6.23
CA THR D 178 -28.36 12.44 -5.94
C THR D 178 -28.58 13.61 -6.89
N LEU D 179 -28.95 14.76 -6.35
CA LEU D 179 -29.11 15.97 -7.14
C LEU D 179 -27.88 16.85 -7.01
N THR D 180 -27.16 17.04 -8.12
CA THR D 180 -25.92 17.79 -8.10
C THR D 180 -26.07 19.18 -8.70
N LEU D 181 -25.55 20.18 -8.00
CA LEU D 181 -25.64 21.57 -8.43
C LEU D 181 -24.32 22.28 -8.16
N THR D 182 -24.13 23.44 -8.77
CA THR D 182 -23.03 24.30 -8.39
C THR D 182 -23.36 24.92 -7.04
N LYS D 183 -22.33 25.37 -6.32
CA LYS D 183 -22.52 26.01 -5.03
C LYS D 183 -23.34 27.29 -5.19
N ASP D 184 -23.15 27.96 -6.32
CA ASP D 184 -23.83 29.22 -6.59
C ASP D 184 -25.35 29.07 -6.67
N GLU D 185 -25.81 28.12 -7.47
CA GLU D 185 -27.24 27.92 -7.64
C GLU D 185 -27.88 27.33 -6.39
N TYR D 186 -27.12 26.50 -5.66
CA TYR D 186 -27.62 25.90 -4.44
C TYR D 186 -27.96 26.95 -3.37
N GLU D 187 -27.05 27.89 -3.18
CA GLU D 187 -27.23 28.95 -2.18
C GLU D 187 -28.23 29.99 -2.66
N ARG D 188 -28.74 29.82 -3.87
CA ARG D 188 -29.70 30.74 -4.45
C ARG D 188 -31.12 30.29 -4.10
N HIS D 189 -31.24 29.09 -3.55
CA HIS D 189 -32.55 28.52 -3.24
C HIS D 189 -32.68 28.10 -1.77
N ASN D 190 -33.92 27.91 -1.33
CA ASN D 190 -34.19 27.66 0.08
C ASN D 190 -34.70 26.25 0.40
N SER D 191 -35.79 25.85 -0.26
CA SER D 191 -36.40 24.55 -0.01
C SER D 191 -35.89 23.47 -0.96
N TYR D 192 -35.60 22.30 -0.42
CA TYR D 192 -35.15 21.16 -1.22
C TYR D 192 -35.92 19.91 -0.83
N THR D 193 -36.59 19.30 -1.80
CA THR D 193 -37.51 18.20 -1.52
C THR D 193 -37.23 16.92 -2.31
N CYS D 194 -37.09 15.82 -1.59
CA CYS D 194 -37.04 14.50 -2.19
C CYS D 194 -38.42 13.84 -2.05
N GLU D 195 -39.01 13.43 -3.17
CA GLU D 195 -40.40 12.96 -3.18
C GLU D 195 -40.54 11.57 -3.81
N ALA D 196 -40.92 10.59 -2.99
CA ALA D 196 -40.95 9.19 -3.41
C ALA D 196 -42.34 8.67 -3.74
N THR D 197 -42.44 7.84 -4.78
CA THR D 197 -43.70 7.22 -5.13
C THR D 197 -43.59 5.68 -5.11
N HIS D 198 -44.31 5.08 -4.18
CA HIS D 198 -44.32 3.63 -4.01
C HIS D 198 -45.76 3.15 -3.79
N LYS D 199 -46.03 1.88 -4.09
CA LYS D 199 -47.39 1.37 -4.03
C LYS D 199 -47.93 1.23 -2.61
N THR D 200 -47.04 1.06 -1.64
CA THR D 200 -47.46 0.93 -0.24
C THR D 200 -48.01 2.24 0.33
N SER D 201 -48.00 3.29 -0.48
CA SER D 201 -48.55 4.58 -0.04
C SER D 201 -49.43 5.17 -1.14
N THR D 202 -50.59 5.69 -0.75
CA THR D 202 -51.55 6.24 -1.70
C THR D 202 -51.17 7.66 -2.13
N SER D 203 -50.20 8.23 -1.41
CA SER D 203 -49.69 9.55 -1.74
C SER D 203 -48.18 9.51 -1.59
N PRO D 204 -47.46 10.38 -2.32
CA PRO D 204 -45.99 10.35 -2.25
C PRO D 204 -45.42 10.60 -0.85
N ILE D 205 -44.35 9.90 -0.53
CA ILE D 205 -43.59 10.15 0.69
C ILE D 205 -42.62 11.29 0.45
N VAL D 206 -42.70 12.35 1.25
CA VAL D 206 -41.85 13.53 1.02
C VAL D 206 -40.83 13.79 2.13
N LYS D 207 -39.58 14.02 1.73
CA LYS D 207 -38.54 14.44 2.65
C LYS D 207 -38.02 15.81 2.22
N SER D 208 -37.96 16.75 3.17
CA SER D 208 -37.58 18.12 2.84
C SER D 208 -36.74 18.78 3.92
N PHE D 209 -36.01 19.82 3.52
CA PHE D 209 -35.31 20.67 4.47
C PHE D 209 -35.19 22.07 3.89
N ASN D 210 -34.93 23.04 4.75
CA ASN D 210 -34.59 24.39 4.30
C ASN D 210 -33.16 24.72 4.72
N ARG D 211 -32.47 25.50 3.91
CA ARG D 211 -31.09 25.88 4.20
C ARG D 211 -30.96 26.65 5.51
N ASN D 212 -32.08 27.15 6.02
CA ASN D 212 -32.10 27.85 7.29
C ASN D 212 -31.96 26.90 8.48
N VAL E 2 -15.88 -30.57 -20.97
CA VAL E 2 -15.96 -29.47 -21.91
C VAL E 2 -15.90 -28.13 -21.17
N GLN E 3 -14.94 -27.30 -21.55
CA GLN E 3 -14.72 -26.04 -20.86
C GLN E 3 -14.19 -24.94 -21.79
N LEU E 4 -14.74 -23.74 -21.65
CA LEU E 4 -14.26 -22.58 -22.39
C LEU E 4 -13.77 -21.52 -21.43
N LYS E 5 -12.47 -21.26 -21.45
CA LYS E 5 -11.86 -20.28 -20.57
C LYS E 5 -11.42 -19.05 -21.36
N GLN E 6 -11.97 -17.89 -21.02
CA GLN E 6 -11.66 -16.66 -21.73
C GLN E 6 -10.60 -15.86 -20.99
N SER E 7 -10.03 -14.87 -21.67
CA SER E 7 -8.98 -14.03 -21.09
C SER E 7 -9.58 -13.00 -20.12
N GLY E 8 -8.70 -12.34 -19.36
CA GLY E 8 -9.11 -11.43 -18.31
C GLY E 8 -9.66 -10.08 -18.75
N ALA E 9 -10.02 -9.26 -17.78
CA ALA E 9 -10.64 -7.96 -18.02
C ALA E 9 -9.71 -6.98 -18.73
N GLU E 10 -10.28 -6.23 -19.66
CA GLU E 10 -9.54 -5.23 -20.43
C GLU E 10 -10.02 -3.82 -20.15
N LEU E 11 -9.09 -2.88 -20.08
CA LEU E 11 -9.41 -1.45 -19.97
C LEU E 11 -8.71 -0.70 -21.10
N MET E 12 -9.50 -0.10 -22.00
CA MET E 12 -8.95 0.43 -23.24
C MET E 12 -9.33 1.89 -23.51
N LYS E 13 -8.43 2.59 -24.21
CA LYS E 13 -8.71 3.94 -24.69
C LYS E 13 -9.52 3.88 -25.98
N PRO E 14 -10.38 4.87 -26.22
CA PRO E 14 -11.16 4.93 -27.46
C PRO E 14 -10.27 4.94 -28.70
N GLY E 15 -10.60 4.12 -29.68
CA GLY E 15 -9.84 4.08 -30.92
C GLY E 15 -8.84 2.94 -30.99
N ALA E 16 -8.62 2.28 -29.87
CA ALA E 16 -7.68 1.16 -29.81
C ALA E 16 -8.32 -0.14 -30.32
N SER E 17 -7.64 -1.25 -30.08
CA SER E 17 -8.14 -2.58 -30.45
C SER E 17 -7.89 -3.57 -29.33
N VAL E 18 -8.83 -4.51 -29.15
CA VAL E 18 -8.65 -5.59 -28.17
C VAL E 18 -8.75 -6.95 -28.87
N LYS E 19 -7.99 -7.91 -28.35
CA LYS E 19 -8.10 -9.28 -28.82
C LYS E 19 -8.43 -10.18 -27.65
N ILE E 20 -9.66 -10.69 -27.64
CA ILE E 20 -10.13 -11.59 -26.59
C ILE E 20 -9.94 -13.03 -27.05
N SER E 21 -9.38 -13.86 -26.18
CA SER E 21 -9.20 -15.28 -26.49
C SER E 21 -10.21 -16.17 -25.77
N CYS E 22 -10.40 -17.36 -26.30
CA CYS E 22 -11.30 -18.36 -25.72
C CYS E 22 -10.70 -19.75 -25.89
N LYS E 23 -10.14 -20.30 -24.82
CA LYS E 23 -9.44 -21.57 -24.88
C LYS E 23 -10.38 -22.74 -24.61
N ALA E 24 -10.36 -23.73 -25.50
CA ALA E 24 -11.26 -24.88 -25.41
C ALA E 24 -10.55 -26.15 -24.95
N THR E 25 -11.19 -26.90 -24.08
CA THR E 25 -10.67 -28.18 -23.60
C THR E 25 -11.80 -29.19 -23.42
N GLY E 26 -11.46 -30.48 -23.49
CA GLY E 26 -12.42 -31.54 -23.24
C GLY E 26 -13.24 -31.97 -24.43
N TYR E 27 -12.87 -31.49 -25.63
CA TYR E 27 -13.57 -31.89 -26.84
C TYR E 27 -12.73 -31.59 -28.09
N LYS E 28 -13.26 -31.95 -29.26
CA LYS E 28 -12.57 -31.71 -30.52
C LYS E 28 -12.89 -30.30 -31.04
N PHE E 29 -11.92 -29.40 -30.86
CA PHE E 29 -12.10 -27.97 -31.13
C PHE E 29 -12.57 -27.62 -32.54
N SER E 30 -12.23 -28.45 -33.51
CA SER E 30 -12.49 -28.11 -34.91
C SER E 30 -13.89 -28.53 -35.42
N SER E 31 -14.63 -29.28 -34.62
CA SER E 31 -15.87 -29.88 -35.11
C SER E 31 -17.13 -29.21 -34.61
N TYR E 32 -16.98 -28.05 -33.98
CA TYR E 32 -18.09 -27.35 -33.35
C TYR E 32 -18.02 -25.84 -33.61
N TRP E 33 -19.17 -25.20 -33.79
CA TRP E 33 -19.22 -23.75 -33.92
C TRP E 33 -18.82 -23.04 -32.62
N ILE E 34 -18.05 -21.97 -32.75
CA ILE E 34 -17.81 -21.05 -31.63
C ILE E 34 -18.62 -19.78 -31.86
N GLU E 35 -19.37 -19.37 -30.83
CA GLU E 35 -20.23 -18.20 -30.92
C GLU E 35 -19.66 -17.06 -30.09
N TRP E 36 -20.05 -15.83 -30.42
CA TRP E 36 -19.69 -14.68 -29.59
C TRP E 36 -20.92 -13.80 -29.35
N VAL E 37 -21.13 -13.42 -28.10
CA VAL E 37 -22.33 -12.70 -27.70
C VAL E 37 -21.96 -11.46 -26.88
N LYS E 38 -22.69 -10.36 -27.10
CA LYS E 38 -22.47 -9.13 -26.35
C LYS E 38 -23.57 -8.92 -25.33
N GLN E 39 -23.19 -8.45 -24.14
CA GLN E 39 -24.16 -8.14 -23.09
C GLN E 39 -23.83 -6.82 -22.39
N ARG E 40 -24.71 -5.85 -22.53
CA ARG E 40 -24.62 -4.59 -21.80
C ARG E 40 -25.80 -4.51 -20.86
N PRO E 41 -25.66 -3.74 -19.77
CA PRO E 41 -26.81 -3.47 -18.91
C PRO E 41 -27.91 -2.73 -19.68
N GLY E 42 -29.08 -3.34 -19.78
CA GLY E 42 -30.21 -2.72 -20.45
C GLY E 42 -30.42 -3.17 -21.89
N HIS E 43 -29.42 -3.83 -22.46
CA HIS E 43 -29.49 -4.26 -23.86
C HIS E 43 -29.67 -5.77 -24.01
N GLY E 44 -29.58 -6.49 -22.89
CA GLY E 44 -29.72 -7.94 -22.92
C GLY E 44 -28.59 -8.62 -23.66
N LEU E 45 -28.89 -9.78 -24.26
CA LEU E 45 -27.91 -10.52 -25.05
C LEU E 45 -27.99 -10.12 -26.53
N GLU E 46 -26.83 -9.89 -27.14
CA GLU E 46 -26.76 -9.60 -28.57
C GLU E 46 -25.74 -10.50 -29.27
N TRP E 47 -26.16 -11.09 -30.37
CA TRP E 47 -25.30 -12.02 -31.11
C TRP E 47 -24.33 -11.26 -32.01
N ILE E 48 -23.07 -11.66 -31.98
CA ILE E 48 -22.03 -11.02 -32.79
C ILE E 48 -21.73 -11.81 -34.06
N GLY E 49 -21.43 -13.10 -33.90
CA GLY E 49 -21.14 -13.96 -35.03
C GLY E 49 -20.61 -15.31 -34.62
N GLU E 50 -20.33 -16.16 -35.60
CA GLU E 50 -19.84 -17.51 -35.33
C GLU E 50 -18.72 -17.91 -36.28
N ILE E 51 -17.82 -18.78 -35.80
CA ILE E 51 -16.74 -19.31 -36.61
C ILE E 51 -16.66 -20.84 -36.47
N PHE E 52 -16.46 -21.52 -37.59
CA PHE E 52 -16.24 -22.96 -37.56
C PHE E 52 -14.75 -23.26 -37.72
N PRO E 53 -14.09 -23.56 -36.60
CA PRO E 53 -12.64 -23.82 -36.62
C PRO E 53 -12.36 -25.07 -37.46
N GLY E 54 -11.29 -25.07 -38.22
CA GLY E 54 -11.00 -26.22 -39.07
C GLY E 54 -11.44 -25.97 -40.50
N SER E 55 -12.49 -25.19 -40.66
CA SER E 55 -12.91 -24.73 -41.99
C SER E 55 -12.68 -23.24 -42.12
N GLY E 56 -12.81 -22.52 -41.00
CA GLY E 56 -12.66 -21.08 -41.00
C GLY E 56 -13.90 -20.36 -41.49
N ASN E 57 -14.96 -21.13 -41.74
CA ASN E 57 -16.25 -20.57 -42.13
C ASN E 57 -16.85 -19.71 -41.04
N THR E 58 -17.45 -18.59 -41.44
CA THR E 58 -18.03 -17.66 -40.50
C THR E 58 -19.39 -17.15 -40.95
N ASN E 59 -20.26 -16.91 -39.98
CA ASN E 59 -21.50 -16.18 -40.18
C ASN E 59 -21.51 -15.01 -39.23
N TYR E 60 -21.79 -13.83 -39.75
CA TYR E 60 -21.67 -12.61 -38.97
C TYR E 60 -23.00 -11.91 -38.88
N ASN E 61 -23.24 -11.30 -37.73
CA ASN E 61 -24.31 -10.34 -37.61
C ASN E 61 -23.91 -9.14 -38.43
N GLU E 62 -24.84 -8.55 -39.15
CA GLU E 62 -24.51 -7.44 -40.03
C GLU E 62 -23.97 -6.25 -39.25
N LYS E 63 -24.54 -6.02 -38.08
CA LYS E 63 -24.17 -4.88 -37.25
C LYS E 63 -22.71 -4.88 -36.83
N PHE E 64 -22.16 -6.05 -36.57
CA PHE E 64 -20.80 -6.14 -36.09
C PHE E 64 -19.71 -6.33 -37.13
N LYS E 65 -20.09 -6.38 -38.41
CA LYS E 65 -19.11 -6.64 -39.45
C LYS E 65 -18.07 -5.53 -39.45
N GLY E 66 -16.80 -5.91 -39.59
CA GLY E 66 -15.74 -4.93 -39.52
C GLY E 66 -15.39 -4.55 -38.09
N LYS E 67 -16.42 -4.44 -37.25
CA LYS E 67 -16.22 -4.12 -35.85
C LYS E 67 -15.60 -5.30 -35.11
N ALA E 68 -16.07 -6.50 -35.45
CA ALA E 68 -15.58 -7.72 -34.80
C ALA E 68 -14.96 -8.67 -35.81
N THR E 69 -13.77 -9.17 -35.49
CA THR E 69 -13.09 -10.13 -36.35
C THR E 69 -12.86 -11.45 -35.61
N LEU E 70 -13.30 -12.54 -36.22
CA LEU E 70 -13.20 -13.85 -35.60
C LEU E 70 -12.11 -14.71 -36.23
N THR E 71 -11.25 -15.30 -35.40
CA THR E 71 -10.24 -16.24 -35.88
C THR E 71 -10.19 -17.45 -34.96
N ALA E 72 -9.49 -18.49 -35.40
CA ALA E 72 -9.35 -19.70 -34.60
C ALA E 72 -8.04 -20.41 -34.91
N ASP E 73 -7.39 -20.92 -33.86
CA ASP E 73 -6.15 -21.64 -34.00
C ASP E 73 -6.35 -23.10 -33.56
N THR E 74 -6.21 -24.02 -34.51
CA THR E 74 -6.42 -25.43 -34.24
C THR E 74 -5.30 -26.05 -33.39
N SER E 75 -4.07 -25.56 -33.56
CA SER E 75 -2.93 -26.11 -32.85
C SER E 75 -2.97 -25.81 -31.34
N SER E 76 -3.61 -24.71 -30.97
CA SER E 76 -3.69 -24.34 -29.55
C SER E 76 -5.11 -24.38 -28.99
N ASN E 77 -6.05 -24.83 -29.82
CA ASN E 77 -7.46 -24.92 -29.42
C ASN E 77 -8.01 -23.61 -28.88
N THR E 78 -7.72 -22.51 -29.56
CA THR E 78 -8.15 -21.20 -29.08
C THR E 78 -8.88 -20.40 -30.15
N ALA E 79 -10.05 -19.89 -29.80
CA ALA E 79 -10.79 -18.97 -30.65
C ALA E 79 -10.50 -17.54 -30.22
N TYR E 80 -10.40 -16.63 -31.19
CA TYR E 80 -10.12 -15.22 -30.89
C TYR E 80 -11.15 -14.29 -31.51
N MET E 81 -11.50 -13.23 -30.78
CA MET E 81 -12.31 -12.14 -31.34
C MET E 81 -11.62 -10.80 -31.13
N GLN E 82 -11.42 -10.08 -32.23
CA GLN E 82 -10.79 -8.77 -32.14
C GLN E 82 -11.80 -7.65 -32.37
N LEU E 83 -11.85 -6.71 -31.42
CA LEU E 83 -12.72 -5.55 -31.51
C LEU E 83 -11.92 -4.31 -31.87
N SER E 84 -12.23 -3.73 -33.03
CA SER E 84 -11.48 -2.57 -33.53
C SER E 84 -12.21 -1.26 -33.30
N SER E 85 -11.44 -0.17 -33.26
CA SER E 85 -11.96 1.18 -33.14
C SER E 85 -12.93 1.34 -31.97
N LEU E 86 -12.44 1.08 -30.76
CA LEU E 86 -13.28 1.07 -29.58
C LEU E 86 -13.93 2.43 -29.31
N THR E 87 -15.18 2.35 -28.89
CA THR E 87 -15.96 3.47 -28.41
C THR E 87 -16.63 3.03 -27.14
N SER E 88 -17.40 3.93 -26.54
CA SER E 88 -18.11 3.67 -25.30
C SER E 88 -19.12 2.56 -25.48
N GLU E 89 -19.71 2.51 -26.66
CA GLU E 89 -20.77 1.58 -26.96
C GLU E 89 -20.25 0.18 -26.80
N ASP E 90 -18.98 0.01 -27.04
CA ASP E 90 -18.35 -1.29 -26.95
C ASP E 90 -18.24 -1.93 -25.56
N SER E 91 -18.40 -1.11 -24.52
CA SER E 91 -18.18 -1.56 -23.17
C SER E 91 -19.35 -2.44 -22.77
N ALA E 92 -19.01 -3.69 -22.51
CA ALA E 92 -19.99 -4.72 -22.27
C ALA E 92 -19.24 -5.92 -21.77
N VAL E 93 -19.97 -6.96 -21.40
CA VAL E 93 -19.34 -8.22 -21.11
C VAL E 93 -19.42 -9.03 -22.39
N TYR E 94 -18.36 -9.75 -22.71
CA TYR E 94 -18.34 -10.55 -23.92
C TYR E 94 -18.19 -12.02 -23.63
N TYR E 95 -19.04 -12.84 -24.25
CA TYR E 95 -19.00 -14.28 -24.05
C TYR E 95 -18.62 -15.00 -25.33
N CYS E 96 -17.87 -16.09 -25.19
CA CYS E 96 -17.78 -17.08 -26.26
C CYS E 96 -18.59 -18.29 -25.82
N ALA E 97 -19.18 -19.00 -26.77
CA ALA E 97 -19.98 -20.17 -26.48
C ALA E 97 -19.96 -21.17 -27.63
N ARG E 98 -20.17 -22.45 -27.32
CA ARG E 98 -20.12 -23.49 -28.33
C ARG E 98 -21.50 -23.96 -28.73
N ARG E 99 -21.63 -24.40 -29.97
CA ARG E 99 -22.84 -25.09 -30.42
C ARG E 99 -22.63 -26.60 -30.30
N GLY E 100 -23.72 -27.37 -30.37
CA GLY E 100 -23.61 -28.81 -30.30
C GLY E 100 -23.08 -29.42 -31.59
N ALA E 101 -22.63 -30.66 -31.53
CA ALA E 101 -22.15 -31.37 -32.72
C ALA E 101 -23.29 -31.56 -33.70
N PHE E 102 -23.02 -31.36 -34.97
CA PHE E 102 -24.06 -31.49 -35.99
C PHE E 102 -24.42 -32.94 -36.30
N TYR E 103 -25.71 -33.25 -36.17
CA TYR E 103 -26.28 -34.50 -36.64
C TYR E 103 -27.58 -34.19 -37.35
N SER E 104 -27.98 -35.04 -38.29
CA SER E 104 -29.17 -34.80 -39.08
C SER E 104 -30.42 -34.77 -38.20
N TYR E 105 -30.47 -35.63 -37.19
CA TYR E 105 -31.62 -35.72 -36.30
C TYR E 105 -31.22 -35.81 -34.84
N GLY E 106 -31.99 -35.16 -33.97
CA GLY E 106 -31.77 -35.23 -32.53
C GLY E 106 -30.41 -34.74 -32.07
N SER E 107 -30.11 -33.47 -32.33
CA SER E 107 -28.83 -32.89 -31.94
C SER E 107 -29.01 -31.58 -31.18
N SER E 108 -28.02 -31.24 -30.36
CA SER E 108 -27.99 -29.96 -29.67
C SER E 108 -27.21 -28.96 -30.52
N TYR E 109 -27.17 -29.20 -31.82
CA TYR E 109 -26.51 -28.34 -32.78
C TYR E 109 -27.16 -26.96 -32.82
N TYR E 110 -28.49 -26.94 -32.72
CA TYR E 110 -29.22 -25.68 -32.65
C TYR E 110 -29.38 -25.18 -31.22
N ALA E 111 -28.25 -25.04 -30.52
CA ALA E 111 -28.23 -24.57 -29.15
C ALA E 111 -26.80 -24.15 -28.78
N MET E 112 -26.68 -23.20 -27.86
CA MET E 112 -25.38 -22.85 -27.31
C MET E 112 -25.17 -23.62 -26.01
N ASP E 113 -24.65 -24.84 -26.14
CA ASP E 113 -24.59 -25.77 -25.01
C ASP E 113 -23.56 -25.46 -23.92
N PHE E 114 -22.45 -24.81 -24.28
CA PHE E 114 -21.45 -24.45 -23.28
C PHE E 114 -20.99 -23.00 -23.44
N TRP E 115 -20.68 -22.36 -22.32
CA TRP E 115 -20.35 -20.93 -22.33
C TRP E 115 -19.06 -20.63 -21.58
N GLY E 116 -18.31 -19.65 -22.05
CA GLY E 116 -17.15 -19.16 -21.33
C GLY E 116 -17.63 -18.32 -20.16
N GLN E 117 -16.71 -17.93 -19.28
CA GLN E 117 -17.10 -17.17 -18.09
C GLN E 117 -17.31 -15.69 -18.40
N GLY E 118 -16.93 -15.28 -19.61
CA GLY E 118 -17.13 -13.91 -20.03
C GLY E 118 -15.93 -13.00 -19.79
N THR E 119 -15.73 -12.04 -20.70
CA THR E 119 -14.65 -11.07 -20.58
C THR E 119 -15.20 -9.66 -20.51
N SER E 120 -14.89 -8.97 -19.41
CA SER E 120 -15.35 -7.59 -19.23
C SER E 120 -14.47 -6.60 -19.98
N VAL E 121 -15.07 -5.85 -20.89
CA VAL E 121 -14.35 -4.83 -21.61
C VAL E 121 -14.87 -3.44 -21.25
N THR E 122 -13.97 -2.57 -20.80
CA THR E 122 -14.31 -1.18 -20.54
C THR E 122 -13.45 -0.28 -21.43
N VAL E 123 -14.08 0.67 -22.10
CA VAL E 123 -13.34 1.61 -22.93
C VAL E 123 -13.66 3.06 -22.54
N SER E 124 -12.62 3.79 -22.19
CA SER E 124 -12.78 5.15 -21.67
C SER E 124 -11.49 5.96 -21.80
N SER E 125 -11.65 7.29 -21.82
CA SER E 125 -10.52 8.20 -21.90
C SER E 125 -10.08 8.65 -20.51
N ALA E 126 -10.88 8.31 -19.51
CA ALA E 126 -10.67 8.78 -18.14
C ALA E 126 -9.28 8.46 -17.61
N LYS E 127 -8.71 9.41 -16.87
CA LYS E 127 -7.44 9.21 -16.20
C LYS E 127 -7.71 8.70 -14.79
N THR E 128 -6.72 8.02 -14.21
CA THR E 128 -6.83 7.57 -12.83
C THR E 128 -7.01 8.77 -11.90
N THR E 129 -8.14 8.79 -11.21
CA THR E 129 -8.48 9.86 -10.28
C THR E 129 -8.95 9.33 -8.94
N PRO E 130 -8.32 9.88 -7.81
CA PRO E 130 -8.85 9.38 -6.54
C PRO E 130 -10.18 9.99 -6.19
N PRO E 131 -11.03 9.19 -5.41
CA PRO E 131 -12.31 9.82 -5.12
C PRO E 131 -12.20 10.98 -4.16
N SER E 132 -13.12 11.91 -4.30
CA SER E 132 -13.27 12.94 -3.31
C SER E 132 -14.52 12.55 -2.55
N ASP E 133 -14.43 12.41 -1.23
CA ASP E 133 -15.59 11.98 -0.48
C ASP E 133 -15.96 12.72 0.79
N TYR E 134 -17.26 12.75 1.01
CA TYR E 134 -17.90 13.61 1.97
C TYR E 134 -18.76 12.84 2.93
N PRO E 135 -18.72 13.19 4.22
CA PRO E 135 -19.71 12.56 5.12
C PRO E 135 -21.05 13.27 5.09
N LEU E 136 -22.12 12.52 5.30
CA LEU E 136 -23.48 13.03 5.22
C LEU E 136 -24.20 12.86 6.56
N ALA E 137 -24.29 13.94 7.32
CA ALA E 137 -24.98 13.94 8.60
C ALA E 137 -26.43 14.36 8.38
N PRO E 138 -27.34 13.91 9.28
CA PRO E 138 -28.77 14.22 9.13
C PRO E 138 -29.04 15.71 9.08
N VAL E 139 -30.24 16.08 8.62
CA VAL E 139 -30.67 17.47 8.59
C VAL E 139 -30.52 18.12 9.98
N CYS E 140 -30.12 19.39 10.00
CA CYS E 140 -29.92 20.11 11.25
C CYS E 140 -31.18 20.19 12.08
N GLY E 145 -36.52 10.09 15.98
CA GLY E 145 -37.13 8.78 15.75
C GLY E 145 -36.44 7.68 16.51
N SER E 146 -36.76 6.44 16.17
CA SER E 146 -36.12 5.29 16.80
C SER E 146 -34.80 4.95 16.10
N SER E 147 -34.68 5.39 14.85
CA SER E 147 -33.47 5.12 14.07
C SER E 147 -32.97 6.36 13.37
N VAL E 148 -31.66 6.38 13.11
CA VAL E 148 -31.06 7.49 12.37
C VAL E 148 -30.21 6.93 11.22
N THR E 149 -30.22 7.65 10.10
CA THR E 149 -29.51 7.22 8.91
C THR E 149 -28.39 8.21 8.60
N LEU E 150 -27.19 7.67 8.34
CA LEU E 150 -26.03 8.49 7.98
C LEU E 150 -25.63 8.17 6.54
N GLY E 151 -24.73 8.97 5.98
CA GLY E 151 -24.35 8.81 4.59
C GLY E 151 -22.90 9.09 4.25
N CYS E 152 -22.45 8.55 3.13
CA CYS E 152 -21.08 8.74 2.64
C CYS E 152 -21.07 8.85 1.12
N LEU E 153 -20.78 10.04 0.62
CA LEU E 153 -20.79 10.30 -0.83
C LEU E 153 -19.38 10.17 -1.40
N VAL E 154 -19.21 9.28 -2.37
CA VAL E 154 -17.90 9.04 -2.98
C VAL E 154 -17.90 9.50 -4.44
N LYS E 155 -17.37 10.71 -4.68
CA LYS E 155 -17.53 11.37 -5.98
C LYS E 155 -16.23 11.57 -6.78
N GLY E 156 -16.29 11.27 -8.07
CA GLY E 156 -15.24 11.63 -9.00
C GLY E 156 -13.98 10.77 -8.96
N TYR E 157 -14.12 9.48 -9.22
CA TYR E 157 -12.97 8.59 -9.24
C TYR E 157 -12.92 7.71 -10.47
N PHE E 158 -11.73 7.21 -10.76
CA PHE E 158 -11.53 6.28 -11.88
C PHE E 158 -10.20 5.57 -11.69
N PRO E 159 -10.14 4.28 -12.00
CA PRO E 159 -11.29 3.48 -12.39
C PRO E 159 -11.93 2.82 -11.18
N GLU E 160 -12.88 1.95 -11.42
CA GLU E 160 -13.42 1.07 -10.41
C GLU E 160 -12.37 0.04 -10.06
N PRO E 161 -12.35 -0.58 -8.79
CA PRO E 161 -13.41 -0.19 -7.86
C PRO E 161 -12.86 0.65 -6.74
N VAL E 162 -13.71 1.19 -5.89
CA VAL E 162 -13.42 1.56 -4.52
C VAL E 162 -13.88 0.50 -3.54
N THR E 163 -13.34 0.54 -2.34
CA THR E 163 -13.90 -0.24 -1.27
C THR E 163 -14.35 0.70 -0.16
N LEU E 164 -15.64 0.64 0.17
CA LEU E 164 -16.23 1.46 1.22
C LEU E 164 -16.59 0.61 2.42
N THR E 165 -16.25 1.10 3.62
CA THR E 165 -16.59 0.44 4.87
C THR E 165 -17.02 1.45 5.92
N TRP E 166 -17.59 0.94 6.99
CA TRP E 166 -18.01 1.75 8.12
C TRP E 166 -17.32 1.25 9.38
N ASN E 167 -16.64 2.16 10.09
CA ASN E 167 -15.81 1.79 11.22
C ASN E 167 -14.90 0.62 10.91
N SER E 168 -14.27 0.67 9.73
CA SER E 168 -13.32 -0.33 9.28
C SER E 168 -13.91 -1.73 9.17
N GLY E 169 -15.20 -1.79 8.85
CA GLY E 169 -15.87 -3.05 8.61
C GLY E 169 -16.54 -3.64 9.85
N SER E 170 -16.18 -3.11 11.01
CA SER E 170 -16.80 -3.52 12.28
C SER E 170 -18.31 -3.30 12.23
N LEU E 171 -18.74 -2.20 11.64
CA LEU E 171 -20.16 -1.92 11.53
C LEU E 171 -20.66 -2.40 10.18
N SER E 172 -21.35 -3.53 10.16
CA SER E 172 -21.82 -4.11 8.91
C SER E 172 -23.33 -4.05 8.74
N SER E 173 -24.05 -3.92 9.86
CA SER E 173 -25.50 -3.89 9.83
C SER E 173 -26.10 -2.61 9.28
N GLY E 174 -27.25 -2.72 8.63
CA GLY E 174 -27.98 -1.56 8.15
C GLY E 174 -27.26 -0.76 7.08
N VAL E 175 -26.24 -1.35 6.47
CA VAL E 175 -25.45 -0.67 5.45
C VAL E 175 -25.97 -0.96 4.03
N HIS E 176 -26.09 0.09 3.22
CA HIS E 176 -26.41 -0.05 1.82
C HIS E 176 -25.38 0.67 0.95
N THR E 177 -24.49 -0.10 0.34
CA THR E 177 -23.52 0.47 -0.60
C THR E 177 -24.02 0.28 -2.03
N PHE E 178 -24.26 1.40 -2.70
CA PHE E 178 -24.92 1.39 -4.00
C PHE E 178 -23.95 1.19 -5.16
N PRO E 179 -24.43 0.58 -6.25
CA PRO E 179 -23.60 0.42 -7.45
C PRO E 179 -23.13 1.78 -7.95
N ALA E 180 -21.88 1.86 -8.40
CA ALA E 180 -21.35 3.10 -8.93
C ALA E 180 -22.03 3.46 -10.24
N VAL E 181 -22.28 4.75 -10.45
CA VAL E 181 -22.79 5.23 -11.72
C VAL E 181 -21.80 6.21 -12.33
N LEU E 182 -21.92 6.43 -13.63
CA LEU E 182 -20.99 7.28 -14.33
C LEU E 182 -21.66 8.59 -14.64
N GLN E 183 -21.13 9.68 -14.10
CA GLN E 183 -21.52 10.99 -14.53
C GLN E 183 -20.28 11.64 -15.09
N SER E 184 -20.37 12.17 -16.31
CA SER E 184 -19.20 12.50 -17.09
C SER E 184 -18.40 11.23 -17.36
N ASP E 185 -17.09 11.26 -17.20
CA ASP E 185 -16.25 10.10 -17.43
C ASP E 185 -15.76 9.48 -16.14
N LEU E 186 -16.32 9.92 -15.03
CA LEU E 186 -15.87 9.49 -13.73
C LEU E 186 -16.99 8.87 -12.92
N TYR E 187 -16.63 8.02 -11.98
CA TYR E 187 -17.63 7.28 -11.21
C TYR E 187 -18.07 8.00 -9.94
N THR E 188 -19.34 7.80 -9.57
CA THR E 188 -19.86 8.30 -8.31
C THR E 188 -20.56 7.16 -7.57
N LEU E 189 -20.34 7.09 -6.26
CA LEU E 189 -20.88 6.03 -5.42
C LEU E 189 -21.33 6.62 -4.09
N SER E 190 -22.34 6.00 -3.48
CA SER E 190 -22.81 6.45 -2.18
C SER E 190 -23.12 5.26 -1.28
N SER E 191 -23.13 5.50 0.02
CA SER E 191 -23.48 4.48 1.00
C SER E 191 -24.25 5.06 2.16
N SER E 192 -25.21 4.30 2.67
CA SER E 192 -25.99 4.73 3.82
C SER E 192 -25.88 3.68 4.91
N VAL E 193 -25.94 4.12 6.16
CA VAL E 193 -26.01 3.22 7.29
C VAL E 193 -27.11 3.68 8.23
N THR E 194 -27.98 2.75 8.63
CA THR E 194 -29.09 3.06 9.51
C THR E 194 -28.83 2.43 10.87
N VAL E 195 -28.90 3.23 11.93
CA VAL E 195 -28.67 2.73 13.28
C VAL E 195 -29.74 3.27 14.22
N THR E 196 -29.86 2.66 15.38
CA THR E 196 -30.79 3.13 16.40
C THR E 196 -30.33 4.47 16.96
N SER E 197 -31.27 5.25 17.49
CA SER E 197 -30.95 6.56 18.03
C SER E 197 -29.97 6.49 19.21
N SER E 198 -29.86 5.31 19.80
CA SER E 198 -28.95 5.08 20.92
C SER E 198 -27.50 4.97 20.46
N THR E 199 -27.32 4.65 19.19
CA THR E 199 -25.99 4.42 18.63
C THR E 199 -25.26 5.72 18.30
N TRP E 200 -25.87 6.52 17.45
CA TRP E 200 -25.27 7.78 16.99
C TRP E 200 -26.18 8.93 17.43
N PRO E 201 -25.59 10.07 17.82
CA PRO E 201 -24.15 10.40 17.81
C PRO E 201 -23.42 9.94 19.06
N SER E 202 -24.07 9.13 19.90
CA SER E 202 -23.47 8.62 21.13
C SER E 202 -22.14 7.93 20.86
N GLN E 203 -22.09 7.18 19.76
CA GLN E 203 -20.88 6.46 19.40
C GLN E 203 -20.30 7.01 18.10
N SER E 204 -19.00 6.85 17.93
CA SER E 204 -18.31 7.34 16.75
C SER E 204 -18.63 6.48 15.52
N ILE E 205 -18.87 7.13 14.40
CA ILE E 205 -19.14 6.44 13.14
C ILE E 205 -18.38 7.11 12.00
N THR E 206 -17.54 6.33 11.33
CA THR E 206 -16.68 6.84 10.27
C THR E 206 -16.77 5.94 9.03
N CYS E 207 -16.91 6.53 7.85
CA CYS E 207 -16.85 5.72 6.64
C CYS E 207 -15.43 5.74 6.06
N ASN E 208 -14.98 4.59 5.59
CA ASN E 208 -13.62 4.45 5.08
C ASN E 208 -13.59 4.10 3.61
N VAL E 209 -12.91 4.91 2.80
CA VAL E 209 -12.86 4.68 1.37
C VAL E 209 -11.46 4.38 0.84
N ALA E 210 -11.26 3.15 0.37
CA ALA E 210 -10.01 2.75 -0.26
C ALA E 210 -10.14 2.82 -1.78
N HIS E 211 -9.08 3.26 -2.45
CA HIS E 211 -9.05 3.30 -3.91
C HIS E 211 -7.66 2.91 -4.39
N PRO E 212 -7.41 1.60 -4.52
CA PRO E 212 -6.08 1.03 -4.76
C PRO E 212 -5.41 1.46 -6.06
N ALA E 213 -6.18 1.91 -7.04
CA ALA E 213 -5.63 2.34 -8.32
C ALA E 213 -4.90 3.66 -8.17
N SER E 214 -5.42 4.54 -7.33
CA SER E 214 -4.75 5.80 -7.01
C SER E 214 -4.02 5.65 -5.68
N SER E 215 -4.09 4.44 -5.13
CA SER E 215 -3.42 4.10 -3.87
C SER E 215 -3.76 5.09 -2.76
N THR E 216 -5.04 5.36 -2.60
CA THR E 216 -5.49 6.28 -1.55
C THR E 216 -6.42 5.59 -0.56
N LYS E 217 -6.42 6.09 0.67
CA LYS E 217 -7.29 5.56 1.72
C LYS E 217 -7.64 6.69 2.67
N VAL E 218 -8.89 7.15 2.62
CA VAL E 218 -9.32 8.22 3.53
C VAL E 218 -10.47 7.80 4.43
N ASP E 219 -10.58 8.47 5.56
CA ASP E 219 -11.63 8.21 6.54
C ASP E 219 -12.39 9.50 6.80
N LYS E 220 -13.71 9.39 6.92
CA LYS E 220 -14.53 10.57 7.20
C LYS E 220 -15.49 10.29 8.36
N LYS E 221 -15.24 10.94 9.48
CA LYS E 221 -16.09 10.81 10.65
C LYS E 221 -17.39 11.57 10.41
N ILE E 222 -18.51 11.00 10.85
CA ILE E 222 -19.78 11.68 10.72
C ILE E 222 -20.07 12.46 11.99
N GLU E 223 -20.27 13.77 11.85
CA GLU E 223 -20.56 14.62 12.99
C GLU E 223 -21.75 15.54 12.73
N PRO E 224 -22.58 15.77 13.76
CA PRO E 224 -23.78 16.61 13.68
C PRO E 224 -23.50 17.98 13.07
N ARG E 225 -24.40 18.45 12.21
CA ARG E 225 -24.27 19.75 11.58
C ARG E 225 -24.54 20.88 12.57
N ASN F 8 -37.65 -43.02 -73.88
CA ASN F 8 -37.17 -41.66 -74.05
C ASN F 8 -36.41 -41.17 -72.80
N PRO F 9 -35.17 -41.63 -72.64
CA PRO F 9 -34.34 -41.31 -71.46
C PRO F 9 -33.97 -39.84 -71.42
N LYS F 10 -33.86 -39.23 -72.59
CA LYS F 10 -33.49 -37.81 -72.68
C LYS F 10 -34.64 -36.92 -72.21
N LEU F 11 -35.86 -37.44 -72.26
CA LEU F 11 -37.04 -36.69 -71.84
C LEU F 11 -37.29 -36.80 -70.34
N TYR F 12 -37.17 -38.01 -69.80
CA TYR F 12 -37.49 -38.24 -68.39
C TYR F 12 -36.64 -37.42 -67.42
N PHE F 13 -35.32 -37.55 -67.55
CA PHE F 13 -34.41 -36.91 -66.61
C PHE F 13 -34.42 -35.39 -66.70
N LEU F 14 -34.44 -34.87 -67.93
CA LEU F 14 -34.42 -33.43 -68.12
C LEU F 14 -35.73 -32.78 -67.69
N SER F 15 -36.82 -33.55 -67.74
CA SER F 15 -38.11 -33.07 -67.27
C SER F 15 -38.23 -33.19 -65.75
N THR F 16 -37.60 -34.21 -65.18
CA THR F 16 -37.54 -34.36 -63.73
C THR F 16 -36.62 -33.30 -63.14
N PHE F 17 -35.52 -33.05 -63.83
CA PHE F 17 -34.53 -32.04 -63.44
C PHE F 17 -35.17 -30.66 -63.30
N VAL F 18 -35.99 -30.27 -64.26
CA VAL F 18 -36.58 -28.92 -64.27
C VAL F 18 -37.70 -28.76 -63.25
N VAL F 19 -38.56 -29.78 -63.12
CA VAL F 19 -39.65 -29.72 -62.15
C VAL F 19 -39.11 -29.66 -60.72
N THR F 20 -38.13 -30.51 -60.43
CA THR F 20 -37.49 -30.52 -59.12
C THR F 20 -36.84 -29.18 -58.83
N TYR F 21 -36.08 -28.67 -59.80
CA TYR F 21 -35.38 -27.40 -59.63
C TYR F 21 -36.33 -26.21 -59.49
N ILE F 22 -37.50 -26.31 -60.12
CA ILE F 22 -38.50 -25.24 -60.02
C ILE F 22 -39.14 -25.19 -58.63
N LEU F 23 -39.62 -26.34 -58.15
CA LEU F 23 -40.32 -26.40 -56.87
C LEU F 23 -39.40 -26.18 -55.67
N TRP F 24 -38.20 -26.76 -55.73
CA TRP F 24 -37.27 -26.69 -54.60
C TRP F 24 -36.59 -25.33 -54.44
N PHE F 25 -36.38 -24.62 -55.55
CA PHE F 25 -35.78 -23.29 -55.47
C PHE F 25 -36.78 -22.22 -55.06
N THR F 26 -38.07 -22.48 -55.30
CA THR F 26 -39.11 -21.60 -54.79
C THR F 26 -39.37 -21.94 -53.33
N GLY F 27 -39.14 -23.20 -52.98
CA GLY F 27 -39.24 -23.62 -51.59
C GLY F 27 -38.08 -23.09 -50.78
N ALA F 28 -36.95 -22.88 -51.44
CA ALA F 28 -35.77 -22.34 -50.79
C ALA F 28 -35.95 -20.86 -50.52
N TYR F 29 -36.66 -20.17 -51.42
CA TYR F 29 -36.95 -18.76 -51.24
C TYR F 29 -37.87 -18.55 -50.03
N LEU F 30 -38.89 -19.39 -49.95
CA LEU F 30 -39.84 -19.31 -48.85
C LEU F 30 -39.19 -19.73 -47.53
N SER F 31 -38.17 -20.57 -47.61
CA SER F 31 -37.48 -21.05 -46.42
C SER F 31 -36.75 -19.93 -45.66
N PHE F 32 -36.45 -18.84 -46.36
CA PHE F 32 -35.81 -17.68 -45.72
C PHE F 32 -36.76 -16.50 -45.55
N SER F 33 -37.97 -16.65 -46.07
CA SER F 33 -38.99 -15.61 -45.95
C SER F 33 -39.51 -15.51 -44.52
N SER F 34 -39.57 -14.29 -43.98
CA SER F 34 -40.04 -14.07 -42.63
C SER F 34 -41.57 -14.03 -42.55
N THR F 35 -42.23 -14.22 -43.69
CA THR F 35 -43.68 -14.20 -43.75
C THR F 35 -44.27 -15.55 -44.18
N TYR F 36 -43.67 -16.15 -45.20
CA TYR F 36 -44.25 -17.33 -45.83
C TYR F 36 -43.49 -18.63 -45.56
N SER F 37 -42.61 -18.63 -44.56
CA SER F 37 -41.83 -19.82 -44.26
C SER F 37 -42.70 -20.97 -43.78
N GLY F 38 -43.89 -20.63 -43.28
CA GLY F 38 -44.81 -21.63 -42.76
C GLY F 38 -45.24 -22.66 -43.79
N ILE F 39 -45.22 -22.30 -45.07
CA ILE F 39 -45.69 -23.18 -46.12
C ILE F 39 -44.58 -23.75 -47.00
N TYR F 40 -43.33 -23.49 -46.64
CA TYR F 40 -42.20 -23.87 -47.49
C TYR F 40 -42.10 -25.38 -47.71
N MET F 41 -42.58 -26.17 -46.76
CA MET F 41 -42.56 -27.62 -46.89
C MET F 41 -43.69 -28.16 -47.76
N LEU F 42 -44.69 -27.33 -48.02
CA LEU F 42 -45.77 -27.71 -48.93
C LEU F 42 -45.29 -27.76 -50.37
N ILE F 43 -44.28 -26.94 -50.67
CA ILE F 43 -43.74 -26.84 -52.02
C ILE F 43 -42.62 -27.84 -52.22
N MET F 44 -41.94 -28.22 -51.14
CA MET F 44 -40.87 -29.20 -51.19
C MET F 44 -41.41 -30.60 -51.47
N LEU F 45 -42.65 -30.84 -51.08
CA LEU F 45 -43.27 -32.16 -51.24
C LEU F 45 -43.44 -32.62 -52.71
N PRO F 46 -44.08 -31.79 -53.56
CA PRO F 46 -44.19 -32.24 -54.94
C PRO F 46 -42.83 -32.28 -55.64
N GLY F 47 -41.87 -31.51 -55.14
CA GLY F 47 -40.52 -31.52 -55.66
C GLY F 47 -39.89 -32.88 -55.47
N LEU F 48 -40.14 -33.48 -54.31
CA LEU F 48 -39.68 -34.81 -54.00
C LEU F 48 -40.47 -35.85 -54.79
N MET F 49 -41.76 -35.60 -54.98
CA MET F 49 -42.64 -36.55 -55.64
C MET F 49 -42.57 -36.48 -57.17
N ALA F 50 -41.86 -35.48 -57.68
CA ALA F 50 -41.76 -35.27 -59.13
C ALA F 50 -41.31 -36.49 -59.96
N PRO F 51 -40.16 -37.11 -59.61
CA PRO F 51 -39.70 -38.23 -60.45
C PRO F 51 -40.66 -39.40 -60.47
N PHE F 52 -41.42 -39.60 -59.39
CA PHE F 52 -42.42 -40.64 -59.32
C PHE F 52 -43.67 -40.26 -60.13
N ILE F 53 -44.03 -38.98 -60.07
CA ILE F 53 -45.14 -38.46 -60.86
C ILE F 53 -44.83 -38.57 -62.36
N ILE F 54 -43.65 -38.10 -62.74
CA ILE F 54 -43.23 -38.15 -64.14
C ILE F 54 -43.15 -39.59 -64.65
N SER F 55 -42.57 -40.47 -63.84
CA SER F 55 -42.43 -41.88 -64.20
C SER F 55 -43.77 -42.54 -64.49
N THR F 56 -44.71 -42.38 -63.56
CA THR F 56 -46.03 -42.97 -63.69
C THR F 56 -46.77 -42.44 -64.91
N ILE F 57 -46.64 -41.14 -65.15
CA ILE F 57 -47.29 -40.50 -66.29
C ILE F 57 -46.76 -41.04 -67.63
N LEU F 58 -45.46 -41.27 -67.72
CA LEU F 58 -44.89 -41.84 -68.94
C LEU F 58 -45.37 -43.26 -69.17
N ILE F 59 -45.34 -44.08 -68.13
CA ILE F 59 -45.76 -45.47 -68.24
C ILE F 59 -47.23 -45.54 -68.63
N ALA F 60 -48.05 -44.72 -68.00
CA ALA F 60 -49.49 -44.71 -68.24
C ALA F 60 -49.80 -44.20 -69.65
N LYS F 61 -49.02 -43.25 -70.13
CA LYS F 61 -49.20 -42.71 -71.46
C LYS F 61 -48.86 -43.74 -72.54
N LYS F 68 -44.94 -51.88 -69.40
CA LYS F 68 -46.08 -51.35 -68.66
C LYS F 68 -46.63 -52.40 -67.70
N LYS F 69 -46.85 -53.61 -68.20
CA LYS F 69 -47.40 -54.71 -67.39
C LYS F 69 -46.42 -55.18 -66.31
N ASP F 70 -45.12 -55.11 -66.62
CA ASP F 70 -44.08 -55.56 -65.68
C ASP F 70 -43.83 -54.55 -64.57
N PHE F 71 -44.13 -53.28 -64.84
CA PHE F 71 -44.07 -52.23 -63.83
C PHE F 71 -45.00 -52.60 -62.70
N ILE F 72 -46.16 -53.15 -63.05
CA ILE F 72 -47.10 -53.63 -62.06
C ILE F 72 -46.50 -54.82 -61.34
N ASN F 73 -45.87 -55.71 -62.12
CA ASN F 73 -45.23 -56.90 -61.59
C ASN F 73 -44.16 -56.55 -60.55
N ARG F 74 -43.17 -55.77 -60.97
CA ARG F 74 -42.05 -55.40 -60.11
C ARG F 74 -42.49 -54.60 -58.89
N LEU F 75 -43.69 -54.03 -58.97
CA LEU F 75 -44.25 -53.26 -57.87
C LEU F 75 -44.92 -54.17 -56.85
N PHE F 76 -45.53 -55.24 -57.32
CA PHE F 76 -46.38 -56.08 -56.47
C PHE F 76 -45.92 -57.53 -56.28
N ASN F 77 -44.92 -57.96 -57.05
CA ASN F 77 -44.49 -59.36 -57.00
C ASN F 77 -43.37 -59.61 -56.00
N LEU F 78 -43.71 -60.14 -54.83
CA LEU F 78 -42.74 -60.44 -53.80
C LEU F 78 -41.87 -61.64 -54.17
N LYS F 79 -42.29 -62.37 -55.21
CA LYS F 79 -41.57 -63.55 -55.67
C LYS F 79 -40.28 -63.18 -56.39
N LEU F 80 -40.13 -61.89 -56.68
CA LEU F 80 -38.93 -61.39 -57.36
C LEU F 80 -37.75 -61.29 -56.40
N ILE F 81 -38.05 -61.21 -55.11
CA ILE F 81 -37.03 -60.97 -54.10
C ILE F 81 -36.17 -62.20 -53.82
N ASN F 82 -34.85 -62.01 -53.90
CA ASN F 82 -33.90 -63.03 -53.52
C ASN F 82 -33.62 -62.92 -52.02
N LEU F 83 -33.99 -63.94 -51.26
CA LEU F 83 -33.86 -63.90 -49.81
C LEU F 83 -32.42 -64.03 -49.33
N LYS F 84 -31.54 -64.46 -50.21
CA LYS F 84 -30.12 -64.57 -49.87
C LYS F 84 -29.48 -63.21 -49.69
N THR F 85 -30.14 -62.18 -50.20
CA THR F 85 -29.64 -60.81 -50.08
C THR F 85 -30.23 -60.09 -48.88
N ILE F 86 -31.01 -60.82 -48.08
CA ILE F 86 -31.57 -60.25 -46.85
C ILE F 86 -30.51 -59.84 -45.81
N PRO F 87 -29.49 -60.68 -45.56
CA PRO F 87 -28.45 -60.23 -44.64
C PRO F 87 -27.75 -58.94 -45.07
N VAL F 88 -27.61 -58.72 -46.38
CA VAL F 88 -26.94 -57.51 -46.87
C VAL F 88 -27.91 -56.31 -46.93
N VAL F 89 -29.20 -56.59 -46.95
CA VAL F 89 -30.22 -55.53 -46.93
C VAL F 89 -30.32 -54.88 -45.55
N PHE F 90 -30.21 -55.70 -44.51
CA PHE F 90 -30.35 -55.22 -43.13
C PHE F 90 -29.03 -54.79 -42.51
N LEU F 91 -27.98 -55.57 -42.74
CA LEU F 91 -26.76 -55.46 -41.96
C LEU F 91 -25.65 -54.62 -42.58
N LEU F 92 -25.69 -54.41 -43.89
CA LEU F 92 -24.61 -53.73 -44.60
C LEU F 92 -24.35 -52.32 -44.07
N MET F 93 -25.35 -51.46 -44.15
CA MET F 93 -25.20 -50.06 -43.77
C MET F 93 -24.79 -49.81 -42.30
N PRO F 94 -25.45 -50.48 -41.34
CA PRO F 94 -24.96 -50.32 -39.96
C PRO F 94 -23.56 -50.90 -39.74
N ALA F 95 -23.15 -51.87 -40.56
CA ALA F 95 -21.80 -52.40 -40.49
C ALA F 95 -20.80 -51.38 -41.01
N VAL F 96 -21.18 -50.70 -42.09
CA VAL F 96 -20.34 -49.67 -42.70
C VAL F 96 -20.13 -48.52 -41.74
N ILE F 97 -21.22 -48.09 -41.09
CA ILE F 97 -21.18 -46.99 -40.15
C ILE F 97 -20.24 -47.26 -38.97
N LEU F 98 -20.42 -48.39 -38.31
CA LEU F 98 -19.61 -48.71 -37.14
C LEU F 98 -18.16 -48.98 -37.53
N LEU F 99 -17.95 -49.50 -38.74
CA LEU F 99 -16.60 -49.69 -39.25
C LEU F 99 -15.90 -48.34 -39.44
N SER F 100 -16.65 -47.37 -39.95
CA SER F 100 -16.12 -46.02 -40.16
C SER F 100 -15.64 -45.39 -38.85
N ILE F 101 -16.38 -45.66 -37.78
CA ILE F 101 -16.01 -45.18 -36.45
C ILE F 101 -14.71 -45.85 -36.00
N LEU F 102 -14.62 -47.16 -36.19
CA LEU F 102 -13.41 -47.91 -35.85
C LEU F 102 -12.20 -47.38 -36.61
N LEU F 103 -12.39 -47.10 -37.90
CA LEU F 103 -11.32 -46.61 -38.75
C LEU F 103 -10.90 -45.18 -38.38
N SER F 104 -11.79 -44.46 -37.70
CA SER F 104 -11.53 -43.07 -37.31
C SER F 104 -10.72 -42.97 -36.03
N ILE F 105 -10.75 -44.02 -35.22
CA ILE F 105 -9.98 -44.03 -33.98
C ILE F 105 -8.49 -43.76 -34.18
N PRO F 106 -7.86 -44.38 -35.20
CA PRO F 106 -6.45 -44.04 -35.41
C PRO F 106 -6.20 -42.57 -35.77
N PHE F 107 -6.92 -42.02 -36.74
CA PHE F 107 -6.72 -40.63 -37.14
C PHE F 107 -7.72 -39.73 -36.43
N GLY F 108 -7.26 -38.95 -35.46
CA GLY F 108 -8.14 -38.08 -34.72
C GLY F 108 -8.86 -38.83 -33.62
N GLY F 109 -9.82 -38.18 -33.00
CA GLY F 109 -10.55 -38.75 -31.88
C GLY F 109 -11.98 -39.12 -32.21
N SER F 110 -12.32 -40.39 -32.01
CA SER F 110 -13.71 -40.84 -32.10
C SER F 110 -14.02 -41.70 -30.90
N ILE F 111 -13.19 -41.57 -29.86
CA ILE F 111 -13.21 -42.47 -28.71
C ILE F 111 -14.56 -42.59 -28.00
N SER F 112 -15.45 -41.62 -28.23
CA SER F 112 -16.73 -41.58 -27.53
C SER F 112 -17.91 -41.75 -28.47
N GLN F 113 -17.62 -41.84 -29.77
CA GLN F 113 -18.66 -41.83 -30.78
C GLN F 113 -19.47 -43.12 -30.81
N PHE F 114 -19.05 -44.10 -30.02
CA PHE F 114 -19.77 -45.36 -29.93
C PHE F 114 -21.07 -45.20 -29.14
N GLN F 115 -21.18 -44.09 -28.42
CA GLN F 115 -22.38 -43.83 -27.62
C GLN F 115 -23.57 -43.40 -28.47
N PHE F 116 -23.27 -42.85 -29.65
CA PHE F 116 -24.29 -42.35 -30.57
C PHE F 116 -25.20 -41.33 -29.88
N SER F 117 -24.62 -40.25 -29.39
CA SER F 117 -25.35 -39.21 -28.67
C SER F 117 -26.32 -38.47 -29.58
N GLY F 118 -26.10 -38.58 -30.89
CA GLY F 118 -26.97 -37.94 -31.86
C GLY F 118 -28.20 -38.77 -32.19
N GLY F 119 -28.52 -39.73 -31.31
CA GLY F 119 -29.68 -40.57 -31.50
C GLY F 119 -30.96 -39.91 -31.02
N ASP F 125 -42.66 -38.03 -31.43
CA ASP F 125 -41.64 -37.29 -32.18
C ASP F 125 -40.58 -38.25 -32.72
N PHE F 126 -40.87 -39.54 -32.65
CA PHE F 126 -39.97 -40.57 -33.14
C PHE F 126 -40.64 -41.37 -34.25
N VAL F 127 -41.81 -41.94 -33.93
CA VAL F 127 -42.60 -42.69 -34.90
C VAL F 127 -43.02 -41.93 -36.16
N PRO F 128 -43.42 -40.64 -36.04
CA PRO F 128 -43.78 -39.94 -37.29
C PRO F 128 -42.57 -39.69 -38.18
N VAL F 129 -41.38 -39.65 -37.60
CA VAL F 129 -40.16 -39.44 -38.37
C VAL F 129 -39.84 -40.67 -39.21
N LEU F 130 -40.20 -41.85 -38.69
CA LEU F 130 -40.03 -43.09 -39.44
C LEU F 130 -40.94 -43.08 -40.66
N PHE F 131 -42.20 -42.70 -40.45
CA PHE F 131 -43.19 -42.66 -41.51
C PHE F 131 -42.80 -41.69 -42.62
N LEU F 132 -42.16 -40.59 -42.25
CA LEU F 132 -41.69 -39.62 -43.22
C LEU F 132 -40.50 -40.16 -44.02
N LEU F 133 -39.65 -40.93 -43.36
CA LEU F 133 -38.50 -41.54 -44.02
C LEU F 133 -38.93 -42.65 -44.99
N LEU F 134 -39.95 -43.41 -44.60
CA LEU F 134 -40.47 -44.46 -45.45
C LEU F 134 -41.23 -43.87 -46.63
N LEU F 135 -41.84 -42.71 -46.40
CA LEU F 135 -42.58 -42.00 -47.45
C LEU F 135 -41.63 -41.41 -48.48
N ALA F 136 -40.48 -40.94 -48.02
CA ALA F 136 -39.46 -40.38 -48.91
C ALA F 136 -38.79 -41.47 -49.73
N ALA F 137 -38.47 -42.58 -49.07
CA ALA F 137 -37.86 -43.72 -49.74
C ALA F 137 -38.80 -44.30 -50.79
N THR F 138 -40.10 -44.22 -50.51
CA THR F 138 -41.11 -44.69 -51.45
C THR F 138 -41.20 -43.73 -52.64
N PHE F 139 -41.39 -42.45 -52.35
CA PHE F 139 -41.55 -41.44 -53.39
C PHE F 139 -40.34 -41.29 -54.31
N GLU F 140 -39.16 -41.68 -53.82
CA GLU F 140 -37.96 -41.63 -54.64
C GLU F 140 -37.81 -42.86 -55.52
N GLU F 141 -38.00 -44.04 -54.93
CA GLU F 141 -37.74 -45.29 -55.62
C GLU F 141 -38.81 -45.68 -56.63
N LEU F 142 -40.01 -45.14 -56.50
CA LEU F 142 -41.00 -45.34 -57.54
C LEU F 142 -40.50 -44.68 -58.83
N GLY F 143 -40.07 -43.43 -58.74
CA GLY F 143 -39.48 -42.78 -59.90
C GLY F 143 -38.17 -43.38 -60.37
N TRP F 144 -37.27 -43.64 -59.43
CA TRP F 144 -35.95 -44.17 -59.76
C TRP F 144 -35.97 -45.56 -60.36
N ARG F 145 -36.81 -46.42 -59.78
CA ARG F 145 -36.84 -47.82 -60.14
C ARG F 145 -37.93 -48.14 -61.15
N GLY F 146 -38.61 -47.11 -61.63
CA GLY F 146 -39.61 -47.28 -62.66
C GLY F 146 -38.99 -46.99 -64.01
N TYR F 147 -39.43 -45.92 -64.65
CA TYR F 147 -38.94 -45.55 -65.97
C TYR F 147 -37.45 -45.23 -65.98
N ALA F 148 -36.99 -44.55 -64.94
CA ALA F 148 -35.65 -43.95 -64.90
C ALA F 148 -34.51 -44.86 -65.31
N PHE F 149 -34.18 -45.84 -64.46
CA PHE F 149 -32.99 -46.67 -64.69
C PHE F 149 -33.12 -47.57 -65.91
N ASP F 150 -34.34 -48.00 -66.21
CA ASP F 150 -34.57 -48.83 -67.40
C ASP F 150 -34.23 -48.07 -68.68
N SER F 151 -34.50 -46.76 -68.66
CA SER F 151 -34.21 -45.91 -69.80
C SER F 151 -32.70 -45.83 -70.05
N LEU F 152 -31.93 -45.86 -68.98
CA LEU F 152 -30.48 -45.81 -69.08
C LEU F 152 -29.89 -47.17 -69.45
N GLN F 153 -30.40 -48.23 -68.83
CA GLN F 153 -29.87 -49.57 -69.04
C GLN F 153 -30.16 -50.09 -70.46
N SER F 154 -31.19 -49.54 -71.09
CA SER F 154 -31.54 -49.92 -72.45
C SER F 154 -30.51 -49.40 -73.45
N ARG F 155 -30.03 -48.19 -73.22
CA ARG F 155 -29.11 -47.53 -74.14
C ARG F 155 -27.65 -47.62 -73.72
N TYR F 156 -27.41 -48.08 -72.49
CA TYR F 156 -26.05 -48.18 -71.98
C TYR F 156 -25.80 -49.53 -71.30
N SER F 157 -24.53 -49.84 -71.09
CA SER F 157 -24.16 -50.99 -70.27
C SER F 157 -24.54 -50.68 -68.83
N LEU F 158 -24.69 -51.73 -68.03
CA LEU F 158 -25.06 -51.57 -66.63
C LEU F 158 -24.11 -50.64 -65.88
N PHE F 159 -22.83 -50.77 -66.19
CA PHE F 159 -21.79 -49.98 -65.51
C PHE F 159 -21.99 -48.48 -65.69
N LYS F 160 -22.09 -48.02 -66.94
CA LYS F 160 -22.22 -46.59 -67.20
C LYS F 160 -23.66 -46.09 -67.02
N ALA F 161 -24.60 -47.02 -66.89
CA ALA F 161 -25.97 -46.65 -66.56
C ALA F 161 -26.05 -46.30 -65.08
N SER F 162 -25.30 -47.04 -64.27
CA SER F 162 -25.29 -46.85 -62.82
C SER F 162 -24.52 -45.59 -62.44
N ILE F 163 -23.45 -45.30 -63.18
CA ILE F 163 -22.65 -44.10 -62.95
C ILE F 163 -23.42 -42.86 -63.38
N LEU F 164 -24.11 -42.96 -64.52
CA LEU F 164 -24.95 -41.86 -65.00
C LEU F 164 -26.09 -41.57 -64.03
N PHE F 165 -26.67 -42.62 -63.46
CA PHE F 165 -27.72 -42.45 -62.47
C PHE F 165 -27.15 -41.82 -61.20
N GLY F 166 -25.96 -42.27 -60.81
CA GLY F 166 -25.30 -41.75 -59.63
C GLY F 166 -25.02 -40.27 -59.73
N ILE F 167 -24.63 -39.83 -60.93
CA ILE F 167 -24.34 -38.41 -61.16
C ILE F 167 -25.62 -37.58 -61.12
N PHE F 168 -26.64 -38.03 -61.85
CA PHE F 168 -27.92 -37.32 -61.89
C PHE F 168 -28.53 -37.21 -60.50
N TRP F 169 -28.56 -38.33 -59.78
CA TRP F 169 -29.13 -38.38 -58.43
C TRP F 169 -28.38 -37.45 -57.49
N SER F 170 -27.07 -37.33 -57.69
CA SER F 170 -26.25 -36.44 -56.88
C SER F 170 -26.57 -34.97 -57.19
N LEU F 171 -26.62 -34.64 -58.48
CA LEU F 171 -26.92 -33.28 -58.90
C LEU F 171 -28.39 -32.94 -58.69
N TRP F 172 -29.19 -33.96 -58.42
CA TRP F 172 -30.61 -33.79 -58.12
C TRP F 172 -30.83 -33.15 -56.75
N HIS F 173 -29.90 -33.40 -55.82
CA HIS F 173 -29.97 -32.82 -54.48
C HIS F 173 -29.49 -31.37 -54.44
N PHE F 174 -28.99 -30.88 -55.57
CA PHE F 174 -28.35 -29.57 -55.64
C PHE F 174 -29.13 -28.37 -55.07
N PRO F 175 -30.45 -28.28 -55.34
CA PRO F 175 -31.16 -27.12 -54.78
C PRO F 175 -31.25 -27.13 -53.25
N LEU F 176 -31.11 -28.30 -52.63
CA LEU F 176 -31.23 -28.44 -51.18
C LEU F 176 -30.16 -27.65 -50.43
N ILE F 177 -29.03 -27.42 -51.09
CA ILE F 177 -27.95 -26.60 -50.57
C ILE F 177 -28.46 -25.23 -50.16
N PHE F 178 -29.48 -24.75 -50.86
CA PHE F 178 -29.94 -23.37 -50.72
C PHE F 178 -31.22 -23.21 -49.89
N VAL F 179 -31.77 -24.32 -49.40
CA VAL F 179 -32.94 -24.24 -48.53
C VAL F 179 -32.53 -24.21 -47.06
N ASN F 180 -33.17 -23.33 -46.30
CA ASN F 180 -32.82 -23.08 -44.91
C ASN F 180 -32.89 -24.32 -44.03
N ASN F 181 -31.79 -24.58 -43.33
CA ASN F 181 -31.70 -25.67 -42.34
C ASN F 181 -31.81 -27.10 -42.87
N SER F 182 -31.53 -27.29 -44.16
CA SER F 182 -31.46 -28.65 -44.70
C SER F 182 -30.10 -29.26 -44.39
N TYR F 183 -30.02 -30.58 -44.49
CA TYR F 183 -28.75 -31.29 -44.27
C TYR F 183 -27.67 -30.78 -45.21
N GLN F 184 -28.03 -30.64 -46.48
CA GLN F 184 -27.11 -30.13 -47.49
C GLN F 184 -26.69 -28.70 -47.15
N TYR F 185 -27.62 -27.93 -46.60
CA TYR F 185 -27.35 -26.55 -46.24
C TYR F 185 -26.32 -26.47 -45.13
N GLU F 186 -26.55 -27.24 -44.06
CA GLU F 186 -25.71 -27.16 -42.87
C GLU F 186 -24.29 -27.66 -43.09
N ILE F 187 -24.13 -28.72 -43.88
CA ILE F 187 -22.81 -29.27 -44.13
C ILE F 187 -21.93 -28.30 -44.92
N PHE F 188 -22.53 -27.59 -45.86
CA PHE F 188 -21.80 -26.58 -46.62
C PHE F 188 -21.59 -25.35 -45.76
N ASN F 189 -22.55 -25.08 -44.89
CA ASN F 189 -22.46 -23.99 -43.93
C ASN F 189 -21.23 -24.15 -43.03
N GLN F 190 -20.99 -25.38 -42.58
CA GLN F 190 -19.84 -25.67 -41.72
C GLN F 190 -18.53 -25.73 -42.49
N SER F 191 -18.47 -26.59 -43.51
CA SER F 191 -17.23 -26.81 -44.25
C SER F 191 -17.48 -27.17 -45.72
N ILE F 192 -16.63 -26.65 -46.60
CA ILE F 192 -16.72 -26.97 -48.02
C ILE F 192 -16.50 -28.46 -48.25
N TRP F 193 -15.72 -29.08 -47.36
CA TRP F 193 -15.39 -30.49 -47.50
C TRP F 193 -16.53 -31.41 -47.05
N TYR F 194 -17.33 -30.93 -46.09
CA TYR F 194 -18.47 -31.71 -45.63
C TYR F 194 -19.56 -31.75 -46.71
N GLY F 195 -19.71 -30.64 -47.42
CA GLY F 195 -20.69 -30.55 -48.48
C GLY F 195 -20.31 -31.43 -49.67
N LEU F 196 -19.09 -31.27 -50.15
CA LEU F 196 -18.61 -32.06 -51.28
C LEU F 196 -18.61 -33.56 -50.96
N ASN F 197 -18.30 -33.90 -49.71
CA ASN F 197 -18.29 -35.30 -49.28
C ASN F 197 -19.64 -35.97 -49.48
N PHE F 198 -20.71 -35.22 -49.25
CA PHE F 198 -22.05 -35.75 -49.43
C PHE F 198 -22.35 -36.02 -50.90
N PHE F 199 -22.15 -35.01 -51.73
CA PHE F 199 -22.40 -35.14 -53.16
C PHE F 199 -21.51 -36.20 -53.80
N LEU F 200 -20.35 -36.44 -53.18
CA LEU F 200 -19.44 -37.48 -53.65
C LEU F 200 -19.92 -38.87 -53.20
N SER F 201 -20.62 -38.92 -52.07
CA SER F 201 -21.06 -40.20 -51.49
C SER F 201 -22.27 -40.79 -52.20
N ILE F 202 -23.03 -39.94 -52.88
CA ILE F 202 -24.21 -40.39 -53.61
C ILE F 202 -23.83 -41.24 -54.82
N LEU F 203 -22.62 -41.02 -55.34
CA LEU F 203 -22.12 -41.80 -56.47
C LEU F 203 -22.04 -43.31 -56.17
N PRO F 204 -21.28 -43.72 -55.14
CA PRO F 204 -21.25 -45.17 -54.91
C PRO F 204 -22.55 -45.68 -54.27
N MET F 205 -23.29 -44.80 -53.62
CA MET F 205 -24.55 -45.15 -53.00
C MET F 205 -25.58 -45.51 -54.06
N GLY F 206 -25.55 -44.78 -55.17
CA GLY F 206 -26.43 -45.06 -56.29
C GLY F 206 -26.11 -46.38 -56.95
N ILE F 207 -24.84 -46.79 -56.84
CA ILE F 207 -24.39 -48.05 -57.42
C ILE F 207 -24.86 -49.23 -56.57
N ILE F 208 -24.74 -49.10 -55.26
CA ILE F 208 -25.09 -50.18 -54.35
C ILE F 208 -26.59 -50.48 -54.33
N ILE F 209 -27.41 -49.43 -54.26
CA ILE F 209 -28.86 -49.60 -54.26
C ILE F 209 -29.35 -50.17 -55.60
N THR F 210 -28.76 -49.68 -56.69
CA THR F 210 -29.07 -50.19 -58.02
C THR F 210 -28.80 -51.68 -58.13
N TRP F 211 -27.62 -52.08 -57.67
CA TRP F 211 -27.19 -53.47 -57.72
C TRP F 211 -28.13 -54.37 -56.93
N MET F 212 -28.59 -53.89 -55.78
CA MET F 212 -29.52 -54.64 -54.95
C MET F 212 -30.85 -54.86 -55.67
N CYS F 213 -31.28 -53.84 -56.40
CA CYS F 213 -32.52 -53.92 -57.15
C CYS F 213 -32.47 -55.01 -58.22
N LEU F 214 -31.40 -55.03 -58.99
CA LEU F 214 -31.19 -56.03 -60.03
C LEU F 214 -31.08 -57.43 -59.43
N LYS F 215 -30.33 -57.55 -58.34
CA LYS F 215 -30.14 -58.82 -57.66
C LYS F 215 -31.46 -59.38 -57.14
N ASN F 216 -32.44 -58.50 -56.94
CA ASN F 216 -33.77 -58.91 -56.54
C ASN F 216 -34.78 -58.76 -57.67
N ARG F 217 -34.31 -58.97 -58.89
CA ARG F 217 -35.14 -58.93 -60.10
C ARG F 217 -35.95 -57.65 -60.25
N LYS F 218 -35.28 -56.52 -60.04
CA LYS F 218 -35.86 -55.20 -60.22
C LYS F 218 -37.08 -54.92 -59.33
N SER F 219 -37.14 -55.64 -58.21
CA SER F 219 -38.20 -55.44 -57.22
C SER F 219 -38.15 -54.03 -56.65
N ILE F 220 -39.16 -53.22 -56.98
CA ILE F 220 -39.21 -51.85 -56.50
C ILE F 220 -39.48 -51.79 -55.01
N ILE F 221 -40.26 -52.76 -54.52
CA ILE F 221 -40.55 -52.85 -53.09
C ILE F 221 -39.28 -53.06 -52.26
N LEU F 222 -38.38 -53.91 -52.74
CA LEU F 222 -37.12 -54.15 -52.04
C LEU F 222 -36.25 -52.90 -52.04
N ALA F 223 -36.22 -52.22 -53.18
CA ALA F 223 -35.47 -50.97 -53.30
C ALA F 223 -35.97 -49.94 -52.28
N ILE F 224 -37.28 -49.93 -52.06
CA ILE F 224 -37.87 -49.05 -51.06
C ILE F 224 -37.36 -49.40 -49.67
N ILE F 225 -37.43 -50.69 -49.32
CA ILE F 225 -36.99 -51.16 -48.01
C ILE F 225 -35.51 -50.85 -47.78
N PHE F 226 -34.69 -51.09 -48.80
CA PHE F 226 -33.26 -50.85 -48.70
C PHE F 226 -32.98 -49.35 -48.51
N HIS F 227 -33.60 -48.53 -49.35
CA HIS F 227 -33.50 -47.08 -49.25
C HIS F 227 -33.94 -46.60 -47.88
N PHE F 228 -35.08 -47.11 -47.42
CA PHE F 228 -35.62 -46.76 -46.11
C PHE F 228 -34.67 -47.18 -44.99
N LEU F 229 -34.05 -48.35 -45.14
CA LEU F 229 -33.12 -48.86 -44.14
C LEU F 229 -31.82 -48.05 -44.10
N ILE F 230 -31.41 -47.52 -45.25
CA ILE F 230 -30.21 -46.69 -45.32
C ILE F 230 -30.44 -45.38 -44.59
N ASN F 231 -31.62 -44.79 -44.79
CA ASN F 231 -31.99 -43.57 -44.09
C ASN F 231 -32.09 -43.81 -42.58
N LEU F 232 -32.79 -44.87 -42.19
CA LEU F 232 -33.01 -45.20 -40.80
C LEU F 232 -31.71 -45.32 -40.00
N ASN F 233 -30.78 -46.11 -40.52
CA ASN F 233 -29.49 -46.31 -39.86
C ASN F 233 -28.66 -45.03 -39.81
N GLN F 234 -28.87 -44.14 -40.76
CA GLN F 234 -28.16 -42.87 -40.80
C GLN F 234 -28.78 -41.83 -39.86
N GLU F 235 -29.86 -42.23 -39.21
CA GLU F 235 -30.51 -41.38 -38.20
C GLU F 235 -30.23 -41.93 -36.81
N LEU F 236 -30.62 -43.18 -36.59
CA LEU F 236 -30.42 -43.85 -35.31
C LEU F 236 -28.95 -43.93 -34.94
N LEU F 237 -28.13 -44.38 -35.89
CA LEU F 237 -26.69 -44.48 -35.68
C LEU F 237 -26.01 -43.28 -36.29
N ALA F 238 -25.97 -42.19 -35.53
CA ALA F 238 -25.47 -40.91 -36.02
C ALA F 238 -23.95 -40.79 -35.89
N ILE F 239 -23.34 -40.18 -36.89
CA ILE F 239 -21.89 -39.99 -36.87
C ILE F 239 -21.52 -38.56 -37.27
N THR F 240 -20.34 -38.14 -36.83
CA THR F 240 -19.84 -36.80 -37.12
C THR F 240 -19.47 -36.68 -38.60
N GLN F 241 -19.45 -35.46 -39.11
CA GLN F 241 -19.10 -35.22 -40.51
C GLN F 241 -17.69 -35.70 -40.85
N ASP F 242 -16.79 -35.64 -39.87
CA ASP F 242 -15.42 -36.12 -40.07
C ASP F 242 -15.39 -37.64 -40.29
N THR F 243 -16.31 -38.34 -39.63
CA THR F 243 -16.41 -39.78 -39.77
C THR F 243 -17.12 -40.16 -41.06
N LYS F 244 -18.00 -39.27 -41.52
CA LYS F 244 -18.73 -39.51 -42.76
C LYS F 244 -17.81 -39.46 -43.98
N ILE F 245 -16.68 -38.77 -43.85
CA ILE F 245 -15.69 -38.72 -44.92
C ILE F 245 -15.00 -40.08 -45.05
N ILE F 246 -14.77 -40.72 -43.91
CA ILE F 246 -14.22 -42.07 -43.88
C ILE F 246 -15.25 -43.05 -44.41
N GLU F 247 -16.52 -42.80 -44.08
CA GLU F 247 -17.63 -43.64 -44.53
C GLU F 247 -17.76 -43.62 -46.04
N THR F 248 -17.55 -42.45 -46.64
CA THR F 248 -17.61 -42.32 -48.10
C THR F 248 -16.58 -43.22 -48.77
N GLY F 249 -15.38 -43.28 -48.19
CA GLY F 249 -14.34 -44.15 -48.70
C GLY F 249 -14.70 -45.61 -48.58
N VAL F 250 -15.35 -45.96 -47.47
CA VAL F 250 -15.79 -47.33 -47.24
C VAL F 250 -16.85 -47.69 -48.28
N LEU F 251 -17.70 -46.73 -48.62
CA LEU F 251 -18.73 -46.93 -49.64
C LEU F 251 -18.10 -47.16 -51.02
N PHE F 252 -16.99 -46.48 -51.29
CA PHE F 252 -16.29 -46.67 -52.56
C PHE F 252 -15.66 -48.07 -52.64
N LEU F 253 -15.08 -48.52 -51.53
CA LEU F 253 -14.48 -49.85 -51.47
C LEU F 253 -15.53 -50.94 -51.62
N VAL F 254 -16.71 -50.70 -51.05
CA VAL F 254 -17.80 -51.66 -51.16
C VAL F 254 -18.39 -51.66 -52.57
N ALA F 255 -18.56 -50.48 -53.15
CA ALA F 255 -19.06 -50.34 -54.51
C ALA F 255 -18.09 -50.97 -55.51
N ALA F 256 -16.79 -50.78 -55.27
CA ALA F 256 -15.77 -51.34 -56.15
C ALA F 256 -15.79 -52.86 -56.08
N ALA F 257 -15.90 -53.39 -54.86
CA ALA F 257 -15.93 -54.83 -54.65
C ALA F 257 -17.16 -55.48 -55.29
N ILE F 258 -18.29 -54.78 -55.22
CA ILE F 258 -19.53 -55.25 -55.83
C ILE F 258 -19.42 -55.29 -57.36
N ILE F 259 -18.81 -54.25 -57.94
CA ILE F 259 -18.54 -54.21 -59.36
C ILE F 259 -17.68 -55.40 -59.79
N LEU F 260 -16.69 -55.73 -58.97
CA LEU F 260 -15.80 -56.86 -59.25
C LEU F 260 -16.55 -58.18 -59.29
N TYR F 261 -17.36 -58.42 -58.27
CA TYR F 261 -18.14 -59.66 -58.14
C TYR F 261 -19.10 -59.87 -59.31
N ASP F 262 -19.69 -58.79 -59.81
CA ASP F 262 -20.67 -58.87 -60.90
C ASP F 262 -20.19 -58.16 -62.16
N LYS F 263 -18.88 -58.16 -62.39
CA LYS F 263 -18.31 -57.43 -63.50
C LYS F 263 -18.83 -57.90 -64.86
N LYS F 264 -19.14 -59.19 -64.96
CA LYS F 264 -19.72 -59.73 -66.18
C LYS F 264 -21.08 -59.09 -66.42
N MET F 265 -21.86 -58.96 -65.36
CA MET F 265 -23.18 -58.35 -65.45
C MET F 265 -23.08 -56.86 -65.71
N PHE F 266 -22.01 -56.26 -65.20
CA PHE F 266 -21.80 -54.82 -65.31
C PHE F 266 -21.37 -54.38 -66.70
N PHE F 267 -20.56 -55.21 -67.37
CA PHE F 267 -20.01 -54.84 -68.66
C PHE F 267 -20.55 -55.65 -69.84
N GLU F 268 -21.51 -56.52 -69.57
CA GLU F 268 -22.10 -57.34 -70.61
C GLU F 268 -22.88 -56.48 -71.60
N ASP G 1 -10.39 -2.60 52.53
CA ASP G 1 -10.84 -2.49 51.15
C ASP G 1 -12.33 -2.75 51.01
N ILE G 2 -13.03 -1.81 50.40
CA ILE G 2 -14.48 -1.90 50.27
C ILE G 2 -14.88 -2.32 48.86
N GLN G 3 -15.68 -3.36 48.77
CA GLN G 3 -16.16 -3.86 47.49
C GLN G 3 -17.55 -3.34 47.20
N LEU G 4 -17.78 -2.93 45.95
CA LEU G 4 -19.05 -2.36 45.54
C LEU G 4 -19.77 -3.31 44.57
N THR G 5 -21.03 -3.59 44.85
CA THR G 5 -21.81 -4.55 44.08
C THR G 5 -22.99 -3.88 43.38
N GLN G 6 -23.04 -3.98 42.05
CA GLN G 6 -24.15 -3.43 41.28
C GLN G 6 -25.15 -4.52 40.91
N SER G 7 -26.43 -4.15 40.85
CA SER G 7 -27.48 -5.11 40.53
C SER G 7 -28.73 -4.40 40.01
N PRO G 8 -29.32 -4.93 38.93
CA PRO G 8 -28.82 -6.10 38.19
C PRO G 8 -27.63 -5.77 37.29
N ALA G 9 -26.92 -6.81 36.85
CA ALA G 9 -25.78 -6.63 35.96
C ALA G 9 -26.22 -6.28 34.55
N SER G 10 -27.44 -6.71 34.19
CA SER G 10 -28.00 -6.41 32.88
C SER G 10 -29.44 -5.93 32.99
N LEU G 11 -29.76 -4.85 32.30
CA LEU G 11 -31.09 -4.28 32.34
C LEU G 11 -31.65 -4.03 30.95
N SER G 12 -32.84 -4.56 30.68
CA SER G 12 -33.49 -4.37 29.39
C SER G 12 -34.68 -3.43 29.51
N ALA G 13 -34.82 -2.50 28.57
CA ALA G 13 -35.88 -1.52 28.65
C ALA G 13 -36.24 -0.89 27.30
N SER G 14 -37.25 -0.03 27.32
CA SER G 14 -37.69 0.67 26.12
C SER G 14 -37.71 2.16 26.41
N VAL G 15 -37.56 2.96 25.34
CA VAL G 15 -37.69 4.41 25.45
C VAL G 15 -39.01 4.80 26.11
N GLY G 16 -38.93 5.56 27.19
CA GLY G 16 -40.14 6.00 27.89
C GLY G 16 -40.36 5.32 29.22
N GLU G 17 -39.70 4.18 29.44
CA GLU G 17 -39.78 3.45 30.70
C GLU G 17 -38.93 4.08 31.81
N THR G 18 -39.22 3.68 33.05
CA THR G 18 -38.40 4.07 34.20
C THR G 18 -37.66 2.86 34.74
N VAL G 19 -36.36 3.00 34.97
CA VAL G 19 -35.56 1.93 35.53
C VAL G 19 -34.76 2.37 36.75
N THR G 20 -34.30 1.39 37.53
CA THR G 20 -33.52 1.65 38.73
C THR G 20 -32.32 0.72 38.80
N ILE G 21 -31.15 1.30 38.98
CA ILE G 21 -29.91 0.55 39.16
C ILE G 21 -29.49 0.71 40.61
N THR G 22 -29.06 -0.38 41.24
CA THR G 22 -28.72 -0.34 42.65
C THR G 22 -27.26 -0.65 42.93
N CYS G 23 -26.77 -0.18 44.07
CA CYS G 23 -25.36 -0.34 44.42
C CYS G 23 -25.25 -0.68 45.90
N ARG G 24 -24.54 -1.77 46.20
CA ARG G 24 -24.31 -2.18 47.59
C ARG G 24 -22.83 -2.13 47.95
N ALA G 25 -22.52 -1.46 49.06
CA ALA G 25 -21.15 -1.35 49.54
C ALA G 25 -20.90 -2.35 50.67
N SER G 26 -19.71 -2.94 50.69
CA SER G 26 -19.35 -3.93 51.71
C SER G 26 -19.15 -3.29 53.09
N GLY G 27 -19.16 -1.95 53.13
CA GLY G 27 -19.06 -1.21 54.36
C GLY G 27 -19.78 0.12 54.21
N ASN G 28 -19.97 0.83 55.33
CA ASN G 28 -20.59 2.15 55.28
C ASN G 28 -19.66 3.13 54.56
N ILE G 29 -20.17 3.78 53.52
CA ILE G 29 -19.36 4.75 52.76
C ILE G 29 -19.87 6.18 52.92
N HIS G 30 -20.88 6.35 53.77
CA HIS G 30 -21.31 7.67 54.22
C HIS G 30 -21.71 8.65 53.11
N ASN G 31 -22.40 8.14 52.09
CA ASN G 31 -22.87 8.93 50.94
C ASN G 31 -21.77 9.44 50.01
N TYR G 32 -20.55 8.94 50.20
CA TYR G 32 -19.46 9.26 49.29
C TYR G 32 -19.54 8.33 48.09
N LEU G 33 -20.57 8.52 47.27
CA LEU G 33 -20.78 7.66 46.11
C LEU G 33 -21.07 8.45 44.84
N ALA G 34 -20.43 8.04 43.75
CA ALA G 34 -20.59 8.67 42.45
C ALA G 34 -21.12 7.70 41.40
N TRP G 35 -21.86 8.23 40.42
CA TRP G 35 -22.37 7.44 39.30
C TRP G 35 -21.79 7.90 37.97
N TYR G 36 -21.40 6.95 37.12
CA TYR G 36 -20.88 7.28 35.80
C TYR G 36 -21.66 6.59 34.68
N GLN G 37 -21.60 7.18 33.49
CA GLN G 37 -22.20 6.59 32.30
C GLN G 37 -21.14 6.44 31.23
N GLN G 38 -21.12 5.28 30.57
CA GLN G 38 -20.12 5.03 29.53
C GLN G 38 -20.74 4.42 28.29
N LYS G 39 -20.51 5.05 27.14
CA LYS G 39 -20.93 4.52 25.85
C LYS G 39 -19.79 3.70 25.28
N GLN G 40 -20.11 2.75 24.42
CA GLN G 40 -19.11 1.87 23.83
C GLN G 40 -18.07 2.65 23.02
N GLY G 41 -16.80 2.47 23.33
CA GLY G 41 -15.73 3.16 22.65
C GLY G 41 -15.39 4.51 23.25
N LYS G 42 -16.20 4.96 24.21
CA LYS G 42 -16.03 6.29 24.82
C LYS G 42 -15.58 6.23 26.28
N SER G 43 -15.30 7.41 26.84
CA SER G 43 -14.90 7.52 28.24
C SER G 43 -16.13 7.55 29.14
N PRO G 44 -15.96 7.16 30.41
CA PRO G 44 -17.03 7.35 31.38
C PRO G 44 -17.34 8.83 31.57
N GLN G 45 -18.56 9.15 31.98
CA GLN G 45 -18.95 10.53 32.22
C GLN G 45 -19.71 10.63 33.55
N LEU G 46 -19.43 11.70 34.29
CA LEU G 46 -20.03 11.88 35.61
C LEU G 46 -21.52 12.22 35.53
N LEU G 47 -22.32 11.52 36.34
CA LEU G 47 -23.77 11.75 36.37
C LEU G 47 -24.20 12.31 37.71
N VAL G 48 -23.87 11.58 38.77
CA VAL G 48 -24.28 11.93 40.12
C VAL G 48 -23.08 11.82 41.05
N TYR G 49 -22.98 12.73 42.00
CA TYR G 49 -21.99 12.63 43.07
C TYR G 49 -22.65 12.97 44.41
N ASN G 50 -21.98 12.65 45.51
CA ASN G 50 -22.56 12.79 46.83
C ASN G 50 -23.91 12.08 46.95
N ALA G 51 -24.02 10.95 46.25
CA ALA G 51 -25.22 10.12 46.22
C ALA G 51 -26.43 10.74 45.50
N LYS G 52 -26.72 12.01 45.77
CA LYS G 52 -27.95 12.64 45.31
C LYS G 52 -27.77 13.82 44.34
N THR G 53 -26.55 14.33 44.21
CA THR G 53 -26.34 15.57 43.45
C THR G 53 -26.01 15.34 41.97
N LEU G 54 -26.86 15.88 41.09
CA LEU G 54 -26.63 15.79 39.66
C LEU G 54 -25.48 16.68 39.24
N ALA G 55 -24.64 16.16 38.33
CA ALA G 55 -23.54 16.93 37.78
C ALA G 55 -24.06 18.00 36.83
N ASP G 56 -23.19 18.90 36.39
CA ASP G 56 -23.55 19.94 35.44
C ASP G 56 -23.93 19.37 34.08
N GLY G 57 -25.09 19.78 33.57
CA GLY G 57 -25.53 19.38 32.24
C GLY G 57 -26.21 18.02 32.18
N VAL G 58 -26.48 17.45 33.34
CA VAL G 58 -27.20 16.18 33.40
C VAL G 58 -28.68 16.43 33.60
N PRO G 59 -29.51 15.86 32.70
CA PRO G 59 -30.97 16.03 32.72
C PRO G 59 -31.61 15.58 34.04
N SER G 60 -32.69 16.24 34.43
CA SER G 60 -33.33 16.01 35.72
C SER G 60 -34.14 14.72 35.78
N ARG G 61 -34.13 13.94 34.70
CA ARG G 61 -34.80 12.64 34.71
C ARG G 61 -33.91 11.63 35.42
N PHE G 62 -32.66 12.02 35.67
CA PHE G 62 -31.75 11.22 36.48
C PHE G 62 -31.86 11.66 37.94
N SER G 63 -31.86 10.71 38.86
CA SER G 63 -31.85 11.01 40.28
C SER G 63 -31.14 9.89 41.04
N GLY G 64 -30.50 10.25 42.14
CA GLY G 64 -29.80 9.27 42.96
C GLY G 64 -30.31 9.32 44.39
N SER G 65 -30.19 8.20 45.09
CA SER G 65 -30.64 8.13 46.47
C SER G 65 -29.87 7.05 47.23
N GLY G 66 -30.13 6.95 48.53
CA GLY G 66 -29.50 5.94 49.37
C GLY G 66 -28.68 6.49 50.52
N SER G 67 -28.20 5.57 51.36
CA SER G 67 -27.33 5.91 52.48
C SER G 67 -26.68 4.65 53.00
N GLY G 68 -25.73 4.81 53.92
CA GLY G 68 -25.02 3.68 54.49
C GLY G 68 -24.30 2.84 53.46
N THR G 69 -24.89 1.69 53.14
CA THR G 69 -24.24 0.72 52.26
C THR G 69 -24.99 0.55 50.94
N GLN G 70 -26.18 1.14 50.85
CA GLN G 70 -27.02 0.97 49.67
C GLN G 70 -27.36 2.28 48.98
N TYR G 71 -27.30 2.26 47.66
CA TYR G 71 -27.53 3.46 46.84
C TYR G 71 -28.18 3.06 45.52
N SER G 72 -28.98 3.97 44.95
CA SER G 72 -29.66 3.66 43.70
C SER G 72 -29.71 4.84 42.73
N LEU G 73 -29.71 4.52 41.45
CA LEU G 73 -29.84 5.51 40.39
C LEU G 73 -31.14 5.27 39.64
N LYS G 74 -31.96 6.33 39.52
CA LYS G 74 -33.23 6.20 38.82
C LYS G 74 -33.28 7.07 37.58
N ILE G 75 -33.68 6.46 36.46
CA ILE G 75 -33.87 7.21 35.22
C ILE G 75 -35.34 7.20 34.80
N ASN G 76 -35.97 8.37 34.87
CA ASN G 76 -37.35 8.52 34.46
C ASN G 76 -37.49 8.78 32.96
N SER G 77 -38.44 8.11 32.33
CA SER G 77 -38.73 8.30 30.90
C SER G 77 -37.47 8.22 30.04
N LEU G 78 -36.97 7.00 29.86
CA LEU G 78 -35.72 6.76 29.15
C LEU G 78 -35.69 7.40 27.77
N GLN G 79 -34.54 7.97 27.47
CA GLN G 79 -34.24 8.53 26.16
C GLN G 79 -33.22 7.63 25.48
N PRO G 80 -33.11 7.78 24.08
CA PRO G 80 -32.14 6.86 23.46
C PRO G 80 -30.71 7.02 23.97
N GLU G 81 -30.28 8.25 24.26
CA GLU G 81 -28.91 8.51 24.69
C GLU G 81 -28.60 7.82 26.02
N ASP G 82 -29.64 7.53 26.78
CA ASP G 82 -29.51 6.87 28.09
C ASP G 82 -28.93 5.45 28.04
N PHE G 83 -29.08 4.77 26.91
CA PHE G 83 -28.67 3.38 26.78
C PHE G 83 -27.15 3.24 26.68
N GLY G 84 -26.60 2.38 27.54
CA GLY G 84 -25.17 2.22 27.66
C GLY G 84 -24.80 1.58 28.98
N ASN G 85 -23.57 1.82 29.45
CA ASN G 85 -23.11 1.25 30.71
C ASN G 85 -23.09 2.23 31.89
N TYR G 86 -23.42 1.72 33.08
CA TYR G 86 -23.47 2.52 34.29
C TYR G 86 -22.60 1.93 35.41
N TYR G 87 -21.81 2.80 36.04
CA TYR G 87 -20.91 2.38 37.11
C TYR G 87 -21.09 3.23 38.35
N CYS G 88 -21.09 2.58 39.52
CA CYS G 88 -21.04 3.30 40.78
C CYS G 88 -19.61 3.26 41.31
N GLN G 89 -19.23 4.27 42.09
CA GLN G 89 -17.89 4.34 42.66
C GLN G 89 -17.90 5.02 44.01
N HIS G 90 -17.20 4.43 44.99
CA HIS G 90 -17.15 5.00 46.33
C HIS G 90 -15.89 5.83 46.52
N PHE G 91 -16.00 6.86 47.34
CA PHE G 91 -14.87 7.75 47.60
C PHE G 91 -14.57 7.84 49.10
N TRP G 92 -15.03 6.85 49.86
CA TRP G 92 -14.88 6.88 51.32
C TRP G 92 -13.44 6.65 51.80
N SER G 93 -12.75 5.68 51.20
CA SER G 93 -11.38 5.40 51.58
C SER G 93 -10.63 4.65 50.48
N THR G 94 -9.34 4.95 50.34
CA THR G 94 -8.54 4.30 49.32
C THR G 94 -8.37 2.82 49.63
N PRO G 95 -8.31 1.98 48.59
CA PRO G 95 -8.43 2.36 47.18
C PRO G 95 -9.89 2.55 46.76
N TRP G 96 -10.14 3.43 45.79
CA TRP G 96 -11.49 3.59 45.28
C TRP G 96 -11.85 2.33 44.52
N THR G 97 -13.09 1.87 44.67
CA THR G 97 -13.54 0.71 43.90
C THR G 97 -14.83 1.02 43.15
N PHE G 98 -14.93 0.47 41.94
CA PHE G 98 -16.11 0.65 41.10
C PHE G 98 -16.98 -0.59 41.18
N GLY G 99 -18.27 -0.42 40.91
CA GLY G 99 -19.16 -1.57 40.79
C GLY G 99 -18.80 -2.33 39.53
N GLY G 100 -19.29 -3.55 39.41
CA GLY G 100 -18.98 -4.37 38.24
C GLY G 100 -19.60 -3.82 36.97
N GLY G 101 -20.58 -2.93 37.11
CA GLY G 101 -21.22 -2.31 35.98
C GLY G 101 -22.59 -2.88 35.69
N THR G 102 -23.42 -2.06 35.04
CA THR G 102 -24.76 -2.47 34.64
C THR G 102 -25.03 -2.01 33.22
N LYS G 103 -25.25 -2.95 32.31
CA LYS G 103 -25.55 -2.60 30.94
C LYS G 103 -27.04 -2.37 30.73
N LEU G 104 -27.40 -1.14 30.38
CA LEU G 104 -28.78 -0.80 30.06
C LEU G 104 -29.01 -0.99 28.57
N GLU G 105 -29.67 -2.09 28.21
CA GLU G 105 -29.84 -2.48 26.81
C GLU G 105 -31.25 -2.23 26.31
N LEU G 106 -31.41 -2.27 24.99
CA LEU G 106 -32.69 -2.06 24.33
C LEU G 106 -33.55 -3.33 24.37
N LYS G 107 -34.77 -3.20 24.87
CA LYS G 107 -35.70 -4.33 24.95
C LYS G 107 -36.11 -4.79 23.56
N ARG G 108 -36.19 -6.10 23.38
CA ARG G 108 -36.46 -6.68 22.07
C ARG G 108 -37.26 -7.98 22.20
N ALA G 109 -37.92 -8.39 21.12
CA ALA G 109 -38.57 -9.69 21.08
C ALA G 109 -37.52 -10.81 21.03
N ASP G 110 -37.83 -11.93 21.67
CA ASP G 110 -36.92 -13.09 21.66
C ASP G 110 -36.64 -13.57 20.24
N ALA G 111 -35.40 -14.00 20.01
CA ALA G 111 -34.99 -14.49 18.70
C ALA G 111 -34.04 -15.68 18.83
N ALA G 112 -34.37 -16.78 18.15
CA ALA G 112 -33.51 -17.95 18.16
C ALA G 112 -32.27 -17.71 17.30
N PRO G 113 -31.11 -18.21 17.76
CA PRO G 113 -29.88 -18.05 16.99
C PRO G 113 -29.87 -18.91 15.73
N THR G 114 -29.35 -18.37 14.64
CA THR G 114 -29.05 -19.17 13.46
C THR G 114 -27.64 -19.71 13.64
N VAL G 115 -27.51 -21.03 13.71
CA VAL G 115 -26.25 -21.66 14.04
C VAL G 115 -25.65 -22.41 12.85
N SER G 116 -24.38 -22.15 12.56
CA SER G 116 -23.70 -22.79 11.44
C SER G 116 -22.32 -23.31 11.87
N ILE G 117 -21.93 -24.46 11.35
CA ILE G 117 -20.64 -25.06 11.66
C ILE G 117 -19.77 -25.24 10.41
N PHE G 118 -18.47 -24.98 10.55
CA PHE G 118 -17.56 -25.02 9.40
C PHE G 118 -16.31 -25.85 9.68
N PRO G 119 -16.07 -26.89 8.86
CA PRO G 119 -14.83 -27.65 8.92
C PRO G 119 -13.66 -26.76 8.51
N PRO G 120 -12.42 -27.16 8.81
CA PRO G 120 -11.29 -26.35 8.38
C PRO G 120 -11.13 -26.34 6.86
N SER G 121 -10.78 -25.20 6.29
CA SER G 121 -10.53 -25.12 4.86
C SER G 121 -9.28 -25.90 4.51
N SER G 122 -9.18 -26.35 3.26
CA SER G 122 -8.05 -27.16 2.83
C SER G 122 -6.74 -26.37 2.80
N GLU G 123 -6.85 -25.04 2.83
CA GLU G 123 -5.66 -24.19 2.86
C GLU G 123 -4.96 -24.28 4.21
N GLN G 124 -5.75 -24.23 5.29
CA GLN G 124 -5.21 -24.29 6.64
C GLN G 124 -4.60 -25.66 6.92
N LEU G 125 -5.28 -26.70 6.44
CA LEU G 125 -4.80 -28.07 6.61
C LEU G 125 -3.45 -28.26 5.93
N THR G 126 -3.23 -27.52 4.86
CA THR G 126 -1.93 -27.54 4.17
C THR G 126 -0.83 -27.06 5.10
N SER G 127 -1.12 -26.02 5.86
CA SER G 127 -0.13 -25.38 6.73
C SER G 127 0.08 -26.11 8.07
N GLY G 128 -0.71 -27.16 8.30
CA GLY G 128 -0.54 -27.96 9.50
C GLY G 128 -1.50 -27.62 10.63
N GLY G 129 -2.35 -26.62 10.40
CA GLY G 129 -3.32 -26.21 11.40
C GLY G 129 -4.72 -26.70 11.09
N ALA G 130 -5.63 -26.58 12.05
CA ALA G 130 -7.01 -27.02 11.86
C ALA G 130 -7.97 -26.30 12.80
N SER G 131 -8.81 -25.45 12.21
CA SER G 131 -9.81 -24.71 13.00
C SER G 131 -11.24 -25.05 12.58
N VAL G 132 -12.07 -25.40 13.56
CA VAL G 132 -13.51 -25.56 13.35
C VAL G 132 -14.23 -24.33 13.89
N VAL G 133 -15.02 -23.69 13.04
CA VAL G 133 -15.70 -22.45 13.41
C VAL G 133 -17.21 -22.63 13.50
N CYS G 134 -17.81 -22.07 14.54
CA CYS G 134 -19.25 -22.12 14.71
C CYS G 134 -19.81 -20.72 14.91
N PHE G 135 -20.66 -20.27 14.00
CA PHE G 135 -21.29 -18.97 14.12
C PHE G 135 -22.68 -19.12 14.74
N LEU G 136 -23.02 -18.20 15.63
CA LEU G 136 -24.32 -18.19 16.28
C LEU G 136 -24.85 -16.77 16.19
N ASN G 137 -25.73 -16.52 15.22
CA ASN G 137 -26.09 -15.16 14.85
C ASN G 137 -27.51 -14.70 15.21
N ASN G 138 -27.64 -13.39 15.42
CA ASN G 138 -28.93 -12.73 15.58
C ASN G 138 -29.88 -13.36 16.59
N PHE G 139 -29.39 -13.59 17.81
CA PHE G 139 -30.25 -14.10 18.87
C PHE G 139 -30.59 -13.02 19.89
N TYR G 140 -31.54 -13.32 20.75
CA TYR G 140 -31.94 -12.42 21.84
C TYR G 140 -32.74 -13.22 22.85
N PRO G 141 -32.49 -13.02 24.15
CA PRO G 141 -31.53 -12.09 24.75
C PRO G 141 -30.08 -12.56 24.60
N LYS G 142 -29.14 -11.81 25.17
CA LYS G 142 -27.71 -12.03 24.88
C LYS G 142 -27.08 -13.24 25.56
N ASP G 143 -27.75 -13.80 26.57
CA ASP G 143 -27.19 -14.95 27.27
C ASP G 143 -27.24 -16.19 26.38
N ILE G 144 -26.08 -16.83 26.23
CA ILE G 144 -25.97 -18.04 25.44
C ILE G 144 -24.75 -18.83 25.89
N ASN G 145 -24.75 -20.13 25.62
CA ASN G 145 -23.62 -20.97 25.98
C ASN G 145 -23.27 -21.92 24.84
N VAL G 146 -21.97 -22.10 24.61
CA VAL G 146 -21.51 -22.97 23.53
C VAL G 146 -20.65 -24.12 24.08
N LYS G 147 -21.03 -25.34 23.70
CA LYS G 147 -20.26 -26.52 24.08
C LYS G 147 -19.67 -27.18 22.86
N TRP G 148 -18.40 -27.53 22.93
CA TRP G 148 -17.74 -28.25 21.84
C TRP G 148 -17.64 -29.74 22.14
N LYS G 149 -17.95 -30.56 21.16
CA LYS G 149 -17.83 -32.00 21.31
C LYS G 149 -17.05 -32.63 20.18
N ILE G 150 -16.18 -33.57 20.52
CA ILE G 150 -15.42 -34.33 19.54
C ILE G 150 -15.65 -35.81 19.77
N ASP G 151 -16.34 -36.45 18.83
CA ASP G 151 -16.78 -37.84 18.96
C ASP G 151 -17.61 -38.06 20.22
N GLY G 152 -18.37 -37.04 20.60
CA GLY G 152 -19.28 -37.14 21.73
C GLY G 152 -18.73 -36.64 23.05
N SER G 153 -17.42 -36.40 23.11
CA SER G 153 -16.78 -35.93 24.33
C SER G 153 -16.62 -34.42 24.33
N GLU G 154 -17.01 -33.77 25.44
CA GLU G 154 -16.86 -32.32 25.55
C GLU G 154 -15.40 -31.92 25.63
N ARG G 155 -15.07 -30.79 24.99
CA ARG G 155 -13.71 -30.27 25.01
C ARG G 155 -13.75 -28.78 25.34
N GLN G 156 -12.79 -28.33 26.14
CA GLN G 156 -12.79 -26.95 26.60
C GLN G 156 -11.63 -26.13 26.04
N ASN G 157 -10.64 -26.81 25.46
CA ASN G 157 -9.51 -26.12 24.84
C ASN G 157 -9.10 -26.83 23.54
N GLY G 158 -8.58 -26.07 22.58
CA GLY G 158 -8.44 -24.63 22.68
C GLY G 158 -9.53 -23.90 21.93
N VAL G 159 -10.42 -23.26 22.67
CA VAL G 159 -11.56 -22.57 22.09
C VAL G 159 -11.36 -21.06 22.17
N LEU G 160 -11.67 -20.36 21.08
CA LEU G 160 -11.60 -18.92 21.07
C LEU G 160 -12.97 -18.33 20.76
N ASN G 161 -13.54 -17.65 21.75
CA ASN G 161 -14.85 -17.06 21.60
C ASN G 161 -14.80 -15.55 21.42
N SER G 162 -15.66 -15.03 20.55
CA SER G 162 -15.81 -13.59 20.42
C SER G 162 -17.29 -13.22 20.32
N TRP G 163 -17.67 -12.11 20.93
CA TRP G 163 -19.06 -11.67 20.96
C TRP G 163 -19.24 -10.27 20.41
N THR G 164 -20.34 -10.07 19.70
CA THR G 164 -20.72 -8.74 19.25
C THR G 164 -21.55 -8.07 20.34
N ASP G 165 -21.52 -6.73 20.37
CA ASP G 165 -22.39 -6.00 21.27
C ASP G 165 -23.79 -5.98 20.65
N GLN G 166 -24.72 -5.29 21.28
CA GLN G 166 -26.08 -5.23 20.76
C GLN G 166 -26.07 -4.56 19.37
N ASP G 167 -26.71 -5.23 18.42
CA ASP G 167 -26.69 -4.81 17.03
C ASP G 167 -27.33 -3.44 16.81
N SER G 168 -26.65 -2.58 16.06
CA SER G 168 -27.12 -1.22 15.84
C SER G 168 -28.34 -1.15 14.92
N LYS G 169 -28.70 -2.28 14.31
CA LYS G 169 -29.85 -2.32 13.41
C LYS G 169 -31.05 -3.08 13.99
N ASP G 170 -30.85 -4.33 14.38
CA ASP G 170 -31.96 -5.15 14.84
C ASP G 170 -31.91 -5.49 16.34
N SER G 171 -30.90 -4.95 17.02
CA SER G 171 -30.75 -5.08 18.47
C SER G 171 -30.58 -6.52 18.96
N THR G 172 -30.18 -7.40 18.07
CA THR G 172 -29.90 -8.79 18.45
C THR G 172 -28.44 -8.94 18.85
N TYR G 173 -28.04 -10.17 19.14
CA TYR G 173 -26.66 -10.47 19.49
C TYR G 173 -26.14 -11.61 18.61
N SER G 174 -24.84 -11.61 18.37
CA SER G 174 -24.21 -12.70 17.62
C SER G 174 -22.93 -13.17 18.32
N MET G 175 -22.53 -14.41 18.05
CA MET G 175 -21.34 -14.98 18.64
C MET G 175 -20.53 -15.81 17.65
N SER G 176 -19.21 -15.73 17.76
CA SER G 176 -18.32 -16.58 16.98
C SER G 176 -17.48 -17.44 17.93
N SER G 177 -17.44 -18.74 17.67
CA SER G 177 -16.67 -19.66 18.51
C SER G 177 -15.76 -20.53 17.66
N THR G 178 -14.46 -20.42 17.90
CA THR G 178 -13.47 -21.12 17.09
C THR G 178 -12.71 -22.19 17.88
N LEU G 179 -12.75 -23.42 17.40
CA LEU G 179 -11.99 -24.48 18.02
C LEU G 179 -10.79 -24.80 17.16
N THR G 180 -9.60 -24.71 17.74
CA THR G 180 -8.37 -24.89 16.99
C THR G 180 -7.59 -26.12 17.45
N LEU G 181 -7.24 -26.96 16.48
CA LEU G 181 -6.51 -28.19 16.75
C LEU G 181 -5.40 -28.36 15.74
N THR G 182 -4.39 -29.14 16.09
CA THR G 182 -3.36 -29.49 15.12
C THR G 182 -3.99 -30.35 14.03
N LYS G 183 -3.33 -30.41 12.88
CA LYS G 183 -3.84 -31.17 11.74
C LYS G 183 -3.95 -32.66 12.07
N ASP G 184 -2.86 -33.22 12.58
CA ASP G 184 -2.78 -34.65 12.88
C ASP G 184 -3.81 -35.08 13.92
N GLU G 185 -4.07 -34.21 14.90
CA GLU G 185 -5.06 -34.51 15.93
C GLU G 185 -6.48 -34.42 15.38
N TYR G 186 -6.70 -33.44 14.50
CA TYR G 186 -8.00 -33.25 13.87
C TYR G 186 -8.38 -34.47 13.01
N GLU G 187 -7.37 -35.13 12.45
CA GLU G 187 -7.60 -36.27 11.59
C GLU G 187 -7.67 -37.57 12.39
N ARG G 188 -7.58 -37.47 13.70
CA ARG G 188 -7.68 -38.64 14.57
C ARG G 188 -9.12 -38.85 15.06
N HIS G 189 -10.03 -37.97 14.64
CA HIS G 189 -11.41 -38.04 15.08
C HIS G 189 -12.40 -37.87 13.92
N ASN G 190 -13.61 -38.40 14.11
CA ASN G 190 -14.60 -38.42 13.03
C ASN G 190 -15.64 -37.31 13.13
N SER G 191 -16.28 -37.19 14.30
CA SER G 191 -17.35 -36.23 14.47
C SER G 191 -16.90 -34.97 15.23
N TYR G 192 -17.47 -33.83 14.85
CA TYR G 192 -17.23 -32.57 15.54
C TYR G 192 -18.54 -31.83 15.73
N THR G 193 -18.83 -31.43 16.96
CA THR G 193 -20.15 -30.90 17.28
C THR G 193 -20.13 -29.55 17.97
N CYS G 194 -20.95 -28.64 17.49
CA CYS G 194 -21.15 -27.34 18.12
C CYS G 194 -22.54 -27.34 18.77
N GLU G 195 -22.59 -27.13 20.07
CA GLU G 195 -23.83 -27.24 20.83
C GLU G 195 -24.18 -25.94 21.55
N ALA G 196 -25.38 -25.43 21.30
CA ALA G 196 -25.78 -24.11 21.80
C ALA G 196 -27.01 -24.15 22.69
N THR G 197 -26.90 -23.58 23.88
CA THR G 197 -28.05 -23.46 24.78
C THR G 197 -28.56 -22.02 24.83
N HIS G 198 -29.85 -21.83 24.57
CA HIS G 198 -30.43 -20.49 24.54
C HIS G 198 -31.89 -20.50 25.00
N LYS G 199 -32.34 -19.37 25.54
CA LYS G 199 -33.70 -19.21 26.07
C LYS G 199 -34.80 -19.67 25.11
N THR G 200 -34.63 -19.35 23.83
CA THR G 200 -35.65 -19.62 22.82
C THR G 200 -35.83 -21.11 22.52
N SER G 201 -34.92 -21.94 23.04
CA SER G 201 -34.97 -23.38 22.80
C SER G 201 -34.84 -24.17 24.09
N THR G 202 -35.85 -24.96 24.41
CA THR G 202 -35.82 -25.74 25.64
C THR G 202 -34.76 -26.84 25.54
N SER G 203 -34.51 -27.29 24.31
CA SER G 203 -33.44 -28.24 24.06
C SER G 203 -32.33 -27.54 23.26
N PRO G 204 -31.07 -27.80 23.63
CA PRO G 204 -29.91 -27.17 23.00
C PRO G 204 -29.87 -27.34 21.48
N ILE G 205 -29.40 -26.30 20.77
CA ILE G 205 -29.24 -26.38 19.32
C ILE G 205 -27.91 -27.02 18.96
N VAL G 206 -27.97 -28.03 18.11
CA VAL G 206 -26.79 -28.85 17.83
C VAL G 206 -26.46 -28.94 16.34
N LYS G 207 -25.27 -28.47 15.97
CA LYS G 207 -24.78 -28.56 14.61
C LYS G 207 -23.50 -29.40 14.59
N SER G 208 -23.43 -30.35 13.67
CA SER G 208 -22.29 -31.26 13.63
C SER G 208 -21.95 -31.70 12.21
N PHE G 209 -20.79 -32.34 12.06
CA PHE G 209 -20.39 -32.93 10.79
C PHE G 209 -19.43 -34.08 11.04
N ASN G 210 -19.20 -34.89 10.01
CA ASN G 210 -18.19 -35.93 10.05
C ASN G 210 -17.25 -35.76 8.88
N ARG G 211 -15.94 -35.77 9.14
CA ARG G 211 -14.96 -35.53 8.08
C ARG G 211 -14.79 -36.72 7.15
N ASN G 212 -15.48 -37.81 7.46
CA ASN G 212 -15.49 -39.02 6.63
C ASN G 212 -14.09 -39.61 6.42
N GLN H 1 -13.29 24.98 27.39
CA GLN H 1 -13.74 24.17 28.52
C GLN H 1 -12.63 23.26 29.04
N VAL H 2 -12.93 22.53 30.11
CA VAL H 2 -11.98 21.60 30.71
C VAL H 2 -11.75 20.38 29.82
N GLN H 3 -10.48 20.11 29.50
CA GLN H 3 -10.16 18.97 28.65
C GLN H 3 -8.90 18.24 29.10
N LEU H 4 -8.93 16.91 28.97
CA LEU H 4 -7.79 16.07 29.23
C LEU H 4 -7.51 15.27 27.97
N LYS H 5 -6.36 15.51 27.36
CA LYS H 5 -5.98 14.85 26.11
C LYS H 5 -4.82 13.89 26.36
N GLN H 6 -5.05 12.62 26.06
CA GLN H 6 -4.04 11.58 26.33
C GLN H 6 -3.27 11.23 25.08
N SER H 7 -2.07 10.68 25.26
CA SER H 7 -1.27 10.22 24.14
C SER H 7 -1.88 9.00 23.46
N GLY H 8 -1.38 8.68 22.27
CA GLY H 8 -1.97 7.64 21.44
C GLY H 8 -1.63 6.21 21.82
N ALA H 9 -2.20 5.27 21.07
CA ALA H 9 -2.07 3.83 21.33
C ALA H 9 -0.62 3.34 21.39
N GLU H 10 -0.37 2.39 22.27
CA GLU H 10 0.98 1.86 22.46
C GLU H 10 1.03 0.35 22.24
N LEU H 11 2.03 -0.10 21.50
CA LEU H 11 2.30 -1.52 21.34
C LEU H 11 3.63 -1.82 22.00
N MET H 12 3.64 -2.77 22.93
CA MET H 12 4.83 -3.00 23.74
C MET H 12 5.22 -4.45 23.87
N LYS H 13 6.51 -4.69 24.04
CA LYS H 13 7.03 -6.02 24.32
C LYS H 13 6.95 -6.27 25.82
N PRO H 14 6.78 -7.54 26.22
CA PRO H 14 6.79 -7.87 27.65
C PRO H 14 8.12 -7.49 28.29
N GLY H 15 8.07 -6.95 29.49
CA GLY H 15 9.27 -6.52 30.20
C GLY H 15 9.61 -5.06 29.96
N ALA H 16 8.89 -4.44 29.02
CA ALA H 16 9.13 -3.04 28.67
C ALA H 16 8.46 -2.07 29.64
N SER H 17 8.67 -0.79 29.38
CA SER H 17 8.12 0.28 30.19
C SER H 17 7.39 1.24 29.28
N VAL H 18 6.19 1.62 29.66
CA VAL H 18 5.41 2.55 28.84
C VAL H 18 5.03 3.78 29.62
N LYS H 19 5.19 4.95 29.00
CA LYS H 19 4.76 6.18 29.62
C LYS H 19 3.58 6.77 28.87
N ILE H 20 2.48 6.96 29.59
CA ILE H 20 1.28 7.59 29.04
C ILE H 20 1.20 9.01 29.56
N SER H 21 0.88 9.95 28.66
CA SER H 21 0.78 11.35 29.05
C SER H 21 -0.68 11.80 29.07
N CYS H 22 -0.95 12.81 29.89
CA CYS H 22 -2.30 13.36 30.00
C CYS H 22 -2.21 14.87 30.13
N LYS H 23 -2.46 15.58 29.03
CA LYS H 23 -2.33 17.03 29.01
C LYS H 23 -3.66 17.70 29.37
N ALA H 24 -3.62 18.60 30.35
CA ALA H 24 -4.82 19.28 30.83
C ALA H 24 -4.88 20.72 30.35
N THR H 25 -6.08 21.15 29.96
CA THR H 25 -6.30 22.53 29.54
C THR H 25 -7.66 23.01 30.05
N GLY H 26 -7.79 24.32 30.20
CA GLY H 26 -9.08 24.92 30.56
C GLY H 26 -9.28 25.19 32.03
N TYR H 27 -8.26 24.92 32.84
CA TYR H 27 -8.34 25.14 34.28
C TYR H 27 -6.95 25.22 34.90
N LYS H 28 -6.89 25.53 36.19
CA LYS H 28 -5.63 25.63 36.92
C LYS H 28 -5.13 24.25 37.31
N PHE H 29 -4.13 23.77 36.58
CA PHE H 29 -3.64 22.39 36.65
C PHE H 29 -3.23 21.92 38.05
N SER H 30 -2.60 22.80 38.82
CA SER H 30 -1.98 22.42 40.08
C SER H 30 -2.93 22.18 41.25
N SER H 31 -4.19 22.61 41.15
CA SER H 31 -5.08 22.56 42.32
C SER H 31 -6.17 21.50 42.27
N TYR H 32 -5.98 20.49 41.43
CA TYR H 32 -6.95 19.40 41.30
C TYR H 32 -6.23 18.06 41.23
N TRP H 33 -6.76 17.05 41.92
CA TRP H 33 -6.25 15.69 41.79
C TRP H 33 -6.36 15.19 40.35
N ILE H 34 -5.31 14.53 39.87
CA ILE H 34 -5.38 13.77 38.63
C ILE H 34 -5.47 12.27 38.95
N GLU H 35 -6.48 11.61 38.40
CA GLU H 35 -6.70 10.18 38.63
C GLU H 35 -6.28 9.33 37.43
N TRP H 36 -5.99 8.06 37.68
CA TRP H 36 -5.71 7.11 36.61
C TRP H 36 -6.50 5.81 36.79
N VAL H 37 -7.27 5.45 35.76
CA VAL H 37 -8.14 4.28 35.82
C VAL H 37 -7.78 3.27 34.73
N LYS H 38 -7.94 1.99 35.04
CA LYS H 38 -7.62 0.91 34.11
C LYS H 38 -8.87 0.14 33.72
N GLN H 39 -9.00 -0.18 32.43
CA GLN H 39 -10.17 -0.91 31.94
C GLN H 39 -9.84 -2.00 30.91
N ARG H 40 -10.01 -3.25 31.33
CA ARG H 40 -9.96 -4.40 30.43
C ARG H 40 -11.37 -4.96 30.35
N PRO H 41 -11.68 -5.64 29.24
CA PRO H 41 -12.98 -6.33 29.19
C PRO H 41 -13.04 -7.44 30.22
N GLY H 42 -14.06 -7.41 31.07
CA GLY H 42 -14.23 -8.43 32.09
C GLY H 42 -13.83 -8.01 33.48
N HIS H 43 -13.07 -6.93 33.58
CA HIS H 43 -12.60 -6.45 34.88
C HIS H 43 -13.18 -5.08 35.27
N GLY H 44 -14.10 -4.58 34.46
CA GLY H 44 -14.70 -3.26 34.68
C GLY H 44 -13.67 -2.16 34.84
N LEU H 45 -13.95 -1.21 35.73
CA LEU H 45 -13.02 -0.14 36.05
C LEU H 45 -12.21 -0.47 37.31
N GLU H 46 -10.91 -0.22 37.26
CA GLU H 46 -10.03 -0.47 38.41
C GLU H 46 -9.15 0.75 38.67
N TRP H 47 -9.16 1.23 39.92
CA TRP H 47 -8.41 2.44 40.25
C TRP H 47 -6.93 2.14 40.53
N ILE H 48 -6.06 2.96 39.97
CA ILE H 48 -4.61 2.75 40.07
C ILE H 48 -3.97 3.68 41.09
N GLY H 49 -4.23 4.98 40.95
CA GLY H 49 -3.64 5.97 41.82
C GLY H 49 -4.13 7.38 41.55
N GLU H 50 -3.63 8.34 42.33
CA GLU H 50 -3.93 9.75 42.12
C GLU H 50 -2.72 10.60 42.50
N ILE H 51 -2.52 11.69 41.79
CA ILE H 51 -1.47 12.64 42.13
C ILE H 51 -2.05 14.05 42.22
N PHE H 52 -1.52 14.84 43.15
CA PHE H 52 -1.90 16.24 43.25
C PHE H 52 -0.75 17.10 42.77
N PRO H 53 -0.87 17.66 41.56
CA PRO H 53 0.20 18.47 40.97
C PRO H 53 0.45 19.71 41.81
N GLY H 54 1.63 20.29 41.71
CA GLY H 54 1.92 21.47 42.52
C GLY H 54 2.49 21.11 43.87
N SER H 55 2.02 20.00 44.44
CA SER H 55 2.59 19.49 45.69
C SER H 55 3.39 18.20 45.44
N GLY H 56 2.87 17.33 44.58
CA GLY H 56 3.50 16.06 44.30
C GLY H 56 2.95 14.90 45.09
N ASN H 57 1.97 15.17 45.95
CA ASN H 57 1.36 14.12 46.77
C ASN H 57 0.68 13.05 45.93
N THR H 58 0.92 11.79 46.28
CA THR H 58 0.36 10.69 45.52
C THR H 58 -0.33 9.67 46.42
N ASN H 59 -1.44 9.12 45.95
CA ASN H 59 -2.11 8.02 46.61
C ASN H 59 -2.21 6.83 45.65
N TYR H 60 -1.78 5.67 46.11
CA TYR H 60 -1.64 4.51 45.25
C TYR H 60 -2.51 3.34 45.69
N ASN H 61 -3.19 2.72 44.75
CA ASN H 61 -3.82 1.44 45.01
C ASN H 61 -2.68 0.49 45.33
N GLU H 62 -2.86 -0.36 46.34
CA GLU H 62 -1.81 -1.25 46.78
C GLU H 62 -1.37 -2.22 45.68
N LYS H 63 -2.34 -2.68 44.90
CA LYS H 63 -2.08 -3.67 43.87
C LYS H 63 -1.10 -3.13 42.83
N PHE H 64 -1.24 -1.86 42.48
CA PHE H 64 -0.45 -1.27 41.40
C PHE H 64 0.87 -0.65 41.83
N LYS H 65 1.19 -0.69 43.13
CA LYS H 65 2.43 -0.10 43.58
C LYS H 65 3.61 -0.81 42.92
N GLY H 66 4.58 -0.04 42.46
CA GLY H 66 5.71 -0.62 41.76
C GLY H 66 5.44 -0.92 40.31
N LYS H 67 4.18 -1.23 39.99
CA LYS H 67 3.79 -1.46 38.61
C LYS H 67 3.53 -0.14 37.90
N ALA H 68 2.96 0.81 38.64
CA ALA H 68 2.64 2.14 38.11
C ALA H 68 3.31 3.24 38.92
N THR H 69 3.75 4.30 38.23
CA THR H 69 4.34 5.45 38.87
C THR H 69 3.76 6.74 38.29
N LEU H 70 3.21 7.58 39.15
CA LEU H 70 2.54 8.81 38.72
C LEU H 70 3.41 10.04 38.93
N THR H 71 3.50 10.87 37.89
CA THR H 71 4.24 12.13 37.97
C THR H 71 3.45 13.24 37.28
N ALA H 72 3.96 14.46 37.37
CA ALA H 72 3.30 15.62 36.77
C ALA H 72 4.28 16.75 36.54
N ASP H 73 3.96 17.63 35.59
CA ASP H 73 4.81 18.77 35.30
C ASP H 73 3.94 20.03 35.17
N THR H 74 4.00 20.89 36.18
CA THR H 74 3.16 22.08 36.23
C THR H 74 3.56 23.15 35.20
N SER H 75 4.72 22.97 34.58
CA SER H 75 5.18 23.91 33.55
C SER H 75 4.65 23.55 32.17
N SER H 76 4.13 22.34 32.03
CA SER H 76 3.56 21.89 30.77
C SER H 76 2.11 21.46 30.96
N ASN H 77 1.62 21.56 32.20
CA ASN H 77 0.28 21.13 32.55
C ASN H 77 -0.01 19.69 32.11
N THR H 78 0.93 18.80 32.38
CA THR H 78 0.84 17.42 31.92
C THR H 78 1.07 16.43 33.05
N ALA H 79 0.18 15.44 33.17
CA ALA H 79 0.37 14.35 34.11
C ALA H 79 0.88 13.13 33.35
N TYR H 80 1.62 12.28 34.03
CA TYR H 80 2.20 11.11 33.40
C TYR H 80 1.98 9.85 34.24
N MET H 81 1.81 8.72 33.58
CA MET H 81 1.81 7.45 34.26
C MET H 81 2.78 6.48 33.59
N GLN H 82 3.73 5.97 34.36
CA GLN H 82 4.62 4.95 33.84
C GLN H 82 4.25 3.55 34.31
N LEU H 83 4.06 2.64 33.37
CA LEU H 83 3.80 1.25 33.65
C LEU H 83 5.06 0.42 33.38
N SER H 84 5.56 -0.25 34.41
CA SER H 84 6.80 -1.02 34.31
C SER H 84 6.55 -2.53 34.21
N SER H 85 7.55 -3.26 33.72
CA SER H 85 7.50 -4.72 33.72
C SER H 85 6.25 -5.27 33.06
N LEU H 86 5.93 -4.78 31.88
CA LEU H 86 4.65 -5.08 31.25
C LEU H 86 4.44 -6.57 31.00
N THR H 87 3.23 -7.02 31.26
CA THR H 87 2.81 -8.40 31.07
C THR H 87 1.47 -8.37 30.37
N SER H 88 1.08 -9.47 29.75
CA SER H 88 -0.16 -9.47 28.97
C SER H 88 -1.37 -8.99 29.77
N GLU H 89 -1.30 -9.09 31.10
CA GLU H 89 -2.40 -8.64 31.94
C GLU H 89 -2.48 -7.11 32.00
N ASP H 90 -1.41 -6.45 31.57
CA ASP H 90 -1.38 -5.00 31.51
C ASP H 90 -2.01 -4.43 30.24
N SER H 91 -2.42 -5.31 29.33
CA SER H 91 -3.14 -4.88 28.13
C SER H 91 -4.53 -4.37 28.53
N ALA H 92 -4.77 -3.08 28.29
CA ALA H 92 -6.03 -2.46 28.67
C ALA H 92 -6.14 -1.06 28.07
N VAL H 93 -7.29 -0.43 28.31
CA VAL H 93 -7.47 0.99 28.02
C VAL H 93 -7.28 1.77 29.32
N TYR H 94 -6.39 2.76 29.29
CA TYR H 94 -6.08 3.54 30.48
C TYR H 94 -6.63 4.96 30.37
N TYR H 95 -7.31 5.41 31.42
CA TYR H 95 -7.89 6.74 31.47
C TYR H 95 -7.23 7.62 32.52
N CYS H 96 -7.08 8.90 32.20
CA CYS H 96 -6.77 9.89 33.23
C CYS H 96 -8.04 10.69 33.51
N ALA H 97 -8.24 11.04 34.79
CA ALA H 97 -9.42 11.79 35.17
C ALA H 97 -9.11 12.82 36.25
N ARG H 98 -9.97 13.83 36.36
CA ARG H 98 -9.80 14.89 37.33
C ARG H 98 -10.84 14.80 38.42
N ARG H 99 -10.45 15.14 39.64
CA ARG H 99 -11.42 15.32 40.72
C ARG H 99 -11.85 16.79 40.76
N GLY H 100 -12.99 17.06 41.37
CA GLY H 100 -13.48 18.42 41.51
C GLY H 100 -12.63 19.22 42.47
N ALA H 101 -12.80 20.54 42.45
CA ALA H 101 -12.08 21.43 43.38
C ALA H 101 -12.50 21.17 44.82
N PHE H 102 -11.54 21.29 45.75
CA PHE H 102 -11.81 21.04 47.15
C PHE H 102 -12.49 22.22 47.86
N TYR H 103 -13.67 21.95 48.40
CA TYR H 103 -14.35 22.89 49.27
C TYR H 103 -14.90 22.09 50.45
N SER H 104 -15.28 22.79 51.52
CA SER H 104 -15.64 22.12 52.76
C SER H 104 -16.89 21.26 52.67
N TYR H 105 -17.86 21.68 51.84
CA TYR H 105 -19.15 20.99 51.82
C TYR H 105 -19.76 20.72 50.44
N GLY H 106 -20.08 21.77 49.69
CA GLY H 106 -20.83 21.61 48.45
C GLY H 106 -19.97 21.43 47.20
N SER H 107 -19.08 20.46 47.23
CA SER H 107 -18.11 20.28 46.14
C SER H 107 -18.25 18.96 45.41
N SER H 108 -17.72 18.93 44.18
CA SER H 108 -17.62 17.72 43.40
C SER H 108 -16.22 17.13 43.58
N TYR H 109 -15.57 17.52 44.67
CA TYR H 109 -14.25 17.02 45.05
C TYR H 109 -14.23 15.51 45.14
N TYR H 110 -15.32 14.93 45.64
CA TYR H 110 -15.44 13.49 45.75
C TYR H 110 -16.16 12.91 44.54
N ALA H 111 -15.60 13.19 43.36
CA ALA H 111 -16.14 12.72 42.10
C ALA H 111 -15.09 12.90 41.03
N MET H 112 -15.09 12.04 40.01
CA MET H 112 -14.21 12.24 38.87
C MET H 112 -14.99 12.95 37.77
N ASP H 113 -14.87 14.27 37.71
CA ASP H 113 -15.78 15.06 36.86
C ASP H 113 -15.42 15.14 35.38
N PHE H 114 -14.14 15.01 35.07
CA PHE H 114 -13.71 15.06 33.67
C PHE H 114 -12.71 13.95 33.36
N TRP H 115 -12.90 13.29 32.22
CA TRP H 115 -12.06 12.17 31.84
C TRP H 115 -11.38 12.42 30.49
N GLY H 116 -10.21 11.82 30.32
CA GLY H 116 -9.53 11.85 29.03
C GLY H 116 -10.19 10.87 28.09
N GLN H 117 -9.74 10.83 26.83
CA GLN H 117 -10.40 9.98 25.84
C GLN H 117 -9.92 8.53 25.92
N GLY H 118 -8.95 8.26 26.80
CA GLY H 118 -8.39 6.94 26.95
C GLY H 118 -7.18 6.67 26.06
N THR H 119 -6.33 5.74 26.49
CA THR H 119 -5.16 5.33 25.72
C THR H 119 -5.04 3.81 25.73
N SER H 120 -4.94 3.22 24.55
CA SER H 120 -4.82 1.78 24.43
C SER H 120 -3.38 1.30 24.60
N VAL H 121 -3.20 0.30 25.47
CA VAL H 121 -1.89 -0.33 25.61
C VAL H 121 -2.01 -1.82 25.30
N THR H 122 -1.20 -2.28 24.35
CA THR H 122 -1.16 -3.70 24.00
C THR H 122 0.25 -4.21 24.20
N VAL H 123 0.39 -5.23 25.04
CA VAL H 123 1.69 -5.87 25.23
C VAL H 123 1.70 -7.26 24.60
N SER H 124 2.75 -7.52 23.81
CA SER H 124 2.86 -8.74 23.04
C SER H 124 4.28 -8.88 22.54
N SER H 125 4.74 -10.12 22.39
CA SER H 125 6.10 -10.37 21.93
C SER H 125 6.14 -10.52 20.41
N ALA H 126 5.00 -10.33 19.76
CA ALA H 126 4.89 -10.50 18.32
C ALA H 126 5.42 -9.30 17.53
N LYS H 127 5.89 -9.57 16.31
CA LYS H 127 6.28 -8.52 15.40
C LYS H 127 5.15 -8.30 14.42
N THR H 128 5.31 -7.35 13.50
CA THR H 128 4.30 -7.13 12.47
C THR H 128 4.18 -8.40 11.64
N THR H 129 2.99 -8.99 11.65
CA THR H 129 2.78 -10.26 10.98
C THR H 129 1.52 -10.24 10.12
N PRO H 130 1.68 -10.53 8.82
CA PRO H 130 0.55 -10.63 7.88
C PRO H 130 -0.38 -11.78 8.27
N PRO H 131 -1.68 -11.54 8.17
CA PRO H 131 -2.69 -12.54 8.53
C PRO H 131 -2.81 -13.68 7.55
N SER H 132 -3.28 -14.82 8.03
CA SER H 132 -3.65 -15.92 7.17
C SER H 132 -5.16 -16.02 7.22
N ASP H 133 -5.82 -15.98 6.07
CA ASP H 133 -7.27 -16.07 6.04
C ASP H 133 -7.76 -17.22 5.19
N TYR H 134 -8.71 -17.97 5.73
CA TYR H 134 -9.23 -19.14 5.05
C TYR H 134 -10.72 -19.01 4.77
N PRO H 135 -11.11 -19.34 3.55
CA PRO H 135 -12.53 -19.31 3.16
C PRO H 135 -13.31 -20.43 3.85
N LEU H 136 -14.42 -20.08 4.47
CA LEU H 136 -15.24 -21.08 5.15
C LEU H 136 -16.48 -21.42 4.32
N ALA H 137 -16.42 -22.53 3.62
CA ALA H 137 -17.58 -23.03 2.88
C ALA H 137 -18.32 -24.02 3.76
N PRO H 138 -19.66 -24.10 3.59
CA PRO H 138 -20.44 -24.97 4.48
C PRO H 138 -20.12 -26.44 4.21
N VAL H 139 -20.53 -27.31 5.12
CA VAL H 139 -20.28 -28.74 4.99
C VAL H 139 -20.82 -29.25 3.66
N CYS H 140 -19.98 -30.00 2.94
CA CYS H 140 -20.35 -30.53 1.63
C CYS H 140 -21.56 -31.45 1.72
N GLY H 141 -21.60 -32.26 2.77
CA GLY H 141 -22.72 -33.17 2.99
C GLY H 141 -23.90 -32.49 3.63
N SER H 146 -33.81 -22.00 4.19
CA SER H 146 -33.86 -21.30 2.90
C SER H 146 -32.76 -20.25 2.79
N SER H 147 -31.72 -20.41 3.62
CA SER H 147 -30.57 -19.52 3.55
C SER H 147 -29.28 -20.30 3.74
N VAL H 148 -28.16 -19.72 3.31
CA VAL H 148 -26.86 -20.35 3.49
C VAL H 148 -25.88 -19.35 4.11
N THR H 149 -25.17 -19.81 5.14
CA THR H 149 -24.20 -18.97 5.84
C THR H 149 -22.78 -19.34 5.41
N LEU H 150 -21.98 -18.32 5.08
CA LEU H 150 -20.60 -18.51 4.70
C LEU H 150 -19.70 -17.78 5.68
N GLY H 151 -18.44 -18.16 5.73
CA GLY H 151 -17.52 -17.55 6.66
C GLY H 151 -16.14 -17.23 6.11
N CYS H 152 -15.38 -16.45 6.88
CA CYS H 152 -14.01 -16.10 6.55
C CYS H 152 -13.19 -16.00 7.83
N LEU H 153 -12.13 -16.80 7.92
CA LEU H 153 -11.32 -16.87 9.13
C LEU H 153 -9.98 -16.17 8.96
N VAL H 154 -9.69 -15.20 9.82
CA VAL H 154 -8.45 -14.43 9.74
C VAL H 154 -7.60 -14.66 10.98
N LYS H 155 -6.44 -15.29 10.79
CA LYS H 155 -5.66 -15.81 11.90
C LYS H 155 -4.17 -15.44 11.83
N GLY H 156 -3.54 -15.34 13.00
CA GLY H 156 -2.11 -15.18 13.09
C GLY H 156 -1.55 -13.84 12.62
N TYR H 157 -2.24 -12.75 12.94
CA TYR H 157 -1.75 -11.42 12.55
C TYR H 157 -1.43 -10.49 13.72
N PHE H 158 -0.52 -9.55 13.48
CA PHE H 158 -0.24 -8.47 14.39
C PHE H 158 0.30 -7.31 13.57
N PRO H 159 -0.02 -6.06 13.92
CA PRO H 159 -0.99 -5.72 14.95
C PRO H 159 -2.36 -5.44 14.35
N GLU H 160 -3.35 -5.16 15.19
CA GLU H 160 -4.63 -4.66 14.74
C GLU H 160 -4.39 -3.26 14.18
N PRO H 161 -5.22 -2.74 13.17
CA PRO H 161 -6.42 -3.51 12.84
C PRO H 161 -6.43 -4.01 11.41
N VAL H 162 -7.24 -5.01 11.12
CA VAL H 162 -7.45 -5.48 9.76
C VAL H 162 -8.84 -5.07 9.29
N THR H 163 -8.98 -4.81 8.00
CA THR H 163 -10.29 -4.50 7.44
C THR H 163 -10.77 -5.66 6.59
N LEU H 164 -11.96 -6.17 6.91
CA LEU H 164 -12.53 -7.30 6.19
C LEU H 164 -13.81 -6.89 5.49
N THR H 165 -13.94 -7.31 4.23
CA THR H 165 -15.16 -7.04 3.47
C THR H 165 -15.60 -8.26 2.69
N TRP H 166 -16.80 -8.17 2.15
CA TRP H 166 -17.32 -9.18 1.24
C TRP H 166 -17.63 -8.53 -0.09
N ASN H 167 -17.09 -9.10 -1.17
CA ASN H 167 -17.20 -8.53 -2.51
C ASN H 167 -16.89 -7.03 -2.55
N SER H 168 -15.78 -6.66 -1.89
CA SER H 168 -15.29 -5.28 -1.87
C SER H 168 -16.27 -4.28 -1.28
N GLY H 169 -17.22 -4.77 -0.48
CA GLY H 169 -18.17 -3.90 0.18
C GLY H 169 -19.54 -3.87 -0.47
N SER H 170 -19.67 -4.54 -1.62
CA SER H 170 -20.95 -4.62 -2.31
C SER H 170 -21.94 -5.44 -1.49
N LEU H 171 -21.41 -6.43 -0.78
CA LEU H 171 -22.24 -7.33 0.02
C LEU H 171 -22.26 -6.86 1.47
N SER H 172 -23.25 -6.05 1.82
CA SER H 172 -23.33 -5.46 3.15
C SER H 172 -24.25 -6.25 4.08
N SER H 173 -25.41 -6.63 3.54
CA SER H 173 -26.46 -7.29 4.33
C SER H 173 -26.05 -8.65 4.87
N GLY H 174 -26.57 -9.00 6.04
CA GLY H 174 -26.35 -10.31 6.62
C GLY H 174 -24.92 -10.60 7.04
N VAL H 175 -24.11 -9.55 7.17
CA VAL H 175 -22.71 -9.71 7.53
C VAL H 175 -22.46 -9.44 9.02
N HIS H 176 -21.73 -10.36 9.67
CA HIS H 176 -21.24 -10.12 11.02
C HIS H 176 -19.73 -10.26 11.04
N THR H 177 -19.04 -9.16 11.32
CA THR H 177 -17.58 -9.20 11.53
C THR H 177 -17.26 -9.07 13.02
N PHE H 178 -16.68 -10.11 13.60
CA PHE H 178 -16.46 -10.17 15.04
C PHE H 178 -15.17 -9.48 15.48
N PRO H 179 -15.19 -8.87 16.67
CA PRO H 179 -14.01 -8.18 17.20
C PRO H 179 -12.84 -9.13 17.36
N ALA H 180 -11.64 -8.66 17.05
CA ALA H 180 -10.46 -9.50 17.12
C ALA H 180 -10.17 -9.90 18.56
N VAL H 181 -9.64 -11.11 18.72
CA VAL H 181 -9.23 -11.57 20.04
C VAL H 181 -7.74 -11.89 20.06
N LEU H 182 -7.05 -11.37 21.08
CA LEU H 182 -5.62 -11.59 21.21
C LEU H 182 -5.33 -12.85 22.02
N GLN H 183 -4.73 -13.84 21.36
CA GLN H 183 -4.42 -15.11 21.99
C GLN H 183 -3.03 -15.57 21.55
N SER H 184 -2.16 -15.84 22.52
CA SER H 184 -0.77 -16.20 22.26
C SER H 184 -0.06 -15.15 21.40
N ASP H 185 -0.20 -13.89 21.79
CA ASP H 185 0.49 -12.76 21.15
C ASP H 185 0.07 -12.47 19.72
N LEU H 186 -0.83 -13.28 19.18
CA LEU H 186 -1.35 -13.07 17.83
C LEU H 186 -2.86 -12.91 17.83
N TYR H 187 -3.38 -12.20 16.83
CA TYR H 187 -4.81 -11.92 16.76
C TYR H 187 -5.55 -12.92 15.87
N THR H 188 -6.80 -13.18 16.23
CA THR H 188 -7.69 -13.99 15.43
C THR H 188 -8.97 -13.21 15.16
N LEU H 189 -9.44 -13.27 13.92
CA LEU H 189 -10.66 -12.57 13.55
C LEU H 189 -11.49 -13.46 12.62
N SER H 190 -12.81 -13.38 12.75
CA SER H 190 -13.70 -14.17 11.91
C SER H 190 -14.91 -13.35 11.50
N SER H 191 -15.39 -13.59 10.28
CA SER H 191 -16.57 -12.91 9.78
C SER H 191 -17.51 -13.90 9.11
N SER H 192 -18.81 -13.67 9.27
CA SER H 192 -19.80 -14.54 8.63
C SER H 192 -20.72 -13.71 7.75
N VAL H 193 -21.21 -14.32 6.68
CA VAL H 193 -22.21 -13.69 5.82
C VAL H 193 -23.34 -14.69 5.50
N THR H 194 -24.57 -14.23 5.66
CA THR H 194 -25.74 -15.08 5.46
C THR H 194 -26.58 -14.58 4.29
N VAL H 195 -26.73 -15.42 3.28
CA VAL H 195 -27.47 -15.06 2.06
C VAL H 195 -28.55 -16.08 1.73
N THR H 196 -29.49 -15.69 0.87
CA THR H 196 -30.52 -16.61 0.38
C THR H 196 -29.88 -17.72 -0.43
N SER H 197 -30.52 -18.88 -0.46
CA SER H 197 -29.98 -20.03 -1.19
C SER H 197 -29.92 -19.78 -2.69
N SER H 198 -30.65 -18.76 -3.13
CA SER H 198 -30.64 -18.34 -4.52
C SER H 198 -29.31 -17.68 -4.89
N THR H 199 -28.65 -17.11 -3.89
CA THR H 199 -27.44 -16.32 -4.13
C THR H 199 -26.18 -17.18 -4.21
N TRP H 200 -26.04 -18.12 -3.30
CA TRP H 200 -24.84 -18.96 -3.26
C TRP H 200 -25.24 -20.44 -3.28
N PRO H 201 -24.48 -21.26 -4.02
CA PRO H 201 -23.29 -20.90 -4.81
C PRO H 201 -23.60 -20.46 -6.24
N SER H 202 -24.74 -19.80 -6.45
CA SER H 202 -25.12 -19.35 -7.78
C SER H 202 -24.32 -18.12 -8.20
N GLN H 203 -24.07 -17.22 -7.25
CA GLN H 203 -23.31 -16.00 -7.49
C GLN H 203 -21.98 -16.07 -6.76
N SER H 204 -21.00 -15.30 -7.24
CA SER H 204 -19.66 -15.32 -6.67
C SER H 204 -19.58 -14.48 -5.40
N ILE H 205 -19.11 -15.09 -4.32
CA ILE H 205 -18.93 -14.38 -3.05
C ILE H 205 -17.48 -14.48 -2.57
N THR H 206 -16.87 -13.33 -2.31
CA THR H 206 -15.46 -13.26 -2.01
C THR H 206 -15.17 -12.45 -0.75
N CYS H 207 -14.24 -12.97 0.07
CA CYS H 207 -13.82 -12.31 1.30
C CYS H 207 -12.53 -11.51 1.08
N ASN H 208 -12.57 -10.21 1.37
CA ASN H 208 -11.38 -9.37 1.21
C ASN H 208 -10.79 -8.94 2.55
N VAL H 209 -9.49 -9.16 2.72
CA VAL H 209 -8.82 -8.80 3.96
C VAL H 209 -7.65 -7.83 3.72
N ALA H 210 -7.66 -6.71 4.41
CA ALA H 210 -6.57 -5.73 4.30
C ALA H 210 -5.88 -5.50 5.64
N HIS H 211 -4.57 -5.65 5.65
CA HIS H 211 -3.76 -5.42 6.85
C HIS H 211 -2.68 -4.39 6.54
N PRO H 212 -3.01 -3.10 6.71
CA PRO H 212 -2.16 -1.98 6.28
C PRO H 212 -0.78 -1.95 6.96
N ALA H 213 -0.67 -2.56 8.14
CA ALA H 213 0.61 -2.58 8.87
C ALA H 213 1.65 -3.40 8.12
N SER H 214 1.22 -4.47 7.49
CA SER H 214 2.11 -5.31 6.70
C SER H 214 1.93 -5.05 5.19
N SER H 215 1.14 -4.04 4.86
CA SER H 215 0.92 -3.62 3.48
C SER H 215 0.36 -4.72 2.57
N THR H 216 -0.58 -5.49 3.08
CA THR H 216 -1.13 -6.61 2.31
C THR H 216 -2.64 -6.54 2.12
N LYS H 217 -3.08 -6.92 0.92
CA LYS H 217 -4.49 -7.01 0.58
C LYS H 217 -4.74 -8.39 -0.02
N VAL H 218 -5.63 -9.16 0.59
CA VAL H 218 -5.88 -10.53 0.15
C VAL H 218 -7.36 -10.80 -0.13
N ASP H 219 -7.63 -11.50 -1.22
CA ASP H 219 -8.99 -11.92 -1.56
C ASP H 219 -9.11 -13.43 -1.53
N LYS H 220 -10.20 -13.93 -0.96
CA LYS H 220 -10.45 -15.38 -0.92
C LYS H 220 -11.87 -15.74 -1.32
N LYS H 221 -11.99 -16.41 -2.47
CA LYS H 221 -13.28 -16.83 -3.01
C LYS H 221 -13.82 -18.08 -2.31
N ILE H 222 -15.09 -18.06 -1.93
CA ILE H 222 -15.70 -19.19 -1.25
C ILE H 222 -16.15 -20.26 -2.24
N GLU H 223 -15.42 -21.37 -2.29
CA GLU H 223 -15.75 -22.48 -3.18
C GLU H 223 -16.42 -23.60 -2.40
N PRO H 224 -17.48 -24.20 -2.97
CA PRO H 224 -18.14 -25.36 -2.38
C PRO H 224 -17.18 -26.53 -2.19
N ARG H 225 -17.29 -27.21 -1.06
CA ARG H 225 -16.40 -28.34 -0.76
C ARG H 225 -16.74 -29.55 -1.62
N TYR I 7 -8.33 30.12 88.43
CA TYR I 7 -7.34 29.45 89.26
C TYR I 7 -6.10 29.08 88.44
N ASN I 8 -5.96 27.79 88.11
CA ASN I 8 -4.81 27.35 87.33
C ASN I 8 -5.18 26.84 85.94
N PRO I 9 -4.57 27.51 84.88
CA PRO I 9 -4.89 26.94 83.56
C PRO I 9 -4.36 25.53 83.41
N LYS I 10 -3.14 25.30 83.91
CA LYS I 10 -2.47 24.02 83.79
C LYS I 10 -3.40 22.82 83.93
N LEU I 11 -4.21 22.81 84.97
CA LEU I 11 -5.12 21.68 85.20
C LEU I 11 -6.17 21.56 84.11
N TYR I 12 -6.71 22.70 83.67
CA TYR I 12 -7.79 22.70 82.70
C TYR I 12 -7.32 22.24 81.33
N PHE I 13 -6.31 22.93 80.80
CA PHE I 13 -5.83 22.68 79.45
C PHE I 13 -5.26 21.27 79.26
N LEU I 14 -4.58 20.76 80.27
CA LEU I 14 -4.00 19.41 80.20
C LEU I 14 -5.10 18.35 80.18
N SER I 15 -6.08 18.50 81.05
CA SER I 15 -7.22 17.59 81.07
C SER I 15 -8.01 17.66 79.77
N THR I 16 -8.18 18.87 79.25
CA THR I 16 -8.85 19.08 77.98
C THR I 16 -8.03 18.47 76.83
N PHE I 17 -6.72 18.69 76.89
CA PHE I 17 -5.79 18.14 75.91
C PHE I 17 -5.87 16.62 75.89
N VAL I 18 -5.82 16.01 77.07
CA VAL I 18 -5.84 14.55 77.20
C VAL I 18 -7.17 13.95 76.76
N VAL I 19 -8.26 14.49 77.28
CA VAL I 19 -9.59 13.96 76.97
C VAL I 19 -9.92 14.04 75.48
N THR I 20 -9.69 15.20 74.88
CA THR I 20 -9.95 15.40 73.46
C THR I 20 -9.07 14.50 72.59
N TYR I 21 -7.79 14.40 72.95
CA TYR I 21 -6.86 13.57 72.18
C TYR I 21 -7.24 12.10 72.23
N ILE I 22 -7.70 11.63 73.39
CA ILE I 22 -8.12 10.25 73.54
C ILE I 22 -9.40 9.96 72.75
N LEU I 23 -10.39 10.83 72.86
CA LEU I 23 -11.65 10.67 72.16
C LEU I 23 -11.47 10.81 70.64
N TRP I 24 -10.70 11.82 70.22
CA TRP I 24 -10.53 12.11 68.81
C TRP I 24 -9.62 11.13 68.07
N PHE I 25 -8.71 10.49 68.79
CA PHE I 25 -7.88 9.45 68.19
C PHE I 25 -8.62 8.11 68.17
N THR I 26 -9.61 7.97 69.04
CA THR I 26 -10.50 6.82 69.00
C THR I 26 -11.38 6.91 67.76
N GLY I 27 -11.97 8.08 67.55
CA GLY I 27 -12.84 8.33 66.42
C GLY I 27 -12.10 8.25 65.09
N ALA I 28 -10.82 8.60 65.11
CA ALA I 28 -9.98 8.53 63.93
C ALA I 28 -9.78 7.07 63.52
N TYR I 29 -9.57 6.22 64.51
CA TYR I 29 -9.42 4.78 64.29
C TYR I 29 -10.69 4.20 63.70
N LEU I 30 -11.84 4.62 64.24
CA LEU I 30 -13.13 4.14 63.78
C LEU I 30 -13.44 4.62 62.37
N SER I 31 -12.97 5.83 62.04
CA SER I 31 -13.25 6.44 60.75
C SER I 31 -12.68 5.62 59.58
N PHE I 32 -11.63 4.84 59.86
CA PHE I 32 -11.03 3.99 58.84
C PHE I 32 -11.43 2.53 59.03
N SER I 33 -12.20 2.26 60.08
CA SER I 33 -12.71 0.92 60.33
C SER I 33 -13.73 0.52 59.28
N SER I 34 -13.56 -0.66 58.71
CA SER I 34 -14.50 -1.17 57.71
C SER I 34 -15.80 -1.61 58.38
N THR I 35 -15.71 -1.93 59.67
CA THR I 35 -16.84 -2.48 60.41
C THR I 35 -17.58 -1.42 61.24
N TYR I 36 -16.84 -0.53 61.89
CA TYR I 36 -17.44 0.38 62.86
C TYR I 36 -17.40 1.87 62.50
N SER I 37 -17.25 2.20 61.21
CA SER I 37 -17.17 3.60 60.81
C SER I 37 -18.50 4.32 61.01
N GLY I 38 -19.57 3.55 61.17
CA GLY I 38 -20.90 4.12 61.32
C GLY I 38 -21.08 4.89 62.62
N ILE I 39 -20.21 4.65 63.60
CA ILE I 39 -20.36 5.25 64.92
C ILE I 39 -19.24 6.22 65.26
N TYR I 40 -18.37 6.52 64.30
CA TYR I 40 -17.20 7.34 64.58
C TYR I 40 -17.55 8.77 64.97
N MET I 41 -18.62 9.30 64.39
CA MET I 41 -19.08 10.64 64.71
C MET I 41 -19.65 10.73 66.11
N LEU I 42 -20.10 9.59 66.63
CA LEU I 42 -20.63 9.52 67.99
C LEU I 42 -19.51 9.75 69.01
N ILE I 43 -18.30 9.35 68.65
CA ILE I 43 -17.14 9.51 69.53
C ILE I 43 -16.53 10.90 69.40
N MET I 44 -16.62 11.47 68.20
CA MET I 44 -16.07 12.80 67.94
C MET I 44 -16.79 13.88 68.75
N LEU I 45 -18.09 13.70 68.96
CA LEU I 45 -18.91 14.70 69.65
C LEU I 45 -18.47 15.06 71.08
N PRO I 46 -18.25 14.06 71.96
CA PRO I 46 -17.79 14.44 73.30
C PRO I 46 -16.38 14.99 73.31
N GLY I 47 -15.61 14.73 72.26
CA GLY I 47 -14.31 15.34 72.12
C GLY I 47 -14.47 16.82 71.86
N LEU I 48 -15.51 17.15 71.10
CA LEU I 48 -15.88 18.53 70.80
C LEU I 48 -16.50 19.21 72.02
N MET I 49 -17.24 18.45 72.81
CA MET I 49 -17.94 18.99 73.98
C MET I 49 -17.02 19.13 75.19
N ALA I 50 -15.89 18.42 75.16
CA ALA I 50 -14.98 18.34 76.31
C ALA I 50 -14.52 19.67 76.93
N PRO I 51 -14.05 20.65 76.13
CA PRO I 51 -13.64 21.90 76.75
C PRO I 51 -14.79 22.62 77.45
N PHE I 52 -16.01 22.47 76.93
CA PHE I 52 -17.20 23.02 77.56
C PHE I 52 -17.54 22.25 78.83
N ILE I 53 -17.36 20.93 78.77
CA ILE I 53 -17.63 20.07 79.92
C ILE I 53 -16.70 20.43 81.08
N ILE I 54 -15.40 20.36 80.83
CA ILE I 54 -14.40 20.62 81.87
C ILE I 54 -14.49 22.04 82.42
N SER I 55 -14.79 23.01 81.55
CA SER I 55 -14.99 24.39 81.97
C SER I 55 -16.11 24.50 83.01
N THR I 56 -17.25 23.88 82.71
CA THR I 56 -18.40 23.91 83.62
C THR I 56 -18.09 23.20 84.93
N ILE I 57 -17.52 22.00 84.83
CA ILE I 57 -17.18 21.18 86.00
C ILE I 57 -16.37 21.96 87.02
N LEU I 58 -15.37 22.70 86.54
CA LEU I 58 -14.53 23.51 87.40
C LEU I 58 -15.34 24.64 88.02
N ILE I 59 -16.26 25.20 87.25
CA ILE I 59 -17.09 26.28 87.75
C ILE I 59 -18.16 25.74 88.71
N ALA I 60 -18.78 24.62 88.32
CA ALA I 60 -19.83 23.99 89.10
C ALA I 60 -19.34 23.54 90.47
N LYS I 61 -18.13 22.98 90.49
CA LYS I 61 -17.49 22.58 91.74
C LYS I 61 -17.25 23.82 92.59
N SER I 62 -16.71 24.85 91.95
CA SER I 62 -16.56 26.16 92.57
C SER I 62 -16.01 27.15 91.55
N LEU I 67 -17.69 34.73 91.83
CA LEU I 67 -17.47 33.29 91.71
C LEU I 67 -18.16 32.72 90.47
N LYS I 68 -19.18 31.90 90.69
CA LYS I 68 -19.95 31.32 89.59
C LYS I 68 -20.74 32.40 88.87
N LYS I 69 -21.19 33.38 89.64
CA LYS I 69 -22.13 34.40 89.19
C LYS I 69 -21.66 35.13 87.93
N ASP I 70 -20.36 35.32 87.79
CA ASP I 70 -19.83 36.04 86.65
C ASP I 70 -20.04 35.23 85.37
N PHE I 71 -19.84 33.93 85.45
CA PHE I 71 -20.00 33.05 84.30
C PHE I 71 -21.44 33.05 83.80
N ILE I 72 -22.38 32.90 84.72
CA ILE I 72 -23.80 32.88 84.37
C ILE I 72 -24.20 34.24 83.82
N ASN I 73 -23.48 35.26 84.25
CA ASN I 73 -23.70 36.62 83.78
C ASN I 73 -23.31 36.75 82.31
N ARG I 74 -22.07 36.38 81.99
CA ARG I 74 -21.58 36.43 80.62
C ARG I 74 -22.39 35.52 79.69
N LEU I 75 -23.10 34.55 80.27
CA LEU I 75 -23.89 33.60 79.52
C LEU I 75 -25.20 34.21 79.01
N PHE I 76 -25.95 34.85 79.90
CA PHE I 76 -27.32 35.26 79.58
C PHE I 76 -27.55 36.78 79.51
N ASN I 77 -26.57 37.57 79.93
CA ASN I 77 -26.74 39.02 79.97
C ASN I 77 -26.44 39.69 78.64
N LEU I 78 -27.48 39.95 77.84
CA LEU I 78 -27.34 40.56 76.53
C LEU I 78 -26.94 42.03 76.60
N LYS I 79 -27.08 42.65 77.77
CA LYS I 79 -26.68 44.04 77.96
C LYS I 79 -25.16 44.20 77.92
N LEU I 80 -24.47 43.07 78.02
CA LEU I 80 -23.00 43.06 77.96
C LEU I 80 -22.53 43.37 76.54
N ILE I 81 -23.32 42.98 75.56
CA ILE I 81 -22.97 43.15 74.15
C ILE I 81 -22.92 44.62 73.74
N ASN I 82 -21.79 45.01 73.14
CA ASN I 82 -21.65 46.34 72.55
C ASN I 82 -22.25 46.35 71.16
N LEU I 83 -23.33 47.10 70.98
CA LEU I 83 -24.06 47.11 69.72
C LEU I 83 -23.27 47.83 68.62
N LYS I 84 -22.26 48.59 69.02
CA LYS I 84 -21.39 49.29 68.07
C LYS I 84 -20.52 48.34 67.27
N THR I 85 -20.24 47.16 67.84
CA THR I 85 -19.33 46.21 67.23
C THR I 85 -20.05 45.17 66.36
N ILE I 86 -21.33 45.37 66.13
CA ILE I 86 -22.12 44.42 65.34
C ILE I 86 -21.78 44.39 63.84
N PRO I 87 -21.66 45.55 63.17
CA PRO I 87 -21.31 45.50 61.75
C PRO I 87 -19.96 44.81 61.49
N VAL I 88 -18.97 45.07 62.32
CA VAL I 88 -17.66 44.44 62.17
C VAL I 88 -17.72 42.95 62.47
N VAL I 89 -18.54 42.57 63.45
CA VAL I 89 -18.71 41.17 63.80
C VAL I 89 -19.34 40.38 62.65
N PHE I 90 -20.08 41.08 61.79
CA PHE I 90 -20.77 40.45 60.68
C PHE I 90 -19.98 40.50 59.39
N LEU I 91 -19.24 41.59 59.18
CA LEU I 91 -18.67 41.90 57.88
C LEU I 91 -17.15 41.79 57.77
N LEU I 92 -16.48 41.47 58.89
CA LEU I 92 -15.02 41.38 58.87
C LEU I 92 -14.50 40.29 57.93
N MET I 93 -15.08 39.10 58.04
CA MET I 93 -14.69 37.98 57.17
C MET I 93 -14.96 38.20 55.67
N PRO I 94 -16.17 38.66 55.31
CA PRO I 94 -16.39 38.98 53.89
C PRO I 94 -15.40 40.01 53.35
N ALA I 95 -14.99 40.95 54.19
CA ALA I 95 -13.99 41.93 53.79
C ALA I 95 -12.62 41.27 53.64
N VAL I 96 -12.26 40.44 54.60
CA VAL I 96 -10.99 39.73 54.59
C VAL I 96 -10.92 38.79 53.39
N ILE I 97 -12.02 38.07 53.13
CA ILE I 97 -12.12 37.16 52.00
C ILE I 97 -12.07 37.89 50.67
N LEU I 98 -12.79 39.02 50.56
CA LEU I 98 -12.77 39.83 49.35
C LEU I 98 -11.37 40.27 48.98
N LEU I 99 -10.61 40.70 49.98
CA LEU I 99 -9.22 41.11 49.77
C LEU I 99 -8.36 39.93 49.32
N SER I 100 -8.55 38.79 49.97
CA SER I 100 -7.80 37.58 49.64
C SER I 100 -8.07 37.14 48.20
N ILE I 101 -9.34 37.19 47.80
CA ILE I 101 -9.73 36.83 46.44
C ILE I 101 -9.07 37.74 45.40
N LEU I 102 -9.14 39.04 45.63
CA LEU I 102 -8.59 40.03 44.70
C LEU I 102 -7.07 39.86 44.55
N LEU I 103 -6.41 39.51 45.64
CA LEU I 103 -4.96 39.32 45.61
C LEU I 103 -4.57 38.02 44.92
N SER I 104 -5.55 37.13 44.73
CA SER I 104 -5.29 35.82 44.13
C SER I 104 -5.33 35.88 42.61
N ILE I 105 -6.07 36.85 42.09
CA ILE I 105 -6.20 37.06 40.64
C ILE I 105 -4.88 37.18 39.87
N PRO I 106 -3.89 37.92 40.40
CA PRO I 106 -2.59 37.93 39.71
C PRO I 106 -1.92 36.55 39.70
N PHE I 107 -2.32 35.68 40.61
CA PHE I 107 -1.71 34.35 40.72
C PHE I 107 -2.52 33.27 40.00
N GLY I 108 -3.62 33.67 39.36
CA GLY I 108 -4.44 32.73 38.62
C GLY I 108 -5.81 32.53 39.23
N GLY I 109 -6.08 33.24 40.33
CA GLY I 109 -7.35 33.15 41.01
C GLY I 109 -8.47 33.79 40.20
N SER I 110 -9.70 33.65 40.70
CA SER I 110 -10.86 34.18 39.99
C SER I 110 -11.85 34.82 40.96
N ILE I 111 -12.57 35.84 40.48
CA ILE I 111 -13.60 36.50 41.26
C ILE I 111 -14.78 35.57 41.48
N SER I 112 -14.85 34.50 40.68
CA SER I 112 -15.91 33.50 40.79
C SER I 112 -15.85 32.74 42.10
N GLN I 113 -14.80 32.98 42.89
CA GLN I 113 -14.70 32.39 44.22
C GLN I 113 -15.75 32.98 45.17
N PHE I 114 -16.25 34.16 44.83
CA PHE I 114 -17.21 34.84 45.70
C PHE I 114 -18.64 34.34 45.44
N GLN I 115 -18.88 33.09 45.79
CA GLN I 115 -20.21 32.50 45.69
C GLN I 115 -20.31 31.27 46.57
N PHE I 116 -21.51 30.71 46.67
CA PHE I 116 -21.71 29.46 47.39
C PHE I 116 -21.16 28.29 46.57
N SER I 117 -20.56 27.33 47.26
CA SER I 117 -20.01 26.15 46.62
C SER I 117 -21.13 25.26 46.09
N GLY I 118 -22.20 25.15 46.86
CA GLY I 118 -23.32 24.30 46.50
C GLY I 118 -24.27 24.95 45.51
N SER I 123 -32.01 22.04 48.25
CA SER I 123 -31.60 22.72 49.46
C SER I 123 -32.03 21.97 50.73
N THR I 124 -32.29 20.67 50.57
CA THR I 124 -32.55 19.77 51.70
C THR I 124 -31.37 19.71 52.68
N ASP I 125 -30.16 19.79 52.13
CA ASP I 125 -28.94 19.67 52.92
C ASP I 125 -28.59 20.98 53.64
N PHE I 126 -29.18 22.08 53.20
CA PHE I 126 -28.73 23.41 53.63
C PHE I 126 -28.97 23.74 55.10
N VAL I 127 -30.16 23.46 55.62
CA VAL I 127 -30.47 23.80 57.01
C VAL I 127 -29.72 22.96 58.06
N PRO I 128 -29.67 21.62 57.86
CA PRO I 128 -28.88 20.84 58.83
C PRO I 128 -27.45 21.29 59.03
N VAL I 129 -26.73 21.67 57.98
CA VAL I 129 -25.33 22.06 58.14
C VAL I 129 -25.20 23.32 58.99
N LEU I 130 -26.13 24.26 58.82
CA LEU I 130 -26.14 25.46 59.64
C LEU I 130 -26.28 25.10 61.12
N PHE I 131 -27.28 24.29 61.41
CA PHE I 131 -27.59 23.87 62.78
C PHE I 131 -26.40 23.12 63.40
N LEU I 132 -25.61 22.47 62.55
CA LEU I 132 -24.45 21.72 63.03
C LEU I 132 -23.22 22.63 63.16
N LEU I 133 -23.20 23.72 62.38
CA LEU I 133 -22.13 24.70 62.49
C LEU I 133 -22.36 25.59 63.71
N LEU I 134 -23.63 25.87 64.01
CA LEU I 134 -23.98 26.66 65.18
C LEU I 134 -23.75 25.87 66.45
N LEU I 135 -23.99 24.56 66.37
CA LEU I 135 -23.84 23.69 67.53
C LEU I 135 -22.37 23.53 67.90
N ALA I 136 -21.51 23.47 66.89
CA ALA I 136 -20.08 23.35 67.13
C ALA I 136 -19.49 24.64 67.69
N ALA I 137 -20.00 25.77 67.18
CA ALA I 137 -19.57 27.08 67.64
C ALA I 137 -20.00 27.29 69.08
N THR I 138 -21.16 26.73 69.41
CA THR I 138 -21.71 26.82 70.76
C THR I 138 -20.86 26.03 71.75
N PHE I 139 -20.60 24.76 71.43
CA PHE I 139 -19.84 23.88 72.31
C PHE I 139 -18.41 24.38 72.59
N GLU I 140 -17.76 24.94 71.58
CA GLU I 140 -16.38 25.40 71.74
C GLU I 140 -16.26 26.64 72.62
N GLU I 141 -17.00 27.69 72.27
CA GLU I 141 -16.89 28.97 72.97
C GLU I 141 -17.35 28.87 74.42
N LEU I 142 -18.30 27.99 74.69
CA LEU I 142 -18.74 27.74 76.06
C LEU I 142 -17.59 27.19 76.89
N GLY I 143 -16.61 26.59 76.21
CA GLY I 143 -15.42 26.08 76.85
C GLY I 143 -14.32 27.12 76.91
N TRP I 144 -14.06 27.79 75.79
CA TRP I 144 -12.99 28.78 75.74
C TRP I 144 -13.30 30.02 76.58
N ARG I 145 -14.55 30.50 76.49
CA ARG I 145 -14.95 31.72 77.19
C ARG I 145 -15.21 31.49 78.67
N GLY I 146 -15.80 30.35 78.99
CA GLY I 146 -16.21 30.06 80.35
C GLY I 146 -15.12 30.07 81.39
N TYR I 147 -14.03 29.35 81.13
CA TYR I 147 -12.98 29.17 82.12
C TYR I 147 -11.60 29.41 81.55
N ALA I 148 -11.35 28.87 80.36
CA ALA I 148 -10.03 28.83 79.74
C ALA I 148 -9.28 30.16 79.74
N PHE I 149 -9.78 31.12 78.97
CA PHE I 149 -9.07 32.37 78.78
C PHE I 149 -8.95 33.19 80.07
N ASP I 150 -9.92 33.04 80.96
CA ASP I 150 -9.87 33.69 82.26
C ASP I 150 -8.69 33.16 83.08
N SER I 151 -8.46 31.86 83.01
CA SER I 151 -7.38 31.23 83.76
C SER I 151 -6.02 31.74 83.29
N LEU I 152 -5.89 31.96 81.98
CA LEU I 152 -4.66 32.51 81.43
C LEU I 152 -4.51 33.98 81.77
N GLN I 153 -5.58 34.75 81.57
CA GLN I 153 -5.55 36.20 81.76
C GLN I 153 -5.30 36.61 83.21
N SER I 154 -5.61 35.71 84.14
CA SER I 154 -5.38 35.96 85.55
C SER I 154 -3.90 35.85 85.89
N ARG I 155 -3.25 34.89 85.25
CA ARG I 155 -1.87 34.54 85.56
C ARG I 155 -0.90 35.19 84.56
N TYR I 156 -1.42 35.70 83.46
CA TYR I 156 -0.59 36.31 82.41
C TYR I 156 -1.13 37.66 81.94
N SER I 157 -0.31 38.34 81.14
CA SER I 157 -0.75 39.55 80.44
C SER I 157 -1.64 39.15 79.28
N LEU I 158 -2.46 40.08 78.81
CA LEU I 158 -3.42 39.81 77.73
C LEU I 158 -2.75 39.33 76.44
N PHE I 159 -1.60 39.92 76.10
CA PHE I 159 -0.88 39.55 74.90
C PHE I 159 -0.43 38.09 74.98
N LYS I 160 0.32 37.76 76.03
CA LYS I 160 0.83 36.42 76.21
C LYS I 160 -0.31 35.41 76.35
N ALA I 161 -1.43 35.87 76.90
CA ALA I 161 -2.62 35.02 77.03
C ALA I 161 -3.29 34.79 75.69
N SER I 162 -3.15 35.75 74.78
CA SER I 162 -3.73 35.62 73.45
C SER I 162 -2.95 34.60 72.62
N ILE I 163 -1.62 34.73 72.60
CA ILE I 163 -0.76 33.83 71.86
C ILE I 163 -0.86 32.40 72.37
N LEU I 164 -0.77 32.23 73.68
CA LEU I 164 -0.81 30.90 74.28
C LEU I 164 -2.13 30.18 74.01
N PHE I 165 -3.24 30.91 74.05
CA PHE I 165 -4.53 30.33 73.71
C PHE I 165 -4.57 29.94 72.24
N GLY I 166 -4.09 30.84 71.38
CA GLY I 166 -4.05 30.60 69.95
C GLY I 166 -3.24 29.36 69.61
N ILE I 167 -2.08 29.24 70.22
CA ILE I 167 -1.22 28.06 70.02
C ILE I 167 -1.91 26.79 70.52
N PHE I 168 -2.48 26.86 71.73
CA PHE I 168 -3.20 25.72 72.28
C PHE I 168 -4.37 25.32 71.41
N TRP I 169 -5.15 26.30 70.99
CA TRP I 169 -6.33 26.04 70.17
C TRP I 169 -5.93 25.44 68.83
N SER I 170 -4.75 25.80 68.35
CA SER I 170 -4.22 25.24 67.12
C SER I 170 -3.92 23.76 67.29
N LEU I 171 -3.14 23.44 68.32
CA LEU I 171 -2.73 22.06 68.58
C LEU I 171 -3.89 21.20 69.08
N TRP I 172 -5.02 21.84 69.38
CA TRP I 172 -6.22 21.14 69.79
C TRP I 172 -6.90 20.51 68.57
N HIS I 173 -6.50 20.96 67.38
CA HIS I 173 -7.06 20.44 66.14
C HIS I 173 -6.22 19.29 65.56
N PHE I 174 -5.02 19.12 66.09
CA PHE I 174 -4.07 18.14 65.59
C PHE I 174 -4.61 16.72 65.34
N PRO I 175 -5.41 16.17 66.27
CA PRO I 175 -5.93 14.82 66.01
C PRO I 175 -6.84 14.71 64.79
N LEU I 176 -7.35 15.84 64.29
CA LEU I 176 -8.26 15.82 63.15
C LEU I 176 -7.56 15.50 61.83
N ILE I 177 -6.24 15.73 61.80
CA ILE I 177 -5.41 15.38 60.67
C ILE I 177 -5.57 13.90 60.31
N PHE I 178 -5.82 13.07 61.33
CA PHE I 178 -5.82 11.63 61.15
C PHE I 178 -7.20 11.00 61.05
N VAL I 179 -8.27 11.80 61.12
CA VAL I 179 -9.61 11.24 60.97
C VAL I 179 -10.11 11.34 59.53
N ASN I 180 -10.64 10.22 59.03
CA ASN I 180 -10.99 10.06 57.63
C ASN I 180 -11.91 11.15 57.10
N ASN I 181 -11.46 11.82 56.04
CA ASN I 181 -12.24 12.84 55.33
C ASN I 181 -12.55 14.13 56.10
N SER I 182 -11.82 14.38 57.19
CA SER I 182 -11.98 15.64 57.90
C SER I 182 -11.33 16.74 57.08
N TYR I 183 -11.65 17.99 57.42
CA TYR I 183 -11.04 19.13 56.76
C TYR I 183 -9.51 19.10 56.90
N GLN I 184 -9.04 18.80 58.10
CA GLN I 184 -7.61 18.74 58.37
C GLN I 184 -6.94 17.58 57.61
N TYR I 185 -7.67 16.49 57.45
CA TYR I 185 -7.17 15.32 56.74
C TYR I 185 -6.96 15.64 55.27
N GLU I 186 -7.99 16.21 54.64
CA GLU I 186 -7.97 16.47 53.20
C GLU I 186 -6.95 17.52 52.76
N ILE I 187 -6.74 18.54 53.58
CA ILE I 187 -5.80 19.60 53.22
C ILE I 187 -4.36 19.08 53.21
N PHE I 188 -4.01 18.30 54.23
CA PHE I 188 -2.68 17.69 54.30
C PHE I 188 -2.54 16.60 53.23
N ASN I 189 -3.64 15.94 52.92
CA ASN I 189 -3.70 14.93 51.86
C ASN I 189 -3.27 15.51 50.51
N GLN I 190 -3.79 16.70 50.19
CA GLN I 190 -3.45 17.41 48.98
C GLN I 190 -2.06 18.04 49.05
N SER I 191 -1.77 18.74 50.15
CA SER I 191 -0.53 19.51 50.25
C SER I 191 -0.14 19.80 51.70
N ILE I 192 1.16 19.70 51.99
CA ILE I 192 1.63 19.99 53.33
C ILE I 192 1.55 21.49 53.62
N TRP I 193 1.53 22.28 52.55
CA TRP I 193 1.41 23.73 52.69
C TRP I 193 0.00 24.12 53.08
N TYR I 194 -0.99 23.43 52.51
CA TYR I 194 -2.39 23.68 52.85
C TYR I 194 -2.66 23.31 54.31
N GLY I 195 -2.08 22.18 54.73
CA GLY I 195 -2.24 21.71 56.09
C GLY I 195 -1.62 22.63 57.12
N LEU I 196 -0.37 23.04 56.89
CA LEU I 196 0.32 23.96 57.78
C LEU I 196 -0.36 25.32 57.83
N ASN I 197 -0.94 25.72 56.70
CA ASN I 197 -1.60 27.02 56.60
C ASN I 197 -2.80 27.14 57.54
N PHE I 198 -3.53 26.04 57.72
CA PHE I 198 -4.67 26.03 58.61
C PHE I 198 -4.26 26.16 60.07
N PHE I 199 -3.25 25.40 60.46
CA PHE I 199 -2.76 25.46 61.84
C PHE I 199 -2.04 26.78 62.12
N LEU I 200 -1.63 27.45 61.06
CA LEU I 200 -1.07 28.79 61.19
C LEU I 200 -2.18 29.81 61.40
N SER I 201 -3.31 29.60 60.72
CA SER I 201 -4.40 30.56 60.73
C SER I 201 -5.15 30.62 62.05
N ILE I 202 -5.02 29.57 62.86
CA ILE I 202 -5.69 29.52 64.16
C ILE I 202 -5.15 30.58 65.12
N LEU I 203 -3.85 30.84 65.03
CA LEU I 203 -3.21 31.82 65.92
C LEU I 203 -3.80 33.24 65.77
N PRO I 204 -3.82 33.81 64.55
CA PRO I 204 -4.42 35.14 64.48
C PRO I 204 -5.94 35.10 64.62
N MET I 205 -6.54 33.93 64.38
CA MET I 205 -7.98 33.76 64.54
C MET I 205 -8.34 33.85 66.01
N GLY I 206 -7.57 33.17 66.85
CA GLY I 206 -7.80 33.17 68.28
C GLY I 206 -7.73 34.56 68.89
N ILE I 207 -6.82 35.38 68.40
CA ILE I 207 -6.66 36.75 68.90
C ILE I 207 -7.89 37.61 68.59
N ILE I 208 -8.35 37.55 67.34
CA ILE I 208 -9.48 38.35 66.89
C ILE I 208 -10.75 38.02 67.68
N ILE I 209 -11.03 36.73 67.83
CA ILE I 209 -12.20 36.28 68.59
C ILE I 209 -12.06 36.70 70.06
N THR I 210 -10.86 36.52 70.60
CA THR I 210 -10.56 36.93 71.97
C THR I 210 -10.78 38.43 72.15
N TRP I 211 -10.25 39.21 71.22
CA TRP I 211 -10.34 40.66 71.29
C TRP I 211 -11.77 41.16 71.14
N MET I 212 -12.52 40.51 70.25
CA MET I 212 -13.91 40.88 70.01
C MET I 212 -14.77 40.56 71.21
N CYS I 213 -14.42 39.51 71.93
CA CYS I 213 -15.16 39.11 73.12
C CYS I 213 -14.97 40.14 74.23
N LEU I 214 -13.73 40.63 74.38
CA LEU I 214 -13.41 41.62 75.39
C LEU I 214 -14.01 42.99 75.06
N LYS I 215 -14.09 43.30 73.77
CA LYS I 215 -14.67 44.56 73.33
C LYS I 215 -16.18 44.57 73.59
N ASN I 216 -16.75 43.38 73.72
CA ASN I 216 -18.15 43.23 74.10
C ASN I 216 -18.30 42.77 75.54
N ARG I 217 -17.30 43.07 76.36
CA ARG I 217 -17.31 42.77 77.79
C ARG I 217 -17.52 41.29 78.08
N LYS I 218 -16.76 40.44 77.41
CA LYS I 218 -16.75 38.99 77.67
C LYS I 218 -18.07 38.29 77.41
N SER I 219 -18.91 38.85 76.55
CA SER I 219 -20.18 38.21 76.20
C SER I 219 -19.93 36.87 75.51
N ILE I 220 -20.39 35.79 76.15
CA ILE I 220 -20.19 34.46 75.60
C ILE I 220 -21.06 34.20 74.37
N ILE I 221 -22.28 34.75 74.38
CA ILE I 221 -23.19 34.60 73.24
C ILE I 221 -22.62 35.23 71.98
N LEU I 222 -22.06 36.43 72.11
CA LEU I 222 -21.47 37.13 70.96
C LEU I 222 -20.26 36.36 70.43
N ALA I 223 -19.49 35.77 71.34
CA ALA I 223 -18.35 34.95 70.96
C ALA I 223 -18.82 33.75 70.14
N ILE I 224 -20.00 33.24 70.47
CA ILE I 224 -20.61 32.15 69.74
C ILE I 224 -21.10 32.62 68.37
N ILE I 225 -21.75 33.78 68.33
CA ILE I 225 -22.24 34.34 67.07
C ILE I 225 -21.06 34.64 66.14
N PHE I 226 -20.00 35.25 66.69
CA PHE I 226 -18.81 35.56 65.92
C PHE I 226 -18.19 34.29 65.35
N HIS I 227 -17.98 33.31 66.22
CA HIS I 227 -17.40 32.03 65.82
C HIS I 227 -18.27 31.36 64.75
N PHE I 228 -19.59 31.46 64.91
CA PHE I 228 -20.53 30.89 63.97
C PHE I 228 -20.43 31.56 62.59
N LEU I 229 -20.50 32.88 62.57
CA LEU I 229 -20.46 33.65 61.32
C LEU I 229 -19.14 33.48 60.58
N ILE I 230 -18.06 33.25 61.33
CA ILE I 230 -16.75 33.04 60.73
C ILE I 230 -16.69 31.69 60.01
N ASN I 231 -17.25 30.67 60.64
CA ASN I 231 -17.33 29.35 60.00
C ASN I 231 -18.25 29.37 58.79
N LEU I 232 -19.32 30.15 58.87
CA LEU I 232 -20.27 30.27 57.77
C LEU I 232 -19.57 30.83 56.53
N ASN I 233 -18.81 31.90 56.73
CA ASN I 233 -18.05 32.50 55.65
C ASN I 233 -17.02 31.54 55.07
N GLN I 234 -16.27 30.89 55.96
CA GLN I 234 -15.17 30.01 55.54
C GLN I 234 -15.64 28.77 54.77
N GLU I 235 -16.68 28.11 55.26
CA GLU I 235 -17.11 26.84 54.70
C GLU I 235 -18.04 26.99 53.50
N LEU I 236 -18.97 27.94 53.59
CA LEU I 236 -20.01 28.08 52.57
C LEU I 236 -19.51 28.77 51.30
N LEU I 237 -18.66 29.78 51.46
CA LEU I 237 -18.12 30.49 50.31
C LEU I 237 -17.06 29.65 49.61
N ALA I 238 -17.10 29.62 48.28
CA ALA I 238 -16.21 28.78 47.49
C ALA I 238 -14.84 29.41 47.29
N ILE I 239 -14.04 29.42 48.36
CA ILE I 239 -12.69 29.97 48.29
C ILE I 239 -11.65 28.85 48.33
N THR I 240 -10.74 28.85 47.35
CA THR I 240 -9.78 27.77 47.18
C THR I 240 -8.67 27.78 48.23
N GLN I 241 -7.97 26.66 48.35
CA GLN I 241 -6.90 26.51 49.33
C GLN I 241 -5.73 27.47 49.08
N ASP I 242 -5.51 27.83 47.81
CA ASP I 242 -4.47 28.78 47.46
C ASP I 242 -4.82 30.16 48.00
N THR I 243 -6.09 30.51 47.91
CA THR I 243 -6.56 31.81 48.38
C THR I 243 -6.57 31.87 49.91
N LYS I 244 -6.77 30.72 50.54
CA LYS I 244 -6.75 30.65 52.00
C LYS I 244 -5.35 30.84 52.57
N ILE I 245 -4.34 30.52 51.77
CA ILE I 245 -2.96 30.80 52.14
C ILE I 245 -2.77 32.31 52.18
N ILE I 246 -3.31 33.00 51.18
CA ILE I 246 -3.28 34.46 51.14
C ILE I 246 -4.11 35.05 52.28
N GLU I 247 -5.23 34.40 52.58
CA GLU I 247 -6.12 34.85 53.63
C GLU I 247 -5.43 34.88 54.99
N THR I 248 -4.63 33.86 55.25
CA THR I 248 -3.88 33.76 56.51
C THR I 248 -2.95 34.97 56.71
N GLY I 249 -2.31 35.41 55.63
CA GLY I 249 -1.49 36.61 55.66
C GLY I 249 -2.29 37.85 56.03
N VAL I 250 -3.49 37.96 55.47
CA VAL I 250 -4.39 39.07 55.76
C VAL I 250 -4.82 39.04 57.23
N LEU I 251 -5.10 37.85 57.74
CA LEU I 251 -5.51 37.70 59.14
C LEU I 251 -4.37 38.05 60.09
N PHE I 252 -3.14 37.71 59.69
CA PHE I 252 -1.96 38.10 60.44
C PHE I 252 -1.84 39.62 60.53
N LEU I 253 -2.22 40.30 59.46
CA LEU I 253 -2.17 41.76 59.40
C LEU I 253 -3.25 42.42 60.25
N VAL I 254 -4.44 41.83 60.25
CA VAL I 254 -5.56 42.37 61.02
C VAL I 254 -5.33 42.22 62.52
N ALA I 255 -4.85 41.05 62.93
CA ALA I 255 -4.53 40.79 64.33
C ALA I 255 -3.43 41.72 64.82
N ALA I 256 -2.44 41.95 63.97
CA ALA I 256 -1.33 42.84 64.31
C ALA I 256 -1.85 44.27 64.46
N ALA I 257 -2.80 44.66 63.62
CA ALA I 257 -3.40 45.98 63.69
C ALA I 257 -4.17 46.14 65.00
N ILE I 258 -4.71 45.04 65.50
CA ILE I 258 -5.42 45.02 66.77
C ILE I 258 -4.47 45.14 67.95
N ILE I 259 -3.41 44.33 67.94
CA ILE I 259 -2.42 44.32 69.01
C ILE I 259 -1.74 45.69 69.15
N LEU I 260 -1.62 46.40 68.05
CA LEU I 260 -1.05 47.75 68.06
C LEU I 260 -1.96 48.75 68.77
N TYR I 261 -3.26 48.68 68.46
CA TYR I 261 -4.27 49.56 69.03
C TYR I 261 -4.27 49.50 70.55
N ASP I 262 -4.37 48.29 71.10
CA ASP I 262 -4.50 48.10 72.54
C ASP I 262 -3.24 47.59 73.21
N LYS I 263 -2.11 48.26 72.95
CA LYS I 263 -0.82 47.84 73.53
C LYS I 263 -0.84 47.86 75.07
N LYS I 264 -1.41 48.92 75.64
CA LYS I 264 -1.46 49.07 77.09
C LYS I 264 -2.32 47.99 77.74
N MET I 265 -3.40 47.63 77.07
CA MET I 265 -4.32 46.61 77.57
C MET I 265 -3.72 45.22 77.41
N PHE I 266 -3.04 44.99 76.29
CA PHE I 266 -2.43 43.69 76.00
C PHE I 266 -1.25 43.37 76.91
N PHE I 267 -0.53 44.40 77.35
CA PHE I 267 0.67 44.18 78.15
C PHE I 267 0.52 44.63 79.61
N GLU I 268 0.51 43.67 80.53
CA GLU I 268 0.47 43.96 81.96
C GLU I 268 0.90 42.73 82.76
N ASP J 1 15.35 7.19 -14.30
CA ASP J 1 14.91 7.37 -15.67
C ASP J 1 13.41 7.12 -15.81
N ILE J 2 12.72 8.07 -16.42
CA ILE J 2 11.27 8.00 -16.53
C ILE J 2 10.84 7.63 -17.95
N GLN J 3 10.15 6.51 -18.07
CA GLN J 3 9.64 6.06 -19.36
C GLN J 3 8.24 6.62 -19.59
N LEU J 4 7.94 6.97 -20.83
CA LEU J 4 6.61 7.44 -21.17
C LEU J 4 5.92 6.50 -22.18
N THR J 5 4.63 6.25 -21.96
CA THR J 5 3.88 5.30 -22.77
C THR J 5 2.70 5.96 -23.48
N GLN J 6 2.65 5.85 -24.79
CA GLN J 6 1.55 6.41 -25.58
C GLN J 6 0.54 5.34 -25.95
N SER J 7 -0.73 5.71 -25.99
CA SER J 7 -1.79 4.77 -26.27
C SER J 7 -3.04 5.48 -26.80
N PRO J 8 -3.59 4.97 -27.91
CA PRO J 8 -3.08 3.79 -28.63
C PRO J 8 -1.90 4.12 -29.54
N ALA J 9 -1.21 3.09 -30.02
CA ALA J 9 -0.04 3.26 -30.88
C ALA J 9 -0.47 3.58 -32.30
N SER J 10 -1.68 3.16 -32.65
CA SER J 10 -2.25 3.43 -33.96
C SER J 10 -3.68 3.92 -33.82
N LEU J 11 -4.05 4.92 -34.62
CA LEU J 11 -5.37 5.52 -34.53
C LEU J 11 -5.94 5.81 -35.91
N SER J 12 -7.14 5.31 -36.17
CA SER J 12 -7.81 5.52 -37.46
C SER J 12 -8.98 6.49 -37.29
N ALA J 13 -9.15 7.38 -38.25
CA ALA J 13 -10.20 8.40 -38.17
C ALA J 13 -10.54 9.03 -39.52
N SER J 14 -11.54 9.92 -39.50
CA SER J 14 -11.97 10.63 -40.69
C SER J 14 -12.02 12.14 -40.40
N VAL J 15 -11.91 12.94 -41.45
CA VAL J 15 -12.05 14.38 -41.35
C VAL J 15 -13.40 14.74 -40.70
N GLY J 16 -13.34 15.47 -39.58
CA GLY J 16 -14.55 15.86 -38.88
C GLY J 16 -14.69 15.19 -37.53
N GLU J 17 -14.01 14.06 -37.35
CA GLU J 17 -14.07 13.30 -36.10
C GLU J 17 -13.21 13.92 -35.01
N THR J 18 -13.49 13.53 -33.77
CA THR J 18 -12.68 13.93 -32.62
C THR J 18 -11.93 12.72 -32.06
N VAL J 19 -10.63 12.88 -31.84
CA VAL J 19 -9.81 11.80 -31.31
C VAL J 19 -9.02 12.24 -30.08
N THR J 20 -8.56 11.27 -29.30
CA THR J 20 -7.80 11.54 -28.08
C THR J 20 -6.59 10.62 -27.99
N ILE J 21 -5.41 11.20 -27.78
CA ILE J 21 -4.19 10.45 -27.61
C ILE J 21 -3.72 10.60 -26.17
N THR J 22 -3.25 9.51 -25.56
CA THR J 22 -2.90 9.54 -24.15
C THR J 22 -1.42 9.24 -23.88
N CYS J 23 -0.93 9.71 -22.74
CA CYS J 23 0.46 9.54 -22.36
C CYS J 23 0.56 9.17 -20.88
N ARG J 24 1.27 8.09 -20.58
CA ARG J 24 1.46 7.68 -19.19
C ARG J 24 2.94 7.71 -18.82
N ALA J 25 3.27 8.51 -17.81
CA ALA J 25 4.64 8.57 -17.30
C ALA J 25 4.82 7.57 -16.17
N SER J 26 6.01 6.95 -16.10
CA SER J 26 6.30 5.95 -15.08
C SER J 26 6.49 6.58 -13.71
N GLY J 27 6.52 7.91 -13.67
CA GLY J 27 6.61 8.65 -12.43
C GLY J 27 5.97 10.00 -12.61
N ASN J 28 5.73 10.71 -11.51
CA ASN J 28 5.14 12.03 -11.55
C ASN J 28 6.05 13.04 -12.25
N ILE J 29 5.57 13.63 -13.34
CA ILE J 29 6.37 14.60 -14.09
C ILE J 29 5.86 16.03 -13.92
N HIS J 30 4.89 16.20 -13.02
CA HIS J 30 4.45 17.53 -12.57
C HIS J 30 4.06 18.51 -13.68
N ASN J 31 3.36 18.01 -14.69
CA ASN J 31 2.89 18.80 -15.83
C ASN J 31 3.98 19.29 -16.78
N TYR J 32 5.20 18.82 -16.59
CA TYR J 32 6.28 19.13 -17.51
C TYR J 32 6.19 18.19 -18.71
N LEU J 33 5.27 18.47 -19.62
CA LEU J 33 5.02 17.59 -20.75
C LEU J 33 4.68 18.34 -22.03
N ALA J 34 5.33 17.94 -23.12
CA ALA J 34 5.12 18.57 -24.42
C ALA J 34 4.58 17.57 -25.44
N TRP J 35 3.89 18.09 -26.46
CA TRP J 35 3.37 17.27 -27.55
C TRP J 35 3.92 17.77 -28.89
N TYR J 36 4.32 16.83 -29.75
CA TYR J 36 4.81 17.18 -31.08
C TYR J 36 4.04 16.45 -32.18
N GLN J 37 4.05 17.04 -33.37
CA GLN J 37 3.45 16.42 -34.55
C GLN J 37 4.54 16.25 -35.62
N GLN J 38 4.52 15.12 -36.31
CA GLN J 38 5.52 14.87 -37.35
C GLN J 38 4.93 14.25 -38.60
N LYS J 39 5.10 14.92 -39.73
CA LYS J 39 4.74 14.38 -41.03
C LYS J 39 5.90 13.54 -41.55
N GLN J 40 5.62 12.64 -42.49
CA GLN J 40 6.64 11.74 -43.01
C GLN J 40 7.67 12.51 -43.85
N GLY J 41 8.93 12.41 -43.47
CA GLY J 41 9.99 13.10 -44.19
C GLY J 41 10.30 14.47 -43.62
N LYS J 42 9.58 14.85 -42.56
CA LYS J 42 9.74 16.16 -41.95
C LYS J 42 10.15 16.05 -40.48
N SER J 43 10.53 17.17 -39.89
CA SER J 43 10.92 17.18 -38.48
C SER J 43 9.69 17.39 -37.59
N PRO J 44 9.80 17.01 -36.30
CA PRO J 44 8.71 17.29 -35.36
C PRO J 44 8.40 18.77 -35.26
N GLN J 45 7.17 19.10 -34.90
CA GLN J 45 6.76 20.48 -34.63
C GLN J 45 6.04 20.54 -33.29
N LEU J 46 6.32 21.59 -32.52
CA LEU J 46 5.73 21.75 -31.20
C LEU J 46 4.24 22.08 -31.28
N LEU J 47 3.44 21.38 -30.48
CA LEU J 47 1.99 21.61 -30.46
C LEU J 47 1.55 22.19 -29.12
N VAL J 48 1.92 21.49 -28.06
CA VAL J 48 1.47 21.82 -26.71
C VAL J 48 2.65 21.68 -25.76
N TYR J 49 2.76 22.60 -24.82
CA TYR J 49 3.72 22.48 -23.72
C TYR J 49 3.04 22.79 -22.40
N ASN J 50 3.70 22.50 -21.29
CA ASN J 50 3.10 22.64 -19.96
C ASN J 50 1.76 21.92 -19.87
N ALA J 51 1.69 20.77 -20.55
CA ALA J 51 0.47 19.95 -20.62
C ALA J 51 -0.72 20.58 -21.35
N LYS J 52 -0.93 21.89 -21.15
CA LYS J 52 -2.17 22.53 -21.58
C LYS J 52 -2.01 23.72 -22.53
N THR J 53 -0.81 24.29 -22.60
CA THR J 53 -0.59 25.51 -23.37
C THR J 53 -0.29 25.25 -24.84
N LEU J 54 -1.13 25.78 -25.73
CA LEU J 54 -0.89 25.68 -27.17
C LEU J 54 0.28 26.55 -27.59
N ALA J 55 1.11 26.02 -28.48
CA ALA J 55 2.23 26.79 -29.04
C ALA J 55 1.69 27.83 -30.01
N ASP J 56 2.55 28.75 -30.44
CA ASP J 56 2.15 29.77 -31.39
C ASP J 56 1.80 29.17 -32.76
N GLY J 57 0.67 29.59 -33.31
CA GLY J 57 0.25 29.14 -34.62
C GLY J 57 -0.56 27.86 -34.63
N VAL J 58 -0.67 27.22 -33.47
CA VAL J 58 -1.44 25.98 -33.37
C VAL J 58 -2.94 26.25 -33.19
N PRO J 59 -3.77 25.65 -34.06
CA PRO J 59 -5.23 25.82 -34.05
C PRO J 59 -5.89 25.46 -32.73
N SER J 60 -7.01 26.10 -32.42
CA SER J 60 -7.69 25.90 -31.15
C SER J 60 -8.41 24.54 -31.04
N ARG J 61 -8.46 23.81 -32.13
CA ARG J 61 -9.08 22.47 -32.11
C ARG J 61 -8.17 21.48 -31.40
N PHE J 62 -6.92 21.87 -31.17
CA PHE J 62 -6.01 21.08 -30.35
C PHE J 62 -6.10 21.54 -28.90
N SER J 63 -6.14 20.58 -27.99
CA SER J 63 -6.12 20.89 -26.57
C SER J 63 -5.44 19.76 -25.80
N GLY J 64 -4.79 20.11 -24.70
CA GLY J 64 -4.12 19.12 -23.89
C GLY J 64 -4.56 19.20 -22.44
N SER J 65 -4.46 18.09 -21.73
CA SER J 65 -4.88 18.04 -20.34
C SER J 65 -4.14 16.92 -19.61
N GLY J 66 -4.31 16.86 -18.29
CA GLY J 66 -3.70 15.84 -17.48
C GLY J 66 -2.93 16.38 -16.29
N SER J 67 -2.48 15.48 -15.44
CA SER J 67 -1.63 15.83 -14.31
C SER J 67 -0.98 14.54 -13.81
N GLY J 68 -0.10 14.67 -12.83
CA GLY J 68 0.62 13.52 -12.29
C GLY J 68 1.33 12.71 -13.37
N THR J 69 0.82 11.50 -13.60
CA THR J 69 1.45 10.56 -14.52
C THR J 69 0.69 10.42 -15.84
N GLN J 70 -0.52 10.97 -15.92
CA GLN J 70 -1.34 10.81 -17.12
C GLN J 70 -1.65 12.13 -17.80
N TYR J 71 -1.57 12.13 -19.13
CA TYR J 71 -1.77 13.33 -19.93
C TYR J 71 -2.43 12.92 -21.25
N SER J 72 -3.16 13.85 -21.88
CA SER J 72 -3.85 13.53 -23.12
C SER J 72 -3.96 14.71 -24.07
N LEU J 73 -4.03 14.40 -25.36
CA LEU J 73 -4.16 15.40 -26.39
C LEU J 73 -5.44 15.18 -27.18
N LYS J 74 -6.24 16.22 -27.33
CA LYS J 74 -7.52 16.10 -28.01
C LYS J 74 -7.57 16.97 -29.25
N ILE J 75 -7.98 16.37 -30.37
CA ILE J 75 -8.16 17.13 -31.60
C ILE J 75 -9.63 17.10 -32.01
N ASN J 76 -10.26 18.27 -32.02
CA ASN J 76 -11.65 18.41 -32.44
C ASN J 76 -11.78 18.66 -33.93
N SER J 77 -12.73 17.97 -34.56
CA SER J 77 -13.01 18.15 -35.98
C SER J 77 -11.74 18.08 -36.83
N LEU J 78 -11.21 16.86 -36.98
CA LEU J 78 -9.95 16.65 -37.68
C LEU J 78 -9.93 17.27 -39.07
N GLN J 79 -8.83 17.92 -39.39
CA GLN J 79 -8.57 18.44 -40.72
C GLN J 79 -7.56 17.52 -41.37
N PRO J 80 -7.37 17.63 -42.68
CA PRO J 80 -6.42 16.77 -43.41
C PRO J 80 -5.00 16.94 -42.89
N GLU J 81 -4.63 18.17 -42.56
CA GLU J 81 -3.29 18.49 -42.08
C GLU J 81 -2.99 17.76 -40.77
N ASP J 82 -4.04 17.46 -40.02
CA ASP J 82 -3.92 16.82 -38.71
C ASP J 82 -3.27 15.43 -38.75
N PHE J 83 -3.53 14.66 -39.80
CA PHE J 83 -2.98 13.32 -39.89
C PHE J 83 -1.44 13.27 -39.99
N GLY J 84 -0.85 12.35 -39.21
CA GLY J 84 0.58 12.15 -39.14
C GLY J 84 0.93 11.47 -37.84
N ASN J 85 2.15 11.71 -37.34
CA ASN J 85 2.57 11.11 -36.07
C ASN J 85 2.59 12.10 -34.90
N TYR J 86 2.33 11.58 -33.70
CA TYR J 86 2.27 12.40 -32.49
C TYR J 86 3.14 11.80 -31.39
N TYR J 87 3.91 12.67 -30.74
CA TYR J 87 4.82 12.25 -29.69
C TYR J 87 4.65 13.11 -28.45
N CYS J 88 4.60 12.47 -27.29
CA CYS J 88 4.67 13.21 -26.05
C CYS J 88 6.11 13.16 -25.52
N GLN J 89 6.49 14.17 -24.75
CA GLN J 89 7.84 14.24 -24.20
C GLN J 89 7.83 14.94 -22.86
N HIS J 90 8.47 14.33 -21.86
CA HIS J 90 8.54 14.91 -20.53
C HIS J 90 9.82 15.73 -20.34
N PHE J 91 9.73 16.75 -19.49
CA PHE J 91 10.85 17.64 -19.23
C PHE J 91 11.14 17.72 -17.73
N TRP J 92 10.74 16.70 -16.99
CA TRP J 92 10.85 16.76 -15.53
C TRP J 92 12.27 16.53 -15.03
N SER J 93 12.95 15.53 -15.58
CA SER J 93 14.32 15.24 -15.19
C SER J 93 15.05 14.52 -16.31
N THR J 94 16.35 14.78 -16.44
CA THR J 94 17.14 14.15 -17.49
C THR J 94 17.35 12.67 -17.19
N PRO J 95 17.39 11.84 -18.25
CA PRO J 95 17.27 12.22 -19.65
C PRO J 95 15.82 12.43 -20.08
N TRP J 96 15.59 13.33 -21.04
CA TRP J 96 14.24 13.49 -21.58
C TRP J 96 13.88 12.21 -22.32
N THR J 97 12.65 11.73 -22.12
CA THR J 97 12.18 10.59 -22.91
C THR J 97 10.90 10.91 -23.67
N PHE J 98 10.81 10.36 -24.87
CA PHE J 98 9.64 10.55 -25.73
C PHE J 98 8.77 9.30 -25.66
N GLY J 99 7.50 9.45 -25.99
CA GLY J 99 6.60 8.31 -26.08
C GLY J 99 6.93 7.55 -27.35
N GLY J 100 6.50 6.30 -27.43
CA GLY J 100 6.76 5.47 -28.59
C GLY J 100 6.13 6.02 -29.86
N GLY J 101 5.19 6.94 -29.71
CA GLY J 101 4.54 7.56 -30.85
C GLY J 101 3.18 6.98 -31.16
N THR J 102 2.35 7.78 -31.82
CA THR J 102 1.01 7.37 -32.22
C THR J 102 0.72 7.82 -33.64
N LYS J 103 0.46 6.88 -34.53
CA LYS J 103 0.16 7.24 -35.91
C LYS J 103 -1.34 7.48 -36.11
N LEU J 104 -1.69 8.71 -36.45
CA LEU J 104 -3.06 9.07 -36.75
C LEU J 104 -3.30 8.88 -38.24
N GLU J 105 -3.86 7.73 -38.61
CA GLU J 105 -4.05 7.37 -40.01
C GLU J 105 -5.48 7.63 -40.49
N LEU J 106 -5.68 7.52 -41.80
CA LEU J 106 -6.98 7.77 -42.42
C LEU J 106 -7.83 6.51 -42.40
N LYS J 107 -9.06 6.63 -41.90
CA LYS J 107 -9.99 5.50 -41.84
C LYS J 107 -10.38 5.06 -43.25
N ARG J 108 -10.41 3.75 -43.45
CA ARG J 108 -10.72 3.19 -44.76
C ARG J 108 -11.54 1.92 -44.61
N ALA J 109 -12.18 1.48 -45.70
CA ALA J 109 -12.85 0.19 -45.71
C ALA J 109 -11.83 -0.93 -45.76
N ASP J 110 -12.17 -2.08 -45.17
CA ASP J 110 -11.27 -3.23 -45.16
C ASP J 110 -10.96 -3.70 -46.58
N ALA J 111 -9.71 -4.14 -46.79
CA ALA J 111 -9.26 -4.59 -48.10
C ALA J 111 -8.33 -5.77 -47.97
N ALA J 112 -8.70 -6.89 -48.61
CA ALA J 112 -7.86 -8.07 -48.63
C ALA J 112 -6.62 -7.83 -49.49
N PRO J 113 -5.45 -8.35 -49.05
CA PRO J 113 -4.22 -8.17 -49.82
C PRO J 113 -4.20 -9.02 -51.08
N THR J 114 -3.61 -8.48 -52.14
CA THR J 114 -3.32 -9.26 -53.34
C THR J 114 -1.91 -9.82 -53.18
N VAL J 115 -1.81 -11.14 -53.05
CA VAL J 115 -0.53 -11.78 -52.76
C VAL J 115 0.05 -12.51 -53.98
N SER J 116 1.35 -12.30 -54.22
CA SER J 116 2.02 -12.90 -55.36
C SER J 116 3.39 -13.42 -54.94
N ILE J 117 3.80 -14.56 -55.48
CA ILE J 117 5.09 -15.16 -55.15
C ILE J 117 5.96 -15.33 -56.39
N PHE J 118 7.25 -15.07 -56.25
CA PHE J 118 8.18 -15.11 -57.38
C PHE J 118 9.42 -15.94 -57.09
N PRO J 119 9.63 -17.00 -57.89
CA PRO J 119 10.87 -17.77 -57.82
C PRO J 119 12.03 -16.92 -58.34
N PRO J 120 13.28 -17.31 -58.05
CA PRO J 120 14.45 -16.56 -58.52
C PRO J 120 14.51 -16.48 -60.04
N SER J 121 15.01 -15.37 -60.57
CA SER J 121 15.21 -15.25 -62.00
C SER J 121 16.45 -16.05 -62.37
N SER J 122 16.54 -16.45 -63.64
CA SER J 122 17.66 -17.26 -64.10
C SER J 122 18.97 -16.48 -64.09
N GLU J 123 18.87 -15.16 -63.99
CA GLU J 123 20.05 -14.30 -63.95
C GLU J 123 20.74 -14.39 -62.59
N GLN J 124 19.94 -14.38 -61.53
CA GLN J 124 20.47 -14.45 -60.17
C GLN J 124 21.11 -15.81 -59.90
N LEU J 125 20.45 -16.86 -60.38
CA LEU J 125 20.96 -18.22 -60.22
C LEU J 125 22.32 -18.37 -60.89
N THR J 126 22.50 -17.67 -62.01
CA THR J 126 23.79 -17.65 -62.70
C THR J 126 24.90 -17.17 -61.77
N SER J 127 24.59 -16.15 -60.97
CA SER J 127 25.58 -15.51 -60.11
C SER J 127 25.77 -16.23 -58.77
N GLY J 128 25.00 -17.30 -58.55
CA GLY J 128 25.17 -18.13 -57.36
C GLY J 128 24.28 -17.75 -56.20
N GLY J 129 23.36 -16.83 -56.43
CA GLY J 129 22.42 -16.42 -55.39
C GLY J 129 21.00 -16.84 -55.74
N ALA J 130 20.10 -16.80 -54.75
CA ALA J 130 18.71 -17.17 -54.98
C ALA J 130 17.76 -16.45 -54.03
N SER J 131 16.89 -15.61 -54.61
CA SER J 131 15.91 -14.88 -53.81
C SER J 131 14.49 -15.21 -54.23
N VAL J 132 13.63 -15.44 -53.23
CA VAL J 132 12.21 -15.64 -53.47
C VAL J 132 11.47 -14.43 -52.93
N VAL J 133 10.70 -13.78 -53.80
CA VAL J 133 10.01 -12.55 -53.44
C VAL J 133 8.51 -12.74 -53.34
N CYS J 134 7.91 -12.21 -52.28
CA CYS J 134 6.46 -12.28 -52.11
C CYS J 134 5.90 -10.87 -51.91
N PHE J 135 5.07 -10.43 -52.84
CA PHE J 135 4.43 -9.12 -52.71
C PHE J 135 3.04 -9.26 -52.12
N LEU J 136 2.72 -8.38 -51.18
CA LEU J 136 1.40 -8.35 -50.56
C LEU J 136 0.90 -6.92 -50.65
N ASN J 137 -0.02 -6.67 -51.59
CA ASN J 137 -0.35 -5.30 -51.97
C ASN J 137 -1.78 -4.85 -51.64
N ASN J 138 -1.91 -3.56 -51.37
CA ASN J 138 -3.21 -2.91 -51.24
C ASN J 138 -4.17 -3.55 -50.24
N PHE J 139 -3.70 -3.73 -49.01
CA PHE J 139 -4.56 -4.24 -47.95
C PHE J 139 -4.88 -3.15 -46.92
N TYR J 140 -5.83 -3.45 -46.04
CA TYR J 140 -6.20 -2.55 -44.95
C TYR J 140 -6.98 -3.35 -43.92
N PRO J 141 -6.68 -3.16 -42.62
CA PRO J 141 -5.71 -2.25 -42.00
C PRO J 141 -4.27 -2.68 -42.22
N LYS J 142 -3.32 -1.94 -41.67
CA LYS J 142 -1.90 -2.16 -41.95
C LYS J 142 -1.31 -3.40 -41.27
N ASP J 143 -1.99 -3.91 -40.24
CA ASP J 143 -1.50 -5.08 -39.53
C ASP J 143 -1.52 -6.32 -40.41
N ILE J 144 -0.37 -6.96 -40.55
CA ILE J 144 -0.24 -8.16 -41.36
C ILE J 144 0.98 -8.95 -40.90
N ASN J 145 0.97 -10.25 -41.16
CA ASN J 145 2.11 -11.10 -40.85
C ASN J 145 2.45 -12.03 -41.99
N VAL J 146 3.75 -12.21 -42.24
CA VAL J 146 4.21 -13.08 -43.30
C VAL J 146 5.07 -14.22 -42.75
N LYS J 147 4.69 -15.45 -43.09
CA LYS J 147 5.47 -16.61 -42.69
C LYS J 147 6.01 -17.34 -43.91
N TRP J 148 7.32 -17.57 -43.92
CA TRP J 148 7.96 -18.31 -45.00
C TRP J 148 8.05 -19.79 -44.66
N LYS J 149 7.76 -20.64 -45.64
CA LYS J 149 7.89 -22.08 -45.47
C LYS J 149 8.63 -22.73 -46.63
N ILE J 150 9.57 -23.60 -46.28
CA ILE J 150 10.31 -24.38 -47.28
C ILE J 150 10.07 -25.86 -47.04
N ASP J 151 9.36 -26.50 -47.97
CA ASP J 151 8.95 -27.89 -47.82
C ASP J 151 8.13 -28.10 -46.55
N GLY J 152 7.31 -27.11 -46.21
CA GLY J 152 6.41 -27.22 -45.08
C GLY J 152 6.98 -26.72 -43.77
N SER J 153 8.28 -26.47 -43.72
CA SER J 153 8.92 -26.02 -42.49
C SER J 153 9.10 -24.50 -42.49
N GLU J 154 8.70 -23.85 -41.40
CA GLU J 154 8.85 -22.40 -41.28
C GLU J 154 10.31 -22.00 -41.19
N ARG J 155 10.66 -20.90 -41.85
CA ARG J 155 12.01 -20.37 -41.82
C ARG J 155 11.97 -18.88 -41.47
N GLN J 156 12.88 -18.44 -40.62
CA GLN J 156 12.89 -17.05 -40.17
C GLN J 156 14.07 -16.24 -40.72
N ASN J 157 14.98 -16.92 -41.41
CA ASN J 157 16.15 -16.25 -41.98
C ASN J 157 16.63 -16.95 -43.24
N GLY J 158 17.16 -16.19 -44.19
CA GLY J 158 17.27 -14.75 -44.08
C GLY J 158 16.25 -14.03 -44.93
N VAL J 159 15.31 -13.37 -44.27
CA VAL J 159 14.25 -12.66 -44.98
C VAL J 159 14.37 -11.14 -44.79
N LEU J 160 14.10 -10.41 -45.88
CA LEU J 160 14.09 -8.96 -45.83
C LEU J 160 12.70 -8.42 -46.09
N ASN J 161 12.13 -7.75 -45.08
CA ASN J 161 10.82 -7.15 -45.23
C ASN J 161 10.88 -5.64 -45.41
N SER J 162 10.04 -5.12 -46.29
CA SER J 162 9.89 -3.69 -46.46
C SER J 162 8.41 -3.32 -46.54
N TRP J 163 8.04 -2.20 -45.93
CA TRP J 163 6.65 -1.78 -45.87
C TRP J 163 6.46 -0.37 -46.43
N THR J 164 5.36 -0.17 -47.15
CA THR J 164 4.98 1.17 -47.59
C THR J 164 4.16 1.84 -46.50
N ASP J 165 4.14 3.16 -46.50
CA ASP J 165 3.27 3.89 -45.60
C ASP J 165 1.88 3.91 -46.20
N GLN J 166 0.94 4.56 -45.52
CA GLN J 166 -0.41 4.68 -46.06
C GLN J 166 -0.38 5.35 -47.43
N ASP J 167 -0.97 4.66 -48.41
CA ASP J 167 -0.95 5.09 -49.81
C ASP J 167 -1.60 6.46 -50.02
N SER J 168 -0.94 7.30 -50.81
CA SER J 168 -1.42 8.66 -51.05
C SER J 168 -2.68 8.70 -51.92
N LYS J 169 -2.97 7.60 -52.60
CA LYS J 169 -4.15 7.52 -53.47
C LYS J 169 -5.33 6.79 -52.81
N ASP J 170 -5.17 5.51 -52.49
CA ASP J 170 -6.28 4.73 -51.96
C ASP J 170 -6.23 4.45 -50.46
N SER J 171 -5.20 4.96 -49.79
CA SER J 171 -5.03 4.84 -48.34
C SER J 171 -4.86 3.40 -47.84
N THR J 172 -4.41 2.50 -48.72
CA THR J 172 -4.15 1.12 -48.33
C THR J 172 -2.69 0.93 -47.97
N TYR J 173 -2.32 -0.30 -47.61
CA TYR J 173 -0.93 -0.62 -47.31
C TYR J 173 -0.42 -1.75 -48.18
N SER J 174 0.87 -1.74 -48.46
CA SER J 174 1.51 -2.82 -49.20
C SER J 174 2.78 -3.29 -48.50
N MET J 175 3.21 -4.51 -48.83
CA MET J 175 4.39 -5.08 -48.22
C MET J 175 5.19 -5.94 -49.20
N SER J 176 6.52 -5.83 -49.11
CA SER J 176 7.42 -6.68 -49.87
C SER J 176 8.22 -7.53 -48.90
N SER J 177 8.31 -8.83 -49.18
CA SER J 177 9.05 -9.75 -48.33
C SER J 177 9.96 -10.64 -49.16
N THR J 178 11.27 -10.48 -48.98
CA THR J 178 12.24 -11.18 -49.80
C THR J 178 12.96 -12.26 -49.00
N LEU J 179 12.95 -13.49 -49.50
CA LEU J 179 13.69 -14.56 -48.86
C LEU J 179 14.91 -14.89 -49.70
N THR J 180 16.08 -14.80 -49.10
CA THR J 180 17.33 -15.00 -49.85
C THR J 180 18.10 -16.21 -49.39
N LEU J 181 18.45 -17.07 -50.34
CA LEU J 181 19.18 -18.29 -50.07
C LEU J 181 20.29 -18.45 -51.10
N THR J 182 21.31 -19.21 -50.75
CA THR J 182 22.33 -19.58 -51.70
C THR J 182 21.71 -20.48 -52.76
N LYS J 183 22.33 -20.54 -53.93
CA LYS J 183 21.80 -21.33 -55.04
C LYS J 183 21.72 -22.81 -54.73
N ASP J 184 22.80 -23.35 -54.16
CA ASP J 184 22.87 -24.76 -53.83
C ASP J 184 21.85 -25.15 -52.75
N GLU J 185 21.61 -24.22 -51.84
CA GLU J 185 20.63 -24.42 -50.78
C GLU J 185 19.21 -24.37 -51.35
N TYR J 186 19.01 -23.48 -52.32
CA TYR J 186 17.70 -23.32 -52.96
C TYR J 186 17.31 -24.54 -53.79
N GLU J 187 18.32 -25.25 -54.29
CA GLU J 187 18.07 -26.42 -55.15
C GLU J 187 18.00 -27.71 -54.35
N ARG J 188 18.14 -27.60 -53.03
CA ARG J 188 18.02 -28.76 -52.15
C ARG J 188 16.59 -28.96 -51.65
N HIS J 189 15.68 -28.14 -52.15
CA HIS J 189 14.28 -28.20 -51.71
C HIS J 189 13.30 -28.04 -52.87
N ASN J 190 12.12 -28.63 -52.72
CA ASN J 190 11.12 -28.65 -53.79
C ASN J 190 10.12 -27.50 -53.71
N SER J 191 9.53 -27.31 -52.52
CA SER J 191 8.44 -26.35 -52.36
C SER J 191 8.86 -25.09 -51.59
N TYR J 192 8.29 -23.97 -51.99
CA TYR J 192 8.51 -22.70 -51.29
C TYR J 192 7.18 -21.97 -51.11
N THR J 193 6.92 -21.52 -49.89
CA THR J 193 5.59 -21.01 -49.55
C THR J 193 5.60 -19.66 -48.84
N CYS J 194 4.78 -18.74 -49.35
CA CYS J 194 4.56 -17.46 -48.69
C CYS J 194 3.18 -17.48 -48.05
N GLU J 195 3.13 -17.29 -46.73
CA GLU J 195 1.88 -17.38 -45.99
C GLU J 195 1.55 -16.08 -45.28
N ALA J 196 0.35 -15.55 -45.52
CA ALA J 196 -0.03 -14.23 -44.99
C ALA J 196 -1.27 -14.29 -44.11
N THR J 197 -1.18 -13.67 -42.93
CA THR J 197 -2.33 -13.56 -42.05
C THR J 197 -2.85 -12.12 -42.00
N HIS J 198 -4.15 -11.95 -42.19
CA HIS J 198 -4.73 -10.62 -42.25
C HIS J 198 -6.21 -10.62 -41.81
N LYS J 199 -6.66 -9.48 -41.28
CA LYS J 199 -8.02 -9.32 -40.76
C LYS J 199 -9.12 -9.78 -41.72
N THR J 200 -8.91 -9.51 -43.00
CA THR J 200 -9.86 -9.83 -44.05
C THR J 200 -10.12 -11.33 -44.19
N SER J 201 -9.08 -12.14 -44.03
CA SER J 201 -9.24 -13.59 -44.16
C SER J 201 -9.04 -14.31 -42.84
N THR J 202 -10.01 -15.12 -42.47
CA THR J 202 -9.95 -15.91 -41.24
C THR J 202 -8.82 -16.93 -41.28
N SER J 203 -8.63 -17.55 -42.45
CA SER J 203 -7.56 -18.52 -42.66
C SER J 203 -6.50 -17.88 -43.53
N PRO J 204 -5.24 -18.00 -43.14
CA PRO J 204 -4.18 -17.24 -43.80
C PRO J 204 -4.06 -17.47 -45.30
N ILE J 205 -3.66 -16.44 -46.04
CA ILE J 205 -3.50 -16.51 -47.49
C ILE J 205 -2.17 -17.15 -47.85
N VAL J 206 -2.23 -18.18 -48.69
CA VAL J 206 -1.06 -18.99 -48.99
C VAL J 206 -0.75 -19.05 -50.48
N LYS J 207 0.47 -18.64 -50.84
CA LYS J 207 0.94 -18.70 -52.21
C LYS J 207 2.22 -19.53 -52.25
N SER J 208 2.25 -20.53 -53.13
CA SER J 208 3.38 -21.43 -53.19
C SER J 208 3.74 -21.87 -54.61
N PHE J 209 4.95 -22.39 -54.77
CA PHE J 209 5.37 -22.99 -56.03
C PHE J 209 6.33 -24.14 -55.79
N ASN J 210 6.51 -24.97 -56.80
CA ASN J 210 7.52 -26.03 -56.76
C ASN J 210 8.46 -25.83 -57.94
N ARG J 211 9.76 -25.86 -57.69
CA ARG J 211 10.73 -25.57 -58.75
C ARG J 211 10.82 -26.65 -59.83
N ASN J 212 9.98 -27.67 -59.71
CA ASN J 212 9.88 -28.71 -60.73
C ASN J 212 8.46 -28.86 -61.26
N GLN K 1 12.50 35.09 -39.19
CA GLN K 1 11.95 34.04 -38.35
C GLN K 1 13.05 33.13 -37.79
N VAL K 2 12.75 32.43 -36.70
CA VAL K 2 13.70 31.50 -36.09
C VAL K 2 13.93 30.29 -36.98
N GLN K 3 15.19 30.02 -37.29
CA GLN K 3 15.53 28.91 -38.17
C GLN K 3 16.78 28.13 -37.72
N LEU K 4 16.76 26.83 -37.97
CA LEU K 4 17.89 25.97 -37.65
C LEU K 4 18.26 25.15 -38.88
N LYS K 5 19.35 25.53 -39.55
CA LYS K 5 19.80 24.82 -40.74
C LYS K 5 20.90 23.83 -40.41
N GLN K 6 20.67 22.56 -40.75
CA GLN K 6 21.62 21.51 -40.48
C GLN K 6 22.41 21.15 -41.74
N SER K 7 23.59 20.58 -41.54
CA SER K 7 24.43 20.14 -42.66
C SER K 7 23.85 18.91 -43.35
N GLY K 8 24.33 18.62 -44.55
CA GLY K 8 23.78 17.57 -45.39
C GLY K 8 24.10 16.15 -45.00
N ALA K 9 23.58 15.20 -45.78
CA ALA K 9 23.70 13.77 -45.50
C ALA K 9 25.14 13.27 -45.44
N GLU K 10 25.39 12.33 -44.55
CA GLU K 10 26.72 11.77 -44.36
C GLU K 10 26.76 10.27 -44.58
N LEU K 11 27.75 9.81 -45.33
CA LEU K 11 28.01 8.38 -45.48
C LEU K 11 29.34 8.08 -44.82
N MET K 12 29.34 7.16 -43.88
CA MET K 12 30.52 6.93 -43.05
C MET K 12 30.89 5.46 -42.95
N LYS K 13 32.17 5.21 -42.72
CA LYS K 13 32.66 3.86 -42.51
C LYS K 13 32.59 3.58 -41.02
N PRO K 14 32.44 2.31 -40.63
CA PRO K 14 32.44 1.98 -39.21
C PRO K 14 33.78 2.30 -38.54
N GLY K 15 33.73 2.99 -37.41
CA GLY K 15 34.94 3.38 -36.70
C GLY K 15 35.29 4.84 -36.91
N ALA K 16 34.62 5.47 -37.86
CA ALA K 16 34.89 6.87 -38.19
C ALA K 16 34.23 7.82 -37.19
N SER K 17 34.37 9.11 -37.47
CA SER K 17 33.76 10.16 -36.67
C SER K 17 33.03 11.14 -37.57
N VAL K 18 31.85 11.57 -37.14
CA VAL K 18 31.08 12.53 -37.93
C VAL K 18 30.75 13.78 -37.13
N LYS K 19 30.90 14.94 -37.76
CA LYS K 19 30.47 16.17 -37.15
C LYS K 19 29.29 16.73 -37.91
N ILE K 20 28.18 16.91 -37.20
CA ILE K 20 26.99 17.50 -37.78
C ILE K 20 26.87 18.93 -37.26
N SER K 21 26.60 19.87 -38.15
CA SER K 21 26.46 21.27 -37.77
C SER K 21 24.99 21.70 -37.74
N CYS K 22 24.71 22.72 -36.94
CA CYS K 22 23.37 23.27 -36.83
C CYS K 22 23.46 24.78 -36.77
N LYS K 23 23.21 25.44 -37.90
CA LYS K 23 23.33 26.89 -37.97
C LYS K 23 22.03 27.56 -37.54
N ALA K 24 22.13 28.46 -36.56
CA ALA K 24 20.96 29.13 -36.01
C ALA K 24 20.85 30.57 -36.46
N THR K 25 19.67 30.95 -36.95
CA THR K 25 19.41 32.34 -37.32
C THR K 25 18.04 32.79 -36.80
N GLY K 26 17.91 34.10 -36.61
CA GLY K 26 16.63 34.68 -36.24
C GLY K 26 16.50 35.07 -34.78
N TYR K 27 17.49 34.72 -33.96
CA TYR K 27 17.45 35.04 -32.53
C TYR K 27 18.85 35.10 -31.92
N LYS K 28 18.90 35.47 -30.64
CA LYS K 28 20.16 35.56 -29.89
C LYS K 28 20.64 34.17 -29.50
N PHE K 29 21.57 33.63 -30.29
CA PHE K 29 22.04 32.25 -30.19
C PHE K 29 22.47 31.79 -28.80
N SER K 30 23.06 32.69 -28.02
CA SER K 30 23.70 32.32 -26.77
C SER K 30 22.78 32.08 -25.57
N SER K 31 21.53 32.49 -25.65
CA SER K 31 20.66 32.45 -24.47
C SER K 31 19.55 31.40 -24.51
N TYR K 32 19.71 30.39 -25.36
CA TYR K 32 18.73 29.33 -25.53
C TYR K 32 19.45 27.98 -25.61
N TRP K 33 18.93 26.97 -24.92
CA TRP K 33 19.46 25.61 -25.05
C TRP K 33 19.35 25.13 -26.49
N ILE K 34 20.34 24.35 -26.92
CA ILE K 34 20.27 23.63 -28.18
C ILE K 34 20.22 22.14 -27.85
N GLU K 35 19.25 21.44 -28.44
CA GLU K 35 19.06 20.01 -28.18
C GLU K 35 19.45 19.19 -29.40
N TRP K 36 19.77 17.92 -29.17
CA TRP K 36 20.02 16.99 -30.26
C TRP K 36 19.24 15.71 -30.05
N VAL K 37 18.53 15.29 -31.10
CA VAL K 37 17.64 14.13 -31.02
C VAL K 37 17.98 13.14 -32.13
N LYS K 38 17.89 11.85 -31.82
CA LYS K 38 18.19 10.78 -32.76
C LYS K 38 16.92 10.02 -33.14
N GLN K 39 16.78 9.68 -34.41
CA GLN K 39 15.60 8.93 -34.88
C GLN K 39 15.93 7.83 -35.91
N ARG K 40 15.76 6.58 -35.49
CA ARG K 40 15.81 5.44 -36.39
C ARG K 40 14.41 4.83 -36.48
N PRO K 41 14.11 4.18 -37.60
CA PRO K 41 12.85 3.44 -37.70
C PRO K 41 12.76 2.37 -36.62
N GLY K 42 11.73 2.46 -35.77
CA GLY K 42 11.50 1.44 -34.76
C GLY K 42 11.94 1.83 -33.36
N HIS K 43 12.65 2.95 -33.25
CA HIS K 43 13.13 3.41 -31.94
C HIS K 43 12.56 4.78 -31.57
N GLY K 44 11.68 5.31 -32.42
CA GLY K 44 11.06 6.60 -32.18
C GLY K 44 12.08 7.72 -32.03
N LEU K 45 11.77 8.67 -31.13
CA LEU K 45 12.70 9.74 -30.80
C LEU K 45 13.51 9.39 -29.56
N GLU K 46 14.81 9.69 -29.60
CA GLU K 46 15.70 9.44 -28.48
C GLU K 46 16.56 10.67 -28.23
N TRP K 47 16.61 11.12 -26.97
CA TRP K 47 17.34 12.33 -26.62
C TRP K 47 18.82 12.05 -26.36
N ILE K 48 19.68 12.87 -26.93
CA ILE K 48 21.12 12.67 -26.85
C ILE K 48 21.75 13.56 -25.79
N GLY K 49 21.45 14.86 -25.87
CA GLY K 49 22.00 15.83 -24.95
C GLY K 49 21.60 17.25 -25.28
N GLU K 50 22.03 18.18 -24.45
CA GLU K 50 21.76 19.60 -24.68
C GLU K 50 22.98 20.46 -24.32
N ILE K 51 23.13 21.58 -25.01
CA ILE K 51 24.20 22.52 -24.68
C ILE K 51 23.66 23.95 -24.62
N PHE K 52 24.13 24.72 -23.65
CA PHE K 52 23.75 26.12 -23.56
C PHE K 52 24.92 26.98 -24.02
N PRO K 53 24.83 27.52 -25.24
CA PRO K 53 25.88 28.37 -25.80
C PRO K 53 26.10 29.59 -24.91
N GLY K 54 27.25 30.24 -25.03
CA GLY K 54 27.52 31.40 -24.19
C GLY K 54 28.14 31.02 -22.87
N SER K 55 27.75 29.88 -22.33
CA SER K 55 28.34 29.35 -21.10
C SER K 55 29.11 28.07 -21.37
N GLY K 56 28.57 27.24 -22.26
CA GLY K 56 29.19 25.97 -22.59
C GLY K 56 28.67 24.79 -21.77
N ASN K 57 27.74 25.07 -20.86
CA ASN K 57 27.09 24.03 -20.06
C ASN K 57 26.41 22.96 -20.91
N THR K 58 26.65 21.70 -20.54
CA THR K 58 26.10 20.57 -21.28
C THR K 58 25.41 19.57 -20.35
N ASN K 59 24.31 19.00 -20.84
CA ASN K 59 23.65 17.90 -20.15
C ASN K 59 23.48 16.73 -21.11
N TYR K 60 23.96 15.56 -20.71
CA TYR K 60 24.02 14.40 -21.59
C TYR K 60 23.13 13.26 -21.12
N ASN K 61 22.49 12.57 -22.07
CA ASN K 61 21.91 11.27 -21.80
C ASN K 61 23.09 10.34 -21.53
N GLU K 62 23.04 9.63 -20.40
CA GLU K 62 24.11 8.70 -20.03
C GLU K 62 24.42 7.67 -21.12
N LYS K 63 23.42 7.33 -21.92
CA LYS K 63 23.59 6.36 -23.01
C LYS K 63 24.59 6.84 -24.07
N PHE K 64 24.63 8.15 -24.29
CA PHE K 64 25.45 8.71 -25.36
C PHE K 64 26.75 9.35 -24.89
N LYS K 65 27.04 9.23 -23.59
CA LYS K 65 28.28 9.76 -23.05
C LYS K 65 29.48 9.04 -23.65
N GLY K 66 30.30 9.78 -24.38
CA GLY K 66 31.45 9.20 -25.06
C GLY K 66 31.17 8.87 -26.51
N LYS K 67 29.90 8.72 -26.85
CA LYS K 67 29.49 8.48 -28.23
C LYS K 67 29.24 9.82 -28.92
N ALA K 68 28.64 10.75 -28.19
CA ALA K 68 28.35 12.07 -28.72
C ALA K 68 29.04 13.17 -27.90
N THR K 69 29.49 14.21 -28.59
CA THR K 69 30.09 15.37 -27.95
C THR K 69 29.49 16.63 -28.54
N LEU K 70 28.98 17.50 -27.67
CA LEU K 70 28.27 18.70 -28.11
C LEU K 70 29.10 19.96 -27.91
N THR K 71 29.22 20.76 -28.97
CA THR K 71 29.96 22.01 -28.90
C THR K 71 29.15 23.11 -29.57
N ALA K 72 29.64 24.34 -29.47
CA ALA K 72 28.96 25.49 -30.05
C ALA K 72 29.94 26.64 -30.29
N ASP K 73 29.67 27.46 -31.30
CA ASP K 73 30.52 28.61 -31.58
C ASP K 73 29.67 29.88 -31.65
N THR K 74 29.73 30.70 -30.60
CA THR K 74 28.92 31.90 -30.53
C THR K 74 29.30 32.98 -31.54
N SER K 75 30.42 32.80 -32.22
CA SER K 75 30.88 33.77 -33.21
C SER K 75 30.37 33.42 -34.61
N SER K 76 29.87 32.20 -34.77
CA SER K 76 29.28 31.78 -36.03
C SER K 76 27.81 31.39 -35.83
N ASN K 77 27.34 31.53 -34.60
CA ASN K 77 26.00 31.09 -34.22
C ASN K 77 25.72 29.68 -34.70
N THR K 78 26.64 28.77 -34.41
CA THR K 78 26.54 27.39 -34.88
C THR K 78 26.80 26.38 -33.76
N ALA K 79 25.99 25.34 -33.73
CA ALA K 79 26.18 24.26 -32.77
C ALA K 79 26.63 23.01 -33.51
N TYR K 80 27.40 22.16 -32.85
CA TYR K 80 27.92 20.97 -33.49
C TYR K 80 27.72 19.74 -32.62
N MET K 81 27.59 18.59 -33.28
CA MET K 81 27.58 17.32 -32.57
C MET K 81 28.52 16.33 -33.23
N GLN K 82 29.46 15.79 -32.46
CA GLN K 82 30.34 14.77 -32.99
C GLN K 82 29.95 13.38 -32.51
N LEU K 83 29.81 12.46 -33.46
CA LEU K 83 29.55 11.07 -33.14
C LEU K 83 30.81 10.25 -33.41
N SER K 84 31.32 9.57 -32.39
CA SER K 84 32.56 8.80 -32.52
C SER K 84 32.28 7.30 -32.64
N SER K 85 33.29 6.55 -33.08
CA SER K 85 33.22 5.09 -33.07
C SER K 85 31.98 4.57 -33.75
N LEU K 86 31.68 5.09 -34.94
CA LEU K 86 30.41 4.81 -35.58
C LEU K 86 30.16 3.33 -35.85
N THR K 87 28.94 2.91 -35.60
CA THR K 87 28.51 1.54 -35.80
C THR K 87 27.17 1.56 -36.48
N SER K 88 26.81 0.46 -37.13
CA SER K 88 25.56 0.42 -37.88
C SER K 88 24.36 0.93 -37.08
N GLU K 89 24.43 0.81 -35.76
CA GLU K 89 23.33 1.27 -34.91
C GLU K 89 23.26 2.79 -34.84
N ASP K 90 24.31 3.47 -35.31
CA ASP K 90 24.33 4.93 -35.33
C ASP K 90 23.66 5.50 -36.58
N SER K 91 23.37 4.62 -37.54
CA SER K 91 22.60 5.01 -38.73
C SER K 91 21.21 5.49 -38.33
N ALA K 92 20.95 6.77 -38.58
CA ALA K 92 19.69 7.39 -38.18
C ALA K 92 19.59 8.80 -38.73
N VAL K 93 18.49 9.47 -38.41
CA VAL K 93 18.31 10.86 -38.74
C VAL K 93 18.44 11.68 -37.46
N TYR K 94 19.36 12.64 -37.47
CA TYR K 94 19.64 13.43 -36.28
C TYR K 94 19.09 14.85 -36.43
N TYR K 95 18.39 15.30 -35.40
CA TYR K 95 17.81 16.64 -35.38
C TYR K 95 18.49 17.50 -34.33
N CYS K 96 18.64 18.78 -34.63
CA CYS K 96 18.93 19.75 -33.59
C CYS K 96 17.65 20.54 -33.34
N ALA K 97 17.49 21.00 -32.12
CA ALA K 97 16.30 21.74 -31.75
C ALA K 97 16.60 22.73 -30.64
N ARG K 98 15.73 23.72 -30.48
CA ARG K 98 15.93 24.80 -29.53
C ARG K 98 14.87 24.74 -28.44
N ARG K 99 15.26 25.10 -27.21
CA ARG K 99 14.32 25.27 -26.13
C ARG K 99 13.90 26.74 -26.05
N GLY K 100 12.72 26.98 -25.49
CA GLY K 100 12.22 28.34 -25.35
C GLY K 100 13.07 29.13 -24.36
N ALA K 101 12.91 30.44 -24.39
CA ALA K 101 13.62 31.32 -23.47
C ALA K 101 13.20 31.05 -22.03
N PHE K 102 14.15 31.17 -21.10
CA PHE K 102 13.87 30.90 -19.71
C PHE K 102 13.20 32.07 -19.00
N TYR K 103 12.03 31.81 -18.44
CA TYR K 103 11.37 32.74 -17.53
C TYR K 103 10.84 31.96 -16.34
N SER K 104 10.51 32.66 -15.27
CA SER K 104 10.11 32.00 -14.03
C SER K 104 8.85 31.14 -14.13
N TYR K 105 7.90 31.54 -14.96
CA TYR K 105 6.60 30.85 -14.97
C TYR K 105 5.99 30.55 -16.35
N GLY K 106 5.63 31.58 -17.11
CA GLY K 106 4.88 31.38 -18.33
C GLY K 106 5.68 31.14 -19.60
N SER K 107 6.73 30.32 -19.51
CA SER K 107 7.67 30.14 -20.61
C SER K 107 7.50 28.83 -21.37
N SER K 108 8.02 28.81 -22.59
CA SER K 108 8.10 27.59 -23.39
C SER K 108 9.48 26.97 -23.22
N TYR K 109 10.16 27.37 -22.15
CA TYR K 109 11.48 26.85 -21.78
C TYR K 109 11.48 25.34 -21.63
N TYR K 110 10.35 24.79 -21.22
CA TYR K 110 10.22 23.34 -21.13
C TYR K 110 9.49 22.82 -22.35
N ALA K 111 10.08 23.09 -23.51
CA ALA K 111 9.56 22.64 -24.80
C ALA K 111 10.65 22.81 -25.86
N MET K 112 10.65 21.93 -26.85
CA MET K 112 11.53 22.09 -28.00
C MET K 112 10.73 22.79 -29.09
N ASP K 113 10.81 24.12 -29.13
CA ASP K 113 9.88 24.90 -29.95
C ASP K 113 10.26 25.02 -31.43
N PHE K 114 11.52 24.83 -31.76
CA PHE K 114 11.97 24.94 -33.15
C PHE K 114 12.95 23.82 -33.48
N TRP K 115 12.79 23.22 -34.65
CA TRP K 115 13.58 22.06 -35.03
C TRP K 115 14.31 22.29 -36.35
N GLY K 116 15.45 21.63 -36.52
CA GLY K 116 16.15 21.65 -37.79
C GLY K 116 15.49 20.70 -38.77
N GLN K 117 15.90 20.75 -40.04
CA GLN K 117 15.27 19.92 -41.05
C GLN K 117 15.81 18.48 -41.03
N GLY K 118 16.75 18.21 -40.12
CA GLY K 118 17.29 16.88 -39.95
C GLY K 118 18.48 16.57 -40.84
N THR K 119 19.34 15.66 -40.37
CA THR K 119 20.52 15.23 -41.11
C THR K 119 20.68 13.71 -41.09
N SER K 120 20.72 13.11 -42.28
CA SER K 120 20.86 11.67 -42.42
C SER K 120 22.30 11.20 -42.23
N VAL K 121 22.49 10.18 -41.41
CA VAL K 121 23.81 9.57 -41.26
C VAL K 121 23.70 8.07 -41.52
N THR K 122 24.51 7.57 -42.47
CA THR K 122 24.55 6.16 -42.79
C THR K 122 25.97 5.63 -42.61
N VAL K 123 26.14 4.63 -41.75
CA VAL K 123 27.45 4.03 -41.59
C VAL K 123 27.47 2.63 -42.21
N SER K 124 28.50 2.40 -43.01
CA SER K 124 28.61 1.17 -43.79
C SER K 124 30.03 1.04 -44.32
N SER K 125 30.50 -0.20 -44.43
CA SER K 125 31.84 -0.47 -44.92
C SER K 125 31.90 -0.63 -46.45
N ALA K 126 30.77 -0.36 -47.11
CA ALA K 126 30.67 -0.58 -48.55
C ALA K 126 31.15 0.62 -49.38
N LYS K 127 31.76 0.32 -50.52
CA LYS K 127 32.13 1.35 -51.50
C LYS K 127 30.93 1.59 -52.38
N THR K 128 31.04 2.56 -53.29
CA THR K 128 30.02 2.75 -54.31
C THR K 128 29.92 1.48 -55.15
N THR K 129 28.73 0.90 -55.18
CA THR K 129 28.52 -0.38 -55.86
C THR K 129 27.25 -0.34 -56.71
N PRO K 130 27.37 -0.70 -58.00
CA PRO K 130 26.22 -0.74 -58.91
C PRO K 130 25.28 -1.88 -58.56
N PRO K 131 23.97 -1.66 -58.74
CA PRO K 131 22.94 -2.65 -58.38
C PRO K 131 22.95 -3.84 -59.32
N SER K 132 22.65 -5.02 -58.78
CA SER K 132 22.24 -6.14 -59.60
C SER K 132 20.72 -6.15 -59.60
N ASP K 133 20.11 -6.16 -60.79
CA ASP K 133 18.66 -6.19 -60.84
C ASP K 133 18.13 -7.34 -61.68
N TYR K 134 17.08 -7.98 -61.16
CA TYR K 134 16.54 -9.18 -61.78
C TYR K 134 15.05 -9.02 -62.08
N PRO K 135 14.63 -9.48 -63.26
CA PRO K 135 13.22 -9.46 -63.66
C PRO K 135 12.43 -10.58 -62.99
N LEU K 136 11.34 -10.23 -62.32
CA LEU K 136 10.51 -11.23 -61.67
C LEU K 136 9.27 -11.56 -62.48
N ALA K 137 9.34 -12.64 -63.26
CA ALA K 137 8.17 -13.14 -63.98
C ALA K 137 7.39 -14.07 -63.06
N PRO K 138 6.07 -14.18 -63.27
CA PRO K 138 5.27 -15.04 -62.38
C PRO K 138 5.62 -16.51 -62.59
N VAL K 139 5.15 -17.36 -61.68
CA VAL K 139 5.43 -18.79 -61.76
C VAL K 139 5.03 -19.37 -63.11
N CYS K 140 5.89 -20.23 -63.66
CA CYS K 140 5.69 -20.81 -64.98
C CYS K 140 4.35 -21.55 -65.08
N GLY K 141 3.97 -22.21 -64.01
CA GLY K 141 2.70 -22.91 -63.95
C GLY K 141 1.53 -21.96 -63.77
N SER K 146 -7.77 -12.47 -62.75
CA SER K 146 -8.14 -11.38 -63.63
C SER K 146 -6.97 -10.46 -63.94
N SER K 147 -6.00 -10.42 -63.03
CA SER K 147 -4.81 -9.60 -63.23
C SER K 147 -3.53 -10.39 -63.01
N VAL K 148 -2.43 -9.91 -63.59
CA VAL K 148 -1.12 -10.53 -63.40
C VAL K 148 -0.17 -9.54 -62.74
N THR K 149 0.56 -10.01 -61.73
CA THR K 149 1.53 -9.17 -61.03
C THR K 149 2.96 -9.52 -61.45
N LEU K 150 3.72 -8.49 -61.83
CA LEU K 150 5.11 -8.68 -62.20
C LEU K 150 5.98 -7.97 -61.16
N GLY K 151 7.28 -8.23 -61.20
CA GLY K 151 8.17 -7.65 -60.22
C GLY K 151 9.57 -7.36 -60.74
N CYS K 152 10.31 -6.59 -59.96
CA CYS K 152 11.70 -6.25 -60.29
C CYS K 152 12.50 -6.15 -59.00
N LEU K 153 13.58 -6.93 -58.90
CA LEU K 153 14.38 -6.99 -57.68
C LEU K 153 15.71 -6.29 -57.88
N VAL K 154 16.03 -5.34 -57.00
CA VAL K 154 17.27 -4.59 -57.09
C VAL K 154 18.12 -4.83 -55.84
N LYS K 155 19.30 -5.42 -56.03
CA LYS K 155 20.07 -5.94 -54.93
C LYS K 155 21.57 -5.60 -55.01
N GLY K 156 22.19 -5.45 -53.85
CA GLY K 156 23.63 -5.30 -53.76
C GLY K 156 24.20 -3.97 -54.22
N TYR K 157 23.47 -2.89 -53.97
CA TYR K 157 23.97 -1.57 -54.33
C TYR K 157 24.31 -0.66 -53.15
N PHE K 158 25.12 0.36 -53.42
CA PHE K 158 25.45 1.40 -52.45
C PHE K 158 26.05 2.58 -53.18
N PRO K 159 25.64 3.80 -52.81
CA PRO K 159 24.64 4.11 -51.78
C PRO K 159 23.27 4.38 -52.38
N GLU K 160 22.35 4.88 -51.55
CA GLU K 160 21.07 5.38 -52.01
C GLU K 160 21.28 6.73 -52.68
N PRO K 161 20.40 7.11 -53.62
CA PRO K 161 19.19 6.40 -54.02
C PRO K 161 19.32 5.74 -55.39
N VAL K 162 18.30 4.97 -55.76
CA VAL K 162 18.13 4.53 -57.13
C VAL K 162 16.78 5.03 -57.62
N THR K 163 16.64 5.13 -58.94
CA THR K 163 15.35 5.48 -59.52
C THR K 163 14.87 4.31 -60.36
N LEU K 164 13.77 3.71 -59.93
CA LEU K 164 13.19 2.58 -60.63
C LEU K 164 11.92 2.99 -61.34
N THR K 165 11.77 2.57 -62.59
CA THR K 165 10.56 2.84 -63.34
C THR K 165 10.11 1.62 -64.13
N TRP K 166 8.90 1.71 -64.66
CA TRP K 166 8.39 0.70 -65.56
C TRP K 166 8.06 1.35 -66.90
N ASN K 167 8.65 0.81 -67.97
CA ASN K 167 8.51 1.38 -69.32
C ASN K 167 8.85 2.86 -69.38
N SER K 168 9.92 3.23 -68.69
CA SER K 168 10.46 4.60 -68.69
C SER K 168 9.48 5.63 -68.12
N GLY K 169 8.50 5.17 -67.36
CA GLY K 169 7.55 6.08 -66.74
C GLY K 169 6.15 6.02 -67.32
N SER K 170 6.02 5.41 -68.50
CA SER K 170 4.71 5.31 -69.16
C SER K 170 3.74 4.48 -68.34
N LEU K 171 4.28 3.52 -67.60
CA LEU K 171 3.47 2.62 -66.80
C LEU K 171 3.49 3.05 -65.34
N SER K 172 2.42 3.70 -64.90
CA SER K 172 2.38 4.29 -63.57
C SER K 172 1.37 3.59 -62.66
N SER K 173 0.24 3.20 -63.23
CA SER K 173 -0.82 2.54 -62.46
C SER K 173 -0.38 1.19 -61.91
N GLY K 174 -0.90 0.83 -60.74
CA GLY K 174 -0.64 -0.47 -60.16
C GLY K 174 0.79 -0.74 -59.75
N VAL K 175 1.58 0.32 -59.61
CA VAL K 175 2.98 0.15 -59.26
C VAL K 175 3.23 0.44 -57.78
N HIS K 176 4.01 -0.43 -57.14
CA HIS K 176 4.50 -0.19 -55.79
C HIS K 176 6.02 -0.34 -55.78
N THR K 177 6.72 0.73 -55.44
CA THR K 177 8.17 0.68 -55.26
C THR K 177 8.51 0.84 -53.78
N PHE K 178 9.07 -0.20 -53.20
CA PHE K 178 9.28 -0.26 -51.74
C PHE K 178 10.57 0.44 -51.29
N PRO K 179 10.54 1.00 -50.08
CA PRO K 179 11.72 1.67 -49.50
C PRO K 179 12.90 0.71 -49.47
N ALA K 180 14.09 1.22 -49.76
CA ALA K 180 15.28 0.39 -49.70
C ALA K 180 15.53 -0.01 -48.25
N VAL K 181 16.14 -1.18 -48.07
CA VAL K 181 16.52 -1.63 -46.74
C VAL K 181 18.00 -1.98 -46.70
N LEU K 182 18.69 -1.49 -45.68
CA LEU K 182 20.13 -1.72 -45.56
C LEU K 182 20.40 -3.00 -44.76
N GLN K 183 20.97 -3.99 -45.44
CA GLN K 183 21.28 -5.27 -44.82
C GLN K 183 22.67 -5.73 -45.26
N SER K 184 23.54 -5.96 -44.28
CA SER K 184 24.94 -6.33 -44.54
C SER K 184 25.64 -5.30 -45.42
N ASP K 185 25.55 -4.03 -45.01
CA ASP K 185 26.24 -2.92 -45.66
C ASP K 185 25.80 -2.62 -47.10
N LEU K 186 24.87 -3.41 -47.62
CA LEU K 186 24.35 -3.19 -48.97
C LEU K 186 22.83 -3.05 -48.99
N TYR K 187 22.32 -2.30 -49.96
CA TYR K 187 20.89 -2.02 -50.04
C TYR K 187 20.15 -3.00 -50.93
N THR K 188 18.91 -3.31 -50.57
CA THR K 188 18.03 -4.12 -51.39
C THR K 188 16.75 -3.34 -51.66
N LEU K 189 16.30 -3.36 -52.91
CA LEU K 189 15.07 -2.67 -53.28
C LEU K 189 14.25 -3.56 -54.21
N SER K 190 12.93 -3.52 -54.05
CA SER K 190 12.04 -4.32 -54.88
C SER K 190 10.82 -3.52 -55.32
N SER K 191 10.32 -3.81 -56.51
CA SER K 191 9.14 -3.12 -57.02
C SER K 191 8.21 -4.08 -57.75
N SER K 192 6.91 -3.91 -57.52
CA SER K 192 5.91 -4.72 -58.21
C SER K 192 5.02 -3.87 -59.10
N VAL K 193 4.48 -4.47 -60.15
CA VAL K 193 3.49 -3.81 -61.00
C VAL K 193 2.35 -4.77 -61.35
N THR K 194 1.11 -4.34 -61.11
CA THR K 194 -0.05 -5.16 -61.37
C THR K 194 -0.86 -4.66 -62.57
N VAL K 195 -1.04 -5.53 -63.56
CA VAL K 195 -1.74 -5.16 -64.78
C VAL K 195 -2.81 -6.18 -65.13
N THR K 196 -3.72 -5.80 -66.01
CA THR K 196 -4.74 -6.72 -66.49
C THR K 196 -4.10 -7.84 -67.30
N SER K 197 -4.74 -9.01 -67.32
CA SER K 197 -4.21 -10.15 -68.05
C SER K 197 -4.16 -9.90 -69.55
N SER K 198 -4.89 -8.87 -69.98
CA SER K 198 -4.89 -8.46 -71.38
C SER K 198 -3.59 -7.78 -71.75
N THR K 199 -2.91 -7.22 -70.75
CA THR K 199 -1.69 -6.44 -70.98
C THR K 199 -0.44 -7.32 -71.06
N TRP K 200 -0.27 -8.20 -70.09
CA TRP K 200 0.91 -9.06 -70.06
C TRP K 200 0.49 -10.54 -70.09
N PRO K 201 1.23 -11.37 -70.86
CA PRO K 201 2.42 -11.01 -71.63
C PRO K 201 2.12 -10.57 -73.06
N SER K 202 0.94 -9.99 -73.28
CA SER K 202 0.57 -9.52 -74.61
C SER K 202 1.39 -8.29 -75.03
N GLN K 203 1.61 -7.39 -74.08
CA GLN K 203 2.39 -6.18 -74.34
C GLN K 203 3.71 -6.24 -73.58
N SER K 204 4.71 -5.54 -74.09
CA SER K 204 6.04 -5.55 -73.48
C SER K 204 6.09 -4.68 -72.22
N ILE K 205 6.63 -5.24 -71.15
CA ILE K 205 6.79 -4.51 -69.90
C ILE K 205 8.23 -4.59 -69.43
N THR K 206 8.82 -3.44 -69.14
CA THR K 206 10.25 -3.36 -68.84
C THR K 206 10.52 -2.56 -67.57
N CYS K 207 11.47 -3.05 -66.77
CA CYS K 207 11.87 -2.42 -65.53
C CYS K 207 13.18 -1.65 -65.71
N ASN K 208 13.15 -0.35 -65.45
CA ASN K 208 14.34 0.47 -65.60
C ASN K 208 14.92 0.91 -64.26
N VAL K 209 16.22 0.74 -64.09
CA VAL K 209 16.90 1.08 -62.84
C VAL K 209 18.06 2.02 -63.08
N ALA K 210 18.06 3.16 -62.39
CA ALA K 210 19.17 4.11 -62.50
C ALA K 210 19.84 4.34 -61.15
N HIS K 211 21.16 4.19 -61.12
CA HIS K 211 21.95 4.42 -59.92
C HIS K 211 23.04 5.45 -60.24
N PRO K 212 22.71 6.75 -60.08
CA PRO K 212 23.54 7.90 -60.47
C PRO K 212 24.94 7.88 -59.87
N ALA K 213 25.09 7.31 -58.67
CA ALA K 213 26.38 7.25 -58.01
C ALA K 213 27.34 6.32 -58.75
N SER K 214 26.78 5.36 -59.48
CA SER K 214 27.58 4.44 -60.28
C SER K 214 27.57 4.84 -61.75
N SER K 215 26.81 5.90 -62.05
CA SER K 215 26.61 6.35 -63.43
C SER K 215 26.01 5.25 -64.32
N THR K 216 25.16 4.42 -63.74
CA THR K 216 24.61 3.28 -64.46
C THR K 216 23.10 3.37 -64.67
N LYS K 217 22.65 2.91 -65.84
CA LYS K 217 21.24 2.85 -66.19
C LYS K 217 20.98 1.50 -66.85
N VAL K 218 20.08 0.72 -66.27
CA VAL K 218 19.86 -0.66 -66.70
C VAL K 218 18.39 -0.95 -66.95
N ASP K 219 18.11 -1.64 -68.05
CA ASP K 219 16.74 -2.06 -68.38
C ASP K 219 16.63 -3.57 -68.36
N LYS K 220 15.55 -4.08 -67.77
CA LYS K 220 15.30 -5.52 -67.75
C LYS K 220 13.87 -5.88 -68.15
N LYS K 221 13.75 -6.56 -69.29
CA LYS K 221 12.45 -6.97 -69.83
C LYS K 221 11.92 -8.22 -69.13
N ILE K 222 10.64 -8.21 -68.77
CA ILE K 222 10.02 -9.33 -68.08
C ILE K 222 9.56 -10.40 -69.06
N GLU K 223 10.33 -11.47 -69.18
CA GLU K 223 9.98 -12.60 -70.05
C GLU K 223 9.31 -13.69 -69.23
N PRO K 224 8.23 -14.28 -69.76
CA PRO K 224 7.56 -15.40 -69.07
C PRO K 224 8.48 -16.61 -68.95
N ARG K 225 8.40 -17.30 -67.83
CA ARG K 225 9.30 -18.43 -67.56
C ARG K 225 8.99 -19.63 -68.44
N ASN L 8 21.65 35.98 21.20
CA ASN L 8 20.30 35.74 20.72
C ASN L 8 20.08 35.84 19.20
N PRO L 9 20.78 36.78 18.51
CA PRO L 9 20.70 36.66 17.06
C PRO L 9 21.45 35.43 16.56
N LYS L 10 22.52 35.06 17.26
CA LYS L 10 23.27 33.85 16.93
C LYS L 10 22.38 32.62 17.04
N LEU L 11 21.52 32.61 18.06
CA LEU L 11 20.60 31.49 18.28
C LEU L 11 19.52 31.42 17.22
N TYR L 12 18.92 32.56 16.89
CA TYR L 12 17.86 32.61 15.89
C TYR L 12 18.35 32.17 14.51
N PHE L 13 19.40 32.83 14.03
CA PHE L 13 19.88 32.61 12.67
C PHE L 13 20.46 31.20 12.47
N LEU L 14 21.12 30.66 13.48
CA LEU L 14 21.69 29.33 13.39
C LEU L 14 20.62 28.26 13.35
N SER L 15 19.63 28.39 14.23
CA SER L 15 18.49 27.47 14.26
C SER L 15 17.71 27.52 12.96
N THR L 16 17.52 28.74 12.43
CA THR L 16 16.86 28.93 11.16
C THR L 16 17.67 28.33 10.02
N PHE L 17 18.98 28.58 10.06
CA PHE L 17 19.93 28.03 9.10
C PHE L 17 19.85 26.50 9.08
N VAL L 18 19.90 25.90 10.26
CA VAL L 18 19.89 24.44 10.38
C VAL L 18 18.56 23.84 9.94
N VAL L 19 17.45 24.37 10.46
CA VAL L 19 16.12 23.85 10.15
C VAL L 19 15.79 23.92 8.66
N THR L 20 16.03 25.08 8.05
CA THR L 20 15.76 25.26 6.63
C THR L 20 16.63 24.35 5.76
N TYR L 21 17.92 24.27 6.09
CA TYR L 21 18.84 23.43 5.32
C TYR L 21 18.46 21.95 5.38
N ILE L 22 18.01 21.50 6.55
CA ILE L 22 17.58 20.12 6.71
C ILE L 22 16.32 19.83 5.91
N LEU L 23 15.33 20.71 6.03
CA LEU L 23 14.07 20.54 5.31
C LEU L 23 14.24 20.70 3.80
N TRP L 24 15.02 21.71 3.39
CA TRP L 24 15.19 21.99 1.96
C TRP L 24 16.09 21.00 1.24
N PHE L 25 17.01 20.38 1.96
CA PHE L 25 17.83 19.33 1.35
C PHE L 25 17.10 18.00 1.34
N THR L 26 16.11 17.86 2.21
CA THR L 26 15.22 16.69 2.16
C THR L 26 14.33 16.78 0.91
N GLY L 27 13.75 17.95 0.69
CA GLY L 27 12.88 18.18 -0.44
C GLY L 27 13.63 18.11 -1.76
N ALA L 28 14.91 18.49 -1.73
CA ALA L 28 15.76 18.41 -2.91
C ALA L 28 15.96 16.96 -3.31
N TYR L 29 16.16 16.10 -2.31
CA TYR L 29 16.31 14.67 -2.53
C TYR L 29 15.02 14.08 -3.12
N LEU L 30 13.89 14.50 -2.57
CA LEU L 30 12.59 14.02 -3.02
C LEU L 30 12.26 14.51 -4.42
N SER L 31 12.75 15.70 -4.76
CA SER L 31 12.46 16.31 -6.06
C SER L 31 13.01 15.50 -7.23
N PHE L 32 14.06 14.71 -6.96
CA PHE L 32 14.65 13.86 -7.99
C PHE L 32 14.23 12.40 -7.83
N SER L 33 13.51 12.11 -6.75
CA SER L 33 13.01 10.77 -6.50
C SER L 33 11.99 10.34 -7.56
N SER L 34 12.13 9.12 -8.07
CA SER L 34 11.19 8.59 -9.05
C SER L 34 9.88 8.20 -8.37
N THR L 35 9.95 7.90 -7.08
CA THR L 35 8.80 7.38 -6.35
C THR L 35 8.09 8.45 -5.53
N TYR L 36 8.84 9.31 -4.85
CA TYR L 36 8.26 10.24 -3.90
C TYR L 36 8.35 11.72 -4.28
N SER L 37 8.45 12.03 -5.57
CA SER L 37 8.56 13.43 -5.99
C SER L 37 7.24 14.16 -5.80
N GLY L 38 6.15 13.40 -5.67
CA GLY L 38 4.83 13.98 -5.51
C GLY L 38 4.63 14.73 -4.21
N ILE L 39 5.52 14.52 -3.25
CA ILE L 39 5.36 15.11 -1.92
C ILE L 39 6.48 16.09 -1.56
N TYR L 40 7.33 16.41 -2.52
CA TYR L 40 8.51 17.22 -2.23
C TYR L 40 8.16 18.65 -1.85
N MET L 41 7.09 19.18 -2.44
CA MET L 41 6.63 20.54 -2.11
C MET L 41 6.08 20.62 -0.71
N LEU L 42 5.60 19.49 -0.19
CA LEU L 42 5.08 19.42 1.17
C LEU L 42 6.19 19.65 2.19
N ILE L 43 7.42 19.29 1.82
CA ILE L 43 8.57 19.44 2.71
C ILE L 43 9.20 20.82 2.58
N MET L 44 9.10 21.39 1.38
CA MET L 44 9.66 22.72 1.13
C MET L 44 8.95 23.80 1.94
N LEU L 45 7.64 23.62 2.14
CA LEU L 45 6.83 24.61 2.85
C LEU L 45 7.28 24.95 4.29
N PRO L 46 7.51 23.92 5.14
CA PRO L 46 7.98 24.23 6.49
C PRO L 46 9.37 24.87 6.50
N GLY L 47 10.15 24.62 5.45
CA GLY L 47 11.44 25.27 5.31
C GLY L 47 11.24 26.75 5.04
N LEU L 48 10.20 27.06 4.27
CA LEU L 48 9.83 28.43 3.99
C LEU L 48 9.21 29.10 5.21
N MET L 49 8.45 28.34 5.98
CA MET L 49 7.77 28.85 7.17
C MET L 49 8.70 28.99 8.37
N ALA L 50 9.83 28.29 8.32
CA ALA L 50 10.76 28.20 9.47
C ALA L 50 11.20 29.54 10.11
N PRO L 51 11.68 30.51 9.31
CA PRO L 51 12.11 31.76 9.95
C PRO L 51 10.97 32.49 10.66
N PHE L 52 9.75 32.33 10.13
CA PHE L 52 8.57 32.89 10.78
C PHE L 52 8.21 32.11 12.04
N ILE L 53 8.36 30.79 11.96
CA ILE L 53 8.09 29.92 13.10
C ILE L 53 9.01 30.24 14.26
N ILE L 54 10.31 30.24 14.00
CA ILE L 54 11.31 30.47 15.03
C ILE L 54 11.22 31.89 15.61
N SER L 55 10.94 32.87 14.75
CA SER L 55 10.75 34.25 15.18
C SER L 55 9.60 34.37 16.17
N THR L 56 8.50 33.69 15.87
CA THR L 56 7.31 33.73 16.72
C THR L 56 7.56 33.00 18.04
N ILE L 57 8.17 31.82 17.95
CA ILE L 57 8.50 31.04 19.14
C ILE L 57 9.31 31.85 20.15
N LEU L 58 10.29 32.60 19.66
CA LEU L 58 11.16 33.36 20.54
C LEU L 58 10.42 34.50 21.22
N ILE L 59 9.48 35.12 20.51
CA ILE L 59 8.74 36.24 21.07
C ILE L 59 7.54 35.78 21.89
N ALA L 60 6.96 34.65 21.52
CA ALA L 60 5.80 34.11 22.22
C ALA L 60 6.18 33.53 23.58
N LYS L 61 7.34 32.87 23.64
CA LYS L 61 7.80 32.28 24.89
C LYS L 61 8.87 33.15 25.56
N SER L 62 9.07 34.34 25.01
CA SER L 62 10.02 35.29 25.58
C SER L 62 9.76 35.57 27.06
N LEU L 67 7.58 41.92 26.41
CA LEU L 67 7.39 43.02 25.47
C LEU L 67 7.13 42.52 24.06
N LYS L 68 6.08 41.73 23.89
CA LYS L 68 5.68 41.22 22.59
C LYS L 68 4.75 42.22 21.93
N LYS L 69 4.34 43.21 22.70
CA LYS L 69 3.42 44.24 22.26
C LYS L 69 3.91 45.01 21.03
N ASP L 70 5.22 45.18 20.93
CA ASP L 70 5.80 45.89 19.80
C ASP L 70 5.61 45.09 18.52
N PHE L 71 5.83 43.77 18.62
CA PHE L 71 5.67 42.90 17.47
C PHE L 71 4.23 42.90 16.99
N ILE L 72 3.31 42.73 17.92
CA ILE L 72 1.89 42.71 17.60
C ILE L 72 1.49 44.07 17.02
N ASN L 73 2.17 45.11 17.48
CA ASN L 73 1.94 46.45 16.99
C ASN L 73 2.35 46.61 15.52
N ARG L 74 3.57 46.19 15.20
CA ARG L 74 4.08 46.32 13.84
C ARG L 74 3.33 45.41 12.86
N LEU L 75 2.55 44.49 13.41
CA LEU L 75 1.78 43.54 12.61
C LEU L 75 0.49 44.19 12.09
N PHE L 76 -0.32 44.72 13.01
CA PHE L 76 -1.67 45.14 12.67
C PHE L 76 -1.91 46.65 12.64
N ASN L 77 -0.95 47.44 13.09
CA ASN L 77 -1.12 48.89 13.15
C ASN L 77 -0.79 49.58 11.82
N LEU L 78 -1.82 49.83 11.03
CA LEU L 78 -1.65 50.41 9.68
C LEU L 78 -1.28 51.88 9.71
N LYS L 79 -1.20 52.47 10.90
CA LYS L 79 -0.82 53.87 11.04
C LYS L 79 0.70 54.05 11.05
N LEU L 80 1.43 52.94 11.13
CA LEU L 80 2.88 52.98 11.07
C LEU L 80 3.32 53.25 9.64
N ILE L 81 2.49 52.87 8.68
CA ILE L 81 2.79 53.04 7.26
C ILE L 81 2.83 54.50 6.84
N ASN L 82 3.94 54.91 6.23
CA ASN L 82 4.05 56.24 5.66
C ASN L 82 3.42 56.27 4.27
N LEU L 83 2.35 57.05 4.14
CA LEU L 83 1.60 57.13 2.88
C LEU L 83 2.45 57.75 1.77
N LYS L 84 3.44 58.55 2.16
CA LYS L 84 4.32 59.23 1.22
C LYS L 84 5.25 58.28 0.46
N THR L 85 5.42 57.06 0.99
CA THR L 85 6.35 56.12 0.39
C THR L 85 5.66 55.06 -0.48
N ILE L 86 4.37 55.26 -0.73
CA ILE L 86 3.60 54.31 -1.53
C ILE L 86 3.97 54.26 -3.03
N PRO L 87 4.10 55.43 -3.69
CA PRO L 87 4.48 55.36 -5.11
C PRO L 87 5.82 54.68 -5.35
N VAL L 88 6.80 54.93 -4.49
CA VAL L 88 8.11 54.29 -4.62
C VAL L 88 8.01 52.78 -4.32
N VAL L 89 7.17 52.44 -3.34
CA VAL L 89 6.89 51.05 -3.02
C VAL L 89 6.37 50.29 -4.24
N PHE L 90 5.53 50.96 -5.03
CA PHE L 90 4.87 50.32 -6.17
C PHE L 90 5.67 50.38 -7.47
N LEU L 91 6.47 51.44 -7.65
CA LEU L 91 7.04 51.73 -8.95
C LEU L 91 8.57 51.67 -9.04
N LEU L 92 9.24 51.34 -7.94
CA LEU L 92 10.70 51.27 -7.94
C LEU L 92 11.21 50.18 -8.88
N MET L 93 10.62 48.99 -8.80
CA MET L 93 11.03 47.88 -9.66
C MET L 93 10.76 48.10 -11.17
N PRO L 94 9.54 48.57 -11.52
CA PRO L 94 9.34 48.88 -12.95
C PRO L 94 10.33 49.91 -13.48
N ALA L 95 10.72 50.87 -12.64
CA ALA L 95 11.72 51.85 -13.03
C ALA L 95 13.09 51.18 -13.20
N VAL L 96 13.44 50.33 -12.24
CA VAL L 96 14.71 49.60 -12.27
C VAL L 96 14.78 48.68 -13.48
N ILE L 97 13.69 47.96 -13.72
CA ILE L 97 13.60 47.05 -14.85
C ILE L 97 13.63 47.78 -16.18
N LEU L 98 12.91 48.90 -16.28
CA LEU L 98 12.93 49.73 -17.49
C LEU L 98 14.35 50.15 -17.85
N LEU L 99 15.10 50.59 -16.85
CA LEU L 99 16.50 50.99 -17.05
C LEU L 99 17.36 49.81 -17.49
N SER L 100 17.16 48.65 -16.84
CA SER L 100 17.92 47.46 -17.17
C SER L 100 17.66 46.99 -18.60
N ILE L 101 16.41 47.12 -19.04
CA ILE L 101 16.02 46.73 -20.40
C ILE L 101 16.68 47.63 -21.43
N LEU L 102 16.58 48.94 -21.22
CA LEU L 102 17.14 49.93 -22.13
C LEU L 102 18.66 49.76 -22.29
N LEU L 103 19.33 49.40 -21.20
CA LEU L 103 20.77 49.21 -21.22
C LEU L 103 21.17 47.91 -21.91
N SER L 104 20.20 47.02 -22.09
CA SER L 104 20.46 45.71 -22.68
C SER L 104 20.38 45.76 -24.21
N ILE L 105 19.70 46.78 -24.72
CA ILE L 105 19.52 46.96 -26.17
C ILE L 105 20.82 47.04 -26.99
N PRO L 106 21.83 47.80 -26.52
CA PRO L 106 23.08 47.77 -27.28
C PRO L 106 23.80 46.42 -27.20
N PHE L 107 23.39 45.58 -26.25
CA PHE L 107 23.99 44.25 -26.10
C PHE L 107 23.17 43.17 -26.80
N GLY L 108 22.12 43.57 -27.49
CA GLY L 108 21.29 42.63 -28.23
C GLY L 108 19.95 42.37 -27.59
N GLY L 109 19.64 43.11 -26.53
CA GLY L 109 18.37 42.98 -25.84
C GLY L 109 17.25 43.64 -26.62
N SER L 110 16.02 43.49 -26.13
CA SER L 110 14.86 44.05 -26.82
C SER L 110 13.89 44.70 -25.84
N ILE L 111 13.17 45.71 -26.32
CA ILE L 111 12.14 46.38 -25.54
C ILE L 111 10.95 45.45 -25.34
N SER L 112 10.90 44.38 -26.14
CA SER L 112 9.81 43.41 -26.05
C SER L 112 9.87 42.62 -24.74
N GLN L 113 10.90 42.87 -23.95
CA GLN L 113 11.00 42.27 -22.62
C GLN L 113 9.96 42.85 -21.67
N PHE L 114 9.47 44.05 -21.99
CA PHE L 114 8.51 44.72 -21.13
C PHE L 114 7.08 44.24 -21.39
N GLN L 115 6.82 42.99 -21.04
CA GLN L 115 5.48 42.41 -21.15
C GLN L 115 5.37 41.18 -20.28
N PHE L 116 4.16 40.66 -20.11
CA PHE L 116 3.94 39.40 -19.42
C PHE L 116 4.53 38.26 -20.26
N SER L 117 5.21 37.34 -19.60
CA SER L 117 5.86 36.22 -20.29
C SER L 117 4.86 35.13 -20.65
N GLY L 118 3.63 35.26 -20.19
CA GLY L 118 2.59 34.28 -20.46
C GLY L 118 1.37 34.89 -21.14
N SER L 123 -5.38 34.64 -17.10
CA SER L 123 -6.10 33.48 -17.61
C SER L 123 -6.54 32.58 -16.46
N THR L 124 -6.42 31.27 -16.67
CA THR L 124 -6.86 30.30 -15.67
C THR L 124 -5.83 30.18 -14.55
N ASP L 125 -4.55 30.17 -14.92
CA ASP L 125 -3.46 29.99 -13.97
C ASP L 125 -2.99 31.30 -13.33
N PHE L 126 -3.65 32.41 -13.64
CA PHE L 126 -3.21 33.72 -13.19
C PHE L 126 -3.22 33.89 -11.66
N VAL L 127 -4.34 33.51 -11.04
CA VAL L 127 -4.55 33.73 -9.61
C VAL L 127 -3.73 32.83 -8.67
N PRO L 128 -3.75 31.49 -8.89
CA PRO L 128 -3.00 30.62 -7.98
C PRO L 128 -1.52 31.00 -7.85
N VAL L 129 -0.95 31.59 -8.89
CA VAL L 129 0.43 32.07 -8.81
C VAL L 129 0.53 33.24 -7.84
N LEU L 130 -0.34 34.22 -8.02
CA LEU L 130 -0.38 35.39 -7.16
C LEU L 130 -0.58 35.01 -5.69
N PHE L 131 -1.53 34.11 -5.44
CA PHE L 131 -1.85 33.68 -4.09
C PHE L 131 -0.68 32.94 -3.45
N LEU L 132 0.15 32.30 -4.27
CA LEU L 132 1.31 31.58 -3.78
C LEU L 132 2.53 32.50 -3.66
N LEU L 133 2.54 33.59 -4.43
CA LEU L 133 3.60 34.57 -4.33
C LEU L 133 3.38 35.48 -3.13
N LEU L 134 2.11 35.76 -2.84
CA LEU L 134 1.75 36.57 -1.68
C LEU L 134 1.96 35.77 -0.40
N LEU L 135 1.74 34.47 -0.48
CA LEU L 135 1.88 33.60 0.68
C LEU L 135 3.34 33.45 1.08
N ALA L 136 4.21 33.32 0.08
CA ALA L 136 5.65 33.21 0.32
C ALA L 136 6.20 34.51 0.87
N ALA L 137 5.71 35.64 0.35
CA ALA L 137 6.13 36.94 0.81
C ALA L 137 5.68 37.16 2.24
N THR L 138 4.53 36.59 2.58
CA THR L 138 3.98 36.69 3.92
C THR L 138 4.82 35.91 4.91
N PHE L 139 5.08 34.64 4.59
CA PHE L 139 5.84 33.76 5.48
C PHE L 139 7.26 34.27 5.76
N GLU L 140 7.90 34.84 4.75
CA GLU L 140 9.28 35.30 4.90
C GLU L 140 9.43 36.54 5.79
N GLU L 141 8.69 37.59 5.45
CA GLU L 141 8.82 38.86 6.16
C GLU L 141 8.34 38.77 7.61
N LEU L 142 7.40 37.86 7.88
CA LEU L 142 6.97 37.61 9.25
C LEU L 142 8.13 37.05 10.06
N GLY L 143 9.10 36.47 9.37
CA GLY L 143 10.29 35.94 10.00
C GLY L 143 11.41 36.97 10.07
N TRP L 144 11.63 37.68 8.97
CA TRP L 144 12.70 38.67 8.92
C TRP L 144 12.40 39.91 9.77
N ARG L 145 11.16 40.37 9.72
CA ARG L 145 10.77 41.59 10.42
C ARG L 145 10.52 41.36 11.91
N GLY L 146 9.96 40.19 12.24
CA GLY L 146 9.58 39.87 13.60
C GLY L 146 10.71 39.92 14.61
N TYR L 147 11.71 39.06 14.43
CA TYR L 147 12.78 38.94 15.39
C TYR L 147 14.15 39.22 14.76
N ALA L 148 14.33 38.70 13.55
CA ALA L 148 15.63 38.69 12.87
C ALA L 148 16.40 40.01 12.89
N PHE L 149 15.90 41.00 12.15
CA PHE L 149 16.64 42.25 11.96
C PHE L 149 16.79 43.04 13.26
N ASP L 150 15.81 42.92 14.15
CA ASP L 150 15.89 43.55 15.45
C ASP L 150 17.07 43.00 16.25
N SER L 151 17.25 41.69 16.18
CA SER L 151 18.33 41.01 16.89
C SER L 151 19.70 41.47 16.42
N LEU L 152 19.79 41.82 15.15
CA LEU L 152 21.04 42.34 14.59
C LEU L 152 21.21 43.82 14.92
N GLN L 153 20.15 44.59 14.72
CA GLN L 153 20.19 46.04 14.91
C GLN L 153 20.43 46.44 16.36
N SER L 154 20.15 45.52 17.28
CA SER L 154 20.37 45.75 18.70
C SER L 154 21.86 45.71 19.04
N ARG L 155 22.56 44.75 18.45
CA ARG L 155 23.97 44.52 18.77
C ARG L 155 24.91 45.09 17.69
N TYR L 156 24.33 45.68 16.65
CA TYR L 156 25.12 46.23 15.57
C TYR L 156 24.58 47.55 15.03
N SER L 157 25.42 48.25 14.28
CA SER L 157 25.00 49.45 13.57
C SER L 157 24.09 49.05 12.42
N LEU L 158 23.25 49.98 11.97
CA LEU L 158 22.29 49.69 10.91
C LEU L 158 22.95 49.21 9.62
N PHE L 159 24.08 49.82 9.27
CA PHE L 159 24.81 49.44 8.07
C PHE L 159 25.26 47.99 8.15
N LYS L 160 26.03 47.67 9.20
CA LYS L 160 26.55 46.31 9.36
C LYS L 160 25.41 45.29 9.53
N ALA L 161 24.28 45.73 10.07
CA ALA L 161 23.12 44.88 10.21
C ALA L 161 22.44 44.64 8.87
N SER L 162 22.56 45.61 7.96
CA SER L 162 21.98 45.49 6.64
C SER L 162 22.75 44.47 5.81
N ILE L 163 24.07 44.59 5.82
CA ILE L 163 24.93 43.68 5.05
C ILE L 163 24.84 42.25 5.57
N LEU L 164 24.93 42.09 6.89
CA LEU L 164 24.89 40.76 7.49
C LEU L 164 23.57 40.03 7.22
N PHE L 165 22.47 40.77 7.24
CA PHE L 165 21.18 40.18 6.90
C PHE L 165 21.15 39.77 5.42
N GLY L 166 21.56 40.69 4.55
CA GLY L 166 21.59 40.43 3.13
C GLY L 166 22.44 39.23 2.77
N ILE L 167 23.59 39.11 3.41
CA ILE L 167 24.47 37.95 3.19
C ILE L 167 23.80 36.67 3.70
N PHE L 168 23.24 36.73 4.91
CA PHE L 168 22.54 35.57 5.47
C PHE L 168 21.37 35.16 4.59
N TRP L 169 20.57 36.15 4.18
CA TRP L 169 19.40 35.89 3.35
C TRP L 169 19.80 35.27 2.03
N SER L 170 20.96 35.66 1.52
CA SER L 170 21.48 35.10 0.28
C SER L 170 21.82 33.63 0.45
N LEU L 171 22.55 33.31 1.52
CA LEU L 171 22.96 31.94 1.77
C LEU L 171 21.81 31.08 2.27
N TRP L 172 20.67 31.71 2.55
CA TRP L 172 19.46 31.00 2.95
C TRP L 172 18.80 30.37 1.73
N HIS L 173 19.19 30.83 0.54
CA HIS L 173 18.65 30.32 -0.72
C HIS L 173 19.51 29.17 -1.28
N PHE L 174 20.69 29.00 -0.72
CA PHE L 174 21.66 28.00 -1.20
C PHE L 174 21.12 26.58 -1.45
N PRO L 175 20.30 26.05 -0.53
CA PRO L 175 19.79 24.70 -0.79
C PRO L 175 18.91 24.59 -2.03
N LEU L 176 18.35 25.70 -2.50
CA LEU L 176 17.46 25.68 -3.65
C LEU L 176 18.17 25.34 -4.97
N ILE L 177 19.48 25.60 -5.01
CA ILE L 177 20.32 25.23 -6.15
C ILE L 177 20.16 23.75 -6.49
N PHE L 178 19.85 22.95 -5.49
CA PHE L 178 19.85 21.49 -5.65
C PHE L 178 18.47 20.85 -5.74
N VAL L 179 17.41 21.66 -5.62
CA VAL L 179 16.06 21.10 -5.80
C VAL L 179 15.61 21.22 -7.26
N ASN L 180 15.05 20.12 -7.77
CA ASN L 180 14.73 19.97 -9.19
C ASN L 180 13.81 21.05 -9.74
N ASN L 181 14.27 21.73 -10.78
CA ASN L 181 13.48 22.75 -11.49
C ASN L 181 13.16 24.02 -10.71
N SER L 182 13.88 24.28 -9.62
CA SER L 182 13.71 25.54 -8.91
C SER L 182 14.35 26.64 -9.73
N TYR L 183 14.06 27.89 -9.37
CA TYR L 183 14.67 29.04 -10.03
C TYR L 183 16.19 28.97 -9.92
N GLN L 184 16.68 28.66 -8.71
CA GLN L 184 18.12 28.60 -8.46
C GLN L 184 18.78 27.44 -9.22
N TYR L 185 18.05 26.33 -9.35
CA TYR L 185 18.55 25.18 -10.08
C TYR L 185 18.75 25.50 -11.54
N GLU L 186 17.72 26.08 -12.16
CA GLU L 186 17.74 26.34 -13.60
C GLU L 186 18.76 27.38 -14.04
N ILE L 187 18.95 28.42 -13.24
CA ILE L 187 19.92 29.46 -13.60
C ILE L 187 21.36 28.95 -13.60
N PHE L 188 21.70 28.15 -12.58
CA PHE L 188 23.02 27.54 -12.51
C PHE L 188 23.17 26.47 -13.60
N ASN L 189 22.06 25.81 -13.92
CA ASN L 189 22.01 24.80 -14.97
C ASN L 189 22.42 25.38 -16.32
N GLN L 190 21.95 26.60 -16.61
CA GLN L 190 22.29 27.28 -17.84
C GLN L 190 23.68 27.90 -17.77
N SER L 191 23.95 28.65 -16.70
CA SER L 191 25.20 29.39 -16.58
C SER L 191 25.59 29.67 -15.12
N ILE L 192 26.88 29.57 -14.83
CA ILE L 192 27.34 29.85 -13.48
C ILE L 192 27.23 31.36 -13.20
N TRP L 193 27.25 32.15 -14.26
CA TRP L 193 27.12 33.59 -14.13
C TRP L 193 25.69 33.98 -13.72
N TYR L 194 24.70 33.31 -14.31
CA TYR L 194 23.30 33.57 -13.97
C TYR L 194 23.04 33.16 -12.52
N GLY L 195 23.63 32.04 -12.11
CA GLY L 195 23.48 31.55 -10.76
C GLY L 195 24.11 32.47 -9.73
N LEU L 196 25.35 32.87 -9.97
CA LEU L 196 26.04 33.79 -9.09
C LEU L 196 25.34 35.15 -9.02
N ASN L 197 24.81 35.59 -10.16
CA ASN L 197 24.12 36.88 -10.24
C ASN L 197 22.93 36.97 -9.31
N PHE L 198 22.21 35.87 -9.12
CA PHE L 198 21.06 35.87 -8.23
C PHE L 198 21.46 36.00 -6.77
N PHE L 199 22.48 35.26 -6.36
CA PHE L 199 22.97 35.32 -5.00
C PHE L 199 23.70 36.63 -4.72
N LEU L 200 24.10 37.32 -5.78
CA LEU L 200 24.67 38.65 -5.67
C LEU L 200 23.57 39.68 -5.43
N SER L 201 22.44 39.49 -6.10
CA SER L 201 21.35 40.47 -6.08
C SER L 201 20.58 40.51 -4.77
N ILE L 202 20.68 39.44 -3.99
CA ILE L 202 20.00 39.38 -2.69
C ILE L 202 20.53 40.44 -1.72
N LEU L 203 21.84 40.68 -1.77
CA LEU L 203 22.49 41.65 -0.89
C LEU L 203 21.96 43.08 -1.01
N PRO L 204 21.94 43.66 -2.24
CA PRO L 204 21.33 45.00 -2.32
C PRO L 204 19.81 44.96 -2.18
N MET L 205 19.22 43.79 -2.40
CA MET L 205 17.77 43.64 -2.25
C MET L 205 17.38 43.75 -0.78
N GLY L 206 18.15 43.07 0.07
CA GLY L 206 17.90 43.08 1.50
C GLY L 206 17.97 44.46 2.12
N ILE L 207 18.87 45.29 1.60
CA ILE L 207 19.03 46.66 2.08
C ILE L 207 17.81 47.52 1.76
N ILE L 208 17.34 47.43 0.51
CA ILE L 208 16.22 48.23 0.06
C ILE L 208 14.95 47.90 0.83
N ILE L 209 14.68 46.61 1.01
CA ILE L 209 13.51 46.16 1.77
C ILE L 209 13.63 46.60 3.23
N THR L 210 14.83 46.46 3.78
CA THR L 210 15.10 46.89 5.15
C THR L 210 14.87 48.40 5.30
N TRP L 211 15.41 49.16 4.36
CA TRP L 211 15.29 50.61 4.39
C TRP L 211 13.85 51.07 4.29
N MET L 212 13.06 50.40 3.46
CA MET L 212 11.66 50.73 3.30
C MET L 212 10.84 50.43 4.54
N CYS L 213 11.20 49.36 5.23
CA CYS L 213 10.51 48.99 6.46
C CYS L 213 10.74 50.05 7.52
N LEU L 214 11.98 50.54 7.60
CA LEU L 214 12.34 51.57 8.57
C LEU L 214 11.72 52.92 8.24
N LYS L 215 11.60 53.23 6.95
CA LYS L 215 10.95 54.46 6.51
C LYS L 215 9.47 54.42 6.84
N ASN L 216 8.92 53.21 6.89
CA ASN L 216 7.53 53.02 7.29
C ASN L 216 7.41 52.56 8.73
N ARG L 217 8.39 52.93 9.55
CA ARG L 217 8.40 52.64 10.97
C ARG L 217 8.22 51.16 11.29
N LYS L 218 8.98 50.32 10.60
CA LYS L 218 9.00 48.88 10.85
C LYS L 218 7.67 48.16 10.62
N SER L 219 6.82 48.75 9.79
CA SER L 219 5.54 48.13 9.44
C SER L 219 5.76 46.79 8.73
N ILE L 220 5.39 45.70 9.40
CA ILE L 220 5.59 44.37 8.86
C ILE L 220 4.72 44.11 7.64
N ILE L 221 3.49 44.63 7.67
CA ILE L 221 2.56 44.44 6.56
C ILE L 221 3.05 45.11 5.27
N LEU L 222 3.65 46.28 5.38
CA LEU L 222 4.19 46.97 4.22
C LEU L 222 5.39 46.23 3.65
N ALA L 223 6.20 45.64 4.53
CA ALA L 223 7.34 44.85 4.11
C ALA L 223 6.88 43.63 3.32
N ILE L 224 5.68 43.15 3.63
CA ILE L 224 5.07 42.05 2.90
C ILE L 224 4.58 42.51 1.54
N ILE L 225 3.92 43.65 1.49
CA ILE L 225 3.46 44.22 0.22
C ILE L 225 4.64 44.52 -0.71
N PHE L 226 5.69 45.11 -0.14
CA PHE L 226 6.88 45.43 -0.92
C PHE L 226 7.52 44.16 -1.49
N HIS L 227 7.77 43.19 -0.61
CA HIS L 227 8.33 41.90 -1.00
C HIS L 227 7.45 41.24 -2.06
N PHE L 228 6.14 41.36 -1.91
CA PHE L 228 5.19 40.78 -2.85
C PHE L 228 5.26 41.44 -4.23
N LEU L 229 5.21 42.77 -4.25
CA LEU L 229 5.25 43.52 -5.50
C LEU L 229 6.58 43.33 -6.23
N ILE L 230 7.66 43.16 -5.49
CA ILE L 230 8.98 42.95 -6.08
C ILE L 230 9.04 41.60 -6.78
N ASN L 231 8.48 40.58 -6.14
CA ASN L 231 8.40 39.26 -6.75
C ASN L 231 7.54 39.26 -8.01
N LEU L 232 6.43 39.97 -7.96
CA LEU L 232 5.53 40.00 -9.10
C LEU L 232 6.21 40.61 -10.31
N ASN L 233 6.94 41.69 -10.08
CA ASN L 233 7.67 42.34 -11.16
C ASN L 233 8.76 41.44 -11.74
N GLN L 234 9.46 40.74 -10.86
CA GLN L 234 10.55 39.87 -11.30
C GLN L 234 10.07 38.63 -12.05
N GLU L 235 9.06 37.97 -11.49
CA GLU L 235 8.61 36.69 -12.03
C GLU L 235 7.69 36.84 -13.24
N LEU L 236 6.78 37.80 -13.20
CA LEU L 236 5.75 37.93 -14.23
C LEU L 236 6.24 38.62 -15.50
N LEU L 237 7.10 39.63 -15.35
CA LEU L 237 7.61 40.34 -16.51
C LEU L 237 8.67 39.49 -17.23
N ALA L 238 8.63 39.51 -18.56
CA ALA L 238 9.52 38.69 -19.37
C ALA L 238 10.89 39.34 -19.52
N ILE L 239 11.71 39.26 -18.46
CA ILE L 239 13.05 39.81 -18.50
C ILE L 239 14.09 38.69 -18.49
N THR L 240 14.99 38.72 -19.48
CA THR L 240 15.97 37.65 -19.67
C THR L 240 17.06 37.65 -18.61
N GLN L 241 17.73 36.52 -18.47
CA GLN L 241 18.80 36.37 -17.49
C GLN L 241 19.97 37.33 -17.74
N ASP L 242 20.20 37.66 -19.01
CA ASP L 242 21.25 38.62 -19.35
C ASP L 242 20.91 40.00 -18.82
N THR L 243 19.63 40.35 -18.88
CA THR L 243 19.17 41.65 -18.41
C THR L 243 19.19 41.73 -16.89
N LYS L 244 18.92 40.61 -16.24
CA LYS L 244 18.96 40.53 -14.78
C LYS L 244 20.37 40.70 -14.23
N ILE L 245 21.37 40.41 -15.05
CA ILE L 245 22.75 40.67 -14.70
C ILE L 245 22.96 42.17 -14.65
N ILE L 246 22.41 42.87 -15.63
CA ILE L 246 22.46 44.33 -15.68
C ILE L 246 21.64 44.91 -14.53
N GLU L 247 20.51 44.29 -14.26
CA GLU L 247 19.61 44.73 -13.20
C GLU L 247 20.31 44.76 -11.84
N THR L 248 21.11 43.73 -11.57
CA THR L 248 21.85 43.64 -10.31
C THR L 248 22.79 44.83 -10.13
N GLY L 249 23.39 45.29 -11.22
CA GLY L 249 24.21 46.48 -11.20
C GLY L 249 23.43 47.72 -10.84
N VAL L 250 22.20 47.83 -11.36
CA VAL L 250 21.32 48.94 -11.06
C VAL L 250 20.92 48.93 -9.60
N LEU L 251 20.59 47.75 -9.09
CA LEU L 251 20.19 47.59 -7.69
C LEU L 251 21.34 47.92 -6.75
N PHE L 252 22.56 47.60 -7.17
CA PHE L 252 23.75 47.97 -6.41
C PHE L 252 23.89 49.48 -6.32
N LEU L 253 23.50 50.17 -7.38
CA LEU L 253 23.56 51.62 -7.44
C LEU L 253 22.48 52.27 -6.57
N VAL L 254 21.28 51.68 -6.58
CA VAL L 254 20.17 52.22 -5.81
C VAL L 254 20.41 52.08 -4.31
N ALA L 255 20.85 50.90 -3.88
CA ALA L 255 21.16 50.66 -2.48
C ALA L 255 22.28 51.58 -2.00
N ALA L 256 23.27 51.78 -2.85
CA ALA L 256 24.38 52.69 -2.54
C ALA L 256 23.86 54.11 -2.36
N ALA L 257 22.95 54.51 -3.24
CA ALA L 257 22.34 55.83 -3.17
C ALA L 257 21.59 56.01 -1.84
N ILE L 258 20.98 54.94 -1.37
CA ILE L 258 20.27 54.94 -0.10
C ILE L 258 21.23 55.08 1.08
N ILE L 259 22.29 54.29 1.06
CA ILE L 259 23.28 54.28 2.15
C ILE L 259 23.95 55.64 2.31
N LEU L 260 24.09 56.37 1.20
CA LEU L 260 24.65 57.73 1.26
C LEU L 260 23.71 58.69 1.98
N TYR L 261 22.42 58.63 1.62
CA TYR L 261 21.40 59.50 2.20
C TYR L 261 21.33 59.38 3.72
N ASP L 262 21.18 58.15 4.22
CA ASP L 262 21.04 57.91 5.65
C ASP L 262 22.34 57.44 6.30
N LYS L 263 23.44 58.10 5.96
CA LYS L 263 24.76 57.71 6.45
C LYS L 263 24.88 57.87 7.97
N LYS L 264 24.20 58.88 8.52
CA LYS L 264 24.23 59.14 9.95
C LYS L 264 23.40 58.13 10.73
N MET L 265 22.42 57.54 10.06
CA MET L 265 21.54 56.56 10.69
C MET L 265 22.08 55.14 10.49
N PHE L 266 22.63 54.89 9.31
CA PHE L 266 23.24 53.59 9.01
C PHE L 266 24.48 53.33 9.87
N PHE L 267 25.24 54.39 10.12
CA PHE L 267 26.45 54.28 10.93
C PHE L 267 26.30 55.01 12.26
N GLU L 268 26.45 54.27 13.36
CA GLU L 268 26.56 54.88 14.69
C GLU L 268 27.02 53.85 15.74
C1 BOG M . 26.32 -41.57 5.30
O1 BOG M . 25.43 -42.66 5.58
C2 BOG M . 26.00 -41.04 3.88
O2 BOG M . 26.48 -42.00 2.93
C3 BOG M . 26.74 -39.72 3.65
O3 BOG M . 26.33 -39.15 2.42
C4 BOG M . 26.41 -38.77 4.78
O4 BOG M . 27.05 -37.53 4.54
C5 BOG M . 26.96 -39.40 6.05
O5 BOG M . 26.25 -40.59 6.37
C6 BOG M . 26.86 -38.48 7.25
O6 BOG M . 27.04 -39.27 8.43
C1' BOG M . 24.06 -42.25 5.58
C1 BOG N . -31.03 -54.02 -36.74
O1 BOG N . -31.54 -55.36 -36.65
C2 BOG N . -31.48 -53.38 -38.05
O2 BOG N . -30.91 -54.09 -39.15
C3 BOG N . -31.06 -51.92 -38.11
O3 BOG N . -31.61 -51.31 -39.28
C4 BOG N . -31.56 -51.19 -36.87
O4 BOG N . -31.06 -49.85 -36.88
C5 BOG N . -31.10 -51.91 -35.60
O5 BOG N . -31.52 -53.27 -35.62
C6 BOG N . -31.66 -51.22 -34.37
O6 BOG N . -31.27 -51.95 -33.19
C1' BOG N . -31.28 -55.94 -35.38
C1B LMT O . -24.05 35.74 54.24
C2B LMT O . -22.78 34.97 53.93
C3B LMT O . -21.98 34.70 55.19
C4B LMT O . -21.78 35.99 55.97
C5B LMT O . -23.11 36.68 56.23
C6B LMT O . -22.90 38.00 56.96
O1B LMT O . -24.97 34.91 54.94
O2B LMT O . -23.11 33.73 53.30
O3B LMT O . -20.72 34.15 54.81
O4' LMT O . -21.14 35.71 57.22
O5B LMT O . -23.78 36.93 55.00
O6B LMT O . -21.76 37.90 57.82
C1' LMT O . -27.70 37.49 53.80
C2' LMT O . -27.30 37.18 55.23
C3' LMT O . -27.23 35.67 55.47
C4' LMT O . -26.33 34.95 54.47
C5' LMT O . -26.47 35.57 53.07
C6' LMT O . -26.48 34.48 51.99
O1' LMT O . -29.02 38.02 53.81
O2' LMT O . -26.05 37.80 55.55
O3' LMT O . -28.55 35.11 55.40
O5' LMT O . -27.69 36.30 53.01
O6' LMT O . -27.67 33.71 52.11
C1 LMT O . -29.74 37.69 52.62
C2 LMT O . -31.23 37.70 52.90
C1B LMT P . 0.86 46.24 -11.33
C2B LMT P . 1.59 46.70 -10.06
C3B LMT P . 3.09 46.46 -10.17
C4B LMT P . 3.40 45.05 -10.66
C5B LMT P . 2.55 44.71 -11.88
C6B LMT P . 2.80 43.28 -12.33
O1B LMT P . 0.80 47.12 -12.42
O2B LMT P . 1.33 48.10 -9.86
O3B LMT P . 3.70 46.68 -8.89
O4' LMT P . 4.76 45.02 -11.07
O5B LMT P . 1.17 44.89 -11.59
O6B LMT P . 2.67 43.19 -13.76
C1' LMT P . -3.14 47.99 -13.53
C2' LMT P . -2.66 48.56 -12.19
C3' LMT P . -1.15 48.62 -12.16
C4' LMT P . -0.62 47.22 -12.44
C5' LMT P . -1.19 46.65 -13.73
C6' LMT P . -0.69 45.23 -13.91
O1' LMT P . -4.55 47.92 -13.55
O2' LMT P . -3.20 49.86 -11.96
O3' LMT P . -0.72 49.05 -10.87
O5' LMT P . -2.61 46.67 -13.66
O6' LMT P . -0.76 44.54 -12.66
#